data_6UJV
#
_entry.id   6UJV
#
_entity_poly.entity_id   1
_entity_poly.type   'polypeptide(L)'
_entity_poly.pdbx_seq_one_letter_code
;LLELDKWASLWNWFDITNWLWYIRIFIIIVGSLIGLRIVFAVLSLVNRVRQGYSPLSFQTHLPTPRGPDRPEGIEEEGGE
RDRDRSIRLVNGSLALIWDDLRSLSLFSYHRLRDLLLIVTRIVELLGRR
;
_entity_poly.pdbx_strand_id   A,B,C
#
# COMPACT_ATOMS: atom_id res chain seq x y z
N LEU A 1 -1.12 5.30 44.08
CA LEU A 1 -1.30 4.98 42.63
C LEU A 1 0.08 4.76 41.99
N LEU A 2 0.25 3.60 41.34
CA LEU A 2 1.51 3.25 40.67
C LEU A 2 2.70 3.27 41.63
N GLU A 3 3.31 2.10 41.81
CA GLU A 3 4.47 1.95 42.68
C GLU A 3 4.99 0.50 42.60
N LEU A 4 6.11 0.24 43.26
CA LEU A 4 6.71 -1.09 43.27
C LEU A 4 5.68 -2.16 43.67
N ASP A 5 4.82 -1.81 44.62
CA ASP A 5 3.78 -2.72 45.10
C ASP A 5 2.64 -2.84 44.09
N LYS A 6 2.31 -1.74 43.43
CA LYS A 6 1.23 -1.71 42.44
C LYS A 6 1.58 -2.54 41.21
N TRP A 7 2.82 -2.41 40.73
CA TRP A 7 3.27 -3.14 39.54
C TRP A 7 3.32 -4.64 39.84
N ALA A 8 3.91 -4.98 40.98
CA ALA A 8 4.04 -6.38 41.40
C ALA A 8 2.66 -6.98 41.72
N SER A 9 1.80 -6.17 42.33
CA SER A 9 0.45 -6.61 42.70
C SER A 9 -0.34 -7.03 41.46
N LEU A 10 -0.10 -6.35 40.33
CA LEU A 10 -0.79 -6.65 39.08
C LEU A 10 -0.52 -8.08 38.61
N TRP A 11 0.62 -8.66 39.01
CA TRP A 11 0.96 -10.03 38.62
C TRP A 11 -0.10 -11.02 39.10
N ASN A 12 -0.82 -10.67 40.19
CA ASN A 12 -1.87 -11.51 40.74
C ASN A 12 -3.03 -11.69 39.74
N TRP A 13 -3.21 -10.69 38.86
CA TRP A 13 -4.29 -10.73 37.86
C TRP A 13 -4.12 -11.95 36.95
N PHE A 14 -2.91 -12.10 36.39
CA PHE A 14 -2.59 -13.22 35.51
C PHE A 14 -3.44 -13.22 34.21
N ASP A 15 -3.93 -12.04 33.81
CA ASP A 15 -4.72 -11.93 32.59
C ASP A 15 -4.44 -10.62 31.84
N ILE A 16 -4.72 -9.48 32.50
CA ILE A 16 -4.48 -8.16 31.88
C ILE A 16 -2.97 -7.92 31.72
N THR A 17 -2.19 -8.36 32.71
CA THR A 17 -0.74 -8.19 32.71
C THR A 17 -0.09 -8.69 31.41
N ASN A 18 -0.63 -9.76 30.82
CA ASN A 18 -0.03 -10.32 29.60
C ASN A 18 -0.19 -9.36 28.42
N TRP A 19 -1.41 -8.86 28.20
CA TRP A 19 -1.67 -7.92 27.12
C TRP A 19 -0.94 -6.59 27.39
N LEU A 20 -1.00 -6.13 28.63
CA LEU A 20 -0.37 -4.87 29.05
C LEU A 20 1.17 -4.90 28.98
N TRP A 21 1.77 -6.05 29.30
CA TRP A 21 3.24 -6.15 29.33
C TRP A 21 3.84 -6.78 28.07
N TYR A 22 3.04 -7.02 27.03
CA TYR A 22 3.56 -7.60 25.77
C TYR A 22 3.33 -6.68 24.57
N ILE A 23 2.53 -5.62 24.74
CA ILE A 23 2.28 -4.65 23.67
C ILE A 23 3.59 -3.97 23.24
N ARG A 24 4.48 -3.72 24.20
CA ARG A 24 5.75 -3.03 23.92
C ARG A 24 6.50 -3.72 22.79
N ILE A 25 6.61 -5.05 22.85
CA ILE A 25 7.27 -5.81 21.78
C ILE A 25 6.37 -5.74 20.52
N PHE A 26 5.06 -5.75 20.76
CA PHE A 26 4.06 -5.69 19.70
C PHE A 26 4.20 -4.40 18.89
N ILE A 27 4.71 -3.32 19.50
CA ILE A 27 4.87 -2.05 18.78
C ILE A 27 5.84 -2.27 17.61
N ILE A 28 6.96 -2.95 17.87
CA ILE A 28 7.93 -3.24 16.82
C ILE A 28 7.29 -4.16 15.78
N ILE A 29 6.48 -5.12 16.25
CA ILE A 29 5.78 -6.06 15.37
C ILE A 29 4.89 -5.30 14.39
N VAL A 30 4.25 -4.20 14.84
CA VAL A 30 3.40 -3.40 13.95
C VAL A 30 4.22 -3.00 12.70
N GLY A 31 5.50 -2.64 12.93
CA GLY A 31 6.40 -2.28 11.82
C GLY A 31 6.47 -3.44 10.83
N SER A 32 6.50 -4.66 11.36
CA SER A 32 6.52 -5.86 10.54
C SER A 32 5.19 -6.00 9.78
N LEU A 33 4.11 -5.64 10.47
CA LEU A 33 2.77 -5.73 9.89
C LEU A 33 2.67 -4.87 8.62
N ILE A 34 3.16 -3.63 8.70
CA ILE A 34 3.11 -2.72 7.57
C ILE A 34 4.02 -3.20 6.43
N GLY A 35 5.24 -3.70 6.73
CA GLY A 35 6.13 -4.20 5.68
C GLY A 35 5.47 -5.35 4.91
N LEU A 36 4.52 -6.05 5.56
CA LEU A 36 3.80 -7.15 4.93
C LEU A 36 3.05 -6.64 3.69
N ARG A 37 2.51 -5.43 3.79
CA ARG A 37 1.77 -4.78 2.71
C ARG A 37 2.59 -4.68 1.42
N ILE A 38 3.90 -4.62 1.54
CA ILE A 38 4.76 -4.47 0.36
C ILE A 38 4.52 -5.67 -0.58
N VAL A 39 4.35 -6.88 -0.04
CA VAL A 39 4.06 -8.05 -0.86
C VAL A 39 2.64 -7.91 -1.48
N PHE A 40 1.75 -7.23 -0.76
CA PHE A 40 0.36 -6.99 -1.23
C PHE A 40 0.36 -6.32 -2.59
N ALA A 41 1.40 -5.53 -2.89
CA ALA A 41 1.47 -4.83 -4.17
C ALA A 41 1.40 -5.86 -5.31
N VAL A 42 2.02 -7.04 -5.12
CA VAL A 42 1.93 -8.10 -6.15
C VAL A 42 0.44 -8.48 -6.37
N LEU A 43 -0.34 -8.46 -5.28
CA LEU A 43 -1.77 -8.79 -5.33
C LEU A 43 -2.51 -7.88 -6.30
N SER A 44 -2.14 -6.59 -6.32
CA SER A 44 -2.78 -5.62 -7.21
C SER A 44 -2.52 -6.02 -8.66
N LEU A 45 -1.31 -6.50 -8.92
CA LEU A 45 -0.93 -6.95 -10.25
C LEU A 45 -1.84 -8.11 -10.67
N VAL A 46 -2.03 -9.03 -9.73
CA VAL A 46 -2.91 -10.18 -9.93
C VAL A 46 -4.35 -9.69 -10.14
N ASN A 47 -4.75 -8.74 -9.31
CA ASN A 47 -6.09 -8.18 -9.36
C ASN A 47 -6.35 -7.45 -10.68
N ARG A 48 -5.36 -6.76 -11.22
CA ARG A 48 -5.53 -6.00 -12.46
C ARG A 48 -5.86 -6.94 -13.62
N VAL A 49 -5.13 -8.04 -13.75
CA VAL A 49 -5.38 -9.00 -14.82
C VAL A 49 -6.63 -9.83 -14.46
N ARG A 50 -6.71 -10.22 -13.19
CA ARG A 50 -7.84 -11.03 -12.68
C ARG A 50 -9.19 -10.27 -12.60
N GLN A 51 -9.15 -8.93 -12.61
CA GLN A 51 -10.38 -8.11 -12.54
C GLN A 51 -10.98 -7.86 -13.94
N GLY A 52 -10.21 -8.16 -14.97
CA GLY A 52 -10.65 -7.98 -16.37
C GLY A 52 -10.15 -6.65 -16.95
N TYR A 53 -8.87 -6.34 -16.75
CA TYR A 53 -8.28 -5.09 -17.28
C TYR A 53 -9.16 -3.87 -16.84
N SER A 54 -9.58 -3.00 -17.78
CA SER A 54 -10.41 -1.85 -17.47
C SER A 54 -11.74 -2.32 -16.88
N PRO A 55 -12.21 -1.77 -15.74
CA PRO A 55 -13.51 -2.23 -15.15
C PRO A 55 -14.61 -2.38 -16.22
N LEU A 56 -14.92 -3.65 -16.52
CA LEU A 56 -15.89 -3.99 -17.57
C LEU A 56 -17.29 -4.32 -17.04
N SER A 57 -17.46 -4.38 -15.71
CA SER A 57 -18.77 -4.73 -15.13
C SER A 57 -19.20 -6.12 -15.64
N GLU A 80 -14.52 -16.97 -18.52
CA GLU A 80 -13.27 -16.38 -18.98
C GLU A 80 -12.06 -17.28 -18.67
N ARG A 81 -11.37 -17.70 -19.72
CA ARG A 81 -10.18 -18.54 -19.59
C ARG A 81 -9.11 -17.84 -18.72
N ASP A 82 -9.15 -16.51 -18.68
CA ASP A 82 -8.18 -15.72 -17.92
C ASP A 82 -8.14 -16.12 -16.43
N ARG A 83 -9.21 -16.72 -15.91
CA ARG A 83 -9.26 -17.12 -14.49
C ARG A 83 -8.22 -18.20 -14.15
N ASP A 84 -8.14 -19.26 -14.96
CA ASP A 84 -7.19 -20.33 -14.69
C ASP A 84 -5.74 -19.82 -14.77
N ARG A 85 -5.45 -19.03 -15.80
CA ARG A 85 -4.10 -18.49 -15.97
C ARG A 85 -3.80 -17.42 -14.93
N SER A 86 -4.79 -16.57 -14.62
CA SER A 86 -4.59 -15.50 -13.64
C SER A 86 -4.36 -16.09 -12.24
N ILE A 87 -5.00 -17.23 -11.94
CA ILE A 87 -4.80 -17.83 -10.61
C ILE A 87 -3.35 -18.24 -10.43
N ARG A 88 -2.75 -18.90 -11.41
CA ARG A 88 -1.38 -19.33 -11.21
C ARG A 88 -0.44 -18.12 -11.01
N LEU A 89 -0.95 -16.87 -11.21
CA LEU A 89 -0.15 -15.68 -10.85
C LEU A 89 0.22 -15.82 -9.33
N VAL A 90 -0.49 -16.75 -8.66
CA VAL A 90 -0.27 -17.10 -7.26
C VAL A 90 1.22 -17.44 -7.13
N ASN A 91 1.63 -18.36 -7.97
CA ASN A 91 3.02 -18.75 -8.10
C ASN A 91 3.79 -17.65 -8.83
N GLY A 92 3.04 -16.92 -9.69
CA GLY A 92 3.59 -15.84 -10.47
C GLY A 92 4.24 -14.79 -9.59
N SER A 93 3.89 -14.76 -8.30
CA SER A 93 4.49 -13.80 -7.37
C SER A 93 6.00 -13.99 -7.37
N LEU A 94 6.45 -15.26 -7.46
CA LEU A 94 7.87 -15.56 -7.55
C LEU A 94 8.42 -14.92 -8.82
N ALA A 95 7.73 -15.18 -9.94
CA ALA A 95 8.13 -14.62 -11.23
C ALA A 95 8.13 -13.08 -11.21
N LEU A 96 7.18 -12.47 -10.45
CA LEU A 96 7.07 -11.01 -10.40
C LEU A 96 8.36 -10.39 -9.88
N ILE A 97 8.95 -10.97 -8.83
CA ILE A 97 10.21 -10.44 -8.29
C ILE A 97 11.27 -10.54 -9.41
N TRP A 98 11.19 -11.63 -10.17
CA TRP A 98 12.07 -11.89 -11.30
C TRP A 98 11.82 -10.90 -12.45
N ASP A 99 10.56 -10.45 -12.60
CA ASP A 99 10.20 -9.52 -13.68
C ASP A 99 11.09 -8.27 -13.61
N ASP A 100 11.30 -7.75 -12.40
CA ASP A 100 12.15 -6.58 -12.20
C ASP A 100 13.63 -6.93 -12.42
N LEU A 101 14.03 -8.11 -11.93
CA LEU A 101 15.41 -8.58 -12.06
C LEU A 101 15.79 -8.83 -13.52
N ARG A 102 14.82 -9.28 -14.33
CA ARG A 102 15.07 -9.58 -15.74
C ARG A 102 15.14 -8.32 -16.60
N SER A 103 14.41 -7.27 -16.22
CA SER A 103 14.42 -6.03 -17.00
C SER A 103 15.71 -5.23 -16.71
N LEU A 104 16.04 -5.14 -15.42
CA LEU A 104 17.21 -4.39 -14.95
C LEU A 104 18.56 -5.02 -15.36
N SER A 105 18.76 -6.30 -15.04
CA SER A 105 20.03 -6.98 -15.34
C SER A 105 19.96 -7.81 -16.63
N LEU A 106 18.91 -8.65 -16.74
CA LEU A 106 18.65 -9.57 -17.87
C LEU A 106 19.04 -11.02 -17.49
N PHE A 107 20.31 -11.41 -17.69
CA PHE A 107 20.75 -12.78 -17.36
C PHE A 107 21.70 -12.76 -16.15
N SER A 108 22.93 -12.25 -16.35
CA SER A 108 23.91 -12.19 -15.28
C SER A 108 23.75 -10.90 -14.48
N TYR A 109 24.25 -10.89 -13.24
CA TYR A 109 24.16 -9.71 -12.38
C TYR A 109 25.28 -8.69 -12.69
N HIS A 110 25.98 -8.88 -13.82
CA HIS A 110 27.05 -7.97 -14.24
C HIS A 110 26.51 -7.00 -15.28
N ARG A 111 25.70 -7.52 -16.20
CA ARG A 111 25.08 -6.73 -17.27
C ARG A 111 24.25 -5.57 -16.67
N LEU A 112 23.72 -5.76 -15.46
CA LEU A 112 22.87 -4.75 -14.83
C LEU A 112 23.64 -3.43 -14.62
N ARG A 113 24.97 -3.51 -14.42
CA ARG A 113 25.76 -2.29 -14.24
C ARG A 113 25.60 -1.39 -15.46
N ASP A 114 25.57 -1.99 -16.65
CA ASP A 114 25.40 -1.25 -17.88
C ASP A 114 23.97 -0.69 -17.97
N LEU A 115 22.96 -1.51 -17.60
CA LEU A 115 21.59 -1.05 -17.64
C LEU A 115 21.39 0.16 -16.71
N LEU A 116 22.05 0.15 -15.56
CA LEU A 116 21.95 1.26 -14.61
C LEU A 116 22.42 2.56 -15.31
N LEU A 117 23.42 2.42 -16.16
CA LEU A 117 24.01 3.54 -16.88
C LEU A 117 23.06 4.10 -17.96
N ILE A 118 22.44 3.22 -18.75
CA ILE A 118 21.55 3.67 -19.84
C ILE A 118 20.30 4.38 -19.27
N VAL A 119 19.75 3.90 -18.14
CA VAL A 119 18.57 4.57 -17.58
C VAL A 119 18.92 6.02 -17.23
N THR A 120 20.08 6.23 -16.57
CA THR A 120 20.51 7.60 -16.25
C THR A 120 20.80 8.36 -17.55
N ARG A 121 21.35 7.65 -18.52
CA ARG A 121 21.66 8.23 -19.81
C ARG A 121 20.39 8.64 -20.55
N ILE A 122 19.27 7.93 -20.31
CA ILE A 122 18.03 8.21 -21.02
C ILE A 122 17.64 9.68 -20.89
N VAL A 123 17.89 10.33 -19.73
CA VAL A 123 17.53 11.76 -19.60
C VAL A 123 18.20 12.56 -20.73
N GLU A 124 19.44 12.21 -21.08
CA GLU A 124 20.16 12.91 -22.15
C GLU A 124 19.46 12.71 -23.50
N LEU A 125 19.11 11.46 -23.79
CA LEU A 125 18.44 11.11 -25.06
C LEU A 125 17.06 11.76 -25.16
N LEU A 126 16.33 11.78 -24.05
CA LEU A 126 14.98 12.36 -24.00
C LEU A 126 15.02 13.87 -23.70
N GLY A 127 16.19 14.38 -23.30
CA GLY A 127 16.37 15.80 -22.99
C GLY A 127 16.43 16.67 -24.25
N ARG A 128 17.00 16.12 -25.33
CA ARG A 128 17.14 16.87 -26.59
C ARG A 128 15.76 17.12 -27.22
N ARG A 129 15.67 18.22 -28.00
CA ARG A 129 14.43 18.62 -28.66
C ARG A 129 13.37 19.00 -27.61
N LEU B 1 11.55 -3.47 42.05
CA LEU B 1 10.73 -3.59 40.81
C LEU B 1 10.03 -2.25 40.54
N LEU B 2 10.59 -1.44 39.64
CA LEU B 2 10.03 -0.14 39.28
C LEU B 2 9.98 0.78 40.52
N GLU B 3 10.73 1.88 40.46
CA GLU B 3 10.78 2.85 41.56
C GLU B 3 11.61 4.08 41.14
N LEU B 4 11.44 5.18 41.86
CA LEU B 4 12.17 6.42 41.56
C LEU B 4 13.67 6.15 41.56
N ASP B 5 14.12 5.40 42.54
CA ASP B 5 15.54 5.07 42.67
C ASP B 5 16.00 4.14 41.55
N LYS B 6 15.07 3.33 41.04
CA LYS B 6 15.37 2.39 39.96
C LYS B 6 15.50 3.13 38.62
N TRP B 7 14.52 3.98 38.31
CA TRP B 7 14.54 4.75 37.07
C TRP B 7 15.80 5.60 36.98
N ALA B 8 16.11 6.27 38.08
CA ALA B 8 17.29 7.14 38.14
C ALA B 8 18.60 6.33 38.01
N SER B 9 18.52 5.02 38.31
CA SER B 9 19.70 4.15 38.23
C SER B 9 20.10 3.87 36.77
N LEU B 10 19.12 3.93 35.86
CA LEU B 10 19.38 3.67 34.43
C LEU B 10 20.36 4.68 33.84
N TRP B 11 20.25 5.95 34.24
CA TRP B 11 21.14 6.99 33.69
C TRP B 11 22.61 6.68 34.01
N ASN B 12 22.86 5.83 35.01
CA ASN B 12 24.23 5.45 35.38
C ASN B 12 24.75 4.33 34.47
N TRP B 13 23.84 3.55 33.88
CA TRP B 13 24.19 2.45 32.99
C TRP B 13 24.79 2.98 31.68
N PHE B 14 24.11 3.97 31.08
CA PHE B 14 24.57 4.60 29.83
C PHE B 14 24.70 3.55 28.71
N ASP B 15 23.83 2.53 28.75
CA ASP B 15 23.83 1.48 27.72
C ASP B 15 22.39 1.08 27.34
N ILE B 16 21.70 0.40 28.26
CA ILE B 16 20.32 -0.04 28.03
C ILE B 16 19.37 1.16 27.97
N THR B 17 19.62 2.16 28.81
CA THR B 17 18.74 3.34 28.89
C THR B 17 18.51 3.97 27.51
N ASN B 18 19.53 3.97 26.63
CA ASN B 18 19.38 4.57 25.31
C ASN B 18 18.30 3.85 24.49
N TRP B 19 18.39 2.52 24.44
CA TRP B 19 17.40 1.69 23.75
C TRP B 19 16.04 1.80 24.47
N LEU B 20 16.10 1.72 25.80
CA LEU B 20 14.92 1.74 26.65
C LEU B 20 14.14 3.07 26.51
N TRP B 21 14.86 4.18 26.32
CA TRP B 21 14.21 5.49 26.21
C TRP B 21 13.97 5.89 24.75
N TYR B 22 15.01 5.81 23.91
CA TYR B 22 14.90 6.19 22.50
C TYR B 22 13.75 5.47 21.78
N ILE B 23 13.26 4.36 22.35
CA ILE B 23 12.15 3.61 21.74
C ILE B 23 10.91 4.50 21.61
N ARG B 24 10.66 5.37 22.60
CA ARG B 24 9.48 6.26 22.57
C ARG B 24 9.49 7.12 21.31
N ILE B 25 10.62 7.75 21.00
CA ILE B 25 10.75 8.58 19.80
C ILE B 25 10.67 7.69 18.56
N PHE B 26 11.21 6.47 18.69
CA PHE B 26 11.22 5.50 17.60
C PHE B 26 9.78 5.11 17.19
N ILE B 27 8.83 5.20 18.14
CA ILE B 27 7.43 4.83 17.84
C ILE B 27 6.87 5.73 16.74
N ILE B 28 7.03 7.05 16.90
CA ILE B 28 6.55 8.01 15.91
C ILE B 28 7.31 7.81 14.59
N ILE B 29 8.62 7.57 14.69
CA ILE B 29 9.45 7.35 13.51
C ILE B 29 8.94 6.13 12.72
N VAL B 30 8.52 5.08 13.43
CA VAL B 30 7.98 3.89 12.77
C VAL B 30 6.74 4.30 11.97
N GLY B 31 5.83 5.05 12.58
CA GLY B 31 4.61 5.51 11.90
C GLY B 31 4.94 6.19 10.55
N SER B 32 6.15 6.74 10.44
CA SER B 32 6.61 7.47 9.25
C SER B 32 6.64 6.63 7.95
N LEU B 33 7.18 5.40 8.03
CA LEU B 33 7.32 4.56 6.83
C LEU B 33 5.99 4.27 6.15
N ILE B 34 4.90 4.17 6.91
CA ILE B 34 3.58 3.87 6.34
C ILE B 34 3.21 4.91 5.27
N GLY B 35 3.40 6.21 5.59
CA GLY B 35 3.10 7.30 4.64
C GLY B 35 3.99 7.18 3.39
N LEU B 36 5.20 6.66 3.59
CA LEU B 36 6.18 6.46 2.51
C LEU B 36 5.57 5.54 1.42
N ARG B 37 4.80 4.58 1.88
CA ARG B 37 4.17 3.54 1.04
C ARG B 37 3.29 4.09 -0.09
N ILE B 38 2.70 5.28 0.06
CA ILE B 38 1.81 5.79 -0.99
C ILE B 38 2.56 5.91 -2.33
N VAL B 39 3.85 6.30 -2.30
CA VAL B 39 4.65 6.40 -3.53
C VAL B 39 4.65 5.06 -4.30
N PHE B 40 4.55 3.93 -3.57
CA PHE B 40 4.54 2.60 -4.22
C PHE B 40 3.42 2.53 -5.26
N ALA B 41 2.31 3.23 -5.01
CA ALA B 41 1.20 3.25 -5.96
C ALA B 41 1.73 3.81 -7.30
N VAL B 42 2.61 4.80 -7.19
CA VAL B 42 3.27 5.40 -8.36
C VAL B 42 4.25 4.36 -8.95
N LEU B 43 4.92 3.60 -8.06
CA LEU B 43 5.89 2.56 -8.46
C LEU B 43 5.20 1.43 -9.22
N SER B 44 3.98 1.07 -8.81
CA SER B 44 3.25 -0.03 -9.46
C SER B 44 2.93 0.32 -10.91
N LEU B 45 2.68 1.61 -11.17
CA LEU B 45 2.39 2.08 -12.52
C LEU B 45 3.63 1.88 -13.40
N VAL B 46 4.78 2.23 -12.83
CA VAL B 46 6.07 2.09 -13.49
C VAL B 46 6.41 0.60 -13.64
N ASN B 47 6.18 -0.14 -12.56
CA ASN B 47 6.44 -1.58 -12.51
C ASN B 47 5.57 -2.35 -13.51
N ARG B 48 4.32 -1.91 -13.71
CA ARG B 48 3.41 -2.59 -14.60
C ARG B 48 3.98 -2.58 -16.02
N VAL B 49 4.35 -1.39 -16.45
CA VAL B 49 4.90 -1.18 -17.79
C VAL B 49 6.36 -1.61 -17.92
N ARG B 50 7.14 -1.25 -16.94
CA ARG B 50 8.58 -1.49 -17.00
C ARG B 50 8.95 -2.96 -17.20
N GLN B 51 8.31 -3.90 -16.49
CA GLN B 51 8.64 -5.32 -16.66
C GLN B 51 7.60 -6.10 -17.47
N GLY B 52 6.38 -5.59 -17.51
CA GLY B 52 5.29 -6.22 -18.26
C GLY B 52 4.03 -6.36 -17.39
N TYR B 53 2.89 -5.90 -17.90
CA TYR B 53 1.62 -5.96 -17.15
C TYR B 53 1.05 -7.38 -17.01
N SER B 54 0.74 -8.05 -18.12
CA SER B 54 0.16 -9.41 -18.06
C SER B 54 1.16 -10.40 -17.45
N PRO B 55 0.70 -11.49 -16.80
CA PRO B 55 1.63 -12.50 -16.21
C PRO B 55 2.93 -12.67 -17.02
N LEU B 56 4.05 -12.28 -16.41
CA LEU B 56 5.35 -12.32 -17.07
C LEU B 56 5.96 -13.72 -17.15
N SER B 57 5.46 -14.68 -16.35
CA SER B 57 6.00 -16.06 -16.34
C SER B 57 6.42 -16.54 -17.74
N GLU B 80 12.31 -8.58 -23.87
CA GLU B 80 12.58 -7.50 -22.91
C GLU B 80 12.96 -6.20 -23.65
N ARG B 81 12.61 -6.11 -24.94
CA ARG B 81 12.91 -4.92 -25.74
C ARG B 81 12.01 -3.74 -25.34
N ASP B 82 10.81 -4.04 -24.83
CA ASP B 82 9.85 -3.00 -24.41
C ASP B 82 10.39 -2.13 -23.27
N ARG B 83 11.55 -2.49 -22.71
CA ARG B 83 12.15 -1.74 -21.60
C ARG B 83 12.63 -0.36 -22.05
N ASP B 84 13.22 -0.26 -23.25
CA ASP B 84 13.72 1.03 -23.73
C ASP B 84 12.58 2.03 -23.78
N ARG B 85 11.43 1.59 -24.29
CA ARG B 85 10.26 2.44 -24.35
C ARG B 85 9.69 2.66 -22.96
N SER B 86 9.68 1.64 -22.12
CA SER B 86 9.15 1.79 -20.76
C SER B 86 9.87 2.92 -20.02
N ILE B 87 11.17 3.10 -20.27
CA ILE B 87 11.92 4.14 -19.56
C ILE B 87 11.24 5.53 -19.69
N ARG B 88 10.43 5.81 -20.74
CA ARG B 88 9.81 7.16 -20.79
C ARG B 88 8.95 7.37 -19.53
N LEU B 89 8.41 6.28 -18.95
CA LEU B 89 7.59 6.41 -17.73
C LEU B 89 8.39 7.14 -16.62
N VAL B 90 9.73 7.22 -16.77
CA VAL B 90 10.56 7.93 -15.78
C VAL B 90 10.01 9.37 -15.70
N ASN B 91 9.93 9.99 -16.87
CA ASN B 91 9.35 11.33 -17.03
C ASN B 91 7.82 11.27 -16.89
N GLY B 92 7.27 10.05 -16.98
CA GLY B 92 5.84 9.82 -16.92
C GLY B 92 5.21 10.34 -15.63
N SER B 93 6.03 10.53 -14.57
CA SER B 93 5.50 11.03 -13.30
C SER B 93 4.83 12.40 -13.52
N LEU B 94 5.42 13.21 -14.39
CA LEU B 94 4.86 14.53 -14.70
C LEU B 94 3.56 14.38 -15.50
N ALA B 95 3.63 13.59 -16.57
CA ALA B 95 2.45 13.35 -17.43
C ALA B 95 1.31 12.66 -16.65
N LEU B 96 1.68 11.78 -15.71
CA LEU B 96 0.68 11.02 -14.93
C LEU B 96 -0.24 11.98 -14.16
N ILE B 97 0.32 12.99 -13.52
CA ILE B 97 -0.49 13.96 -12.78
C ILE B 97 -1.36 14.75 -13.77
N TRP B 98 -0.79 15.02 -14.94
CA TRP B 98 -1.46 15.75 -16.00
C TRP B 98 -2.64 14.96 -16.60
N ASP B 99 -2.56 13.61 -16.57
CA ASP B 99 -3.64 12.78 -17.15
C ASP B 99 -4.97 13.17 -16.50
N ASP B 100 -4.98 13.26 -15.17
CA ASP B 100 -6.19 13.63 -14.43
C ASP B 100 -6.56 15.12 -14.61
N LEU B 101 -5.56 16.01 -14.50
CA LEU B 101 -5.80 17.47 -14.59
C LEU B 101 -6.25 17.95 -15.99
N ARG B 102 -5.57 17.48 -17.03
CA ARG B 102 -5.89 17.90 -18.41
C ARG B 102 -7.29 17.45 -18.85
N SER B 103 -7.75 16.33 -18.31
CA SER B 103 -9.08 15.81 -18.67
C SER B 103 -10.18 16.63 -18.01
N LEU B 104 -10.02 16.90 -16.71
CA LEU B 104 -11.03 17.64 -15.93
C LEU B 104 -11.26 19.05 -16.49
N SER B 105 -10.19 19.85 -16.62
CA SER B 105 -10.31 21.22 -17.12
C SER B 105 -9.97 21.34 -18.61
N LEU B 106 -8.82 20.78 -19.00
CA LEU B 106 -8.33 20.85 -20.39
C LEU B 106 -7.88 22.27 -20.73
N PHE B 107 -6.55 22.49 -20.68
CA PHE B 107 -5.95 23.80 -20.99
C PHE B 107 -6.36 24.86 -19.94
N SER B 108 -7.56 25.44 -20.09
CA SER B 108 -8.03 26.47 -19.16
C SER B 108 -8.69 25.82 -17.93
N TYR B 109 -8.76 26.57 -16.81
CA TYR B 109 -9.35 26.05 -15.59
C TYR B 109 -10.86 26.33 -15.55
N HIS B 110 -11.28 27.46 -16.15
CA HIS B 110 -12.71 27.81 -16.20
C HIS B 110 -13.50 26.64 -16.81
N ARG B 111 -12.89 25.99 -17.79
CA ARG B 111 -13.48 24.84 -18.47
C ARG B 111 -13.84 23.73 -17.45
N LEU B 112 -13.07 23.65 -16.36
CA LEU B 112 -13.29 22.63 -15.33
C LEU B 112 -14.71 22.77 -14.77
N ARG B 113 -15.15 24.01 -14.55
CA ARG B 113 -16.51 24.25 -14.05
C ARG B 113 -17.52 23.65 -15.03
N ASP B 114 -17.27 23.84 -16.33
CA ASP B 114 -18.14 23.29 -17.37
C ASP B 114 -18.12 21.77 -17.27
N LEU B 115 -16.92 21.19 -17.12
CA LEU B 115 -16.76 19.76 -16.98
C LEU B 115 -17.52 19.27 -15.74
N LEU B 116 -17.50 20.07 -14.68
CA LEU B 116 -18.14 19.73 -13.42
C LEU B 116 -19.65 19.49 -13.63
N LEU B 117 -20.28 20.25 -14.51
CA LEU B 117 -21.73 20.07 -14.76
C LEU B 117 -22.00 18.77 -15.51
N ILE B 118 -21.26 18.52 -16.59
CA ILE B 118 -21.43 17.29 -17.35
C ILE B 118 -21.09 16.08 -16.48
N VAL B 119 -20.09 16.23 -15.59
CA VAL B 119 -19.69 15.12 -14.72
C VAL B 119 -20.92 14.61 -13.93
N THR B 120 -21.70 15.54 -13.37
CA THR B 120 -22.92 15.15 -12.65
C THR B 120 -23.92 14.48 -13.59
N ARG B 121 -23.97 14.96 -14.82
CA ARG B 121 -24.89 14.44 -15.85
C ARG B 121 -24.52 13.00 -16.24
N ILE B 122 -23.22 12.71 -16.32
CA ILE B 122 -22.76 11.38 -16.72
C ILE B 122 -23.19 10.30 -15.70
N VAL B 123 -23.10 10.58 -14.38
CA VAL B 123 -23.52 9.57 -13.40
C VAL B 123 -24.98 9.17 -13.63
N GLU B 124 -25.84 10.14 -13.97
CA GLU B 124 -27.26 9.88 -14.21
C GLU B 124 -27.43 8.87 -15.36
N LEU B 125 -26.63 9.05 -16.41
CA LEU B 125 -26.70 8.18 -17.59
C LEU B 125 -26.26 6.74 -17.26
N LEU B 126 -25.17 6.61 -16.50
CA LEU B 126 -24.65 5.28 -16.14
C LEU B 126 -25.41 4.69 -14.93
N GLY B 127 -26.11 5.54 -14.17
CA GLY B 127 -26.87 5.08 -13.01
C GLY B 127 -27.78 3.91 -13.37
N ARG B 128 -28.44 4.00 -14.53
CA ARG B 128 -29.34 2.92 -15.00
C ARG B 128 -28.72 2.27 -16.23
N ARG B 129 -28.43 0.97 -16.14
CA ARG B 129 -27.84 0.23 -17.25
C ARG B 129 -28.86 0.00 -18.37
N LEU C 1 10.10 12.50 38.42
CA LEU C 1 11.05 11.34 38.45
C LEU C 1 10.23 10.02 38.61
N LEU C 2 9.01 10.02 38.06
CA LEU C 2 8.13 8.84 38.13
C LEU C 2 7.83 8.47 39.59
N GLU C 3 6.59 8.72 40.01
CA GLU C 3 6.18 8.42 41.38
C GLU C 3 4.67 8.64 41.53
N LEU C 4 4.10 8.14 42.63
CA LEU C 4 2.67 8.28 42.90
C LEU C 4 2.23 9.74 42.77
N ASP C 5 2.90 10.62 43.51
CA ASP C 5 2.58 12.05 43.50
C ASP C 5 3.00 12.73 42.19
N LYS C 6 3.92 12.09 41.45
CA LYS C 6 4.41 12.65 40.19
C LYS C 6 3.42 12.38 39.04
N TRP C 7 2.92 11.14 38.96
CA TRP C 7 1.97 10.77 37.90
C TRP C 7 0.67 11.55 38.05
N ALA C 8 0.17 11.63 39.28
CA ALA C 8 -1.08 12.35 39.55
C ALA C 8 -0.93 13.85 39.32
N SER C 9 0.31 14.36 39.31
CA SER C 9 0.56 15.78 39.10
C SER C 9 0.29 16.19 37.64
N LEU C 10 0.48 15.25 36.71
CA LEU C 10 0.28 15.52 35.28
C LEU C 10 -1.16 15.94 34.98
N TRP C 11 -2.14 15.31 35.65
CA TRP C 11 -3.55 15.65 35.38
C TRP C 11 -3.83 17.13 35.67
N ASN C 12 -3.09 17.71 36.62
CA ASN C 12 -3.25 19.13 36.95
C ASN C 12 -2.88 20.02 35.75
N TRP C 13 -1.93 19.54 34.94
CA TRP C 13 -1.47 20.29 33.76
C TRP C 13 -2.61 20.44 32.75
N PHE C 14 -3.39 19.36 32.56
CA PHE C 14 -4.52 19.37 31.64
C PHE C 14 -4.11 19.85 30.24
N ASP C 15 -2.88 19.49 29.81
CA ASP C 15 -2.39 19.90 28.49
C ASP C 15 -1.48 18.83 27.87
N ILE C 16 -0.27 18.67 28.41
CA ILE C 16 0.69 17.68 27.90
C ILE C 16 0.20 16.25 28.18
N THR C 17 -0.42 16.05 29.35
CA THR C 17 -0.88 14.73 29.77
C THR C 17 -1.74 14.04 28.71
N ASN C 18 -2.55 14.81 27.96
CA ASN C 18 -3.41 14.20 26.94
C ASN C 18 -2.57 13.59 25.82
N TRP C 19 -1.62 14.36 25.28
CA TRP C 19 -0.73 13.88 24.23
C TRP C 19 0.18 12.76 24.79
N LEU C 20 0.71 12.98 25.99
CA LEU C 20 1.62 12.03 26.63
C LEU C 20 0.96 10.68 26.95
N TRP C 21 -0.33 10.69 27.34
CA TRP C 21 -1.02 9.45 27.72
C TRP C 21 -1.94 8.88 26.63
N TYR C 22 -2.16 9.60 25.52
CA TYR C 22 -3.03 9.09 24.45
C TYR C 22 -2.25 8.43 23.30
N ILE C 23 -0.93 8.61 23.27
CA ILE C 23 -0.12 7.99 22.21
C ILE C 23 -0.24 6.47 22.25
N ARG C 24 -0.33 5.90 23.46
CA ARG C 24 -0.44 4.44 23.63
C ARG C 24 -1.61 3.88 22.81
N ILE C 25 -2.78 4.50 22.90
CA ILE C 25 -3.95 4.06 22.12
C ILE C 25 -3.67 4.36 20.63
N PHE C 26 -2.99 5.48 20.37
CA PHE C 26 -2.67 5.90 19.02
C PHE C 26 -1.81 4.84 18.31
N ILE C 27 -0.96 4.12 19.07
CA ILE C 27 -0.11 3.10 18.47
C ILE C 27 -0.97 2.02 17.82
N ILE C 28 -2.04 1.61 18.52
CA ILE C 28 -2.97 0.62 17.98
C ILE C 28 -3.66 1.23 16.75
N ILE C 29 -4.03 2.51 16.87
CA ILE C 29 -4.69 3.22 15.77
C ILE C 29 -3.76 3.21 14.54
N VAL C 30 -2.43 3.35 14.75
CA VAL C 30 -1.49 3.30 13.61
C VAL C 30 -1.72 1.98 12.85
N GLY C 31 -1.96 0.89 13.59
CA GLY C 31 -2.25 -0.41 12.97
C GLY C 31 -3.42 -0.26 12.00
N SER C 32 -4.44 0.47 12.45
CA SER C 32 -5.61 0.75 11.63
C SER C 32 -5.18 1.61 10.43
N LEU C 33 -4.27 2.55 10.69
CA LEU C 33 -3.75 3.46 9.68
C LEU C 33 -3.06 2.73 8.52
N ILE C 34 -2.24 1.72 8.85
CA ILE C 34 -1.52 0.96 7.81
C ILE C 34 -2.51 0.20 6.93
N GLY C 35 -3.53 -0.42 7.54
CA GLY C 35 -4.55 -1.15 6.79
C GLY C 35 -5.35 -0.20 5.89
N LEU C 36 -5.46 1.07 6.29
CA LEU C 36 -6.19 2.08 5.51
C LEU C 36 -5.56 2.23 4.11
N ARG C 37 -4.24 2.19 4.07
CA ARG C 37 -3.47 2.33 2.83
C ARG C 37 -3.85 1.31 1.74
N ILE C 38 -4.31 0.13 2.13
CA ILE C 38 -4.63 -0.93 1.15
C ILE C 38 -5.71 -0.44 0.15
N VAL C 39 -6.70 0.35 0.60
CA VAL C 39 -7.74 0.85 -0.30
C VAL C 39 -7.11 1.58 -1.51
N PHE C 40 -5.93 2.19 -1.31
CA PHE C 40 -5.26 2.91 -2.40
C PHE C 40 -5.02 1.97 -3.58
N ALA C 41 -4.83 0.68 -3.30
CA ALA C 41 -4.65 -0.32 -4.36
C ALA C 41 -5.90 -0.31 -5.26
N VAL C 42 -7.06 -0.13 -4.62
CA VAL C 42 -8.34 -0.05 -5.31
C VAL C 42 -8.36 1.23 -6.17
N LEU C 43 -7.87 2.32 -5.58
CA LEU C 43 -7.79 3.62 -6.25
C LEU C 43 -6.85 3.54 -7.45
N SER C 44 -5.76 2.79 -7.32
CA SER C 44 -4.78 2.64 -8.39
C SER C 44 -5.43 1.98 -9.61
N LEU C 45 -6.29 1.00 -9.35
CA LEU C 45 -7.01 0.31 -10.43
C LEU C 45 -7.87 1.33 -11.16
N VAL C 46 -8.56 2.16 -10.38
CA VAL C 46 -9.43 3.22 -10.90
C VAL C 46 -8.56 4.20 -11.70
N ASN C 47 -7.42 4.56 -11.12
CA ASN C 47 -6.49 5.47 -11.74
C ASN C 47 -5.94 4.91 -13.04
N ARG C 48 -5.70 3.60 -13.09
CA ARG C 48 -5.14 2.99 -14.29
C ARG C 48 -6.02 3.32 -15.51
N VAL C 49 -7.31 3.09 -15.35
CA VAL C 49 -8.26 3.37 -16.42
C VAL C 49 -8.55 4.86 -16.55
N ARG C 50 -8.60 5.54 -15.43
CA ARG C 50 -8.97 6.96 -15.41
C ARG C 50 -7.88 7.89 -16.03
N GLN C 51 -6.61 7.67 -15.69
CA GLN C 51 -5.52 8.51 -16.20
C GLN C 51 -4.72 7.83 -17.32
N GLY C 52 -4.79 6.50 -17.39
CA GLY C 52 -4.05 5.72 -18.38
C GLY C 52 -3.04 4.80 -17.69
N TYR C 53 -2.31 3.98 -18.47
CA TYR C 53 -1.32 3.04 -17.90
C TYR C 53 0.02 3.10 -18.64
N SER C 54 0.00 2.91 -19.97
CA SER C 54 1.23 2.96 -20.76
C SER C 54 1.74 4.41 -20.84
N PRO C 55 3.06 4.67 -20.79
CA PRO C 55 3.63 6.05 -20.86
C PRO C 55 2.76 7.02 -21.70
N LEU C 56 1.92 7.77 -21.00
CA LEU C 56 0.99 8.72 -21.61
C LEU C 56 1.65 10.08 -21.89
N SER C 57 2.99 10.13 -21.92
CA SER C 57 3.69 11.41 -22.18
C SER C 57 3.09 12.09 -23.42
N GLU C 80 -10.43 14.18 -26.03
CA GLU C 80 -11.50 14.70 -25.18
C GLU C 80 -12.58 13.64 -24.94
N ARG C 81 -12.74 12.76 -25.91
CA ARG C 81 -13.72 11.68 -25.86
C ARG C 81 -13.38 10.62 -24.81
N ASP C 82 -12.09 10.47 -24.51
CA ASP C 82 -11.61 9.46 -23.55
C ASP C 82 -12.11 9.69 -22.11
N ARG C 83 -12.19 10.96 -21.67
CA ARG C 83 -12.62 11.25 -20.29
C ARG C 83 -14.11 11.04 -20.03
N ASP C 84 -14.99 11.40 -20.99
CA ASP C 84 -16.43 11.20 -20.76
C ASP C 84 -16.70 9.72 -20.47
N ARG C 85 -15.98 8.84 -21.17
CA ARG C 85 -16.11 7.40 -20.96
C ARG C 85 -15.48 7.01 -19.61
N SER C 86 -14.38 7.65 -19.25
CA SER C 86 -13.70 7.33 -17.99
C SER C 86 -14.54 7.74 -16.78
N ILE C 87 -15.29 8.86 -16.88
CA ILE C 87 -16.16 9.25 -15.75
C ILE C 87 -17.18 8.12 -15.48
N ARG C 88 -17.43 7.26 -16.48
CA ARG C 88 -18.36 6.15 -16.29
C ARG C 88 -17.82 5.27 -15.15
N LEU C 89 -16.49 5.25 -15.01
CA LEU C 89 -15.81 4.48 -13.97
C LEU C 89 -16.23 4.96 -12.57
N VAL C 90 -16.83 6.17 -12.47
CA VAL C 90 -17.26 6.70 -11.16
C VAL C 90 -18.20 5.67 -10.52
N ASN C 91 -19.23 5.30 -11.27
CA ASN C 91 -20.14 4.23 -10.87
C ASN C 91 -19.42 2.88 -11.00
N GLY C 92 -18.40 2.86 -11.89
CA GLY C 92 -17.62 1.69 -12.17
C GLY C 92 -16.97 1.11 -10.91
N SER C 93 -16.84 1.93 -9.86
CA SER C 93 -16.24 1.46 -8.62
C SER C 93 -17.04 0.27 -8.08
N LEU C 94 -18.38 0.36 -8.17
CA LEU C 94 -19.24 -0.74 -7.73
C LEU C 94 -18.95 -1.98 -8.59
N ALA C 95 -18.97 -1.79 -9.91
CA ALA C 95 -18.67 -2.88 -10.85
C ALA C 95 -17.27 -3.46 -10.62
N LEU C 96 -16.34 -2.60 -10.22
CA LEU C 96 -14.94 -2.97 -10.03
C LEU C 96 -14.81 -4.08 -8.98
N ILE C 97 -15.51 -3.94 -7.86
CA ILE C 97 -15.46 -4.95 -6.81
C ILE C 97 -16.18 -6.24 -7.30
N TRP C 98 -17.18 -6.08 -8.17
CA TRP C 98 -17.95 -7.21 -8.70
C TRP C 98 -17.13 -8.12 -9.64
N ASP C 99 -16.16 -7.59 -10.41
CA ASP C 99 -15.36 -8.43 -11.32
C ASP C 99 -14.72 -9.58 -10.54
N ASP C 100 -14.11 -9.25 -9.40
CA ASP C 100 -13.46 -10.24 -8.54
C ASP C 100 -14.48 -11.16 -7.82
N LEU C 101 -15.55 -10.57 -7.27
CA LEU C 101 -16.55 -11.36 -6.52
C LEU C 101 -17.35 -12.33 -7.39
N ARG C 102 -17.82 -11.88 -8.54
CA ARG C 102 -18.63 -12.72 -9.43
C ARG C 102 -17.86 -13.90 -10.02
N SER C 103 -16.67 -13.64 -10.59
CA SER C 103 -15.88 -14.70 -11.20
C SER C 103 -15.35 -15.67 -10.12
N LEU C 104 -14.92 -15.12 -9.00
CA LEU C 104 -14.37 -15.92 -7.90
C LEU C 104 -15.43 -16.79 -7.20
N SER C 105 -16.53 -16.18 -6.74
CA SER C 105 -17.59 -16.93 -6.06
C SER C 105 -18.75 -17.28 -6.99
N LEU C 106 -19.25 -16.27 -7.72
CA LEU C 106 -20.39 -16.42 -8.65
C LEU C 106 -21.73 -16.47 -7.89
N PHE C 107 -22.25 -15.27 -7.58
CA PHE C 107 -23.53 -15.12 -6.89
C PHE C 107 -23.52 -15.78 -5.48
N SER C 108 -23.71 -17.10 -5.41
CA SER C 108 -23.74 -17.81 -4.12
C SER C 108 -22.34 -18.23 -3.67
N TYR C 109 -22.23 -18.61 -2.39
CA TYR C 109 -20.94 -19.04 -1.84
C TYR C 109 -20.68 -20.51 -2.17
N HIS C 110 -21.75 -21.31 -2.33
CA HIS C 110 -21.61 -22.73 -2.69
C HIS C 110 -20.73 -22.84 -3.95
N ARG C 111 -20.89 -21.88 -4.85
CA ARG C 111 -20.13 -21.82 -6.09
C ARG C 111 -18.66 -21.47 -5.79
N LEU C 112 -18.41 -20.69 -4.73
CA LEU C 112 -17.04 -20.30 -4.35
C LEU C 112 -16.21 -21.56 -4.03
N ARG C 113 -16.86 -22.57 -3.42
CA ARG C 113 -16.19 -23.83 -3.10
C ARG C 113 -15.60 -24.43 -4.39
N ASP C 114 -16.31 -24.24 -5.51
CA ASP C 114 -15.83 -24.73 -6.79
C ASP C 114 -14.52 -23.99 -7.12
N LEU C 115 -14.50 -22.67 -6.86
CA LEU C 115 -13.29 -21.88 -7.09
C LEU C 115 -12.17 -22.39 -6.16
N LEU C 116 -12.54 -22.75 -4.94
CA LEU C 116 -11.57 -23.24 -3.97
C LEU C 116 -10.86 -24.47 -4.52
N LEU C 117 -11.61 -25.38 -5.13
CA LEU C 117 -11.03 -26.58 -5.73
C LEU C 117 -10.31 -26.23 -7.04
N ILE C 118 -10.87 -25.28 -7.79
CA ILE C 118 -10.30 -24.89 -9.08
C ILE C 118 -8.91 -24.25 -8.90
N VAL C 119 -8.71 -23.46 -7.84
CA VAL C 119 -7.40 -22.82 -7.64
C VAL C 119 -6.31 -23.88 -7.42
N THR C 120 -6.62 -24.94 -6.65
CA THR C 120 -5.64 -25.98 -6.40
C THR C 120 -5.25 -26.73 -7.67
N ARG C 121 -6.25 -27.16 -8.44
CA ARG C 121 -5.99 -27.90 -9.68
C ARG C 121 -5.34 -27.01 -10.74
N ILE C 122 -5.66 -25.70 -10.71
CA ILE C 122 -5.10 -24.76 -11.68
C ILE C 122 -3.56 -24.81 -11.66
N VAL C 123 -2.92 -25.01 -10.48
CA VAL C 123 -1.46 -25.04 -10.44
C VAL C 123 -0.91 -26.05 -11.46
N GLU C 124 -1.58 -27.18 -11.61
CA GLU C 124 -1.16 -28.21 -12.57
C GLU C 124 -1.03 -27.61 -13.99
N LEU C 125 -1.98 -26.75 -14.38
CA LEU C 125 -2.01 -26.16 -15.73
C LEU C 125 -0.87 -25.17 -16.07
N LEU C 126 -0.53 -24.23 -15.17
CA LEU C 126 0.55 -23.26 -15.49
C LEU C 126 1.92 -23.92 -15.38
N GLY C 127 2.04 -24.95 -14.52
CA GLY C 127 3.31 -25.69 -14.35
C GLY C 127 4.00 -25.92 -15.70
N ARG C 128 3.24 -26.43 -16.67
CA ARG C 128 3.76 -26.66 -18.01
C ARG C 128 3.40 -25.48 -18.93
N ARG C 129 4.43 -24.77 -19.39
CA ARG C 129 4.24 -23.60 -20.25
C ARG C 129 5.59 -23.07 -20.72
N LEU A 1 -0.47 4.83 43.93
CA LEU A 1 -0.56 4.50 42.48
C LEU A 1 0.86 4.35 41.91
N LEU A 2 1.08 3.26 41.18
CA LEU A 2 2.38 2.99 40.55
C LEU A 2 3.48 2.91 41.61
N GLU A 3 3.95 1.69 41.86
CA GLU A 3 5.00 1.41 42.85
C GLU A 3 5.26 -0.10 42.86
N LEU A 4 6.17 -0.57 43.72
CA LEU A 4 6.45 -2.00 43.79
C LEU A 4 5.17 -2.76 44.13
N ASP A 5 4.44 -2.26 45.12
CA ASP A 5 3.22 -2.90 45.57
C ASP A 5 2.10 -2.83 44.52
N LYS A 6 2.07 -1.75 43.74
CA LYS A 6 1.03 -1.60 42.71
C LYS A 6 1.38 -2.39 41.46
N TRP A 7 2.61 -2.22 40.97
CA TRP A 7 3.08 -2.91 39.77
C TRP A 7 3.14 -4.41 40.01
N ALA A 8 3.60 -4.81 41.20
CA ALA A 8 3.69 -6.25 41.53
C ALA A 8 2.31 -6.88 41.73
N SER A 9 1.28 -6.04 41.96
CA SER A 9 -0.09 -6.54 42.15
C SER A 9 -0.69 -7.06 40.83
N LEU A 10 -0.25 -6.46 39.71
CA LEU A 10 -0.76 -6.87 38.39
C LEU A 10 -0.48 -8.34 38.12
N TRP A 11 0.69 -8.83 38.57
CA TRP A 11 1.06 -10.23 38.36
C TRP A 11 0.05 -11.19 38.98
N ASN A 12 -0.78 -10.68 39.90
CA ASN A 12 -1.81 -11.49 40.56
C ASN A 12 -3.11 -11.50 39.74
N TRP A 13 -3.36 -10.41 38.99
CA TRP A 13 -4.55 -10.28 38.17
C TRP A 13 -4.60 -11.40 37.12
N PHE A 14 -3.48 -11.59 36.42
CA PHE A 14 -3.38 -12.62 35.39
C PHE A 14 -4.42 -12.38 34.27
N ASP A 15 -4.61 -11.10 33.91
CA ASP A 15 -5.56 -10.73 32.85
C ASP A 15 -5.10 -9.45 32.13
N ILE A 16 -5.18 -8.30 32.82
CA ILE A 16 -4.78 -7.01 32.23
C ILE A 16 -3.26 -6.94 32.02
N THR A 17 -2.49 -7.52 32.95
CA THR A 17 -1.04 -7.47 32.89
C THR A 17 -0.48 -7.93 31.54
N ASN A 18 -1.11 -8.93 30.91
CA ASN A 18 -0.63 -9.43 29.63
C ASN A 18 -0.73 -8.35 28.55
N TRP A 19 -1.91 -7.73 28.44
CA TRP A 19 -2.14 -6.65 27.47
C TRP A 19 -1.27 -5.43 27.83
N LEU A 20 -1.22 -5.10 29.11
CA LEU A 20 -0.47 -3.94 29.59
C LEU A 20 1.05 -4.11 29.40
N TRP A 21 1.56 -5.34 29.54
CA TRP A 21 3.00 -5.58 29.43
C TRP A 21 3.46 -6.21 28.11
N TYR A 22 2.53 -6.54 27.18
CA TYR A 22 2.94 -7.14 25.89
C TYR A 22 2.77 -6.19 24.71
N ILE A 23 2.17 -5.01 24.93
CA ILE A 23 1.96 -4.04 23.85
C ILE A 23 3.30 -3.45 23.40
N ARG A 24 4.24 -3.26 24.33
CA ARG A 24 5.55 -2.68 24.01
C ARG A 24 6.20 -3.49 22.87
N ILE A 25 6.09 -4.81 22.94
CA ILE A 25 6.63 -5.68 21.89
C ILE A 25 5.68 -5.63 20.67
N PHE A 26 4.38 -5.52 20.95
CA PHE A 26 3.36 -5.48 19.91
C PHE A 26 3.58 -4.28 18.97
N ILE A 27 3.99 -3.14 19.52
CA ILE A 27 4.23 -1.94 18.72
C ILE A 27 5.33 -2.24 17.69
N ILE A 28 6.43 -2.87 18.13
CA ILE A 28 7.52 -3.21 17.23
C ILE A 28 6.98 -4.18 16.15
N ILE A 29 6.11 -5.11 16.57
CA ILE A 29 5.51 -6.08 15.66
C ILE A 29 4.72 -5.35 14.56
N VAL A 30 4.03 -4.24 14.92
CA VAL A 30 3.27 -3.46 13.93
C VAL A 30 4.21 -3.07 12.78
N GLY A 31 5.45 -2.69 13.12
CA GLY A 31 6.45 -2.32 12.11
C GLY A 31 6.59 -3.46 11.10
N SER A 32 6.67 -4.69 11.63
CA SER A 32 6.75 -5.88 10.78
C SER A 32 5.49 -5.99 9.91
N LEU A 33 4.34 -5.65 10.52
CA LEU A 33 3.04 -5.70 9.86
C LEU A 33 2.97 -4.78 8.64
N ILE A 34 3.58 -3.60 8.73
CA ILE A 34 3.54 -2.64 7.62
C ILE A 34 4.31 -3.19 6.40
N GLY A 35 5.49 -3.79 6.65
CA GLY A 35 6.29 -4.38 5.58
C GLY A 35 5.53 -5.53 4.91
N LEU A 36 4.77 -6.28 5.73
CA LEU A 36 3.97 -7.41 5.23
C LEU A 36 3.07 -6.94 4.08
N ARG A 37 2.54 -5.74 4.22
CA ARG A 37 1.65 -5.11 3.24
C ARG A 37 2.29 -4.99 1.86
N ILE A 38 3.62 -4.89 1.81
CA ILE A 38 4.33 -4.72 0.53
C ILE A 38 4.04 -5.90 -0.42
N VAL A 39 3.92 -7.13 0.12
CA VAL A 39 3.62 -8.29 -0.73
C VAL A 39 2.20 -8.18 -1.33
N PHE A 40 1.29 -7.53 -0.60
CA PHE A 40 -0.10 -7.35 -1.05
C PHE A 40 -0.12 -6.68 -2.42
N ALA A 41 0.88 -5.86 -2.72
CA ALA A 41 0.92 -5.16 -4.01
C ALA A 41 0.86 -6.19 -5.14
N VAL A 42 1.52 -7.36 -4.98
CA VAL A 42 1.44 -8.41 -6.01
C VAL A 42 -0.03 -8.84 -6.21
N LEU A 43 -0.79 -8.90 -5.11
CA LEU A 43 -2.21 -9.29 -5.15
C LEU A 43 -2.99 -8.36 -6.08
N SER A 44 -2.65 -7.06 -6.09
CA SER A 44 -3.33 -6.09 -6.94
C SER A 44 -3.14 -6.45 -8.41
N LEU A 45 -1.93 -6.87 -8.75
CA LEU A 45 -1.61 -7.29 -10.11
C LEU A 45 -2.51 -8.47 -10.48
N VAL A 46 -2.66 -9.40 -9.55
CA VAL A 46 -3.51 -10.57 -9.74
C VAL A 46 -4.97 -10.12 -9.87
N ASN A 47 -5.36 -9.21 -8.99
CA ASN A 47 -6.70 -8.67 -8.95
C ASN A 47 -7.05 -7.93 -10.25
N ARG A 48 -6.08 -7.24 -10.85
CA ARG A 48 -6.32 -6.47 -12.07
C ARG A 48 -6.66 -7.38 -13.25
N VAL A 49 -5.86 -8.42 -13.46
CA VAL A 49 -6.08 -9.35 -14.56
C VAL A 49 -7.24 -10.31 -14.22
N ARG A 50 -7.23 -10.80 -13.00
CA ARG A 50 -8.24 -11.77 -12.53
C ARG A 50 -9.69 -11.21 -12.50
N GLN A 51 -9.88 -9.88 -12.45
CA GLN A 51 -11.23 -9.31 -12.38
C GLN A 51 -11.77 -8.95 -13.79
N GLY A 52 -10.86 -8.79 -14.74
CA GLY A 52 -11.21 -8.45 -16.11
C GLY A 52 -10.74 -7.02 -16.43
N TYR A 53 -9.59 -6.65 -15.87
CA TYR A 53 -8.99 -5.32 -16.07
C TYR A 53 -9.79 -4.22 -15.35
N SER A 54 -9.40 -2.98 -15.63
CA SER A 54 -10.02 -1.80 -15.04
C SER A 54 -11.50 -1.71 -15.47
N PRO A 55 -12.33 -0.94 -14.75
CA PRO A 55 -13.80 -0.81 -15.00
C PRO A 55 -14.30 -1.40 -16.33
N LEU A 56 -14.71 -2.67 -16.25
CA LEU A 56 -15.22 -3.42 -17.40
C LEU A 56 -16.76 -3.61 -17.31
N SER A 57 -17.32 -3.41 -16.10
CA SER A 57 -18.76 -3.58 -15.86
C SER A 57 -19.25 -4.90 -16.45
N GLU A 80 -14.44 -14.68 -18.74
CA GLU A 80 -13.38 -15.00 -19.69
C GLU A 80 -12.57 -16.20 -19.22
N ARG A 81 -11.98 -16.92 -20.18
CA ARG A 81 -11.15 -18.10 -19.91
C ARG A 81 -9.95 -17.75 -19.03
N ASP A 82 -9.52 -16.49 -19.08
CA ASP A 82 -8.35 -16.02 -18.31
C ASP A 82 -8.46 -16.27 -16.79
N ARG A 83 -9.62 -16.75 -16.29
CA ARG A 83 -9.78 -17.01 -14.86
C ARG A 83 -8.74 -18.04 -14.40
N ASP A 84 -8.52 -19.07 -15.22
CA ASP A 84 -7.55 -20.10 -14.87
C ASP A 84 -6.14 -19.52 -14.88
N ARG A 85 -5.80 -18.75 -15.91
CA ARG A 85 -4.48 -18.12 -16.01
C ARG A 85 -4.29 -17.09 -14.91
N SER A 86 -5.38 -16.45 -14.48
CA SER A 86 -5.33 -15.44 -13.44
C SER A 86 -4.97 -16.08 -12.11
N ILE A 87 -5.62 -17.21 -11.79
CA ILE A 87 -5.31 -17.89 -10.52
C ILE A 87 -3.88 -18.33 -10.49
N ARG A 88 -3.35 -18.97 -11.53
CA ARG A 88 -1.97 -19.44 -11.43
C ARG A 88 -1.00 -18.27 -11.30
N LEU A 89 -1.51 -17.02 -11.47
CA LEU A 89 -0.70 -15.82 -11.18
C LEU A 89 -0.30 -15.90 -9.67
N VAL A 90 -0.98 -16.79 -8.91
CA VAL A 90 -0.73 -17.06 -7.50
C VAL A 90 0.76 -17.39 -7.38
N ASN A 91 1.14 -18.37 -8.17
CA ASN A 91 2.52 -18.79 -8.32
C ASN A 91 3.26 -17.74 -9.15
N GLY A 92 2.50 -17.05 -10.01
CA GLY A 92 3.02 -16.00 -10.86
C GLY A 92 3.68 -14.93 -10.02
N SER A 93 3.36 -14.88 -8.71
CA SER A 93 3.97 -13.90 -7.81
C SER A 93 5.49 -14.10 -7.85
N LEU A 94 5.94 -15.37 -7.96
CA LEU A 94 7.36 -15.65 -8.08
C LEU A 94 7.83 -15.01 -9.39
N ALA A 95 7.08 -15.22 -10.47
CA ALA A 95 7.42 -14.61 -11.75
C ALA A 95 7.43 -13.07 -11.63
N LEU A 96 6.53 -12.52 -10.80
CA LEU A 96 6.41 -11.07 -10.62
C LEU A 96 7.71 -10.46 -10.14
N ILE A 97 8.37 -11.08 -9.15
CA ILE A 97 9.65 -10.57 -8.66
C ILE A 97 10.66 -10.60 -9.83
N TRP A 98 10.50 -11.60 -10.70
CA TRP A 98 11.35 -11.78 -11.87
C TRP A 98 11.11 -10.67 -12.92
N ASP A 99 9.88 -10.12 -12.99
CA ASP A 99 9.57 -9.07 -13.98
C ASP A 99 10.57 -7.91 -13.82
N ASP A 100 10.79 -7.49 -12.57
CA ASP A 100 11.72 -6.41 -12.25
C ASP A 100 13.17 -6.82 -12.49
N LEU A 101 13.53 -8.04 -12.05
CA LEU A 101 14.89 -8.55 -12.18
C LEU A 101 15.31 -8.74 -13.65
N ARG A 102 14.37 -9.17 -14.48
CA ARG A 102 14.65 -9.42 -15.89
C ARG A 102 14.96 -8.11 -16.65
N SER A 103 14.15 -7.07 -16.41
CA SER A 103 14.34 -5.79 -17.08
C SER A 103 15.67 -5.14 -16.69
N LEU A 104 15.97 -5.14 -15.40
CA LEU A 104 17.19 -4.52 -14.86
C LEU A 104 18.48 -5.19 -15.35
N SER A 105 18.60 -6.51 -15.17
CA SER A 105 19.82 -7.23 -15.56
C SER A 105 19.74 -7.94 -16.92
N LEU A 106 18.51 -8.25 -17.39
CA LEU A 106 18.32 -8.97 -18.66
C LEU A 106 18.61 -10.47 -18.47
N PHE A 107 19.85 -10.79 -18.07
CA PHE A 107 20.23 -12.19 -17.84
C PHE A 107 21.26 -12.30 -16.70
N SER A 108 22.47 -11.78 -16.91
CA SER A 108 23.53 -11.84 -15.89
C SER A 108 23.51 -10.56 -15.05
N TYR A 109 24.03 -10.64 -13.82
CA TYR A 109 24.07 -9.47 -12.93
C TYR A 109 25.00 -8.40 -13.50
N HIS A 110 26.14 -8.84 -14.06
CA HIS A 110 27.11 -7.90 -14.66
C HIS A 110 26.39 -7.02 -15.70
N ARG A 111 25.48 -7.66 -16.45
CA ARG A 111 24.68 -6.98 -17.48
C ARG A 111 23.86 -5.82 -16.86
N LEU A 112 23.49 -5.96 -15.57
CA LEU A 112 22.70 -4.95 -14.89
C LEU A 112 23.45 -3.62 -14.88
N ARG A 113 24.77 -3.67 -14.74
CA ARG A 113 25.60 -2.47 -14.77
C ARG A 113 25.35 -1.71 -16.09
N ASP A 114 25.11 -2.47 -17.17
CA ASP A 114 24.85 -1.88 -18.48
C ASP A 114 23.60 -1.02 -18.47
N LEU A 115 22.51 -1.49 -17.80
CA LEU A 115 21.27 -0.72 -17.75
C LEU A 115 21.52 0.65 -17.11
N LEU A 116 22.36 0.70 -16.08
CA LEU A 116 22.65 1.94 -15.37
C LEU A 116 23.28 2.99 -16.29
N LEU A 117 24.19 2.56 -17.16
CA LEU A 117 24.86 3.49 -18.08
C LEU A 117 23.95 3.95 -19.22
N ILE A 118 23.18 3.02 -19.80
CA ILE A 118 22.32 3.38 -20.92
C ILE A 118 21.17 4.28 -20.47
N VAL A 119 20.60 4.06 -19.27
CA VAL A 119 19.49 4.89 -18.82
C VAL A 119 19.88 6.37 -18.74
N THR A 120 21.09 6.68 -18.24
CA THR A 120 21.52 8.08 -18.15
C THR A 120 21.65 8.71 -19.55
N ARG A 121 22.08 7.92 -20.52
CA ARG A 121 22.24 8.40 -21.89
C ARG A 121 20.91 8.78 -22.53
N ILE A 122 19.83 8.08 -22.14
CA ILE A 122 18.51 8.34 -22.71
C ILE A 122 18.09 9.80 -22.52
N VAL A 123 18.34 10.38 -21.32
CA VAL A 123 17.93 11.77 -21.06
C VAL A 123 18.51 12.71 -22.13
N GLU A 124 19.75 12.45 -22.55
CA GLU A 124 20.41 13.27 -23.56
C GLU A 124 19.62 13.26 -24.87
N LEU A 125 19.25 12.07 -25.33
CA LEU A 125 18.51 11.92 -26.60
C LEU A 125 17.08 12.45 -26.50
N LEU A 126 16.38 12.13 -25.40
CA LEU A 126 15.00 12.58 -25.23
C LEU A 126 14.93 14.09 -24.94
N GLY A 127 15.98 14.62 -24.29
CA GLY A 127 16.02 16.05 -23.96
C GLY A 127 15.75 16.92 -25.20
N ARG A 128 16.11 16.42 -26.39
CA ARG A 128 15.91 17.13 -27.64
C ARG A 128 15.03 16.33 -28.60
N ARG A 129 14.15 17.02 -29.33
CA ARG A 129 13.25 16.38 -30.29
C ARG A 129 13.11 17.24 -31.55
N LEU B 1 10.77 -2.51 42.38
CA LEU B 1 10.39 -2.40 40.94
C LEU B 1 9.63 -1.09 40.75
N LEU B 2 9.98 -0.35 39.70
CA LEU B 2 9.33 0.92 39.38
C LEU B 2 9.35 1.85 40.60
N GLU B 3 10.48 2.56 40.78
CA GLU B 3 10.63 3.49 41.91
C GLU B 3 11.59 4.63 41.53
N LEU B 4 11.46 5.75 42.24
CA LEU B 4 12.31 6.93 41.99
C LEU B 4 13.79 6.55 41.86
N ASP B 5 14.30 5.93 42.90
CA ASP B 5 15.70 5.52 42.97
C ASP B 5 16.04 4.48 41.90
N LYS B 6 15.04 3.68 41.51
CA LYS B 6 15.25 2.65 40.50
C LYS B 6 15.43 3.29 39.13
N TRP B 7 14.52 4.20 38.76
CA TRP B 7 14.60 4.87 37.46
C TRP B 7 15.88 5.68 37.35
N ALA B 8 16.19 6.44 38.40
CA ALA B 8 17.40 7.27 38.42
C ALA B 8 18.67 6.41 38.38
N SER B 9 18.54 5.13 38.78
CA SER B 9 19.67 4.21 38.79
C SER B 9 20.09 3.83 37.36
N LEU B 10 19.11 3.77 36.44
CA LEU B 10 19.39 3.43 35.04
C LEU B 10 20.35 4.44 34.41
N TRP B 11 20.28 5.70 34.85
CA TRP B 11 21.15 6.75 34.31
C TRP B 11 22.64 6.42 34.50
N ASN B 12 22.93 5.53 35.46
CA ASN B 12 24.31 5.12 35.74
C ASN B 12 24.73 3.94 34.84
N TRP B 13 23.75 3.14 34.40
CA TRP B 13 24.02 1.98 33.54
C TRP B 13 24.68 2.42 32.22
N PHE B 14 24.10 3.44 31.58
CA PHE B 14 24.62 3.96 30.32
C PHE B 14 24.64 2.87 29.23
N ASP B 15 23.58 2.05 29.19
CA ASP B 15 23.46 0.99 28.20
C ASP B 15 21.98 0.74 27.84
N ILE B 16 21.22 0.15 28.76
CA ILE B 16 19.79 -0.14 28.54
C ILE B 16 18.97 1.15 28.48
N THR B 17 19.33 2.14 29.30
CA THR B 17 18.59 3.40 29.39
C THR B 17 18.38 4.05 28.02
N ASN B 18 19.35 3.91 27.11
CA ASN B 18 19.22 4.53 25.79
C ASN B 18 18.12 3.85 24.97
N TRP B 19 18.16 2.51 24.88
CA TRP B 19 17.13 1.78 24.15
C TRP B 19 15.78 1.95 24.86
N LEU B 20 15.80 1.83 26.18
CA LEU B 20 14.60 1.94 27.01
C LEU B 20 13.99 3.35 27.01
N TRP B 21 14.82 4.39 26.96
CA TRP B 21 14.32 5.78 27.02
C TRP B 21 14.13 6.43 25.64
N TYR B 22 14.79 5.94 24.59
CA TYR B 22 14.64 6.55 23.26
C TYR B 22 13.59 5.83 22.41
N ILE B 23 13.05 4.71 22.90
CA ILE B 23 12.01 3.97 22.17
C ILE B 23 10.77 4.83 21.97
N ARG B 24 10.42 5.65 22.98
CA ARG B 24 9.22 6.50 22.91
C ARG B 24 9.22 7.33 21.64
N ILE B 25 10.35 7.97 21.33
CA ILE B 25 10.48 8.75 20.10
C ILE B 25 10.42 7.78 18.90
N PHE B 26 10.98 6.59 19.10
CA PHE B 26 11.00 5.55 18.08
C PHE B 26 9.58 5.14 17.69
N ILE B 27 8.62 5.23 18.63
CA ILE B 27 7.24 4.85 18.34
C ILE B 27 6.68 5.73 17.22
N ILE B 28 6.94 7.04 17.32
CA ILE B 28 6.48 8.00 16.30
C ILE B 28 7.20 7.71 14.97
N ILE B 29 8.50 7.43 15.05
CA ILE B 29 9.30 7.14 13.86
C ILE B 29 8.76 5.88 13.17
N VAL B 30 8.34 4.88 13.95
CA VAL B 30 7.75 3.65 13.39
C VAL B 30 6.54 4.04 12.53
N GLY B 31 5.75 5.00 12.99
CA GLY B 31 4.56 5.47 12.27
C GLY B 31 4.94 6.14 10.93
N SER B 32 6.14 6.68 10.85
CA SER B 32 6.61 7.42 9.67
C SER B 32 6.66 6.60 8.37
N LEU B 33 7.22 5.37 8.40
CA LEU B 33 7.35 4.57 7.17
C LEU B 33 6.02 4.27 6.48
N ILE B 34 4.92 4.09 7.24
CA ILE B 34 3.63 3.76 6.61
C ILE B 34 3.23 4.85 5.59
N GLY B 35 3.44 6.13 5.92
CA GLY B 35 3.11 7.20 4.96
C GLY B 35 3.97 7.04 3.71
N LEU B 36 5.21 6.58 3.91
CA LEU B 36 6.16 6.34 2.83
C LEU B 36 5.60 5.31 1.82
N ARG B 37 4.88 4.33 2.35
CA ARG B 37 4.29 3.22 1.58
C ARG B 37 3.38 3.70 0.45
N ILE B 38 2.73 4.86 0.58
CA ILE B 38 1.78 5.31 -0.44
C ILE B 38 2.47 5.44 -1.81
N VAL B 39 3.74 5.86 -1.83
CA VAL B 39 4.48 5.99 -3.09
C VAL B 39 4.46 4.67 -3.88
N PHE B 40 4.39 3.53 -3.17
CA PHE B 40 4.36 2.22 -3.83
C PHE B 40 3.20 2.14 -4.82
N ALA B 41 2.12 2.87 -4.54
CA ALA B 41 0.96 2.86 -5.43
C ALA B 41 1.38 3.31 -6.83
N VAL B 42 2.25 4.34 -6.93
CA VAL B 42 2.74 4.78 -8.25
C VAL B 42 3.67 3.68 -8.82
N LEU B 43 4.43 3.03 -7.92
CA LEU B 43 5.35 1.95 -8.28
C LEU B 43 4.65 0.89 -9.11
N SER B 44 3.38 0.59 -8.79
CA SER B 44 2.63 -0.42 -9.54
C SER B 44 2.45 0.03 -10.99
N LEU B 45 2.21 1.32 -11.17
CA LEU B 45 2.05 1.92 -12.49
C LEU B 45 3.35 1.73 -13.27
N VAL B 46 4.46 1.97 -12.58
CA VAL B 46 5.80 1.83 -13.13
C VAL B 46 6.09 0.35 -13.41
N ASN B 47 5.66 -0.51 -12.49
CA ASN B 47 5.85 -1.94 -12.59
C ASN B 47 5.13 -2.51 -13.81
N ARG B 48 3.96 -1.97 -14.13
CA ARG B 48 3.18 -2.46 -15.26
C ARG B 48 3.87 -2.13 -16.57
N VAL B 49 4.34 -0.90 -16.66
CA VAL B 49 4.95 -0.40 -17.87
C VAL B 49 6.36 -0.89 -18.10
N ARG B 50 7.19 -0.86 -17.08
CA ARG B 50 8.59 -1.25 -17.29
C ARG B 50 8.76 -2.72 -17.68
N GLN B 51 8.07 -3.63 -16.97
CA GLN B 51 8.19 -5.06 -17.26
C GLN B 51 6.99 -5.66 -17.98
N GLY B 52 5.83 -5.04 -17.83
CA GLY B 52 4.59 -5.52 -18.47
C GLY B 52 3.42 -5.57 -17.47
N TYR B 53 2.19 -5.66 -17.98
CA TYR B 53 1.00 -5.70 -17.12
C TYR B 53 0.42 -7.12 -16.96
N SER B 54 -0.01 -7.75 -18.06
CA SER B 54 -0.58 -9.10 -17.99
C SER B 54 0.50 -10.09 -17.57
N PRO B 55 0.15 -11.28 -17.03
CA PRO B 55 1.16 -12.30 -16.60
C PRO B 55 2.47 -12.24 -17.42
N LEU B 56 3.59 -11.98 -16.74
CA LEU B 56 4.88 -11.81 -17.42
C LEU B 56 5.60 -13.13 -17.69
N SER B 57 5.25 -14.24 -17.00
CA SER B 57 5.93 -15.55 -17.19
C SER B 57 6.36 -15.74 -18.66
N GLU B 80 12.31 -6.83 -24.44
CA GLU B 80 13.76 -6.65 -24.35
C GLU B 80 14.15 -5.17 -24.50
N ARG B 81 13.96 -4.66 -25.70
CA ARG B 81 14.29 -3.26 -26.05
C ARG B 81 13.32 -2.24 -25.43
N ASP B 82 12.09 -2.65 -25.13
CA ASP B 82 11.07 -1.74 -24.61
C ASP B 82 11.50 -0.97 -23.34
N ARG B 83 12.64 -1.34 -22.73
CA ARG B 83 13.10 -0.63 -21.53
C ARG B 83 13.35 0.84 -21.85
N ASP B 84 13.87 1.12 -23.04
CA ASP B 84 14.14 2.51 -23.44
C ASP B 84 12.85 3.33 -23.38
N ARG B 85 11.70 2.68 -23.60
CA ARG B 85 10.42 3.36 -23.54
C ARG B 85 10.08 3.68 -22.09
N SER B 86 10.22 2.68 -21.21
CA SER B 86 9.92 2.88 -19.79
C SER B 86 10.83 3.96 -19.21
N ILE B 87 12.09 4.06 -19.70
CA ILE B 87 12.97 5.14 -19.22
C ILE B 87 12.30 6.49 -19.51
N ARG B 88 11.36 6.54 -20.47
CA ARG B 88 10.64 7.78 -20.74
C ARG B 88 9.91 8.24 -19.47
N LEU B 89 9.75 7.31 -18.52
CA LEU B 89 9.12 7.59 -17.23
C LEU B 89 9.85 8.76 -16.55
N VAL B 90 11.14 8.95 -16.86
CA VAL B 90 11.90 10.06 -16.27
C VAL B 90 11.13 11.35 -16.59
N ASN B 91 10.86 11.52 -17.87
CA ASN B 91 10.04 12.63 -18.36
C ASN B 91 8.56 12.39 -18.00
N GLY B 92 8.21 11.11 -17.80
CA GLY B 92 6.86 10.70 -17.48
C GLY B 92 6.33 11.37 -16.22
N SER B 93 7.21 11.88 -15.36
CA SER B 93 6.78 12.55 -14.14
C SER B 93 5.90 13.75 -14.50
N LEU B 94 6.27 14.46 -15.58
CA LEU B 94 5.51 15.61 -16.04
C LEU B 94 4.16 15.16 -16.62
N ALA B 95 4.20 14.13 -17.48
CA ALA B 95 2.99 13.61 -18.11
C ALA B 95 2.05 12.91 -17.12
N LEU B 96 2.63 12.23 -16.12
CA LEU B 96 1.84 11.47 -15.15
C LEU B 96 0.87 12.37 -14.37
N ILE B 97 1.35 13.53 -13.92
CA ILE B 97 0.49 14.47 -13.19
C ILE B 97 -0.58 15.05 -14.12
N TRP B 98 -0.21 15.29 -15.38
CA TRP B 98 -1.12 15.87 -16.37
C TRP B 98 -2.26 14.90 -16.78
N ASP B 99 -2.02 13.57 -16.77
CA ASP B 99 -3.08 12.63 -17.16
C ASP B 99 -4.33 12.85 -16.31
N ASP B 100 -4.13 12.91 -15.00
CA ASP B 100 -5.22 13.13 -14.04
C ASP B 100 -5.76 14.57 -14.10
N LEU B 101 -4.85 15.55 -14.19
CA LEU B 101 -5.22 16.97 -14.20
C LEU B 101 -5.98 17.42 -15.47
N ARG B 102 -5.49 17.02 -16.65
CA ARG B 102 -6.09 17.42 -17.92
C ARG B 102 -7.51 16.88 -18.11
N SER B 103 -7.87 15.82 -17.39
CA SER B 103 -9.20 15.24 -17.55
C SER B 103 -10.26 16.08 -16.83
N LEU B 104 -9.97 16.49 -15.60
CA LEU B 104 -10.93 17.29 -14.82
C LEU B 104 -11.14 18.69 -15.40
N SER B 105 -10.05 19.45 -15.59
CA SER B 105 -10.16 20.81 -16.15
C SER B 105 -9.84 20.85 -17.64
N LEU B 106 -8.70 20.25 -18.01
CA LEU B 106 -8.23 20.25 -19.39
C LEU B 106 -7.93 21.68 -19.83
N PHE B 107 -6.68 22.12 -19.61
CA PHE B 107 -6.23 23.48 -19.96
C PHE B 107 -6.82 24.53 -19.01
N SER B 108 -5.94 25.29 -18.34
CA SER B 108 -6.37 26.34 -17.40
C SER B 108 -7.25 25.78 -16.29
N TYR B 109 -7.42 26.56 -15.21
CA TYR B 109 -8.25 26.14 -14.07
C TYR B 109 -9.55 26.96 -14.01
N HIS B 110 -10.36 26.81 -15.05
CA HIS B 110 -11.65 27.49 -15.17
C HIS B 110 -12.64 26.53 -15.84
N ARG B 111 -12.14 25.85 -16.87
CA ARG B 111 -12.89 24.85 -17.62
C ARG B 111 -13.44 23.77 -16.67
N LEU B 112 -12.72 23.53 -15.56
CA LEU B 112 -13.09 22.49 -14.61
C LEU B 112 -14.49 22.74 -14.03
N ARG B 113 -14.90 24.01 -13.91
CA ARG B 113 -16.23 24.31 -13.39
C ARG B 113 -17.29 23.71 -14.34
N ASP B 114 -17.05 23.86 -15.65
CA ASP B 114 -17.94 23.30 -16.66
C ASP B 114 -17.86 21.78 -16.64
N LEU B 115 -16.63 21.25 -16.59
CA LEU B 115 -16.40 19.81 -16.55
C LEU B 115 -17.07 19.21 -15.30
N LEU B 116 -17.01 19.95 -14.19
CA LEU B 116 -17.60 19.47 -12.94
C LEU B 116 -19.10 19.20 -13.13
N LEU B 117 -19.77 20.03 -13.94
CA LEU B 117 -21.20 19.85 -14.20
C LEU B 117 -21.47 18.63 -15.08
N ILE B 118 -20.61 18.37 -16.08
CA ILE B 118 -20.83 17.22 -16.97
C ILE B 118 -20.59 15.92 -16.20
N VAL B 119 -19.60 15.90 -15.30
CA VAL B 119 -19.33 14.69 -14.52
C VAL B 119 -20.57 14.32 -13.68
N THR B 120 -21.18 15.30 -12.99
CA THR B 120 -22.35 15.02 -12.17
C THR B 120 -23.54 14.55 -12.99
N ARG B 121 -23.78 15.15 -14.16
CA ARG B 121 -24.93 14.77 -14.99
C ARG B 121 -24.76 13.35 -15.56
N ILE B 122 -23.51 12.91 -15.83
CA ILE B 122 -23.27 11.57 -16.38
C ILE B 122 -23.86 10.48 -15.46
N VAL B 123 -23.79 10.65 -14.13
CA VAL B 123 -24.34 9.61 -13.22
C VAL B 123 -25.81 9.34 -13.58
N GLU B 124 -26.54 10.40 -13.94
CA GLU B 124 -27.95 10.27 -14.30
C GLU B 124 -28.11 9.43 -15.58
N LEU B 125 -27.26 9.70 -16.57
CA LEU B 125 -27.33 8.99 -17.86
C LEU B 125 -26.92 7.52 -17.69
N LEU B 126 -25.87 7.27 -16.92
CA LEU B 126 -25.38 5.91 -16.67
C LEU B 126 -26.28 5.16 -15.67
N GLY B 127 -27.04 5.91 -14.88
CA GLY B 127 -27.94 5.33 -13.88
C GLY B 127 -28.92 4.33 -14.50
N ARG B 128 -29.26 4.51 -15.78
CA ARG B 128 -30.21 3.61 -16.46
C ARG B 128 -29.48 2.73 -17.47
N ARG B 129 -29.68 1.41 -17.37
CA ARG B 129 -29.05 0.45 -18.29
C ARG B 129 -30.12 -0.41 -18.98
N LEU C 1 13.57 9.11 39.92
CA LEU C 1 13.21 10.41 39.31
C LEU C 1 11.78 10.34 38.73
N LEU C 2 10.95 9.48 39.32
CA LEU C 2 9.56 9.29 38.92
C LEU C 2 8.81 8.61 40.06
N GLU C 3 7.55 8.99 40.28
CA GLU C 3 6.76 8.40 41.36
C GLU C 3 5.31 8.88 41.29
N LEU C 4 4.47 8.33 42.18
CA LEU C 4 3.05 8.69 42.24
C LEU C 4 2.87 10.20 42.35
N ASP C 5 3.65 10.80 43.24
CA ASP C 5 3.59 12.24 43.46
C ASP C 5 4.03 13.03 42.23
N LYS C 6 4.87 12.42 41.39
CA LYS C 6 5.35 13.07 40.17
C LYS C 6 4.31 12.93 39.05
N TRP C 7 3.71 11.74 38.94
CA TRP C 7 2.70 11.47 37.93
C TRP C 7 1.50 12.40 38.11
N ALA C 8 1.07 12.56 39.36
CA ALA C 8 -0.08 13.42 39.65
C ALA C 8 0.15 14.86 39.19
N SER C 9 1.42 15.27 39.13
CA SER C 9 1.78 16.64 38.73
C SER C 9 1.32 16.95 37.29
N LEU C 10 1.27 15.93 36.43
CA LEU C 10 0.88 16.12 35.03
C LEU C 10 -0.60 16.54 34.88
N TRP C 11 -1.49 15.96 35.69
CA TRP C 11 -2.92 16.28 35.58
C TRP C 11 -3.18 17.77 35.83
N ASN C 12 -2.30 18.41 36.61
CA ASN C 12 -2.43 19.83 36.90
C ASN C 12 -2.21 20.66 35.61
N TRP C 13 -1.34 20.16 34.74
CA TRP C 13 -1.03 20.82 33.47
C TRP C 13 -2.29 20.88 32.59
N PHE C 14 -3.05 19.78 32.59
CA PHE C 14 -4.30 19.67 31.84
C PHE C 14 -4.11 19.82 30.31
N ASP C 15 -2.86 19.77 29.83
CA ASP C 15 -2.62 19.92 28.39
C ASP C 15 -1.59 18.91 27.87
N ILE C 16 -0.36 18.95 28.40
CA ILE C 16 0.70 18.05 27.95
C ILE C 16 0.33 16.58 28.23
N THR C 17 -0.30 16.34 29.39
CA THR C 17 -0.69 14.99 29.79
C THR C 17 -1.51 14.31 28.69
N ASN C 18 -2.38 15.08 28.03
CA ASN C 18 -3.22 14.54 26.96
C ASN C 18 -2.34 13.97 25.85
N TRP C 19 -1.36 14.75 25.42
CA TRP C 19 -0.43 14.34 24.37
C TRP C 19 0.33 13.07 24.80
N LEU C 20 0.79 13.02 26.06
CA LEU C 20 1.53 11.87 26.56
C LEU C 20 0.68 10.61 26.65
N TRP C 21 -0.59 10.75 27.09
CA TRP C 21 -1.48 9.60 27.26
C TRP C 21 -2.38 9.31 26.05
N TYR C 22 -2.42 10.23 25.07
CA TYR C 22 -3.26 10.03 23.89
C TYR C 22 -2.49 9.40 22.73
N ILE C 23 -1.16 9.54 22.74
CA ILE C 23 -0.33 8.97 21.68
C ILE C 23 -0.41 7.44 21.70
N ARG C 24 -0.48 6.85 22.90
CA ARG C 24 -0.57 5.39 23.05
C ARG C 24 -1.75 4.85 22.23
N ILE C 25 -2.91 5.51 22.37
CA ILE C 25 -4.09 5.12 21.60
C ILE C 25 -3.81 5.37 20.10
N PHE C 26 -3.04 6.42 19.83
CA PHE C 26 -2.66 6.80 18.47
C PHE C 26 -1.89 5.67 17.78
N ILE C 27 -1.04 4.97 18.56
CA ILE C 27 -0.24 3.89 17.99
C ILE C 27 -1.16 2.80 17.44
N ILE C 28 -2.16 2.40 18.23
CA ILE C 28 -3.12 1.39 17.79
C ILE C 28 -3.83 1.91 16.52
N ILE C 29 -4.10 3.22 16.48
CA ILE C 29 -4.76 3.84 15.33
C ILE C 29 -3.90 3.61 14.07
N VAL C 30 -2.56 3.68 14.23
CA VAL C 30 -1.65 3.47 13.09
C VAL C 30 -1.90 2.05 12.52
N GLY C 31 -2.11 1.08 13.41
CA GLY C 31 -2.39 -0.30 13.00
C GLY C 31 -3.59 -0.33 12.04
N SER C 32 -4.57 0.54 12.31
CA SER C 32 -5.77 0.65 11.48
C SER C 32 -5.41 1.20 10.09
N LEU C 33 -4.49 2.16 10.12
CA LEU C 33 -4.04 2.88 8.92
C LEU C 33 -3.44 1.99 7.84
N ILE C 34 -2.53 1.07 8.22
CA ILE C 34 -1.89 0.19 7.24
C ILE C 34 -2.92 -0.66 6.50
N GLY C 35 -3.92 -1.17 7.22
CA GLY C 35 -4.97 -1.98 6.59
C GLY C 35 -5.71 -1.14 5.54
N LEU C 36 -5.90 0.15 5.82
CA LEU C 36 -6.53 1.09 4.89
C LEU C 36 -5.80 1.06 3.54
N ARG C 37 -4.48 0.94 3.59
CA ARG C 37 -3.66 0.90 2.38
C ARG C 37 -4.11 -0.21 1.43
N ILE C 38 -4.64 -1.33 1.95
CA ILE C 38 -5.08 -2.42 1.06
C ILE C 38 -6.19 -1.89 0.13
N VAL C 39 -7.04 -1.03 0.67
CA VAL C 39 -8.13 -0.39 -0.06
C VAL C 39 -7.55 0.56 -1.14
N PHE C 40 -6.38 1.14 -0.85
CA PHE C 40 -5.72 2.04 -1.80
C PHE C 40 -5.37 1.29 -3.09
N ALA C 41 -5.09 -0.01 -2.97
CA ALA C 41 -4.79 -0.83 -4.15
C ALA C 41 -5.98 -0.76 -5.10
N VAL C 42 -7.17 -0.75 -4.52
CA VAL C 42 -8.42 -0.62 -5.27
C VAL C 42 -8.42 0.76 -5.98
N LEU C 43 -7.92 1.79 -5.28
CA LEU C 43 -7.83 3.15 -5.83
C LEU C 43 -6.82 3.20 -6.98
N SER C 44 -5.72 2.46 -6.86
CA SER C 44 -4.70 2.44 -7.92
C SER C 44 -5.29 1.89 -9.21
N LEU C 45 -6.16 0.88 -9.09
CA LEU C 45 -6.81 0.27 -10.24
C LEU C 45 -7.66 1.34 -10.92
N VAL C 46 -8.36 2.15 -10.11
CA VAL C 46 -9.19 3.24 -10.60
C VAL C 46 -8.28 4.25 -11.31
N ASN C 47 -7.15 4.54 -10.68
CA ASN C 47 -6.15 5.46 -11.19
C ASN C 47 -5.60 4.98 -12.54
N ARG C 48 -5.48 3.66 -12.71
CA ARG C 48 -4.94 3.10 -13.95
C ARG C 48 -5.83 3.48 -15.15
N VAL C 49 -7.13 3.30 -14.99
CA VAL C 49 -8.08 3.59 -16.06
C VAL C 49 -8.29 5.11 -16.21
N ARG C 50 -8.38 5.77 -15.07
CA ARG C 50 -8.61 7.21 -15.03
C ARG C 50 -7.37 8.03 -15.46
N GLN C 51 -6.18 7.52 -15.13
CA GLN C 51 -4.91 8.22 -15.43
C GLN C 51 -4.14 7.66 -16.64
N GLY C 52 -4.50 6.47 -17.08
CA GLY C 52 -3.85 5.80 -18.20
C GLY C 52 -2.92 4.69 -17.69
N TYR C 53 -2.12 4.07 -18.59
CA TYR C 53 -1.22 2.99 -18.17
C TYR C 53 0.21 3.15 -18.71
N SER C 54 0.36 3.33 -20.04
CA SER C 54 1.69 3.53 -20.62
C SER C 54 1.97 5.02 -20.75
N PRO C 55 3.24 5.48 -20.60
CA PRO C 55 3.59 6.93 -20.74
C PRO C 55 2.69 7.68 -21.74
N LEU C 56 1.63 8.29 -21.23
CA LEU C 56 0.62 8.98 -22.04
C LEU C 56 1.11 10.33 -22.61
N SER C 57 2.27 10.82 -22.15
CA SER C 57 2.86 12.11 -22.60
C SER C 57 2.31 12.59 -23.96
N GLU C 80 -10.90 13.41 -26.57
CA GLU C 80 -11.78 13.68 -25.42
C GLU C 80 -12.71 12.50 -25.09
N ARG C 81 -12.67 11.47 -25.93
CA ARG C 81 -13.53 10.30 -25.75
C ARG C 81 -13.10 9.42 -24.57
N ASP C 82 -11.81 9.46 -24.23
CA ASP C 82 -11.27 8.63 -23.14
C ASP C 82 -11.91 8.96 -21.77
N ARG C 83 -11.97 10.26 -21.43
CA ARG C 83 -12.51 10.69 -20.13
C ARG C 83 -14.00 10.34 -19.94
N ASP C 84 -14.85 10.42 -20.99
CA ASP C 84 -16.27 10.08 -20.80
C ASP C 84 -16.37 8.63 -20.29
N ARG C 85 -15.45 7.78 -20.76
CA ARG C 85 -15.39 6.39 -20.32
C ARG C 85 -14.88 6.33 -18.88
N SER C 86 -14.01 7.27 -18.51
CA SER C 86 -13.45 7.32 -17.18
C SER C 86 -14.54 7.65 -16.17
N ILE C 87 -15.36 8.67 -16.45
CA ILE C 87 -16.43 9.04 -15.51
C ILE C 87 -17.32 7.84 -15.19
N ARG C 88 -17.65 6.99 -16.18
CA ARG C 88 -18.52 5.85 -15.86
C ARG C 88 -17.84 4.94 -14.82
N LEU C 89 -16.51 5.08 -14.61
CA LEU C 89 -15.82 4.30 -13.60
C LEU C 89 -16.38 4.65 -12.20
N VAL C 90 -17.05 5.83 -12.09
CA VAL C 90 -17.66 6.26 -10.83
C VAL C 90 -18.58 5.15 -10.37
N ASN C 91 -19.49 4.77 -11.26
CA ASN C 91 -20.38 3.65 -11.00
C ASN C 91 -19.56 2.34 -11.11
N GLY C 92 -18.48 2.40 -11.91
CA GLY C 92 -17.62 1.25 -12.14
C GLY C 92 -17.05 0.71 -10.82
N SER C 93 -17.04 1.55 -9.77
CA SER C 93 -16.54 1.12 -8.47
C SER C 93 -17.33 -0.08 -7.98
N LEU C 94 -18.65 -0.07 -8.23
CA LEU C 94 -19.51 -1.17 -7.85
C LEU C 94 -19.16 -2.41 -8.68
N ALA C 95 -19.06 -2.24 -10.00
CA ALA C 95 -18.72 -3.35 -10.89
C ALA C 95 -17.35 -3.96 -10.54
N LEU C 96 -16.40 -3.12 -10.11
CA LEU C 96 -15.05 -3.62 -9.78
C LEU C 96 -15.12 -4.67 -8.66
N ILE C 97 -15.89 -4.39 -7.62
CA ILE C 97 -16.03 -5.33 -6.52
C ILE C 97 -16.65 -6.64 -7.03
N TRP C 98 -17.66 -6.50 -7.90
CA TRP C 98 -18.35 -7.65 -8.46
C TRP C 98 -17.47 -8.46 -9.40
N ASP C 99 -16.50 -7.83 -10.09
CA ASP C 99 -15.63 -8.57 -11.01
C ASP C 99 -14.94 -9.70 -10.26
N ASP C 100 -14.35 -9.38 -9.11
CA ASP C 100 -13.67 -10.37 -8.28
C ASP C 100 -14.68 -11.30 -7.60
N LEU C 101 -15.75 -10.73 -7.06
CA LEU C 101 -16.79 -11.49 -6.34
C LEU C 101 -17.47 -12.55 -7.21
N ARG C 102 -17.83 -12.18 -8.45
CA ARG C 102 -18.55 -13.10 -9.35
C ARG C 102 -17.66 -14.21 -9.93
N SER C 103 -16.48 -13.85 -10.44
CA SER C 103 -15.57 -14.85 -11.04
C SER C 103 -15.03 -15.82 -9.98
N LEU C 104 -14.64 -15.25 -8.84
CA LEU C 104 -14.07 -16.02 -7.73
C LEU C 104 -15.04 -17.09 -7.19
N SER C 105 -16.27 -16.70 -6.84
CA SER C 105 -17.25 -17.65 -6.29
C SER C 105 -18.22 -18.20 -7.34
N LEU C 106 -18.27 -17.57 -8.53
CA LEU C 106 -19.16 -18.02 -9.59
C LEU C 106 -20.62 -18.03 -9.11
N PHE C 107 -21.17 -16.82 -8.86
CA PHE C 107 -22.56 -16.62 -8.41
C PHE C 107 -22.73 -16.90 -6.89
N SER C 108 -23.03 -18.15 -6.51
CA SER C 108 -23.24 -18.49 -5.08
C SER C 108 -21.96 -19.00 -4.42
N TYR C 109 -22.02 -19.17 -3.10
CA TYR C 109 -20.86 -19.66 -2.33
C TYR C 109 -20.65 -21.16 -2.60
N HIS C 110 -21.74 -21.89 -2.83
CA HIS C 110 -21.63 -23.33 -3.14
C HIS C 110 -20.69 -23.50 -4.35
N ARG C 111 -20.76 -22.54 -5.26
CA ARG C 111 -19.92 -22.53 -6.46
C ARG C 111 -18.46 -22.19 -6.10
N LEU C 112 -18.26 -21.40 -5.03
CA LEU C 112 -16.89 -21.02 -4.62
C LEU C 112 -16.11 -22.29 -4.28
N ARG C 113 -16.77 -23.30 -3.70
CA ARG C 113 -16.11 -24.57 -3.39
C ARG C 113 -15.52 -25.14 -4.70
N ASP C 114 -16.21 -24.88 -5.82
CA ASP C 114 -15.74 -25.30 -7.14
C ASP C 114 -14.41 -24.59 -7.42
N LEU C 115 -14.33 -23.29 -7.08
CA LEU C 115 -13.10 -22.53 -7.26
C LEU C 115 -11.96 -23.18 -6.49
N LEU C 116 -12.26 -23.67 -5.29
CA LEU C 116 -11.27 -24.32 -4.42
C LEU C 116 -10.65 -25.54 -5.13
N LEU C 117 -11.49 -26.32 -5.80
CA LEU C 117 -10.99 -27.49 -6.54
C LEU C 117 -10.29 -27.02 -7.81
N ILE C 118 -10.84 -25.98 -8.44
CA ILE C 118 -10.27 -25.44 -9.66
C ILE C 118 -8.85 -24.93 -9.41
N VAL C 119 -8.67 -24.14 -8.34
CA VAL C 119 -7.35 -23.55 -8.06
C VAL C 119 -6.26 -24.62 -7.97
N THR C 120 -6.55 -25.77 -7.36
CA THR C 120 -5.53 -26.81 -7.26
C THR C 120 -5.09 -27.32 -8.62
N ARG C 121 -6.05 -27.55 -9.53
CA ARG C 121 -5.74 -28.05 -10.86
C ARG C 121 -4.97 -27.03 -11.72
N ILE C 122 -5.22 -25.73 -11.52
CA ILE C 122 -4.56 -24.69 -12.32
C ILE C 122 -3.05 -24.80 -12.23
N VAL C 123 -2.51 -25.17 -11.05
CA VAL C 123 -1.06 -25.27 -10.91
C VAL C 123 -0.43 -26.16 -12.01
N GLU C 124 -1.09 -27.24 -12.40
CA GLU C 124 -0.53 -28.11 -13.44
C GLU C 124 -0.29 -27.34 -14.76
N LEU C 125 -1.25 -26.48 -15.13
CA LEU C 125 -1.19 -25.73 -16.40
C LEU C 125 -0.05 -24.69 -16.48
N LEU C 126 0.18 -23.89 -15.42
CA LEU C 126 1.25 -22.87 -15.48
C LEU C 126 2.62 -23.58 -15.42
N GLY C 127 2.70 -24.65 -14.62
CA GLY C 127 3.94 -25.42 -14.49
C GLY C 127 4.49 -25.82 -15.86
N ARG C 128 3.57 -26.08 -16.81
CA ARG C 128 3.97 -26.46 -18.16
C ARG C 128 4.62 -25.26 -18.87
N ARG C 129 5.82 -25.47 -19.42
CA ARG C 129 6.55 -24.40 -20.10
C ARG C 129 7.59 -25.00 -21.06
N LEU A 1 -1.23 4.97 43.99
CA LEU A 1 -1.85 4.82 42.64
C LEU A 1 -0.80 4.36 41.60
N LEU A 2 0.40 3.96 42.05
CA LEU A 2 1.49 3.50 41.14
C LEU A 2 2.78 3.33 41.95
N GLU A 3 3.33 2.12 41.97
CA GLU A 3 4.57 1.83 42.70
C GLU A 3 4.93 0.33 42.58
N LEU A 4 5.96 -0.11 43.29
CA LEU A 4 6.38 -1.50 43.27
C LEU A 4 5.20 -2.41 43.62
N ASP A 5 4.40 -1.97 44.59
CA ASP A 5 3.23 -2.73 45.05
C ASP A 5 2.13 -2.78 43.99
N LYS A 6 1.99 -1.67 43.24
CA LYS A 6 0.96 -1.58 42.21
C LYS A 6 1.34 -2.44 40.99
N TRP A 7 2.60 -2.34 40.59
CA TRP A 7 3.10 -3.08 39.42
C TRP A 7 3.25 -4.57 39.75
N ALA A 8 3.86 -4.86 40.91
CA ALA A 8 4.07 -6.26 41.33
C ALA A 8 2.74 -6.97 41.62
N SER A 9 1.74 -6.21 42.08
CA SER A 9 0.43 -6.78 42.40
C SER A 9 -0.25 -7.32 41.13
N LEU A 10 0.01 -6.66 39.99
CA LEU A 10 -0.60 -7.07 38.72
C LEU A 10 -0.17 -8.49 38.32
N TRP A 11 1.05 -8.90 38.71
CA TRP A 11 1.55 -10.23 38.35
C TRP A 11 0.63 -11.34 38.89
N ASN A 12 -0.12 -11.02 39.96
CA ASN A 12 -1.03 -11.98 40.56
C ASN A 12 -2.28 -12.19 39.68
N TRP A 13 -2.58 -11.21 38.81
CA TRP A 13 -3.75 -11.28 37.92
C TRP A 13 -3.60 -12.43 36.92
N PHE A 14 -2.41 -12.56 36.31
CA PHE A 14 -2.15 -13.62 35.33
C PHE A 14 -3.10 -13.50 34.11
N ASP A 15 -3.85 -12.40 34.00
CA ASP A 15 -4.78 -12.18 32.87
C ASP A 15 -4.47 -10.87 32.14
N ILE A 16 -4.70 -9.74 32.81
CA ILE A 16 -4.45 -8.41 32.23
C ILE A 16 -2.95 -8.16 32.00
N THR A 17 -2.12 -8.64 32.93
CA THR A 17 -0.67 -8.41 32.84
C THR A 17 -0.11 -8.85 31.48
N ASN A 18 -0.60 -9.97 30.93
CA ASN A 18 -0.09 -10.47 29.66
C ASN A 18 -0.36 -9.44 28.55
N TRP A 19 -1.59 -8.95 28.45
CA TRP A 19 -1.95 -7.94 27.46
C TRP A 19 -1.20 -6.62 27.77
N LEU A 20 -1.10 -6.29 29.06
CA LEU A 20 -0.44 -5.06 29.50
C LEU A 20 1.07 -5.03 29.21
N TRP A 21 1.76 -6.18 29.31
CA TRP A 21 3.21 -6.22 29.11
C TRP A 21 3.65 -6.82 27.76
N TYR A 22 2.79 -7.60 27.09
CA TYR A 22 3.18 -8.19 25.80
C TYR A 22 2.94 -7.23 24.63
N ILE A 23 2.16 -6.16 24.87
CA ILE A 23 1.89 -5.16 23.85
C ILE A 23 3.20 -4.50 23.37
N ARG A 24 4.14 -4.30 24.31
CA ARG A 24 5.42 -3.66 23.99
C ARG A 24 6.10 -4.36 22.80
N ILE A 25 6.16 -5.70 22.83
CA ILE A 25 6.73 -6.44 21.71
C ILE A 25 5.82 -6.24 20.46
N PHE A 26 4.53 -6.09 20.71
CA PHE A 26 3.53 -5.87 19.65
C PHE A 26 3.81 -4.57 18.89
N ILE A 27 4.39 -3.58 19.58
CA ILE A 27 4.67 -2.29 18.96
C ILE A 27 5.64 -2.46 17.78
N ILE A 28 6.68 -3.26 17.98
CA ILE A 28 7.67 -3.52 16.92
C ILE A 28 7.03 -4.43 15.84
N ILE A 29 6.21 -5.39 16.27
CA ILE A 29 5.55 -6.31 15.34
C ILE A 29 4.68 -5.52 14.35
N VAL A 30 4.02 -4.44 14.81
CA VAL A 30 3.19 -3.62 13.92
C VAL A 30 4.05 -3.16 12.73
N GLY A 31 5.31 -2.80 12.99
CA GLY A 31 6.22 -2.40 11.91
C GLY A 31 6.36 -3.53 10.90
N SER A 32 6.40 -4.76 11.42
CA SER A 32 6.48 -5.96 10.58
C SER A 32 5.22 -6.08 9.73
N LEU A 33 4.08 -5.74 10.34
CA LEU A 33 2.78 -5.82 9.67
C LEU A 33 2.76 -4.94 8.43
N ILE A 34 3.26 -3.70 8.56
CA ILE A 34 3.28 -2.76 7.45
C ILE A 34 4.25 -3.25 6.36
N GLY A 35 5.43 -3.77 6.73
CA GLY A 35 6.36 -4.29 5.74
C GLY A 35 5.71 -5.44 4.95
N LEU A 36 4.68 -6.06 5.54
CA LEU A 36 3.94 -7.16 4.90
C LEU A 36 3.27 -6.65 3.60
N ARG A 37 2.76 -5.42 3.65
CA ARG A 37 2.07 -4.79 2.53
C ARG A 37 2.86 -4.77 1.23
N ILE A 38 4.20 -4.74 1.27
CA ILE A 38 4.97 -4.67 0.02
C ILE A 38 4.61 -5.90 -0.86
N VAL A 39 4.40 -7.07 -0.25
CA VAL A 39 4.01 -8.28 -1.00
C VAL A 39 2.59 -8.10 -1.58
N PHE A 40 1.75 -7.33 -0.86
CA PHE A 40 0.37 -7.06 -1.30
C PHE A 40 0.39 -6.46 -2.70
N ALA A 41 1.46 -5.76 -3.05
CA ALA A 41 1.57 -5.14 -4.37
C ALA A 41 1.41 -6.22 -5.45
N VAL A 42 1.93 -7.44 -5.21
CA VAL A 42 1.76 -8.53 -6.18
C VAL A 42 0.25 -8.85 -6.33
N LEU A 43 -0.50 -8.75 -5.22
CA LEU A 43 -1.95 -9.02 -5.22
C LEU A 43 -2.67 -8.06 -6.16
N SER A 44 -2.23 -6.80 -6.18
CA SER A 44 -2.84 -5.80 -7.07
C SER A 44 -2.65 -6.20 -8.53
N LEU A 45 -1.51 -6.84 -8.82
CA LEU A 45 -1.21 -7.33 -10.15
C LEU A 45 -2.23 -8.39 -10.54
N VAL A 46 -2.53 -9.27 -9.57
CA VAL A 46 -3.51 -10.33 -9.72
C VAL A 46 -4.90 -9.74 -9.86
N ASN A 47 -5.18 -8.77 -9.00
CA ASN A 47 -6.46 -8.10 -8.98
C ASN A 47 -6.71 -7.35 -10.29
N ARG A 48 -5.66 -6.76 -10.87
CA ARG A 48 -5.80 -5.99 -12.11
C ARG A 48 -6.33 -6.86 -13.24
N VAL A 49 -5.71 -8.01 -13.41
CA VAL A 49 -6.09 -8.97 -14.44
C VAL A 49 -7.39 -9.67 -14.02
N ARG A 50 -7.45 -10.04 -12.75
CA ARG A 50 -8.62 -10.75 -12.20
C ARG A 50 -9.88 -9.87 -12.03
N GLN A 51 -9.75 -8.54 -12.10
CA GLN A 51 -10.90 -7.64 -11.92
C GLN A 51 -11.52 -7.15 -13.24
N GLY A 52 -11.07 -7.70 -14.36
CA GLY A 52 -11.59 -7.30 -15.67
C GLY A 52 -10.94 -6.00 -16.19
N TYR A 53 -9.85 -5.56 -15.55
CA TYR A 53 -9.13 -4.35 -15.97
C TYR A 53 -10.06 -3.09 -15.85
N SER A 54 -10.27 -2.31 -16.94
CA SER A 54 -11.13 -1.12 -16.89
C SER A 54 -12.56 -1.50 -16.52
N PRO A 55 -13.38 -0.56 -16.01
CA PRO A 55 -14.79 -0.87 -15.62
C PRO A 55 -15.52 -1.73 -16.66
N LEU A 56 -15.76 -3.00 -16.32
CA LEU A 56 -16.45 -3.92 -17.24
C LEU A 56 -17.88 -4.25 -16.77
N SER A 57 -18.17 -4.03 -15.48
CA SER A 57 -19.48 -4.32 -14.91
C SER A 57 -19.89 -5.77 -15.25
N GLU A 80 -15.84 -16.55 -17.68
CA GLU A 80 -14.60 -15.82 -17.98
C GLU A 80 -13.38 -16.72 -17.72
N ARG A 81 -12.77 -17.19 -18.81
CA ARG A 81 -11.58 -18.04 -18.75
C ARG A 81 -10.43 -17.36 -18.00
N ASP A 82 -10.43 -16.03 -17.99
CA ASP A 82 -9.36 -15.24 -17.37
C ASP A 82 -9.11 -15.62 -15.90
N ARG A 83 -10.01 -16.39 -15.27
CA ARG A 83 -9.80 -16.79 -13.87
C ARG A 83 -8.64 -17.78 -13.82
N ASP A 84 -8.68 -18.78 -14.72
CA ASP A 84 -7.62 -19.78 -14.75
C ASP A 84 -6.26 -19.11 -14.98
N ARG A 85 -6.22 -18.13 -15.87
CA ARG A 85 -4.97 -17.46 -16.13
C ARG A 85 -4.53 -16.61 -14.94
N SER A 86 -5.49 -16.01 -14.24
CA SER A 86 -5.17 -15.16 -13.09
C SER A 86 -4.61 -15.98 -11.93
N ILE A 87 -5.15 -17.19 -11.69
CA ILE A 87 -4.68 -17.97 -10.54
C ILE A 87 -3.22 -18.39 -10.64
N ARG A 88 -2.68 -18.92 -11.76
CA ARG A 88 -1.26 -19.35 -11.68
C ARG A 88 -0.36 -18.14 -11.47
N LEU A 89 -0.89 -16.89 -11.60
CA LEU A 89 -0.10 -15.71 -11.23
C LEU A 89 0.35 -15.90 -9.74
N VAL A 90 -0.32 -16.85 -9.06
CA VAL A 90 -0.01 -17.26 -7.69
C VAL A 90 1.48 -17.62 -7.67
N ASN A 91 1.85 -18.51 -8.56
CA ASN A 91 3.25 -18.87 -8.79
C ASN A 91 3.94 -17.70 -9.49
N GLY A 92 3.14 -16.96 -10.26
CA GLY A 92 3.60 -15.81 -11.03
C GLY A 92 4.25 -14.78 -10.12
N SER A 93 3.98 -14.85 -8.81
CA SER A 93 4.59 -13.91 -7.86
C SER A 93 6.11 -14.02 -7.99
N LEU A 94 6.60 -15.26 -8.20
CA LEU A 94 8.03 -15.47 -8.43
C LEU A 94 8.41 -14.70 -9.70
N ALA A 95 7.61 -14.88 -10.76
CA ALA A 95 7.88 -14.16 -12.01
C ALA A 95 7.85 -12.64 -11.79
N LEU A 96 6.94 -12.17 -10.91
CA LEU A 96 6.82 -10.72 -10.63
C LEU A 96 8.12 -10.19 -10.04
N ILE A 97 8.68 -10.93 -9.07
CA ILE A 97 9.95 -10.52 -8.47
C ILE A 97 11.02 -10.50 -9.57
N TRP A 98 10.91 -11.47 -10.49
CA TRP A 98 11.80 -11.58 -11.64
C TRP A 98 11.57 -10.43 -12.63
N ASP A 99 10.33 -9.93 -12.73
CA ASP A 99 10.01 -8.85 -13.67
C ASP A 99 10.90 -7.64 -13.38
N ASP A 100 10.96 -7.23 -12.12
CA ASP A 100 11.78 -6.11 -11.68
C ASP A 100 13.29 -6.44 -11.74
N LEU A 101 13.67 -7.65 -11.27
CA LEU A 101 15.09 -8.06 -11.24
C LEU A 101 15.68 -8.28 -12.65
N ARG A 102 14.91 -8.98 -13.48
CA ARG A 102 15.35 -9.32 -14.84
C ARG A 102 15.53 -8.08 -15.71
N SER A 103 14.85 -6.98 -15.38
CA SER A 103 14.96 -5.75 -16.17
C SER A 103 16.29 -5.05 -15.89
N LEU A 104 16.66 -4.95 -14.61
CA LEU A 104 17.90 -4.26 -14.22
C LEU A 104 19.17 -5.00 -14.69
N SER A 105 19.32 -6.27 -14.32
CA SER A 105 20.51 -7.05 -14.72
C SER A 105 20.24 -7.96 -15.94
N LEU A 106 19.13 -8.71 -15.86
CA LEU A 106 18.70 -9.66 -16.90
C LEU A 106 19.42 -11.01 -16.77
N PHE A 107 20.68 -11.10 -17.21
CA PHE A 107 21.42 -12.37 -17.13
C PHE A 107 22.56 -12.30 -16.08
N SER A 108 23.61 -11.53 -16.38
CA SER A 108 24.74 -11.41 -15.46
C SER A 108 24.62 -10.14 -14.62
N TYR A 109 25.04 -10.20 -13.35
CA TYR A 109 24.97 -9.04 -12.47
C TYR A 109 25.81 -7.89 -13.04
N HIS A 110 26.88 -8.22 -13.77
CA HIS A 110 27.73 -7.19 -14.40
C HIS A 110 26.86 -6.29 -15.29
N ARG A 111 25.86 -6.91 -15.94
CA ARG A 111 24.92 -6.19 -16.81
C ARG A 111 24.23 -5.06 -16.03
N LEU A 112 24.07 -5.23 -14.71
CA LEU A 112 23.41 -4.21 -13.88
C LEU A 112 24.18 -2.89 -13.98
N ARG A 113 25.50 -2.97 -13.90
CA ARG A 113 26.34 -1.77 -14.01
C ARG A 113 26.09 -1.09 -15.36
N ASP A 114 25.94 -1.90 -16.40
CA ASP A 114 25.69 -1.39 -17.74
C ASP A 114 24.29 -0.77 -17.83
N LEU A 115 23.28 -1.46 -17.29
CA LEU A 115 21.92 -0.94 -17.33
C LEU A 115 21.81 0.38 -16.55
N LEU A 116 22.51 0.47 -15.43
CA LEU A 116 22.47 1.67 -14.60
C LEU A 116 22.96 2.90 -15.38
N LEU A 117 24.02 2.72 -16.19
CA LEU A 117 24.57 3.82 -16.96
C LEU A 117 23.62 4.33 -18.04
N ILE A 118 22.92 3.41 -18.73
CA ILE A 118 21.99 3.81 -19.78
C ILE A 118 20.90 4.71 -19.21
N VAL A 119 20.43 4.43 -17.97
CA VAL A 119 19.37 5.25 -17.37
C VAL A 119 19.81 6.72 -17.35
N THR A 120 21.05 6.97 -16.92
CA THR A 120 21.57 8.34 -16.87
C THR A 120 21.66 8.93 -18.27
N ARG A 121 22.11 8.13 -19.23
CA ARG A 121 22.26 8.60 -20.61
C ARG A 121 20.91 8.89 -21.27
N ILE A 122 19.86 8.17 -20.89
CA ILE A 122 18.54 8.38 -21.48
C ILE A 122 18.04 9.81 -21.20
N VAL A 123 18.32 10.38 -20.02
CA VAL A 123 17.83 11.74 -19.71
C VAL A 123 18.28 12.75 -20.79
N GLU A 124 19.53 12.64 -21.28
CA GLU A 124 20.03 13.57 -22.30
C GLU A 124 19.26 13.41 -23.62
N LEU A 125 18.98 12.16 -24.01
CA LEU A 125 18.27 11.85 -25.24
C LEU A 125 16.81 12.29 -25.15
N LEU A 126 16.20 12.09 -23.99
CA LEU A 126 14.80 12.45 -23.79
C LEU A 126 14.63 13.97 -23.56
N GLY A 127 15.71 14.64 -23.12
CA GLY A 127 15.68 16.08 -22.88
C GLY A 127 15.02 16.83 -24.03
N ARG A 128 15.31 16.40 -25.27
CA ARG A 128 14.74 17.02 -26.47
C ARG A 128 13.40 16.36 -26.81
N ARG A 129 12.37 17.19 -27.00
CA ARG A 129 11.02 16.71 -27.34
C ARG A 129 10.44 15.87 -26.20
N LEU B 1 11.32 -2.69 42.65
CA LEU B 1 10.91 -2.94 41.25
C LEU B 1 10.15 -1.73 40.71
N LEU B 2 10.78 -0.99 39.79
CA LEU B 2 10.18 0.20 39.19
C LEU B 2 9.89 1.25 40.27
N GLU B 3 10.73 2.29 40.31
CA GLU B 3 10.59 3.38 41.28
C GLU B 3 11.50 4.54 40.88
N LEU B 4 11.42 5.66 41.60
CA LEU B 4 12.24 6.84 41.30
C LEU B 4 13.72 6.46 41.25
N ASP B 5 14.13 5.60 42.19
CA ASP B 5 15.51 5.16 42.27
C ASP B 5 15.86 4.15 41.16
N LYS B 6 14.85 3.37 40.74
CA LYS B 6 15.05 2.36 39.70
C LYS B 6 15.20 3.03 38.32
N TRP B 7 14.31 3.98 38.02
CA TRP B 7 14.34 4.69 36.74
C TRP B 7 15.62 5.51 36.61
N ALA B 8 15.95 6.23 37.67
CA ALA B 8 17.15 7.07 37.69
C ALA B 8 18.42 6.22 37.59
N SER B 9 18.33 4.95 37.99
CA SER B 9 19.48 4.04 37.92
C SER B 9 19.92 3.81 36.47
N LEU B 10 18.95 3.80 35.55
CA LEU B 10 19.24 3.59 34.12
C LEU B 10 20.18 4.68 33.58
N TRP B 11 20.12 5.87 34.19
CA TRP B 11 20.94 7.00 33.75
C TRP B 11 22.45 6.69 33.92
N ASN B 12 22.78 5.75 34.82
CA ASN B 12 24.17 5.37 35.05
C ASN B 12 24.62 4.25 34.10
N TRP B 13 23.66 3.43 33.63
CA TRP B 13 23.96 2.34 32.72
C TRP B 13 24.62 2.84 31.44
N PHE B 14 24.02 3.87 30.83
CA PHE B 14 24.55 4.45 29.60
C PHE B 14 24.63 3.40 28.47
N ASP B 15 23.58 2.56 28.39
CA ASP B 15 23.53 1.51 27.36
C ASP B 15 22.08 1.14 27.02
N ILE B 16 21.40 0.45 27.95
CA ILE B 16 20.01 0.02 27.75
C ILE B 16 19.06 1.22 27.67
N THR B 17 19.33 2.26 28.46
CA THR B 17 18.47 3.44 28.51
C THR B 17 18.21 4.01 27.13
N ASN B 18 19.20 3.92 26.22
CA ASN B 18 19.02 4.46 24.87
C ASN B 18 17.92 3.70 24.14
N TRP B 19 18.00 2.36 24.16
CA TRP B 19 16.98 1.52 23.53
C TRP B 19 15.64 1.69 24.27
N LEU B 20 15.70 1.77 25.59
CA LEU B 20 14.50 1.91 26.43
C LEU B 20 13.77 3.25 26.22
N TRP B 21 14.51 4.34 25.97
CA TRP B 21 13.89 5.66 25.81
C TRP B 21 13.76 6.12 24.35
N TYR B 22 14.69 5.71 23.47
CA TYR B 22 14.64 6.14 22.06
C TYR B 22 13.44 5.51 21.33
N ILE B 23 12.99 4.34 21.80
CA ILE B 23 11.86 3.64 21.18
C ILE B 23 10.60 4.51 21.23
N ARG B 24 10.42 5.26 22.33
CA ARG B 24 9.25 6.12 22.48
C ARG B 24 9.10 7.05 21.27
N ILE B 25 10.21 7.68 20.87
CA ILE B 25 10.23 8.57 19.70
C ILE B 25 10.22 7.71 18.42
N PHE B 26 10.94 6.58 18.46
CA PHE B 26 11.02 5.67 17.31
C PHE B 26 9.63 5.17 16.92
N ILE B 27 8.71 5.08 17.89
CA ILE B 27 7.35 4.63 17.62
C ILE B 27 6.70 5.58 16.59
N ILE B 28 6.87 6.90 16.79
CA ILE B 28 6.32 7.87 15.85
C ILE B 28 7.00 7.68 14.49
N ILE B 29 8.33 7.51 14.53
CA ILE B 29 9.10 7.31 13.31
C ILE B 29 8.58 6.05 12.56
N VAL B 30 8.21 5.00 13.31
CA VAL B 30 7.67 3.79 12.71
C VAL B 30 6.46 4.15 11.84
N GLY B 31 5.62 5.09 12.30
CA GLY B 31 4.43 5.50 11.55
C GLY B 31 4.79 6.16 10.19
N SER B 32 5.97 6.77 10.12
CA SER B 32 6.43 7.49 8.93
C SER B 32 6.55 6.63 7.65
N LEU B 33 7.13 5.43 7.76
CA LEU B 33 7.30 4.56 6.57
C LEU B 33 5.97 4.22 5.89
N ILE B 34 4.88 4.13 6.66
CA ILE B 34 3.57 3.76 6.09
C ILE B 34 3.21 4.76 4.97
N GLY B 35 3.40 6.06 5.24
CA GLY B 35 3.15 7.10 4.24
C GLY B 35 4.06 6.89 3.02
N LEU B 36 5.27 6.37 3.27
CA LEU B 36 6.25 6.09 2.21
C LEU B 36 5.62 5.17 1.15
N ARG B 37 4.78 4.22 1.60
CA ARG B 37 4.12 3.25 0.74
C ARG B 37 3.32 3.92 -0.39
N ILE B 38 2.84 5.14 -0.21
CA ILE B 38 2.03 5.77 -1.26
C ILE B 38 2.85 5.86 -2.57
N VAL B 39 4.17 6.09 -2.49
CA VAL B 39 5.01 6.12 -3.70
C VAL B 39 4.99 4.74 -4.42
N PHE B 40 4.82 3.64 -3.65
CA PHE B 40 4.78 2.30 -4.25
C PHE B 40 3.69 2.21 -5.32
N ALA B 41 2.60 2.96 -5.14
CA ALA B 41 1.52 2.98 -6.14
C ALA B 41 2.12 3.48 -7.46
N VAL B 42 2.99 4.48 -7.35
CA VAL B 42 3.71 5.04 -8.49
C VAL B 42 4.73 3.97 -9.00
N LEU B 43 5.35 3.26 -8.05
CA LEU B 43 6.33 2.20 -8.38
C LEU B 43 5.65 1.10 -9.20
N SER B 44 4.41 0.75 -8.84
CA SER B 44 3.67 -0.29 -9.56
C SER B 44 3.33 0.19 -10.97
N LEU B 45 3.07 1.49 -11.09
CA LEU B 45 2.76 2.10 -12.37
C LEU B 45 3.99 2.00 -13.29
N VAL B 46 5.15 2.27 -12.71
CA VAL B 46 6.43 2.20 -13.41
C VAL B 46 6.76 0.72 -13.71
N ASN B 47 6.57 -0.12 -12.69
CA ASN B 47 6.81 -1.55 -12.79
C ASN B 47 5.90 -2.20 -13.83
N ARG B 48 4.66 -1.73 -13.93
CA ARG B 48 3.70 -2.27 -14.87
C ARG B 48 4.20 -2.07 -16.28
N VAL B 49 4.65 -0.87 -16.55
CA VAL B 49 5.13 -0.51 -17.87
C VAL B 49 6.45 -1.20 -18.16
N ARG B 50 7.33 -1.18 -17.19
CA ARG B 50 8.65 -1.79 -17.38
C ARG B 50 8.59 -3.29 -17.69
N GLN B 51 7.77 -4.07 -16.97
CA GLN B 51 7.70 -5.52 -17.25
C GLN B 51 6.45 -5.95 -18.01
N GLY B 52 5.42 -5.15 -17.88
CA GLY B 52 4.12 -5.43 -18.50
C GLY B 52 2.99 -5.34 -17.45
N TYR B 53 1.74 -5.48 -17.88
CA TYR B 53 0.59 -5.40 -16.94
C TYR B 53 0.15 -6.79 -16.48
N SER B 54 -0.36 -7.61 -17.40
CA SER B 54 -0.81 -8.96 -17.06
C SER B 54 0.40 -9.83 -16.71
N PRO B 55 0.24 -10.95 -15.98
CA PRO B 55 1.38 -11.83 -15.61
C PRO B 55 2.51 -11.84 -16.66
N LEU B 56 3.77 -11.88 -16.20
CA LEU B 56 4.92 -11.84 -17.11
C LEU B 56 5.45 -13.22 -17.49
N SER B 57 5.14 -14.28 -16.71
CA SER B 57 5.66 -15.65 -16.97
C SER B 57 6.04 -15.87 -18.46
N GLU B 80 13.08 -6.91 -25.40
CA GLU B 80 13.96 -6.06 -24.57
C GLU B 80 13.59 -4.58 -24.64
N ARG B 81 12.88 -4.21 -25.69
CA ARG B 81 12.45 -2.82 -25.91
C ARG B 81 11.60 -2.28 -24.75
N ASP B 82 10.93 -3.17 -24.04
CA ASP B 82 10.03 -2.78 -22.95
C ASP B 82 10.69 -1.91 -21.87
N ARG B 83 11.84 -2.34 -21.30
CA ARG B 83 12.48 -1.57 -20.22
C ARG B 83 13.26 -0.32 -20.70
N ASP B 84 13.90 -0.38 -21.88
CA ASP B 84 14.64 0.80 -22.36
C ASP B 84 13.68 1.98 -22.47
N ARG B 85 12.49 1.72 -23.04
CA ARG B 85 11.46 2.74 -23.17
C ARG B 85 10.85 3.04 -21.79
N SER B 86 10.75 2.02 -20.93
CA SER B 86 10.18 2.21 -19.59
C SER B 86 10.93 3.29 -18.83
N ILE B 87 12.26 3.34 -18.98
CA ILE B 87 13.04 4.37 -18.29
C ILE B 87 12.47 5.76 -18.63
N ARG B 88 11.71 5.87 -19.73
CA ARG B 88 11.09 7.13 -20.10
C ARG B 88 10.15 7.59 -18.97
N LEU B 89 9.58 6.61 -18.23
CA LEU B 89 8.70 6.92 -17.11
C LEU B 89 9.41 7.84 -16.11
N VAL B 90 10.76 7.90 -16.16
CA VAL B 90 11.52 8.80 -15.28
C VAL B 90 10.96 10.21 -15.52
N ASN B 91 10.98 10.60 -16.79
CA ASN B 91 10.40 11.86 -17.24
C ASN B 91 8.86 11.77 -17.22
N GLY B 92 8.35 10.53 -17.26
CA GLY B 92 6.92 10.25 -17.29
C GLY B 92 6.20 10.86 -16.10
N SER B 93 6.92 11.19 -15.03
CA SER B 93 6.28 11.80 -13.86
C SER B 93 5.58 13.09 -14.28
N LEU B 94 6.22 13.83 -15.21
CA LEU B 94 5.64 15.07 -15.73
C LEU B 94 4.36 14.76 -16.51
N ALA B 95 4.45 13.82 -17.46
CA ALA B 95 3.28 13.44 -18.28
C ALA B 95 2.16 12.78 -17.45
N LEU B 96 2.54 11.99 -16.44
CA LEU B 96 1.56 11.28 -15.60
C LEU B 96 0.63 12.27 -14.89
N ILE B 97 1.21 13.34 -14.34
CA ILE B 97 0.42 14.36 -13.64
C ILE B 97 -0.48 15.06 -14.66
N TRP B 98 0.02 15.22 -15.89
CA TRP B 98 -0.72 15.86 -16.97
C TRP B 98 -1.91 15.00 -17.44
N ASP B 99 -1.80 13.67 -17.35
CA ASP B 99 -2.90 12.79 -17.79
C ASP B 99 -4.19 13.19 -17.06
N ASP B 100 -4.08 13.34 -15.74
CA ASP B 100 -5.22 13.74 -14.91
C ASP B 100 -5.64 15.21 -15.15
N LEU B 101 -4.65 16.12 -15.20
CA LEU B 101 -4.94 17.56 -15.38
C LEU B 101 -5.53 17.89 -16.75
N ARG B 102 -4.93 17.35 -17.81
CA ARG B 102 -5.39 17.62 -19.18
C ARG B 102 -6.78 17.04 -19.45
N SER B 103 -7.19 16.03 -18.69
CA SER B 103 -8.51 15.43 -18.88
C SER B 103 -9.62 16.32 -18.30
N LEU B 104 -9.39 16.83 -17.10
CA LEU B 104 -10.38 17.67 -16.41
C LEU B 104 -10.61 19.04 -17.10
N SER B 105 -9.55 19.81 -17.32
CA SER B 105 -9.69 21.14 -17.93
C SER B 105 -9.40 21.20 -19.45
N LEU B 106 -8.62 20.24 -19.97
CA LEU B 106 -8.23 20.22 -21.40
C LEU B 106 -7.23 21.34 -21.71
N PHE B 107 -7.68 22.61 -21.62
CA PHE B 107 -6.81 23.76 -21.91
C PHE B 107 -6.88 24.80 -20.78
N SER B 108 -8.05 25.44 -20.63
CA SER B 108 -8.23 26.46 -19.59
C SER B 108 -8.92 25.85 -18.36
N TYR B 109 -8.55 26.36 -17.17
CA TYR B 109 -9.14 25.87 -15.92
C TYR B 109 -10.66 26.07 -15.92
N HIS B 110 -11.13 27.14 -16.58
CA HIS B 110 -12.57 27.41 -16.65
C HIS B 110 -13.30 26.18 -17.20
N ARG B 111 -12.68 25.51 -18.17
CA ARG B 111 -13.23 24.30 -18.78
C ARG B 111 -13.46 23.23 -17.70
N LEU B 112 -12.65 23.25 -16.63
CA LEU B 112 -12.76 22.27 -15.55
C LEU B 112 -14.16 22.36 -14.94
N ARG B 113 -14.64 23.58 -14.71
CA ARG B 113 -16.00 23.76 -14.18
C ARG B 113 -17.00 23.11 -15.14
N ASP B 114 -16.72 23.21 -16.45
CA ASP B 114 -17.58 22.61 -17.46
C ASP B 114 -17.55 21.09 -17.29
N LEU B 115 -16.35 20.50 -17.17
CA LEU B 115 -16.24 19.06 -16.97
C LEU B 115 -16.99 18.63 -15.71
N LEU B 116 -16.91 19.45 -14.67
CA LEU B 116 -17.56 19.16 -13.40
C LEU B 116 -19.07 18.98 -13.59
N LEU B 117 -19.66 19.76 -14.49
CA LEU B 117 -21.10 19.68 -14.76
C LEU B 117 -21.49 18.39 -15.50
N ILE B 118 -20.61 17.86 -16.35
CA ILE B 118 -20.95 16.62 -17.06
C ILE B 118 -20.95 15.45 -16.08
N VAL B 119 -20.03 15.46 -15.11
CA VAL B 119 -19.96 14.37 -14.13
C VAL B 119 -21.30 14.15 -13.42
N THR B 120 -21.97 15.23 -12.96
CA THR B 120 -23.25 15.05 -12.26
C THR B 120 -24.33 14.44 -13.17
N ARG B 121 -24.41 14.90 -14.42
CA ARG B 121 -25.41 14.37 -15.36
C ARG B 121 -25.10 12.91 -15.73
N ILE B 122 -23.80 12.59 -15.87
CA ILE B 122 -23.38 11.24 -16.26
C ILE B 122 -23.79 10.21 -15.20
N VAL B 123 -23.54 10.48 -13.91
CA VAL B 123 -23.92 9.51 -12.86
C VAL B 123 -25.44 9.34 -12.87
N GLU B 124 -26.17 10.44 -13.09
CA GLU B 124 -27.62 10.41 -13.15
C GLU B 124 -28.08 9.46 -14.26
N LEU B 125 -27.46 9.58 -15.42
CA LEU B 125 -27.78 8.75 -16.59
C LEU B 125 -27.37 7.29 -16.35
N LEU B 126 -26.20 7.10 -15.75
CA LEU B 126 -25.67 5.75 -15.47
C LEU B 126 -26.36 5.10 -14.25
N GLY B 127 -27.03 5.93 -13.42
CA GLY B 127 -27.70 5.42 -12.22
C GLY B 127 -28.59 4.22 -12.54
N ARG B 128 -29.23 4.25 -13.71
CA ARG B 128 -30.11 3.14 -14.13
C ARG B 128 -29.43 2.31 -15.24
N ARG B 129 -29.27 1.00 -14.98
CA ARG B 129 -28.64 0.11 -15.95
C ARG B 129 -29.69 -0.55 -16.84
N LEU C 1 12.90 12.24 36.32
CA LEU C 1 12.52 11.11 37.21
C LEU C 1 10.99 10.93 37.17
N LEU C 2 10.53 9.78 37.66
CA LEU C 2 9.09 9.47 37.65
C LEU C 2 8.64 8.95 39.02
N GLU C 3 7.34 9.06 39.29
CA GLU C 3 6.75 8.60 40.55
C GLU C 3 5.24 8.82 40.53
N LEU C 4 4.52 8.19 41.47
CA LEU C 4 3.08 8.33 41.55
C LEU C 4 2.69 9.79 41.71
N ASP C 5 3.35 10.45 42.66
CA ASP C 5 3.10 11.87 42.92
C ASP C 5 3.48 12.72 41.70
N LYS C 6 4.34 12.18 40.84
CA LYS C 6 4.78 12.87 39.62
C LYS C 6 3.71 12.68 38.53
N TRP C 7 3.16 11.47 38.43
CA TRP C 7 2.13 11.16 37.43
C TRP C 7 0.90 12.02 37.66
N ALA C 8 0.46 12.10 38.92
CA ALA C 8 -0.72 12.88 39.28
C ALA C 8 -0.57 14.35 38.90
N SER C 9 0.67 14.85 38.95
CA SER C 9 0.95 16.25 38.63
C SER C 9 0.49 16.59 37.20
N LEU C 10 0.67 15.65 36.28
CA LEU C 10 0.28 15.86 34.87
C LEU C 10 -1.22 16.13 34.74
N TRP C 11 -2.03 15.56 35.64
CA TRP C 11 -3.48 15.73 35.59
C TRP C 11 -3.87 17.21 35.68
N ASN C 12 -3.04 18.02 36.35
CA ASN C 12 -3.31 19.45 36.51
C ASN C 12 -2.96 20.24 35.23
N TRP C 13 -2.05 19.70 34.41
CA TRP C 13 -1.63 20.37 33.16
C TRP C 13 -2.84 20.57 32.24
N PHE C 14 -3.69 19.54 32.14
CA PHE C 14 -4.90 19.61 31.32
C PHE C 14 -4.58 20.02 29.87
N ASP C 15 -3.38 19.65 29.37
CA ASP C 15 -3.00 19.99 28.00
C ASP C 15 -2.01 18.97 27.39
N ILE C 16 -0.78 18.95 27.88
CA ILE C 16 0.25 18.04 27.38
C ILE C 16 -0.06 16.57 27.71
N THR C 17 -0.63 16.34 28.90
CA THR C 17 -0.94 14.99 29.36
C THR C 17 -1.78 14.24 28.34
N ASN C 18 -2.64 14.94 27.59
CA ASN C 18 -3.47 14.30 26.58
C ASN C 18 -2.57 13.58 25.57
N TRP C 19 -1.56 14.29 25.08
CA TRP C 19 -0.63 13.72 24.10
C TRP C 19 0.17 12.55 24.74
N LEU C 20 0.66 12.73 25.97
CA LEU C 20 1.45 11.70 26.66
C LEU C 20 0.66 10.43 26.98
N TRP C 21 -0.63 10.58 27.34
CA TRP C 21 -1.44 9.43 27.77
C TRP C 21 -2.34 8.83 26.68
N TYR C 22 -2.57 9.55 25.57
CA TYR C 22 -3.45 9.02 24.50
C TYR C 22 -2.65 8.39 23.35
N ILE C 23 -1.32 8.61 23.33
CA ILE C 23 -0.48 8.02 22.28
C ILE C 23 -0.54 6.49 22.32
N ARG C 24 -0.61 5.92 23.53
CA ARG C 24 -0.66 4.46 23.70
C ARG C 24 -1.79 3.86 22.84
N ILE C 25 -2.97 4.46 22.91
CA ILE C 25 -4.11 3.99 22.09
C ILE C 25 -3.79 4.28 20.61
N PHE C 26 -3.08 5.38 20.37
CA PHE C 26 -2.69 5.79 19.02
C PHE C 26 -1.84 4.73 18.34
N ILE C 27 -1.02 4.01 19.12
CA ILE C 27 -0.15 2.97 18.55
C ILE C 27 -1.02 1.91 17.87
N ILE C 28 -2.08 1.47 18.57
CA ILE C 28 -3.00 0.48 18.00
C ILE C 28 -3.70 1.11 16.79
N ILE C 29 -4.06 2.39 16.90
CA ILE C 29 -4.72 3.11 15.81
C ILE C 29 -3.81 3.09 14.57
N VAL C 30 -2.48 3.20 14.75
CA VAL C 30 -1.55 3.14 13.60
C VAL C 30 -1.84 1.86 12.81
N GLY C 31 -2.10 0.74 13.52
CA GLY C 31 -2.43 -0.52 12.87
C GLY C 31 -3.64 -0.31 11.95
N SER C 32 -4.59 0.49 12.42
CA SER C 32 -5.77 0.85 11.64
C SER C 32 -5.35 1.72 10.44
N LEU C 33 -4.38 2.61 10.69
CA LEU C 33 -3.87 3.53 9.69
C LEU C 33 -3.30 2.81 8.46
N ILE C 34 -2.47 1.78 8.70
CA ILE C 34 -1.83 1.05 7.60
C ILE C 34 -2.86 0.26 6.79
N GLY C 35 -3.82 -0.38 7.48
CA GLY C 35 -4.86 -1.14 6.79
C GLY C 35 -5.67 -0.23 5.86
N LEU C 36 -5.79 1.06 6.23
CA LEU C 36 -6.50 2.06 5.42
C LEU C 36 -5.83 2.22 4.05
N ARG C 37 -4.50 2.17 4.06
CA ARG C 37 -3.66 2.32 2.86
C ARG C 37 -4.02 1.33 1.74
N ILE C 38 -4.53 0.15 2.09
CA ILE C 38 -4.82 -0.89 1.09
C ILE C 38 -5.82 -0.39 0.03
N VAL C 39 -6.79 0.45 0.42
CA VAL C 39 -7.76 0.98 -0.55
C VAL C 39 -7.02 1.65 -1.73
N PHE C 40 -5.83 2.21 -1.48
CA PHE C 40 -5.05 2.87 -2.54
C PHE C 40 -4.81 1.90 -3.71
N ALA C 41 -4.71 0.59 -3.40
CA ALA C 41 -4.54 -0.41 -4.47
C ALA C 41 -5.76 -0.31 -5.41
N VAL C 42 -6.93 -0.07 -4.81
CA VAL C 42 -8.16 0.10 -5.56
C VAL C 42 -8.08 1.45 -6.34
N LEU C 43 -7.50 2.46 -5.68
CA LEU C 43 -7.32 3.79 -6.27
C LEU C 43 -6.40 3.73 -7.50
N SER C 44 -5.37 2.88 -7.46
CA SER C 44 -4.43 2.78 -8.58
C SER C 44 -5.15 2.29 -9.83
N LEU C 45 -6.13 1.38 -9.66
CA LEU C 45 -6.89 0.88 -10.79
C LEU C 45 -7.71 2.03 -11.38
N VAL C 46 -8.27 2.85 -10.50
CA VAL C 46 -9.03 4.04 -10.90
C VAL C 46 -8.09 4.95 -11.69
N ASN C 47 -6.87 5.09 -11.15
CA ASN C 47 -5.82 5.87 -11.78
C ASN C 47 -5.44 5.26 -13.14
N ARG C 48 -5.48 3.92 -13.23
CA ARG C 48 -5.11 3.23 -14.45
C ARG C 48 -6.00 3.67 -15.60
N VAL C 49 -7.30 3.62 -15.37
CA VAL C 49 -8.28 4.00 -16.39
C VAL C 49 -8.40 5.51 -16.53
N ARG C 50 -8.49 6.18 -15.41
CA ARG C 50 -8.65 7.64 -15.39
C ARG C 50 -7.37 8.41 -15.77
N GLN C 51 -6.22 7.92 -15.32
CA GLN C 51 -4.93 8.59 -15.55
C GLN C 51 -4.06 7.97 -16.66
N GLY C 52 -4.53 6.88 -17.27
CA GLY C 52 -3.75 6.19 -18.30
C GLY C 52 -2.80 5.19 -17.65
N TYR C 53 -1.95 4.51 -18.43
CA TYR C 53 -1.01 3.52 -17.87
C TYR C 53 0.38 3.59 -18.52
N SER C 54 0.46 3.41 -19.84
CA SER C 54 1.74 3.47 -20.54
C SER C 54 2.12 4.92 -20.79
N PRO C 55 3.42 5.27 -20.83
CA PRO C 55 3.88 6.67 -21.09
C PRO C 55 2.90 7.45 -21.99
N LEU C 56 1.99 8.19 -21.35
CA LEU C 56 0.94 8.94 -22.04
C LEU C 56 1.42 10.29 -22.58
N SER C 57 2.74 10.49 -22.69
CA SER C 57 3.29 11.74 -23.20
C SER C 57 2.58 12.14 -24.52
N GLU C 80 -10.31 12.49 -25.81
CA GLU C 80 -11.12 13.35 -24.93
C GLU C 80 -12.48 12.69 -24.62
N ARG C 81 -12.92 11.83 -25.52
CA ARG C 81 -14.20 11.14 -25.36
C ARG C 81 -14.15 10.05 -24.28
N ASP C 82 -12.96 9.50 -24.01
CA ASP C 82 -12.79 8.46 -23.00
C ASP C 82 -13.18 8.94 -21.59
N ARG C 83 -13.44 10.24 -21.43
CA ARG C 83 -13.81 10.80 -20.12
C ARG C 83 -15.23 10.39 -19.72
N ASP C 84 -16.19 10.48 -20.64
CA ASP C 84 -17.56 10.11 -20.31
C ASP C 84 -17.62 8.66 -19.85
N ARG C 85 -16.82 7.79 -20.48
CA ARG C 85 -16.75 6.39 -20.08
C ARG C 85 -16.04 6.28 -18.73
N SER C 86 -14.95 7.03 -18.57
CA SER C 86 -14.17 6.99 -17.33
C SER C 86 -15.05 7.38 -16.13
N ILE C 87 -15.89 8.41 -16.27
CA ILE C 87 -16.77 8.82 -15.16
C ILE C 87 -17.65 7.62 -14.75
N ARG C 88 -17.83 6.62 -15.63
CA ARG C 88 -18.65 5.45 -15.28
C ARG C 88 -18.02 4.76 -14.06
N LEU C 89 -16.70 4.92 -13.89
CA LEU C 89 -15.99 4.34 -12.75
C LEU C 89 -16.65 4.79 -11.44
N VAL C 90 -17.35 5.95 -11.44
CA VAL C 90 -18.02 6.42 -10.23
C VAL C 90 -18.96 5.30 -9.76
N ASN C 91 -19.82 4.85 -10.68
CA ASN C 91 -20.69 3.71 -10.41
C ASN C 91 -19.84 2.42 -10.42
N GLY C 92 -18.70 2.48 -11.13
CA GLY C 92 -17.81 1.35 -11.27
C GLY C 92 -17.34 0.82 -9.93
N SER C 93 -17.41 1.64 -8.87
CA SER C 93 -16.99 1.19 -7.54
C SER C 93 -17.81 -0.03 -7.12
N LEU C 94 -19.10 -0.03 -7.46
CA LEU C 94 -19.99 -1.15 -7.14
C LEU C 94 -19.55 -2.40 -7.93
N ALA C 95 -19.41 -2.24 -9.25
CA ALA C 95 -18.99 -3.35 -10.13
C ALA C 95 -17.57 -3.83 -9.79
N LEU C 96 -16.70 -2.90 -9.41
CA LEU C 96 -15.30 -3.19 -9.10
C LEU C 96 -15.20 -4.22 -7.97
N ILE C 97 -15.98 -4.04 -6.92
CA ILE C 97 -15.99 -4.98 -5.79
C ILE C 97 -16.61 -6.31 -6.25
N TRP C 98 -17.61 -6.22 -7.13
CA TRP C 98 -18.31 -7.40 -7.63
C TRP C 98 -17.44 -8.29 -8.55
N ASP C 99 -16.48 -7.70 -9.30
CA ASP C 99 -15.64 -8.52 -10.19
C ASP C 99 -14.95 -9.63 -9.39
N ASP C 100 -14.33 -9.26 -8.27
CA ASP C 100 -13.64 -10.22 -7.39
C ASP C 100 -14.64 -11.14 -6.66
N LEU C 101 -15.72 -10.55 -6.13
CA LEU C 101 -16.73 -11.29 -5.37
C LEU C 101 -17.46 -12.32 -6.24
N ARG C 102 -17.79 -11.95 -7.48
CA ARG C 102 -18.53 -12.83 -8.39
C ARG C 102 -17.63 -13.89 -9.03
N SER C 103 -16.38 -13.55 -9.33
CA SER C 103 -15.47 -14.50 -9.96
C SER C 103 -15.17 -15.69 -9.04
N LEU C 104 -14.89 -15.39 -7.77
CA LEU C 104 -14.55 -16.44 -6.81
C LEU C 104 -15.75 -17.36 -6.48
N SER C 105 -16.87 -16.79 -6.03
CA SER C 105 -18.06 -17.58 -5.69
C SER C 105 -19.11 -17.57 -6.81
N LEU C 106 -19.43 -16.36 -7.30
CA LEU C 106 -20.45 -16.15 -8.34
C LEU C 106 -21.86 -16.17 -7.73
N PHE C 107 -22.47 -14.99 -7.62
CA PHE C 107 -23.82 -14.82 -7.06
C PHE C 107 -23.83 -15.06 -5.54
N SER C 108 -23.61 -16.32 -5.11
CA SER C 108 -23.62 -16.64 -3.67
C SER C 108 -22.58 -17.72 -3.34
N TYR C 109 -22.50 -18.10 -2.05
CA TYR C 109 -21.55 -19.11 -1.60
C TYR C 109 -21.97 -20.48 -2.16
N HIS C 110 -21.45 -21.60 -1.59
CA HIS C 110 -21.73 -22.96 -2.07
C HIS C 110 -20.91 -23.19 -3.34
N ARG C 111 -21.16 -22.36 -4.34
CA ARG C 111 -20.43 -22.40 -5.61
C ARG C 111 -18.94 -22.13 -5.35
N LEU C 112 -18.64 -21.33 -4.32
CA LEU C 112 -17.28 -20.99 -3.96
C LEU C 112 -16.50 -22.28 -3.62
N ARG C 113 -17.20 -23.28 -3.06
CA ARG C 113 -16.58 -24.56 -2.73
C ARG C 113 -15.96 -25.17 -4.00
N ASP C 114 -16.61 -24.95 -5.15
CA ASP C 114 -16.07 -25.43 -6.42
C ASP C 114 -14.81 -24.61 -6.76
N LEU C 115 -14.83 -23.31 -6.39
CA LEU C 115 -13.69 -22.43 -6.63
C LEU C 115 -12.43 -22.99 -5.94
N LEU C 116 -12.62 -23.55 -4.74
CA LEU C 116 -11.52 -24.13 -3.99
C LEU C 116 -10.83 -25.22 -4.82
N LEU C 117 -11.64 -25.97 -5.57
CA LEU C 117 -11.13 -27.02 -6.46
C LEU C 117 -10.50 -26.37 -7.70
N ILE C 118 -11.15 -25.31 -8.19
CA ILE C 118 -10.68 -24.60 -9.38
C ILE C 118 -9.25 -24.07 -9.17
N VAL C 119 -8.96 -23.44 -8.02
CA VAL C 119 -7.62 -22.90 -7.80
C VAL C 119 -6.55 -23.99 -7.89
N THR C 120 -6.79 -25.17 -7.29
CA THR C 120 -5.82 -26.26 -7.33
C THR C 120 -5.56 -26.78 -8.74
N ARG C 121 -6.62 -27.01 -9.50
CA ARG C 121 -6.49 -27.54 -10.85
C ARG C 121 -5.83 -26.52 -11.79
N ILE C 122 -6.07 -25.22 -11.53
CA ILE C 122 -5.53 -24.17 -12.37
C ILE C 122 -3.99 -24.14 -12.33
N VAL C 123 -3.35 -24.20 -11.14
CA VAL C 123 -1.89 -24.11 -11.12
C VAL C 123 -1.30 -25.18 -12.04
N GLU C 124 -1.91 -26.37 -12.07
CA GLU C 124 -1.45 -27.44 -12.94
C GLU C 124 -1.62 -27.07 -14.42
N LEU C 125 -2.80 -26.54 -14.76
CA LEU C 125 -3.13 -26.17 -16.16
C LEU C 125 -2.35 -24.95 -16.70
N LEU C 126 -2.25 -23.87 -15.91
CA LEU C 126 -1.54 -22.66 -16.35
C LEU C 126 -0.03 -22.75 -16.01
N GLY C 127 0.35 -23.74 -15.19
CA GLY C 127 1.75 -23.94 -14.79
C GLY C 127 2.69 -23.84 -15.99
N ARG C 128 2.24 -24.29 -17.17
CA ARG C 128 3.07 -24.25 -18.38
C ARG C 128 2.41 -23.32 -19.41
N ARG C 129 3.01 -22.15 -19.62
CA ARG C 129 2.48 -21.16 -20.56
C ARG C 129 2.99 -21.45 -21.99
N LEU A 1 -0.20 5.60 43.33
CA LEU A 1 -0.97 5.05 42.18
C LEU A 1 0.00 4.53 41.09
N LEU A 2 1.27 4.28 41.47
CA LEU A 2 2.27 3.78 40.54
C LEU A 2 3.59 3.55 41.28
N GLU A 3 3.87 2.28 41.59
CA GLU A 3 5.09 1.91 42.32
C GLU A 3 5.21 0.37 42.40
N LEU A 4 6.15 -0.12 43.22
CA LEU A 4 6.36 -1.56 43.38
C LEU A 4 5.02 -2.29 43.62
N ASP A 5 4.16 -1.66 44.41
CA ASP A 5 2.87 -2.25 44.75
C ASP A 5 1.89 -2.27 43.58
N LYS A 6 1.91 -1.24 42.76
CA LYS A 6 1.01 -1.16 41.61
C LYS A 6 1.48 -2.08 40.48
N TRP A 7 2.80 -2.10 40.25
CA TRP A 7 3.39 -2.92 39.20
C TRP A 7 3.42 -4.39 39.60
N ALA A 8 3.86 -4.68 40.82
CA ALA A 8 3.97 -6.07 41.28
C ALA A 8 2.59 -6.71 41.47
N SER A 9 1.61 -5.93 41.91
CA SER A 9 0.27 -6.44 42.15
C SER A 9 -0.39 -6.91 40.84
N LEU A 10 -0.03 -6.27 39.72
CA LEU A 10 -0.60 -6.63 38.43
C LEU A 10 -0.24 -8.07 38.02
N TRP A 11 0.94 -8.55 38.44
CA TRP A 11 1.37 -9.91 38.09
C TRP A 11 0.37 -10.96 38.62
N ASN A 12 -0.30 -10.64 39.73
CA ASN A 12 -1.27 -11.55 40.33
C ASN A 12 -2.48 -11.78 39.39
N TRP A 13 -2.74 -10.81 38.51
CA TRP A 13 -3.85 -10.91 37.55
C TRP A 13 -3.66 -12.12 36.64
N PHE A 14 -2.41 -12.33 36.21
CA PHE A 14 -2.06 -13.45 35.34
C PHE A 14 -2.90 -13.43 34.04
N ASP A 15 -3.20 -12.22 33.55
CA ASP A 15 -3.99 -12.08 32.32
C ASP A 15 -3.71 -10.74 31.61
N ILE A 16 -4.06 -9.63 32.28
CA ILE A 16 -3.86 -8.29 31.72
C ILE A 16 -2.36 -7.94 31.61
N THR A 17 -1.57 -8.36 32.60
CA THR A 17 -0.14 -8.05 32.62
C THR A 17 0.54 -8.44 31.30
N ASN A 18 0.08 -9.53 30.67
CA ASN A 18 0.68 -9.99 29.42
C ASN A 18 0.46 -8.97 28.31
N TRP A 19 -0.79 -8.53 28.13
CA TRP A 19 -1.14 -7.53 27.12
C TRP A 19 -0.45 -6.20 27.46
N LEU A 20 -0.52 -5.80 28.73
CA LEU A 20 0.10 -4.56 29.20
C LEU A 20 1.62 -4.59 29.06
N TRP A 21 2.23 -5.76 29.30
CA TRP A 21 3.68 -5.90 29.24
C TRP A 21 4.19 -6.35 27.86
N TYR A 22 3.30 -6.85 26.98
CA TYR A 22 3.72 -7.30 25.65
C TYR A 22 3.57 -6.19 24.60
N ILE A 23 2.86 -5.11 24.95
CA ILE A 23 2.67 -3.98 24.03
C ILE A 23 4.01 -3.36 23.65
N ARG A 24 4.95 -3.31 24.62
CA ARG A 24 6.28 -2.73 24.37
C ARG A 24 6.93 -3.39 23.15
N ILE A 25 6.91 -4.72 23.08
CA ILE A 25 7.47 -5.45 21.94
C ILE A 25 6.53 -5.29 20.74
N PHE A 26 5.22 -5.25 21.03
CA PHE A 26 4.19 -5.15 20.00
C PHE A 26 4.37 -3.88 19.16
N ILE A 27 4.96 -2.83 19.73
CA ILE A 27 5.18 -1.59 18.97
C ILE A 27 6.08 -1.89 17.76
N ILE A 28 7.12 -2.70 18.00
CA ILE A 28 8.06 -3.08 16.94
C ILE A 28 7.38 -4.04 15.96
N ILE A 29 6.51 -4.93 16.47
CA ILE A 29 5.82 -5.92 15.63
C ILE A 29 4.99 -5.19 14.56
N VAL A 30 4.38 -4.04 14.91
CA VAL A 30 3.58 -3.28 13.95
C VAL A 30 4.42 -2.99 12.69
N GLY A 31 5.69 -2.62 12.90
CA GLY A 31 6.60 -2.34 11.77
C GLY A 31 6.61 -3.54 10.83
N SER A 32 6.64 -4.75 11.42
CA SER A 32 6.61 -5.99 10.65
C SER A 32 5.27 -6.12 9.93
N LEU A 33 4.20 -5.71 10.62
CA LEU A 33 2.85 -5.79 10.08
C LEU A 33 2.72 -4.95 8.80
N ILE A 34 3.26 -3.74 8.84
CA ILE A 34 3.21 -2.84 7.68
C ILE A 34 4.08 -3.39 6.53
N GLY A 35 5.27 -3.91 6.85
CA GLY A 35 6.16 -4.48 5.82
C GLY A 35 5.46 -5.67 5.12
N LEU A 36 4.51 -6.30 5.80
CA LEU A 36 3.76 -7.43 5.24
C LEU A 36 3.01 -6.96 3.98
N ARG A 37 2.48 -5.75 4.04
CA ARG A 37 1.74 -5.12 2.94
C ARG A 37 2.55 -5.06 1.64
N ILE A 38 3.88 -4.98 1.73
CA ILE A 38 4.70 -4.87 0.53
C ILE A 38 4.43 -6.10 -0.37
N VAL A 39 4.24 -7.29 0.22
CA VAL A 39 3.90 -8.48 -0.58
C VAL A 39 2.50 -8.33 -1.20
N PHE A 40 1.61 -7.62 -0.51
CA PHE A 40 0.23 -7.39 -0.97
C PHE A 40 0.24 -6.75 -2.36
N ALA A 41 1.30 -5.99 -2.67
CA ALA A 41 1.38 -5.34 -3.98
C ALA A 41 1.30 -6.39 -5.08
N VAL A 42 1.90 -7.57 -4.88
CA VAL A 42 1.81 -8.63 -5.89
C VAL A 42 0.33 -9.06 -6.07
N LEU A 43 -0.43 -9.07 -4.96
CA LEU A 43 -1.84 -9.46 -4.98
C LEU A 43 -2.65 -8.52 -5.88
N SER A 44 -2.38 -7.21 -5.80
CA SER A 44 -3.11 -6.24 -6.62
C SER A 44 -2.83 -6.50 -8.11
N LEU A 45 -1.60 -6.92 -8.42
CA LEU A 45 -1.22 -7.25 -9.78
C LEU A 45 -2.06 -8.43 -10.26
N VAL A 46 -2.20 -9.42 -9.37
CA VAL A 46 -3.00 -10.62 -9.65
C VAL A 46 -4.47 -10.21 -9.80
N ASN A 47 -4.92 -9.37 -8.88
CA ASN A 47 -6.30 -8.88 -8.86
C ASN A 47 -6.62 -8.07 -10.12
N ARG A 48 -5.66 -7.29 -10.61
CA ARG A 48 -5.87 -6.43 -11.77
C ARG A 48 -6.25 -7.28 -12.98
N VAL A 49 -5.48 -8.34 -13.21
CA VAL A 49 -5.75 -9.24 -14.33
C VAL A 49 -6.96 -10.11 -13.99
N ARG A 50 -6.96 -10.60 -12.75
CA ARG A 50 -8.03 -11.49 -12.25
C ARG A 50 -9.41 -10.80 -12.13
N GLN A 51 -9.47 -9.46 -12.10
CA GLN A 51 -10.73 -8.75 -11.94
C GLN A 51 -11.33 -8.29 -13.28
N GLY A 52 -10.50 -8.22 -14.32
CA GLY A 52 -10.95 -7.78 -15.65
C GLY A 52 -10.27 -6.49 -16.12
N TYR A 53 -9.22 -6.04 -15.41
CA TYR A 53 -8.49 -4.82 -15.76
C TYR A 53 -9.41 -3.57 -15.67
N SER A 54 -9.61 -2.80 -16.76
CA SER A 54 -10.42 -1.60 -16.76
C SER A 54 -11.88 -1.92 -16.43
N PRO A 55 -12.67 -0.94 -15.96
CA PRO A 55 -14.10 -1.17 -15.62
C PRO A 55 -14.81 -2.03 -16.68
N LEU A 56 -15.22 -3.25 -16.31
CA LEU A 56 -15.84 -4.17 -17.27
C LEU A 56 -17.36 -4.38 -17.02
N SER A 57 -17.85 -4.08 -15.80
CA SER A 57 -19.28 -4.26 -15.45
C SER A 57 -19.86 -5.54 -16.13
N GLU A 80 -15.36 -15.74 -18.54
CA GLU A 80 -14.19 -15.52 -19.40
C GLU A 80 -13.00 -16.42 -19.02
N ARG A 81 -12.22 -16.77 -20.03
CA ARG A 81 -11.04 -17.62 -19.87
C ARG A 81 -10.03 -17.03 -18.88
N ASP A 82 -10.06 -15.71 -18.71
CA ASP A 82 -9.10 -15.01 -17.84
C ASP A 82 -9.09 -15.58 -16.41
N ARG A 83 -10.05 -16.44 -16.04
CA ARG A 83 -10.06 -17.05 -14.71
C ARG A 83 -8.93 -18.06 -14.60
N ASP A 84 -8.77 -18.90 -15.62
CA ASP A 84 -7.72 -19.91 -15.59
C ASP A 84 -6.32 -19.30 -15.44
N ARG A 85 -6.03 -18.26 -16.23
CA ARG A 85 -4.73 -17.61 -16.14
C ARG A 85 -4.59 -16.78 -14.85
N SER A 86 -5.70 -16.28 -14.32
CA SER A 86 -5.62 -15.48 -13.11
C SER A 86 -5.25 -16.33 -11.89
N ILE A 87 -5.73 -17.59 -11.80
CA ILE A 87 -5.40 -18.40 -10.61
C ILE A 87 -3.92 -18.76 -10.49
N ARG A 88 -3.20 -19.23 -11.53
CA ARG A 88 -1.76 -19.56 -11.27
C ARG A 88 -0.94 -18.27 -11.31
N LEU A 89 -1.54 -17.16 -11.82
CA LEU A 89 -0.88 -15.85 -11.76
C LEU A 89 -0.66 -15.54 -10.26
N VAL A 90 -1.39 -16.26 -9.39
CA VAL A 90 -1.26 -16.14 -7.95
C VAL A 90 0.21 -16.44 -7.58
N ASN A 91 0.76 -17.50 -8.18
CA ASN A 91 2.18 -17.86 -8.02
C ASN A 91 3.05 -16.83 -8.77
N GLY A 92 2.40 -16.02 -9.61
CA GLY A 92 3.03 -15.01 -10.42
C GLY A 92 3.83 -14.04 -9.57
N SER A 93 3.55 -13.99 -8.25
CA SER A 93 4.28 -13.09 -7.36
C SER A 93 5.78 -13.41 -7.45
N LEU A 94 6.13 -14.70 -7.57
CA LEU A 94 7.53 -15.09 -7.72
C LEU A 94 8.05 -14.46 -9.02
N ALA A 95 7.30 -14.66 -10.11
CA ALA A 95 7.67 -14.08 -11.40
C ALA A 95 7.75 -12.55 -11.31
N LEU A 96 6.86 -11.95 -10.50
CA LEU A 96 6.80 -10.49 -10.35
C LEU A 96 8.12 -9.95 -9.85
N ILE A 97 8.70 -10.60 -8.83
CA ILE A 97 10.00 -10.17 -8.31
C ILE A 97 11.02 -10.30 -9.45
N TRP A 98 10.84 -11.34 -10.27
CA TRP A 98 11.70 -11.62 -11.41
C TRP A 98 11.57 -10.54 -12.50
N ASP A 99 10.38 -9.91 -12.62
CA ASP A 99 10.21 -8.87 -13.67
C ASP A 99 11.29 -7.78 -13.46
N ASP A 100 11.39 -7.30 -12.23
CA ASP A 100 12.39 -6.29 -11.86
C ASP A 100 13.82 -6.88 -11.84
N LEU A 101 13.94 -8.07 -11.22
CA LEU A 101 15.24 -8.75 -11.06
C LEU A 101 15.89 -9.09 -12.42
N ARG A 102 15.06 -9.50 -13.36
CA ARG A 102 15.52 -9.92 -14.69
C ARG A 102 15.76 -8.74 -15.66
N SER A 103 15.19 -7.57 -15.36
CA SER A 103 15.35 -6.41 -16.26
C SER A 103 16.73 -5.76 -16.16
N LEU A 104 17.21 -5.53 -14.93
CA LEU A 104 18.53 -4.89 -14.72
C LEU A 104 19.70 -5.78 -15.15
N SER A 105 19.75 -7.01 -14.61
CA SER A 105 20.86 -7.91 -14.93
C SER A 105 20.48 -8.90 -16.03
N LEU A 106 19.32 -9.54 -15.85
CA LEU A 106 18.80 -10.56 -16.78
C LEU A 106 19.55 -11.89 -16.62
N PHE A 107 20.82 -11.95 -17.06
CA PHE A 107 21.59 -13.20 -16.96
C PHE A 107 22.69 -13.08 -15.89
N SER A 108 23.67 -12.21 -16.12
CA SER A 108 24.77 -12.02 -15.17
C SER A 108 24.60 -10.71 -14.41
N TYR A 109 24.78 -10.76 -13.07
CA TYR A 109 24.65 -9.55 -12.25
C TYR A 109 25.55 -8.43 -12.76
N HIS A 110 26.61 -8.78 -13.52
CA HIS A 110 27.51 -7.79 -14.08
C HIS A 110 26.72 -6.86 -15.02
N ARG A 111 25.80 -7.45 -15.78
CA ARG A 111 24.94 -6.71 -16.70
C ARG A 111 24.19 -5.59 -15.97
N LEU A 112 23.91 -5.80 -14.67
CA LEU A 112 23.15 -4.83 -13.88
C LEU A 112 23.89 -3.50 -13.84
N ARG A 113 25.23 -3.52 -13.82
CA ARG A 113 25.99 -2.27 -13.84
C ARG A 113 25.57 -1.45 -15.07
N ASP A 114 25.25 -2.17 -16.16
CA ASP A 114 24.81 -1.57 -17.39
C ASP A 114 23.46 -0.86 -17.20
N LEU A 115 22.48 -1.52 -16.55
CA LEU A 115 21.18 -0.89 -16.35
C LEU A 115 21.33 0.42 -15.57
N LEU A 116 22.22 0.43 -14.58
CA LEU A 116 22.43 1.63 -13.75
C LEU A 116 22.96 2.80 -14.57
N LEU A 117 23.90 2.53 -15.46
CA LEU A 117 24.49 3.59 -16.29
C LEU A 117 23.56 4.04 -17.41
N ILE A 118 22.84 3.11 -18.03
CA ILE A 118 21.95 3.46 -19.13
C ILE A 118 20.75 4.27 -18.64
N VAL A 119 20.20 3.96 -17.45
CA VAL A 119 19.06 4.74 -16.94
C VAL A 119 19.47 6.20 -16.78
N THR A 120 20.67 6.45 -16.23
CA THR A 120 21.13 7.82 -16.03
C THR A 120 21.30 8.56 -17.35
N ARG A 121 21.92 7.90 -18.34
CA ARG A 121 22.16 8.53 -19.64
C ARG A 121 20.85 8.81 -20.39
N ILE A 122 19.85 7.93 -20.23
CA ILE A 122 18.58 8.12 -20.94
C ILE A 122 17.99 9.52 -20.64
N VAL A 123 18.13 10.04 -19.41
CA VAL A 123 17.60 11.39 -19.12
C VAL A 123 18.17 12.40 -20.13
N GLU A 124 19.45 12.23 -20.48
CA GLU A 124 20.13 13.12 -21.43
C GLU A 124 19.48 13.04 -22.81
N LEU A 125 19.20 11.81 -23.25
CA LEU A 125 18.59 11.58 -24.56
C LEU A 125 17.16 12.14 -24.60
N LEU A 126 16.39 11.88 -23.53
CA LEU A 126 15.01 12.35 -23.45
C LEU A 126 14.94 13.86 -23.18
N GLY A 127 16.01 14.44 -22.62
CA GLY A 127 16.07 15.87 -22.30
C GLY A 127 15.53 16.72 -23.47
N ARG A 128 15.85 16.31 -24.70
CA ARG A 128 15.40 17.02 -25.90
C ARG A 128 14.33 16.21 -26.64
N ARG A 129 13.15 16.81 -26.81
CA ARG A 129 12.03 16.15 -27.49
C ARG A 129 10.89 17.13 -27.74
N LEU B 1 10.48 -2.26 43.14
CA LEU B 1 10.78 -2.70 41.73
C LEU B 1 10.37 -1.62 40.72
N LEU B 2 10.30 -0.34 41.14
CA LEU B 2 9.91 0.77 40.26
C LEU B 2 9.86 2.06 41.10
N GLU B 3 10.76 3.00 40.84
CA GLU B 3 10.79 4.27 41.60
C GLU B 3 11.87 5.22 41.05
N LEU B 4 11.99 6.40 41.67
CA LEU B 4 12.98 7.40 41.27
C LEU B 4 14.38 6.79 41.29
N ASP B 5 14.63 5.97 42.30
CA ASP B 5 15.94 5.32 42.46
C ASP B 5 16.21 4.32 41.34
N LYS B 6 15.15 3.65 40.87
CA LYS B 6 15.27 2.67 39.80
C LYS B 6 15.47 3.37 38.45
N TRP B 7 14.64 4.38 38.18
CA TRP B 7 14.72 5.13 36.93
C TRP B 7 16.00 5.95 36.85
N ALA B 8 16.31 6.65 37.94
CA ALA B 8 17.50 7.51 37.99
C ALA B 8 18.80 6.70 37.89
N SER B 9 18.73 5.40 38.17
CA SER B 9 19.89 4.53 38.11
C SER B 9 20.34 4.31 36.66
N LEU B 10 19.39 4.34 35.71
CA LEU B 10 19.71 4.09 34.30
C LEU B 10 20.70 5.12 33.74
N TRP B 11 20.59 6.38 34.17
CA TRP B 11 21.49 7.44 33.66
C TRP B 11 22.97 7.10 33.95
N ASN B 12 23.20 6.17 34.88
CA ASN B 12 24.57 5.75 35.23
C ASN B 12 25.04 4.62 34.28
N TRP B 13 24.09 3.86 33.73
CA TRP B 13 24.41 2.76 32.81
C TRP B 13 25.05 3.30 31.53
N PHE B 14 24.43 4.36 30.97
CA PHE B 14 24.93 4.99 29.75
C PHE B 14 25.03 3.98 28.58
N ASP B 15 24.12 3.00 28.57
CA ASP B 15 24.10 1.99 27.51
C ASP B 15 22.65 1.60 27.14
N ILE B 16 21.97 0.90 28.04
CA ILE B 16 20.59 0.46 27.81
C ILE B 16 19.64 1.67 27.79
N THR B 17 19.89 2.65 28.65
CA THR B 17 19.02 3.82 28.76
C THR B 17 18.79 4.50 27.40
N ASN B 18 19.78 4.47 26.51
CA ASN B 18 19.61 5.11 25.21
C ASN B 18 18.54 4.38 24.38
N TRP B 19 18.66 3.06 24.27
CA TRP B 19 17.66 2.26 23.55
C TRP B 19 16.30 2.32 24.27
N LEU B 20 16.35 2.22 25.59
CA LEU B 20 15.14 2.24 26.43
C LEU B 20 14.38 3.58 26.32
N TRP B 21 15.11 4.71 26.27
CA TRP B 21 14.45 6.03 26.22
C TRP B 21 14.31 6.60 24.80
N TYR B 22 15.22 6.24 23.88
CA TYR B 22 15.13 6.77 22.50
C TYR B 22 14.04 6.08 21.68
N ILE B 23 13.55 4.93 22.16
CA ILE B 23 12.50 4.18 21.47
C ILE B 23 11.23 5.03 21.34
N ARG B 24 10.91 5.82 22.39
CA ARG B 24 9.70 6.65 22.39
C ARG B 24 9.65 7.55 21.14
N ILE B 25 10.76 8.21 20.82
CA ILE B 25 10.83 9.04 19.61
C ILE B 25 10.84 8.11 18.39
N PHE B 26 11.50 6.96 18.55
CA PHE B 26 11.60 5.95 17.50
C PHE B 26 10.21 5.46 17.08
N ILE B 27 9.22 5.50 17.98
CA ILE B 27 7.87 5.05 17.65
C ILE B 27 7.31 5.88 16.50
N ILE B 28 7.42 7.21 16.60
CA ILE B 28 6.95 8.10 15.54
C ILE B 28 7.78 7.87 14.27
N ILE B 29 9.09 7.70 14.44
CA ILE B 29 9.99 7.46 13.31
C ILE B 29 9.53 6.17 12.58
N VAL B 30 9.08 5.15 13.33
CA VAL B 30 8.57 3.93 12.71
C VAL B 30 7.35 4.29 11.87
N GLY B 31 6.46 5.12 12.42
CA GLY B 31 5.26 5.56 11.70
C GLY B 31 5.59 6.10 10.30
N SER B 32 6.82 6.58 10.14
CA SER B 32 7.28 7.18 8.89
C SER B 32 7.27 6.21 7.68
N LEU B 33 7.77 4.97 7.84
CA LEU B 33 7.82 4.04 6.70
C LEU B 33 6.43 3.74 6.11
N ILE B 34 5.37 3.73 6.95
CA ILE B 34 4.02 3.43 6.45
C ILE B 34 3.65 4.47 5.36
N GLY B 35 3.89 5.76 5.64
CA GLY B 35 3.62 6.83 4.67
C GLY B 35 4.47 6.64 3.40
N LEU B 36 5.62 5.99 3.54
CA LEU B 36 6.53 5.72 2.41
C LEU B 36 5.81 4.90 1.34
N ARG B 37 4.97 3.96 1.79
CA ARG B 37 4.20 3.07 0.92
C ARG B 37 3.35 3.80 -0.11
N ILE B 38 2.91 5.03 0.19
CA ILE B 38 2.04 5.74 -0.74
C ILE B 38 2.75 5.88 -2.11
N VAL B 39 4.07 6.11 -2.10
CA VAL B 39 4.85 6.19 -3.36
C VAL B 39 4.88 4.81 -4.06
N PHE B 40 4.83 3.72 -3.27
CA PHE B 40 4.87 2.36 -3.84
C PHE B 40 3.73 2.18 -4.84
N ALA B 41 2.61 2.86 -4.61
CA ALA B 41 1.48 2.79 -5.55
C ALA B 41 1.98 3.29 -6.91
N VAL B 42 2.84 4.31 -6.87
CA VAL B 42 3.45 4.88 -8.07
C VAL B 42 4.39 3.82 -8.69
N LEU B 43 5.09 3.05 -7.83
CA LEU B 43 6.01 2.00 -8.27
C LEU B 43 5.29 0.99 -9.16
N SER B 44 4.02 0.67 -8.85
CA SER B 44 3.26 -0.29 -9.64
C SER B 44 3.06 0.22 -11.06
N LEU B 45 2.88 1.53 -11.21
CA LEU B 45 2.70 2.15 -12.51
C LEU B 45 3.98 1.96 -13.31
N VAL B 46 5.11 2.22 -12.65
CA VAL B 46 6.44 2.07 -13.24
C VAL B 46 6.69 0.60 -13.57
N ASN B 47 6.34 -0.25 -12.61
CA ASN B 47 6.50 -1.69 -12.73
C ASN B 47 5.66 -2.25 -13.86
N ARG B 48 4.47 -1.69 -14.08
CA ARG B 48 3.56 -2.21 -15.09
C ARG B 48 4.11 -2.04 -16.49
N VAL B 49 4.56 -0.84 -16.80
CA VAL B 49 5.05 -0.56 -18.15
C VAL B 49 6.44 -1.11 -18.40
N ARG B 50 7.33 -0.93 -17.43
CA ARG B 50 8.72 -1.35 -17.64
C ARG B 50 8.88 -2.83 -17.95
N GLN B 51 8.21 -3.72 -17.22
CA GLN B 51 8.36 -5.15 -17.46
C GLN B 51 7.17 -5.81 -18.18
N GLY B 52 6.02 -5.17 -18.03
CA GLY B 52 4.77 -5.67 -18.61
C GLY B 52 3.64 -5.64 -17.57
N TYR B 53 2.42 -6.00 -17.98
CA TYR B 53 1.26 -6.00 -17.06
C TYR B 53 0.72 -7.41 -16.77
N SER B 54 0.23 -8.10 -17.79
CA SER B 54 -0.31 -9.46 -17.62
C SER B 54 0.80 -10.39 -17.14
N PRO B 55 0.48 -11.55 -16.52
CA PRO B 55 1.52 -12.50 -16.01
C PRO B 55 2.82 -12.47 -16.84
N LEU B 56 3.89 -11.92 -16.27
CA LEU B 56 5.17 -11.77 -16.97
C LEU B 56 5.83 -13.12 -17.28
N SER B 57 5.42 -14.20 -16.61
CA SER B 57 6.00 -15.53 -16.86
C SER B 57 6.04 -15.80 -18.38
N GLU B 80 13.56 -7.03 -24.55
CA GLU B 80 14.31 -6.31 -23.52
C GLU B 80 14.45 -4.82 -23.84
N ARG B 81 14.31 -4.49 -25.11
CA ARG B 81 14.45 -3.11 -25.58
C ARG B 81 13.45 -2.16 -24.89
N ASP B 82 12.31 -2.70 -24.45
CA ASP B 82 11.27 -1.89 -23.82
C ASP B 82 11.78 -1.10 -22.59
N ARG B 83 12.99 -1.40 -22.10
CA ARG B 83 13.55 -0.70 -20.94
C ARG B 83 13.88 0.75 -21.27
N ASP B 84 14.45 1.03 -22.46
CA ASP B 84 14.78 2.41 -22.81
C ASP B 84 13.55 3.30 -22.77
N ARG B 85 12.42 2.80 -23.26
CA ARG B 85 11.16 3.54 -23.25
C ARG B 85 10.63 3.63 -21.84
N SER B 86 10.80 2.56 -21.05
CA SER B 86 10.32 2.54 -19.68
C SER B 86 10.91 3.69 -18.89
N ILE B 87 12.22 3.92 -19.01
CA ILE B 87 12.86 5.04 -18.27
C ILE B 87 12.11 6.36 -18.59
N ARG B 88 11.34 6.41 -19.69
CA ARG B 88 10.60 7.62 -20.03
C ARG B 88 9.63 7.95 -18.89
N LEU B 89 9.19 6.92 -18.14
CA LEU B 89 8.31 7.13 -16.99
C LEU B 89 8.94 8.12 -15.99
N VAL B 90 10.28 8.29 -16.05
CA VAL B 90 10.98 9.22 -15.17
C VAL B 90 10.33 10.60 -15.36
N ASN B 91 10.28 11.02 -16.62
CA ASN B 91 9.61 12.26 -17.00
C ASN B 91 8.09 12.07 -16.91
N GLY B 92 7.65 10.80 -16.99
CA GLY B 92 6.24 10.44 -16.95
C GLY B 92 5.56 10.94 -15.68
N SER B 93 6.33 11.24 -14.63
CA SER B 93 5.75 11.74 -13.39
C SER B 93 5.01 13.05 -13.67
N LEU B 94 5.58 13.88 -14.54
CA LEU B 94 4.95 15.16 -14.90
C LEU B 94 3.67 14.91 -15.69
N ALA B 95 3.78 14.08 -16.75
CA ALA B 95 2.62 13.76 -17.59
C ALA B 95 1.54 13.00 -16.80
N LEU B 96 1.97 12.15 -15.87
CA LEU B 96 1.05 11.34 -15.06
C LEU B 96 0.10 12.21 -14.24
N ILE B 97 0.64 13.24 -13.59
CA ILE B 97 -0.17 14.14 -12.77
C ILE B 97 -1.14 14.91 -13.68
N TRP B 98 -0.66 15.27 -14.87
CA TRP B 98 -1.45 16.00 -15.85
C TRP B 98 -2.57 15.13 -16.44
N ASP B 99 -2.37 13.81 -16.52
CA ASP B 99 -3.40 12.92 -17.09
C ASP B 99 -4.73 13.13 -16.33
N ASP B 100 -4.64 13.14 -14.99
CA ASP B 100 -5.84 13.32 -14.15
C ASP B 100 -6.39 14.77 -14.23
N LEU B 101 -5.49 15.76 -14.15
CA LEU B 101 -5.90 17.18 -14.18
C LEU B 101 -6.44 17.62 -15.54
N ARG B 102 -5.74 17.24 -16.60
CA ARG B 102 -6.12 17.62 -17.97
C ARG B 102 -7.51 17.11 -18.38
N SER B 103 -7.82 15.85 -18.05
CA SER B 103 -9.12 15.28 -18.41
C SER B 103 -10.29 16.09 -17.81
N LEU B 104 -10.14 16.48 -16.55
CA LEU B 104 -11.19 17.21 -15.83
C LEU B 104 -11.41 18.64 -16.38
N SER B 105 -10.35 19.45 -16.45
CA SER B 105 -10.45 20.84 -16.93
C SER B 105 -10.06 20.96 -18.41
N LEU B 106 -8.92 20.37 -18.77
CA LEU B 106 -8.37 20.40 -20.14
C LEU B 106 -7.68 21.73 -20.44
N PHE B 107 -8.41 22.85 -20.25
CA PHE B 107 -7.83 24.17 -20.52
C PHE B 107 -8.22 25.18 -19.43
N SER B 108 -7.21 25.72 -18.74
CA SER B 108 -7.43 26.70 -17.68
C SER B 108 -8.40 26.13 -16.63
N TYR B 109 -8.66 26.90 -15.57
CA TYR B 109 -9.58 26.46 -14.51
C TYR B 109 -10.99 27.05 -14.70
N HIS B 110 -11.17 27.90 -15.73
CA HIS B 110 -12.49 28.48 -16.02
C HIS B 110 -13.35 27.38 -16.65
N ARG B 111 -12.74 26.62 -17.57
CA ARG B 111 -13.39 25.50 -18.24
C ARG B 111 -13.79 24.42 -17.21
N LEU B 112 -13.01 24.32 -16.12
CA LEU B 112 -13.27 23.32 -15.08
C LEU B 112 -14.67 23.55 -14.48
N ARG B 113 -15.15 24.79 -14.44
CA ARG B 113 -16.48 25.07 -13.91
C ARG B 113 -17.52 24.25 -14.69
N ASP B 114 -17.27 24.08 -16.01
CA ASP B 114 -18.15 23.30 -16.87
C ASP B 114 -18.06 21.81 -16.50
N LEU B 115 -16.85 21.36 -16.10
CA LEU B 115 -16.66 19.96 -15.74
C LEU B 115 -17.60 19.57 -14.59
N LEU B 116 -17.81 20.48 -13.64
CA LEU B 116 -18.67 20.17 -12.48
C LEU B 116 -20.08 19.78 -12.91
N LEU B 117 -20.61 20.41 -13.97
CA LEU B 117 -21.97 20.11 -14.44
C LEU B 117 -22.05 18.68 -15.01
N ILE B 118 -21.11 18.30 -15.87
CA ILE B 118 -21.10 16.95 -16.44
C ILE B 118 -21.09 15.91 -15.33
N VAL B 119 -20.39 16.20 -14.21
CA VAL B 119 -20.30 15.23 -13.11
C VAL B 119 -21.73 14.79 -12.71
N THR B 120 -22.68 15.74 -12.62
CA THR B 120 -24.07 15.37 -12.29
C THR B 120 -24.65 14.49 -13.42
N ARG B 121 -24.28 14.81 -14.66
CA ARG B 121 -24.76 14.08 -15.85
C ARG B 121 -24.28 12.61 -15.80
N ILE B 122 -23.06 12.39 -15.29
CA ILE B 122 -22.49 11.07 -15.19
C ILE B 122 -23.43 10.12 -14.42
N VAL B 123 -23.81 10.50 -13.20
CA VAL B 123 -24.73 9.66 -12.41
C VAL B 123 -26.08 9.55 -13.11
N GLU B 124 -26.54 10.67 -13.69
CA GLU B 124 -27.83 10.72 -14.37
C GLU B 124 -27.86 9.78 -15.58
N LEU B 125 -26.77 9.74 -16.34
CA LEU B 125 -26.67 8.87 -17.52
C LEU B 125 -26.61 7.41 -17.10
N LEU B 126 -25.88 7.16 -16.02
CA LEU B 126 -25.73 5.81 -15.46
C LEU B 126 -26.97 5.37 -14.69
N GLY B 127 -27.76 6.33 -14.21
CA GLY B 127 -28.99 6.04 -13.45
C GLY B 127 -29.82 4.95 -14.13
N ARG B 128 -30.16 5.17 -15.41
CA ARG B 128 -30.95 4.20 -16.17
C ARG B 128 -30.03 3.25 -16.93
N ARG B 129 -30.22 1.94 -16.72
CA ARG B 129 -29.41 0.93 -17.38
C ARG B 129 -30.28 -0.24 -17.86
N LEU C 1 9.83 12.94 38.17
CA LEU C 1 10.77 11.79 38.30
C LEU C 1 9.97 10.48 38.45
N LEU C 2 8.76 10.45 37.88
CA LEU C 2 7.90 9.26 37.95
C LEU C 2 7.64 8.87 39.40
N GLU C 3 6.45 9.20 39.89
CA GLU C 3 6.06 8.90 41.27
C GLU C 3 4.54 9.04 41.41
N LEU C 4 4.00 8.62 42.57
CA LEU C 4 2.57 8.70 42.83
C LEU C 4 2.04 10.10 42.57
N ASP C 5 2.55 11.05 43.33
CA ASP C 5 2.14 12.46 43.21
C ASP C 5 2.60 13.08 41.89
N LYS C 6 3.55 12.45 41.21
CA LYS C 6 4.06 12.98 39.94
C LYS C 6 3.14 12.60 38.78
N TRP C 7 2.71 11.34 38.72
CA TRP C 7 1.83 10.88 37.65
C TRP C 7 0.49 11.59 37.75
N ALA C 8 -0.04 11.65 38.98
CA ALA C 8 -1.33 12.30 39.22
C ALA C 8 -1.24 13.81 38.97
N SER C 9 -0.03 14.38 39.02
CA SER C 9 0.17 15.81 38.80
C SER C 9 -0.09 16.20 37.34
N LEU C 10 0.15 15.27 36.41
CA LEU C 10 -0.05 15.54 34.98
C LEU C 10 -1.51 15.91 34.70
N TRP C 11 -2.44 15.26 35.41
CA TRP C 11 -3.87 15.52 35.21
C TRP C 11 -4.22 16.99 35.53
N ASN C 12 -3.33 17.67 36.27
CA ASN C 12 -3.54 19.07 36.63
C ASN C 12 -3.13 20.00 35.47
N TRP C 13 -2.17 19.54 34.65
CA TRP C 13 -1.69 20.31 33.50
C TRP C 13 -2.84 20.59 32.53
N PHE C 14 -3.62 19.55 32.22
CA PHE C 14 -4.77 19.67 31.32
C PHE C 14 -4.35 20.20 29.94
N ASP C 15 -3.16 19.80 29.47
CA ASP C 15 -2.68 20.24 28.15
C ASP C 15 -1.72 19.20 27.52
N ILE C 16 -0.49 19.11 28.05
CA ILE C 16 0.52 18.19 27.51
C ILE C 16 0.13 16.72 27.77
N THR C 17 -0.46 16.45 28.93
CA THR C 17 -0.84 15.08 29.32
C THR C 17 -1.65 14.39 28.22
N ASN C 18 -2.49 15.14 27.49
CA ASN C 18 -3.30 14.52 26.44
C ASN C 18 -2.39 13.89 25.39
N TRP C 19 -1.40 14.66 24.91
CA TRP C 19 -0.44 14.15 23.93
C TRP C 19 0.44 13.04 24.57
N LEU C 20 0.80 13.26 25.83
CA LEU C 20 1.66 12.33 26.57
C LEU C 20 0.99 10.96 26.82
N TRP C 21 -0.33 10.96 27.07
CA TRP C 21 -1.04 9.71 27.39
C TRP C 21 -1.89 9.14 26.24
N TYR C 22 -2.26 9.97 25.26
CA TYR C 22 -3.10 9.48 24.14
C TYR C 22 -2.25 8.88 23.01
N ILE C 23 -0.93 9.12 23.04
CA ILE C 23 -0.05 8.57 22.00
C ILE C 23 -0.11 7.04 22.02
N ARG C 24 -0.24 6.44 23.21
CA ARG C 24 -0.30 4.99 23.35
C ARG C 24 -1.41 4.41 22.46
N ILE C 25 -2.60 5.02 22.50
CA ILE C 25 -3.72 4.57 21.65
C ILE C 25 -3.35 4.85 20.18
N PHE C 26 -2.66 5.96 19.95
CA PHE C 26 -2.24 6.35 18.60
C PHE C 26 -1.34 5.28 17.96
N ILE C 27 -0.53 4.60 18.79
CA ILE C 27 0.38 3.57 18.27
C ILE C 27 -0.41 2.45 17.62
N ILE C 28 -1.40 1.91 18.34
CA ILE C 28 -2.26 0.84 17.79
C ILE C 28 -3.03 1.40 16.59
N ILE C 29 -3.43 2.67 16.68
CA ILE C 29 -4.17 3.33 15.61
C ILE C 29 -3.31 3.30 14.33
N VAL C 30 -1.97 3.47 14.48
CA VAL C 30 -1.07 3.43 13.33
C VAL C 30 -1.28 2.09 12.59
N GLY C 31 -1.46 1.01 13.36
CA GLY C 31 -1.71 -0.32 12.78
C GLY C 31 -2.93 -0.23 11.85
N SER C 32 -3.94 0.54 12.29
CA SER C 32 -5.14 0.77 11.50
C SER C 32 -4.78 1.59 10.26
N LEU C 33 -3.89 2.57 10.46
CA LEU C 33 -3.46 3.48 9.39
C LEU C 33 -2.80 2.72 8.22
N ILE C 34 -1.89 1.79 8.54
CA ILE C 34 -1.17 1.04 7.51
C ILE C 34 -2.16 0.16 6.73
N GLY C 35 -3.09 -0.48 7.44
CA GLY C 35 -4.11 -1.31 6.79
C GLY C 35 -4.96 -0.47 5.83
N LEU C 36 -5.05 0.84 6.10
CA LEU C 36 -5.82 1.76 5.26
C LEU C 36 -5.29 1.75 3.82
N ARG C 37 -3.97 1.64 3.69
CA ARG C 37 -3.28 1.61 2.39
C ARG C 37 -3.79 0.54 1.43
N ILE C 38 -4.31 -0.58 1.92
CA ILE C 38 -4.73 -1.67 1.01
C ILE C 38 -5.81 -1.19 0.00
N VAL C 39 -6.74 -0.31 0.42
CA VAL C 39 -7.77 0.21 -0.51
C VAL C 39 -7.09 0.91 -1.70
N PHE C 40 -5.91 1.51 -1.48
CA PHE C 40 -5.18 2.20 -2.55
C PHE C 40 -4.93 1.26 -3.71
N ALA C 41 -4.79 -0.04 -3.42
CA ALA C 41 -4.59 -1.04 -4.49
C ALA C 41 -5.81 -0.97 -5.42
N VAL C 42 -6.98 -0.76 -4.82
CA VAL C 42 -8.23 -0.60 -5.56
C VAL C 42 -8.17 0.74 -6.34
N LEU C 43 -7.68 1.77 -5.65
CA LEU C 43 -7.52 3.11 -6.22
C LEU C 43 -6.58 3.08 -7.43
N SER C 44 -5.54 2.23 -7.37
CA SER C 44 -4.56 2.14 -8.45
C SER C 44 -5.23 1.67 -9.74
N LEU C 45 -6.19 0.76 -9.63
CA LEU C 45 -6.91 0.28 -10.79
C LEU C 45 -7.72 1.43 -11.40
N VAL C 46 -8.31 2.23 -10.52
CA VAL C 46 -9.09 3.41 -10.90
C VAL C 46 -8.13 4.44 -11.55
N ASN C 47 -6.99 4.63 -10.89
CA ASN C 47 -5.97 5.55 -11.35
C ASN C 47 -5.40 5.12 -12.71
N ARG C 48 -5.27 3.82 -12.93
CA ARG C 48 -4.72 3.31 -14.18
C ARG C 48 -5.60 3.72 -15.35
N VAL C 49 -6.89 3.49 -15.21
CA VAL C 49 -7.87 3.79 -16.25
C VAL C 49 -8.14 5.29 -16.34
N ARG C 50 -8.31 5.91 -15.18
CA ARG C 50 -8.61 7.34 -15.10
C ARG C 50 -7.40 8.22 -15.45
N GLN C 51 -6.21 7.78 -15.04
CA GLN C 51 -4.96 8.56 -15.25
C GLN C 51 -4.10 8.04 -16.42
N GLY C 52 -4.47 6.89 -16.97
CA GLY C 52 -3.70 6.27 -18.06
C GLY C 52 -2.82 5.15 -17.48
N TYR C 53 -2.26 4.29 -18.34
CA TYR C 53 -1.41 3.18 -17.86
C TYR C 53 0.06 3.39 -18.24
N SER C 54 0.36 3.41 -19.54
CA SER C 54 1.74 3.62 -19.99
C SER C 54 1.99 5.12 -20.18
N PRO C 55 3.25 5.60 -20.19
CA PRO C 55 3.52 7.06 -20.36
C PRO C 55 2.57 7.72 -21.39
N LEU C 56 1.78 8.70 -20.93
CA LEU C 56 0.76 9.34 -21.78
C LEU C 56 1.24 10.66 -22.44
N SER C 57 2.51 11.06 -22.29
CA SER C 57 3.02 12.31 -22.88
C SER C 57 2.40 12.58 -24.27
N GLU C 80 -9.99 12.71 -26.18
CA GLU C 80 -10.83 13.72 -25.53
C GLU C 80 -12.22 13.16 -25.23
N ARG C 81 -12.86 12.68 -26.28
CA ARG C 81 -14.20 12.11 -26.20
C ARG C 81 -14.22 10.81 -25.36
N ASP C 82 -13.07 10.12 -25.31
CA ASP C 82 -12.96 8.87 -24.56
C ASP C 82 -13.34 9.03 -23.08
N ARG C 83 -13.42 10.29 -22.60
CA ARG C 83 -13.78 10.54 -21.19
C ARG C 83 -15.12 9.89 -20.85
N ASP C 84 -16.04 9.84 -21.83
CA ASP C 84 -17.36 9.26 -21.61
C ASP C 84 -17.23 7.80 -21.17
N ARG C 85 -16.30 7.06 -21.78
CA ARG C 85 -16.09 5.65 -21.41
C ARG C 85 -15.45 5.54 -20.03
N SER C 86 -14.40 6.33 -19.79
CA SER C 86 -13.71 6.30 -18.50
C SER C 86 -14.70 6.61 -17.39
N ILE C 87 -15.68 7.50 -17.65
CA ILE C 87 -16.69 7.83 -16.62
C ILE C 87 -17.33 6.53 -16.08
N ARG C 88 -17.30 5.44 -16.87
CA ARG C 88 -17.85 4.16 -16.40
C ARG C 88 -17.10 3.70 -15.13
N LEU C 89 -15.86 4.17 -14.97
CA LEU C 89 -15.03 3.82 -13.81
C LEU C 89 -15.66 4.26 -12.49
N VAL C 90 -16.51 5.31 -12.52
CA VAL C 90 -17.17 5.78 -11.29
C VAL C 90 -17.92 4.59 -10.70
N ASN C 91 -18.76 4.00 -11.54
CA ASN C 91 -19.49 2.79 -11.20
C ASN C 91 -18.55 1.57 -11.16
N GLY C 92 -17.41 1.68 -11.87
CA GLY C 92 -16.45 0.59 -11.97
C GLY C 92 -15.95 0.15 -10.59
N SER C 93 -16.05 1.03 -9.59
CA SER C 93 -15.61 0.69 -8.23
C SER C 93 -16.44 -0.49 -7.72
N LEU C 94 -17.75 -0.47 -8.00
CA LEU C 94 -18.65 -1.53 -7.60
C LEU C 94 -18.34 -2.81 -8.37
N ALA C 95 -18.16 -2.69 -9.69
CA ALA C 95 -17.85 -3.83 -10.55
C ALA C 95 -16.50 -4.45 -10.20
N LEU C 96 -15.52 -3.60 -9.80
CA LEU C 96 -14.18 -4.10 -9.47
C LEU C 96 -14.24 -5.09 -8.31
N ILE C 97 -14.99 -4.75 -7.27
CA ILE C 97 -15.16 -5.64 -6.11
C ILE C 97 -15.93 -6.89 -6.55
N TRP C 98 -16.95 -6.65 -7.37
CA TRP C 98 -17.81 -7.71 -7.89
C TRP C 98 -17.02 -8.66 -8.81
N ASP C 99 -16.00 -8.17 -9.51
CA ASP C 99 -15.22 -9.01 -10.43
C ASP C 99 -14.68 -10.24 -9.71
N ASP C 100 -14.13 -10.04 -8.50
CA ASP C 100 -13.59 -11.14 -7.70
C ASP C 100 -14.71 -12.05 -7.19
N LEU C 101 -15.79 -11.45 -6.68
CA LEU C 101 -16.92 -12.21 -6.14
C LEU C 101 -17.69 -13.00 -7.21
N ARG C 102 -17.87 -12.38 -8.38
CA ARG C 102 -18.63 -13.00 -9.47
C ARG C 102 -17.93 -14.23 -10.07
N SER C 103 -16.65 -14.12 -10.43
CA SER C 103 -15.92 -15.24 -11.02
C SER C 103 -15.71 -16.35 -9.98
N LEU C 104 -15.34 -15.91 -8.78
CA LEU C 104 -15.07 -16.82 -7.65
C LEU C 104 -16.33 -17.57 -7.18
N SER C 105 -17.43 -16.87 -6.91
CA SER C 105 -18.65 -17.52 -6.41
C SER C 105 -19.69 -17.79 -7.51
N LEU C 106 -19.78 -16.89 -8.50
CA LEU C 106 -20.77 -17.02 -9.60
C LEU C 106 -22.16 -16.65 -9.06
N PHE C 107 -23.16 -16.65 -9.95
CA PHE C 107 -24.55 -16.29 -9.60
C PHE C 107 -24.95 -16.80 -8.20
N SER C 108 -25.04 -18.13 -8.03
CA SER C 108 -25.42 -18.73 -6.75
C SER C 108 -24.17 -19.14 -5.96
N TYR C 109 -24.34 -19.35 -4.64
CA TYR C 109 -23.21 -19.75 -3.79
C TYR C 109 -22.85 -21.22 -4.04
N HIS C 110 -23.83 -22.05 -4.44
CA HIS C 110 -23.56 -23.46 -4.74
C HIS C 110 -22.43 -23.55 -5.78
N ARG C 111 -22.36 -22.54 -6.66
CA ARG C 111 -21.34 -22.46 -7.70
C ARG C 111 -19.96 -22.17 -7.09
N LEU C 112 -19.94 -21.45 -5.96
CA LEU C 112 -18.68 -21.09 -5.30
C LEU C 112 -17.93 -22.36 -4.89
N ARG C 113 -18.65 -23.33 -4.33
CA ARG C 113 -18.03 -24.59 -3.92
C ARG C 113 -17.33 -25.23 -5.13
N ASP C 114 -17.94 -25.09 -6.30
CA ASP C 114 -17.37 -25.62 -7.54
C ASP C 114 -16.12 -24.82 -7.93
N LEU C 115 -16.16 -23.49 -7.74
CA LEU C 115 -15.01 -22.65 -8.08
C LEU C 115 -13.82 -22.99 -7.19
N LEU C 116 -14.07 -23.26 -5.91
CA LEU C 116 -12.99 -23.58 -4.97
C LEU C 116 -12.20 -24.80 -5.46
N LEU C 117 -12.89 -25.77 -6.04
CA LEU C 117 -12.23 -26.95 -6.59
C LEU C 117 -11.53 -26.60 -7.90
N ILE C 118 -12.16 -25.72 -8.69
CA ILE C 118 -11.61 -25.31 -9.97
C ILE C 118 -10.25 -24.61 -9.79
N VAL C 119 -10.17 -23.66 -8.84
CA VAL C 119 -8.90 -22.93 -8.63
C VAL C 119 -7.75 -23.91 -8.35
N THR C 120 -8.00 -24.96 -7.57
CA THR C 120 -6.93 -25.91 -7.25
C THR C 120 -6.37 -26.55 -8.52
N ARG C 121 -7.26 -27.04 -9.39
CA ARG C 121 -6.80 -27.67 -10.62
C ARG C 121 -6.17 -26.64 -11.58
N ILE C 122 -6.72 -25.42 -11.60
CA ILE C 122 -6.22 -24.40 -12.52
C ILE C 122 -4.72 -24.17 -12.37
N VAL C 123 -4.16 -24.19 -11.14
CA VAL C 123 -2.71 -23.97 -11.02
C VAL C 123 -1.97 -24.94 -11.96
N GLU C 124 -2.48 -26.18 -12.08
CA GLU C 124 -1.85 -27.15 -12.98
C GLU C 124 -1.94 -26.66 -14.45
N LEU C 125 -3.11 -26.12 -14.84
CA LEU C 125 -3.35 -25.67 -16.23
C LEU C 125 -2.55 -24.41 -16.64
N LEU C 126 -2.48 -23.39 -15.78
CA LEU C 126 -1.73 -22.16 -16.16
C LEU C 126 -0.22 -22.39 -15.92
N GLY C 127 0.13 -23.29 -15.00
CA GLY C 127 1.54 -23.61 -14.72
C GLY C 127 2.32 -23.87 -16.02
N ARG C 128 1.63 -24.46 -17.01
CA ARG C 128 2.25 -24.76 -18.31
C ARG C 128 1.79 -23.72 -19.34
N ARG C 129 2.75 -23.12 -20.05
CA ARG C 129 2.43 -22.12 -21.07
C ARG C 129 1.68 -22.75 -22.24
N LEU A 1 -0.31 4.62 43.39
CA LEU A 1 -0.40 4.56 41.90
C LEU A 1 0.99 4.25 41.32
N LEU A 2 1.13 3.06 40.75
CA LEU A 2 2.41 2.62 40.15
C LEU A 2 3.51 2.59 41.22
N GLU A 3 3.97 1.37 41.53
CA GLU A 3 5.02 1.17 42.53
C GLU A 3 5.38 -0.33 42.59
N LEU A 4 6.33 -0.69 43.44
CA LEU A 4 6.74 -2.10 43.56
C LEU A 4 5.52 -2.99 43.85
N ASP A 5 4.63 -2.50 44.71
CA ASP A 5 3.44 -3.25 45.08
C ASP A 5 2.39 -3.27 43.97
N LYS A 6 2.31 -2.19 43.20
CA LYS A 6 1.33 -2.10 42.11
C LYS A 6 1.79 -2.90 40.89
N TRP A 7 3.06 -2.77 40.53
CA TRP A 7 3.61 -3.49 39.37
C TRP A 7 3.59 -4.99 39.63
N ALA A 8 4.02 -5.40 40.83
CA ALA A 8 4.05 -6.82 41.18
C ALA A 8 2.63 -7.40 41.28
N SER A 9 1.63 -6.52 41.48
CA SER A 9 0.24 -6.95 41.61
C SER A 9 -0.27 -7.56 40.31
N LEU A 10 0.11 -6.97 39.17
CA LEU A 10 -0.34 -7.46 37.87
C LEU A 10 0.08 -8.92 37.62
N TRP A 11 1.18 -9.35 38.24
CA TRP A 11 1.69 -10.71 38.05
C TRP A 11 0.66 -11.77 38.49
N ASN A 12 -0.26 -11.41 39.40
CA ASN A 12 -1.27 -12.36 39.88
C ASN A 12 -2.52 -12.38 38.95
N TRP A 13 -2.65 -11.35 38.10
CA TRP A 13 -3.79 -11.28 37.17
C TRP A 13 -3.74 -12.41 36.15
N PHE A 14 -2.55 -12.65 35.58
CA PHE A 14 -2.35 -13.72 34.60
C PHE A 14 -3.28 -13.54 33.37
N ASP A 15 -3.41 -12.30 32.89
CA ASP A 15 -4.26 -12.02 31.74
C ASP A 15 -3.92 -10.67 31.08
N ILE A 16 -4.21 -9.57 31.78
CA ILE A 16 -3.96 -8.22 31.27
C ILE A 16 -2.45 -7.93 31.19
N THR A 17 -1.68 -8.42 32.15
CA THR A 17 -0.25 -8.13 32.21
C THR A 17 0.46 -8.45 30.89
N ASN A 18 0.02 -9.48 30.17
CA ASN A 18 0.65 -9.83 28.90
C ASN A 18 0.42 -8.72 27.87
N TRP A 19 -0.83 -8.29 27.72
CA TRP A 19 -1.17 -7.20 26.79
C TRP A 19 -0.53 -5.88 27.26
N LEU A 20 -0.62 -5.60 28.56
CA LEU A 20 -0.11 -4.36 29.14
C LEU A 20 1.41 -4.23 29.01
N TRP A 21 2.14 -5.36 29.12
CA TRP A 21 3.61 -5.31 29.05
C TRP A 21 4.17 -5.60 27.65
N TYR A 22 3.61 -6.60 26.94
CA TYR A 22 4.14 -6.95 25.61
C TYR A 22 3.82 -5.88 24.55
N ILE A 23 3.06 -4.83 24.92
CA ILE A 23 2.73 -3.77 23.96
C ILE A 23 4.02 -3.09 23.46
N ARG A 24 5.03 -2.94 24.34
CA ARG A 24 6.30 -2.30 23.98
C ARG A 24 6.95 -3.05 22.80
N ILE A 25 6.99 -4.38 22.89
CA ILE A 25 7.56 -5.20 21.82
C ILE A 25 6.60 -5.15 20.61
N PHE A 26 5.30 -5.06 20.90
CA PHE A 26 4.26 -5.02 19.87
C PHE A 26 4.39 -3.76 18.99
N ILE A 27 4.94 -2.67 19.55
CA ILE A 27 5.09 -1.42 18.78
C ILE A 27 6.00 -1.67 17.58
N ILE A 28 7.14 -2.31 17.83
CA ILE A 28 8.09 -2.64 16.77
C ILE A 28 7.40 -3.55 15.74
N ILE A 29 6.54 -4.45 16.23
CA ILE A 29 5.80 -5.37 15.36
C ILE A 29 4.93 -4.56 14.38
N VAL A 30 4.33 -3.46 14.85
CA VAL A 30 3.49 -2.62 13.98
C VAL A 30 4.29 -2.20 12.74
N GLY A 31 5.57 -1.86 12.94
CA GLY A 31 6.45 -1.48 11.84
C GLY A 31 6.57 -2.62 10.83
N SER A 32 6.53 -3.86 11.33
CA SER A 32 6.61 -5.05 10.49
C SER A 32 5.39 -5.18 9.58
N LEU A 33 4.23 -4.83 10.14
CA LEU A 33 2.96 -4.95 9.44
C LEU A 33 2.87 -4.12 8.15
N ILE A 34 3.30 -2.85 8.18
CA ILE A 34 3.22 -2.01 6.98
C ILE A 34 4.07 -2.63 5.87
N GLY A 35 5.26 -3.12 6.21
CA GLY A 35 6.15 -3.77 5.24
C GLY A 35 5.46 -5.00 4.65
N LEU A 36 4.74 -5.75 5.50
CA LEU A 36 4.00 -6.95 5.08
C LEU A 36 2.93 -6.55 4.07
N ARG A 37 2.27 -5.43 4.33
CA ARG A 37 1.21 -4.88 3.48
C ARG A 37 1.67 -4.66 2.04
N ILE A 38 2.97 -4.41 1.85
CA ILE A 38 3.51 -4.13 0.51
C ILE A 38 3.19 -5.32 -0.43
N VAL A 39 3.19 -6.56 0.10
CA VAL A 39 2.87 -7.73 -0.72
C VAL A 39 1.51 -7.54 -1.42
N PHE A 40 0.60 -6.76 -0.79
CA PHE A 40 -0.73 -6.50 -1.36
C PHE A 40 -0.62 -5.95 -2.77
N ALA A 41 0.48 -5.24 -3.06
CA ALA A 41 0.68 -4.67 -4.40
C ALA A 41 0.60 -5.80 -5.43
N VAL A 42 1.13 -7.00 -5.09
CA VAL A 42 1.03 -8.15 -6.01
C VAL A 42 -0.46 -8.49 -6.26
N LEU A 43 -1.30 -8.33 -5.23
CA LEU A 43 -2.73 -8.61 -5.31
C LEU A 43 -3.41 -7.73 -6.36
N SER A 44 -3.05 -6.44 -6.40
CA SER A 44 -3.64 -5.53 -7.40
C SER A 44 -3.29 -6.01 -8.81
N LEU A 45 -2.10 -6.62 -8.94
CA LEU A 45 -1.65 -7.17 -10.20
C LEU A 45 -2.62 -8.27 -10.64
N VAL A 46 -2.94 -9.12 -9.69
CA VAL A 46 -3.88 -10.23 -9.89
C VAL A 46 -5.26 -9.67 -10.18
N ASN A 47 -5.66 -8.67 -9.39
CA ASN A 47 -6.96 -8.05 -9.52
C ASN A 47 -7.16 -7.37 -10.89
N ARG A 48 -6.13 -6.75 -11.45
CA ARG A 48 -6.28 -6.08 -12.74
C ARG A 48 -6.77 -7.07 -13.79
N VAL A 49 -6.10 -8.22 -13.83
CA VAL A 49 -6.42 -9.28 -14.76
C VAL A 49 -7.68 -10.04 -14.30
N ARG A 50 -7.71 -10.34 -13.00
CA ARG A 50 -8.83 -11.10 -12.40
C ARG A 50 -10.15 -10.31 -12.22
N GLN A 51 -10.15 -8.97 -12.31
CA GLN A 51 -11.40 -8.20 -12.08
C GLN A 51 -12.08 -7.72 -13.38
N GLY A 52 -11.42 -7.91 -14.52
CA GLY A 52 -11.97 -7.52 -15.82
C GLY A 52 -11.27 -6.27 -16.40
N TYR A 53 -10.07 -5.95 -15.89
CA TYR A 53 -9.31 -4.79 -16.38
C TYR A 53 -10.19 -3.49 -16.32
N SER A 54 -10.37 -2.75 -17.44
CA SER A 54 -11.17 -1.54 -17.45
C SER A 54 -12.62 -1.87 -17.09
N PRO A 55 -13.43 -0.90 -16.63
CA PRO A 55 -14.84 -1.18 -16.25
C PRO A 55 -15.54 -2.06 -17.30
N LEU A 56 -15.73 -3.36 -16.98
CA LEU A 56 -16.36 -4.30 -17.93
C LEU A 56 -17.85 -4.53 -17.66
N SER A 57 -18.32 -4.25 -16.44
CA SER A 57 -19.73 -4.44 -16.07
C SER A 57 -20.25 -5.82 -16.57
N GLU A 80 -15.26 -15.65 -18.29
CA GLU A 80 -14.02 -15.41 -19.04
C GLU A 80 -12.95 -16.44 -18.66
N ARG A 81 -12.37 -17.07 -19.67
CA ARG A 81 -11.31 -18.07 -19.47
C ARG A 81 -10.12 -17.47 -18.70
N ASP A 82 -9.95 -16.14 -18.78
CA ASP A 82 -8.82 -15.47 -18.14
C ASP A 82 -8.72 -15.78 -16.64
N ARG A 83 -9.76 -16.38 -16.03
CA ARG A 83 -9.71 -16.75 -14.61
C ARG A 83 -8.65 -17.84 -14.41
N ASP A 84 -8.62 -18.81 -15.32
CA ASP A 84 -7.62 -19.87 -15.27
C ASP A 84 -6.23 -19.24 -15.48
N ARG A 85 -6.18 -18.23 -16.35
CA ARG A 85 -4.95 -17.50 -16.64
C ARG A 85 -4.50 -16.67 -15.43
N SER A 86 -5.47 -16.10 -14.71
CA SER A 86 -5.16 -15.30 -13.53
C SER A 86 -4.51 -16.19 -12.47
N ILE A 87 -5.09 -17.38 -12.25
CA ILE A 87 -4.52 -18.33 -11.28
C ILE A 87 -3.04 -18.61 -11.61
N ARG A 88 -2.62 -18.37 -12.87
CA ARG A 88 -1.22 -18.59 -13.24
C ARG A 88 -0.31 -17.72 -12.37
N LEU A 89 -0.83 -16.55 -11.97
CA LEU A 89 -0.08 -15.64 -11.11
C LEU A 89 0.23 -16.31 -9.75
N VAL A 90 -0.47 -17.42 -9.41
CA VAL A 90 -0.22 -18.12 -8.13
C VAL A 90 1.27 -18.46 -8.06
N ASN A 91 1.73 -19.15 -9.08
CA ASN A 91 3.15 -19.45 -9.23
C ASN A 91 3.89 -18.17 -9.63
N GLY A 92 3.13 -17.24 -10.20
CA GLY A 92 3.63 -15.95 -10.65
C GLY A 92 4.30 -15.19 -9.52
N SER A 93 4.02 -15.55 -8.26
CA SER A 93 4.64 -14.88 -7.12
C SER A 93 6.18 -15.01 -7.23
N LEU A 94 6.64 -16.19 -7.71
CA LEU A 94 8.08 -16.40 -7.91
C LEU A 94 8.55 -15.47 -9.04
N ALA A 95 7.84 -15.51 -10.17
CA ALA A 95 8.17 -14.67 -11.32
C ALA A 95 8.10 -13.17 -10.98
N LEU A 96 7.16 -12.80 -10.10
CA LEU A 96 6.94 -11.39 -9.75
C LEU A 96 8.19 -10.75 -9.18
N ILE A 97 8.89 -11.43 -8.27
CA ILE A 97 10.14 -10.89 -7.73
C ILE A 97 11.13 -10.74 -8.91
N TRP A 98 11.03 -11.67 -9.85
CA TRP A 98 11.85 -11.69 -11.05
C TRP A 98 11.48 -10.54 -12.02
N ASP A 99 10.21 -10.08 -12.02
CA ASP A 99 9.80 -9.01 -12.96
C ASP A 99 10.72 -7.79 -12.79
N ASP A 100 10.92 -7.37 -11.54
CA ASP A 100 11.79 -6.22 -11.25
C ASP A 100 13.28 -6.56 -11.49
N LEU A 101 13.70 -7.75 -11.02
CA LEU A 101 15.09 -8.19 -11.14
C LEU A 101 15.50 -8.44 -12.60
N ARG A 102 14.55 -8.82 -13.44
CA ARG A 102 14.83 -9.13 -14.85
C ARG A 102 15.12 -7.88 -15.70
N SER A 103 14.56 -6.73 -15.32
CA SER A 103 14.79 -5.51 -16.10
C SER A 103 16.21 -4.97 -15.85
N LEU A 104 16.60 -4.92 -14.58
CA LEU A 104 17.93 -4.41 -14.20
C LEU A 104 19.07 -5.35 -14.65
N SER A 105 19.00 -6.62 -14.25
CA SER A 105 20.04 -7.59 -14.60
C SER A 105 19.63 -8.46 -15.81
N LEU A 106 18.41 -9.01 -15.75
CA LEU A 106 17.87 -9.90 -16.80
C LEU A 106 18.44 -11.32 -16.66
N PHE A 107 19.75 -11.50 -16.89
CA PHE A 107 20.37 -12.82 -16.80
C PHE A 107 21.35 -12.90 -15.62
N SER A 108 22.39 -12.07 -15.65
CA SER A 108 23.40 -12.07 -14.58
C SER A 108 23.48 -10.70 -13.91
N TYR A 109 23.99 -10.67 -12.67
CA TYR A 109 24.11 -9.42 -11.92
C TYR A 109 25.14 -8.50 -12.58
N HIS A 110 26.06 -9.05 -13.39
CA HIS A 110 27.05 -8.23 -14.10
C HIS A 110 26.31 -7.18 -14.94
N ARG A 111 25.23 -7.63 -15.57
CA ARG A 111 24.35 -6.78 -16.37
C ARG A 111 23.65 -5.74 -15.49
N LEU A 112 23.44 -6.08 -14.21
CA LEU A 112 22.76 -5.18 -13.28
C LEU A 112 23.54 -3.87 -13.20
N ARG A 113 24.87 -3.96 -13.24
CA ARG A 113 25.73 -2.78 -13.25
C ARG A 113 25.56 -2.04 -14.60
N ASP A 114 25.32 -2.79 -15.68
CA ASP A 114 25.15 -2.20 -17.00
C ASP A 114 23.88 -1.34 -17.06
N LEU A 115 22.73 -1.86 -16.57
CA LEU A 115 21.50 -1.06 -16.61
C LEU A 115 21.66 0.22 -15.80
N LEU A 116 22.35 0.16 -14.67
CA LEU A 116 22.51 1.33 -13.80
C LEU A 116 23.19 2.49 -14.54
N LEU A 117 24.14 2.20 -15.42
CA LEU A 117 24.82 3.28 -16.15
C LEU A 117 23.93 3.87 -17.25
N ILE A 118 23.33 3.00 -18.05
CA ILE A 118 22.46 3.45 -19.13
C ILE A 118 21.15 4.03 -18.60
N VAL A 119 20.61 3.43 -17.53
CA VAL A 119 19.35 3.94 -16.95
C VAL A 119 19.56 5.40 -16.55
N THR A 120 20.70 5.69 -15.89
CA THR A 120 21.01 7.07 -15.52
C THR A 120 21.18 7.92 -16.79
N ARG A 121 21.74 7.30 -17.83
CA ARG A 121 22.00 7.95 -19.10
C ARG A 121 20.74 8.47 -19.80
N ILE A 122 19.69 7.65 -19.84
CA ILE A 122 18.47 8.06 -20.53
C ILE A 122 17.82 9.26 -19.85
N VAL A 123 17.77 9.30 -18.50
CA VAL A 123 17.19 10.46 -17.84
C VAL A 123 18.02 11.73 -18.12
N GLU A 124 19.36 11.60 -18.16
CA GLU A 124 20.21 12.77 -18.41
C GLU A 124 19.99 13.32 -19.83
N LEU A 125 19.95 12.43 -20.82
CA LEU A 125 19.76 12.83 -22.21
C LEU A 125 18.33 13.34 -22.46
N LEU A 126 17.34 12.66 -21.86
CA LEU A 126 15.95 13.04 -22.07
C LEU A 126 15.66 14.42 -21.46
N GLY A 127 16.27 14.69 -20.29
CA GLY A 127 16.16 15.96 -19.52
C GLY A 127 15.52 17.12 -20.28
N ARG A 128 14.27 16.94 -20.69
CA ARG A 128 13.53 17.96 -21.42
C ARG A 128 12.09 18.08 -20.92
N ARG A 129 11.53 19.30 -20.98
CA ARG A 129 10.16 19.55 -20.53
C ARG A 129 9.94 19.00 -19.11
N LEU B 1 11.94 -2.90 43.02
CA LEU B 1 11.40 -3.01 41.63
C LEU B 1 10.59 -1.75 41.32
N LEU B 2 10.97 -1.07 40.24
CA LEU B 2 10.29 0.15 39.81
C LEU B 2 10.27 1.17 40.94
N GLU B 3 11.24 2.09 40.93
CA GLU B 3 11.34 3.14 41.95
C GLU B 3 12.45 4.12 41.57
N LEU B 4 12.48 5.29 42.21
CA LEU B 4 13.51 6.31 41.94
C LEU B 4 14.90 5.68 42.09
N ASP B 5 15.05 4.82 43.09
CA ASP B 5 16.32 4.18 43.37
C ASP B 5 16.77 3.27 42.23
N LYS B 6 15.81 2.58 41.62
CA LYS B 6 16.13 1.69 40.51
C LYS B 6 16.31 2.47 39.21
N TRP B 7 15.33 3.35 38.92
CA TRP B 7 15.38 4.19 37.73
C TRP B 7 16.67 5.00 37.72
N ALA B 8 17.01 5.58 38.87
CA ALA B 8 18.23 6.39 38.99
C ALA B 8 19.49 5.54 38.77
N SER B 9 19.41 4.25 39.10
CA SER B 9 20.55 3.34 38.94
C SER B 9 20.96 3.23 37.47
N LEU B 10 19.98 3.24 36.57
CA LEU B 10 20.25 3.12 35.13
C LEU B 10 21.16 4.26 34.62
N TRP B 11 21.16 5.39 35.33
CA TRP B 11 21.99 6.53 34.94
C TRP B 11 23.47 6.13 34.92
N ASN B 12 23.85 5.16 35.76
CA ASN B 12 25.22 4.65 35.80
C ASN B 12 25.42 3.50 34.79
N TRP B 13 24.32 3.05 34.15
CA TRP B 13 24.37 1.97 33.16
C TRP B 13 24.46 2.57 31.76
N PHE B 14 25.17 3.71 31.63
CA PHE B 14 25.32 4.43 30.36
C PHE B 14 25.52 3.50 29.14
N ASP B 15 24.40 3.06 28.56
CA ASP B 15 24.40 2.19 27.39
C ASP B 15 22.95 1.83 27.00
N ILE B 16 22.28 1.06 27.89
CA ILE B 16 20.90 0.62 27.68
C ILE B 16 19.91 1.80 27.74
N THR B 17 20.16 2.75 28.64
CA THR B 17 19.24 3.87 28.85
C THR B 17 18.86 4.58 27.54
N ASN B 18 19.79 4.65 26.58
CA ASN B 18 19.49 5.31 25.31
C ASN B 18 18.40 4.55 24.57
N TRP B 19 18.56 3.24 24.44
CA TRP B 19 17.55 2.40 23.79
C TRP B 19 16.25 2.41 24.63
N LEU B 20 16.41 2.28 25.93
CA LEU B 20 15.28 2.22 26.86
C LEU B 20 14.45 3.51 26.86
N TRP B 21 15.10 4.69 26.70
CA TRP B 21 14.39 5.96 26.73
C TRP B 21 14.11 6.54 25.33
N TYR B 22 15.10 6.54 24.44
CA TYR B 22 14.91 7.11 23.09
C TYR B 22 13.85 6.35 22.29
N ILE B 23 13.36 5.21 22.80
CA ILE B 23 12.34 4.44 22.09
C ILE B 23 11.07 5.29 21.89
N ARG B 24 10.72 6.14 22.86
CA ARG B 24 9.53 6.98 22.77
C ARG B 24 9.53 7.81 21.47
N ILE B 25 10.67 8.45 21.16
CA ILE B 25 10.79 9.23 19.92
C ILE B 25 10.79 8.25 18.74
N PHE B 26 11.40 7.09 18.94
CA PHE B 26 11.48 6.06 17.91
C PHE B 26 10.07 5.62 17.48
N ILE B 27 9.10 5.65 18.41
CA ILE B 27 7.73 5.25 18.09
C ILE B 27 7.18 6.16 16.99
N ILE B 28 7.38 7.46 17.14
CA ILE B 28 6.92 8.43 16.14
C ILE B 28 7.65 8.17 14.83
N ILE B 29 8.96 7.88 14.93
CA ILE B 29 9.78 7.60 13.77
C ILE B 29 9.22 6.36 13.04
N VAL B 30 8.75 5.35 13.79
CA VAL B 30 8.15 4.16 13.18
C VAL B 30 6.97 4.60 12.31
N GLY B 31 6.17 5.55 12.79
CA GLY B 31 5.02 6.05 12.01
C GLY B 31 5.45 6.67 10.67
N SER B 32 6.68 7.19 10.62
CA SER B 32 7.22 7.86 9.43
C SER B 32 7.29 6.97 8.17
N LEU B 33 7.69 5.71 8.31
CA LEU B 33 7.85 4.83 7.13
C LEU B 33 6.54 4.66 6.35
N ILE B 34 5.39 4.66 7.04
CA ILE B 34 4.10 4.51 6.35
C ILE B 34 3.84 5.73 5.45
N GLY B 35 4.16 6.94 5.93
CA GLY B 35 3.98 8.14 5.11
C GLY B 35 4.84 8.03 3.84
N LEU B 36 6.01 7.39 3.97
CA LEU B 36 6.93 7.17 2.84
C LEU B 36 6.34 6.15 1.85
N ARG B 37 5.66 5.15 2.40
CA ARG B 37 5.04 4.06 1.64
C ARG B 37 4.08 4.54 0.54
N ILE B 38 3.46 5.70 0.71
CA ILE B 38 2.49 6.18 -0.28
C ILE B 38 3.17 6.28 -1.67
N VAL B 39 4.46 6.64 -1.72
CA VAL B 39 5.19 6.72 -2.99
C VAL B 39 5.07 5.38 -3.77
N PHE B 40 4.90 4.26 -3.04
CA PHE B 40 4.76 2.94 -3.68
C PHE B 40 3.61 2.97 -4.69
N ALA B 41 2.59 3.79 -4.42
CA ALA B 41 1.47 3.93 -5.36
C ALA B 41 2.05 4.42 -6.70
N VAL B 42 3.04 5.30 -6.61
CA VAL B 42 3.76 5.81 -7.76
C VAL B 42 4.62 4.66 -8.37
N LEU B 43 5.24 3.88 -7.47
CA LEU B 43 6.09 2.73 -7.86
C LEU B 43 5.29 1.70 -8.65
N SER B 44 4.02 1.49 -8.29
CA SER B 44 3.20 0.49 -8.98
C SER B 44 3.02 0.87 -10.43
N LEU B 45 2.79 2.15 -10.72
CA LEU B 45 2.62 2.61 -12.08
C LEU B 45 3.88 2.29 -12.90
N VAL B 46 5.03 2.49 -12.27
CA VAL B 46 6.32 2.19 -12.87
C VAL B 46 6.45 0.67 -13.03
N ASN B 47 6.05 -0.05 -11.99
CA ASN B 47 6.10 -1.51 -11.97
C ASN B 47 5.19 -2.13 -13.05
N ARG B 48 4.04 -1.53 -13.32
CA ARG B 48 3.12 -2.09 -14.31
C ARG B 48 3.76 -2.01 -15.69
N VAL B 49 4.25 -0.84 -15.99
CA VAL B 49 4.85 -0.55 -17.28
C VAL B 49 6.26 -1.08 -17.47
N ARG B 50 7.08 -0.89 -16.46
CA ARG B 50 8.49 -1.27 -16.59
C ARG B 50 8.71 -2.78 -16.78
N GLN B 51 8.03 -3.62 -16.00
CA GLN B 51 8.21 -5.07 -16.13
C GLN B 51 7.07 -5.80 -16.85
N GLY B 52 5.89 -5.20 -16.83
CA GLY B 52 4.71 -5.80 -17.50
C GLY B 52 3.44 -5.63 -16.64
N TYR B 53 2.27 -5.85 -17.27
CA TYR B 53 0.97 -5.69 -16.55
C TYR B 53 0.33 -7.06 -16.26
N SER B 54 0.06 -7.87 -17.29
CA SER B 54 -0.54 -9.20 -17.09
C SER B 54 0.51 -10.15 -16.51
N PRO B 55 0.14 -11.26 -15.85
CA PRO B 55 1.14 -12.21 -15.27
C PRO B 55 2.43 -12.29 -16.11
N LEU B 56 3.59 -12.04 -15.47
CA LEU B 56 4.88 -12.01 -16.17
C LEU B 56 5.48 -13.38 -16.48
N SER B 57 4.98 -14.46 -15.85
CA SER B 57 5.53 -15.83 -16.06
C SER B 57 6.04 -16.04 -17.51
N GLU B 80 11.58 -7.60 -22.99
CA GLU B 80 11.56 -6.67 -21.84
C GLU B 80 12.50 -5.47 -22.07
N ARG B 81 12.76 -5.14 -23.35
CA ARG B 81 13.63 -4.02 -23.69
C ARG B 81 12.94 -2.67 -23.40
N ASP B 82 11.61 -2.65 -23.41
CA ASP B 82 10.84 -1.41 -23.18
C ASP B 82 11.20 -0.72 -21.85
N ARG B 83 11.97 -1.38 -20.96
CA ARG B 83 12.33 -0.75 -19.68
C ARG B 83 13.05 0.59 -19.94
N ASP B 84 13.76 0.71 -21.06
CA ASP B 84 14.41 1.97 -21.39
C ASP B 84 13.32 3.04 -21.55
N ARG B 85 12.22 2.67 -22.20
CA ARG B 85 11.09 3.58 -22.40
C ARG B 85 10.36 3.81 -21.08
N SER B 86 10.25 2.77 -20.24
CA SER B 86 9.57 2.89 -18.96
C SER B 86 10.20 4.01 -18.13
N ILE B 87 11.54 4.14 -18.24
CA ILE B 87 12.24 5.22 -17.52
C ILE B 87 11.61 6.59 -17.90
N ARG B 88 10.87 6.65 -19.01
CA ARG B 88 10.20 7.90 -19.41
C ARG B 88 9.24 8.31 -18.28
N LEU B 89 8.74 7.32 -17.52
CA LEU B 89 7.85 7.60 -16.39
C LEU B 89 8.54 8.57 -15.41
N VAL B 90 9.89 8.65 -15.47
CA VAL B 90 10.64 9.58 -14.62
C VAL B 90 10.08 10.97 -14.88
N ASN B 91 10.07 11.34 -16.16
CA ASN B 91 9.45 12.59 -16.62
C ASN B 91 7.92 12.45 -16.56
N GLY B 92 7.45 11.20 -16.63
CA GLY B 92 6.04 10.88 -16.62
C GLY B 92 5.34 11.43 -15.39
N SER B 93 6.10 11.74 -14.32
CA SER B 93 5.48 12.29 -13.11
C SER B 93 4.75 13.58 -13.47
N LEU B 94 5.34 14.37 -14.37
CA LEU B 94 4.74 15.63 -14.82
C LEU B 94 3.49 15.32 -15.65
N ALA B 95 3.63 14.41 -16.63
CA ALA B 95 2.52 14.02 -17.52
C ALA B 95 1.38 13.33 -16.75
N LEU B 96 1.73 12.55 -15.72
CA LEU B 96 0.74 11.81 -14.94
C LEU B 96 -0.25 12.75 -14.27
N ILE B 97 0.27 13.82 -13.66
CA ILE B 97 -0.59 14.83 -13.02
C ILE B 97 -1.46 15.51 -14.09
N TRP B 98 -0.84 15.75 -15.25
CA TRP B 98 -1.50 16.38 -16.39
C TRP B 98 -2.56 15.46 -17.02
N ASP B 99 -2.37 14.13 -16.96
CA ASP B 99 -3.32 13.20 -17.60
C ASP B 99 -4.74 13.44 -17.08
N ASP B 100 -4.91 13.52 -15.77
CA ASP B 100 -6.22 13.77 -15.16
C ASP B 100 -6.67 15.21 -15.43
N LEU B 101 -5.74 16.16 -15.32
CA LEU B 101 -6.04 17.60 -15.52
C LEU B 101 -6.39 17.97 -16.97
N ARG B 102 -5.82 17.26 -17.95
CA ARG B 102 -6.06 17.59 -19.36
C ARG B 102 -7.49 17.30 -19.80
N SER B 103 -7.99 16.10 -19.50
CA SER B 103 -9.35 15.71 -19.90
C SER B 103 -10.40 16.51 -19.10
N LEU B 104 -10.14 16.68 -17.81
CA LEU B 104 -11.04 17.41 -16.90
C LEU B 104 -11.26 18.86 -17.34
N SER B 105 -10.18 19.62 -17.56
CA SER B 105 -10.29 21.04 -17.94
C SER B 105 -10.15 21.25 -19.46
N LEU B 106 -9.73 20.21 -20.20
CA LEU B 106 -9.54 20.30 -21.65
C LEU B 106 -8.33 21.21 -21.96
N PHE B 107 -8.49 22.52 -21.79
CA PHE B 107 -7.39 23.46 -22.04
C PHE B 107 -7.37 24.55 -20.95
N SER B 108 -8.29 25.53 -21.04
CA SER B 108 -8.36 26.61 -20.05
C SER B 108 -9.10 26.12 -18.80
N TYR B 109 -8.73 26.66 -17.63
CA TYR B 109 -9.36 26.27 -16.38
C TYR B 109 -10.87 26.60 -16.41
N HIS B 110 -11.22 27.73 -17.04
CA HIS B 110 -12.62 28.13 -17.15
C HIS B 110 -13.43 26.99 -17.80
N ARG B 111 -12.82 26.35 -18.80
CA ARG B 111 -13.44 25.22 -19.49
C ARG B 111 -13.75 24.09 -18.47
N LEU B 112 -12.93 23.99 -17.42
CA LEU B 112 -13.12 22.96 -16.41
C LEU B 112 -14.50 23.13 -15.76
N ARG B 113 -14.92 24.39 -15.54
CA ARG B 113 -16.24 24.65 -14.97
C ARG B 113 -17.31 24.04 -15.89
N ASP B 114 -17.10 24.17 -17.21
CA ASP B 114 -18.02 23.61 -18.19
C ASP B 114 -18.01 22.08 -18.07
N LEU B 115 -16.79 21.51 -17.93
CA LEU B 115 -16.66 20.08 -17.78
C LEU B 115 -17.40 19.59 -16.54
N LEU B 116 -17.38 20.40 -15.48
CA LEU B 116 -18.03 20.02 -14.23
C LEU B 116 -19.52 19.72 -14.48
N LEU B 117 -20.15 20.48 -15.40
CA LEU B 117 -21.56 20.25 -15.71
C LEU B 117 -21.76 18.87 -16.35
N ILE B 118 -20.82 18.43 -17.19
CA ILE B 118 -20.92 17.10 -17.80
C ILE B 118 -20.71 16.04 -16.72
N VAL B 119 -19.81 16.32 -15.75
CA VAL B 119 -19.51 15.34 -14.70
C VAL B 119 -20.82 14.91 -14.00
N THR B 120 -21.70 15.86 -13.65
CA THR B 120 -22.99 15.48 -13.05
C THR B 120 -23.82 14.67 -14.06
N ARG B 121 -23.70 15.02 -15.33
CA ARG B 121 -24.42 14.36 -16.42
C ARG B 121 -24.04 12.86 -16.50
N ILE B 122 -22.79 12.54 -16.14
CA ILE B 122 -22.28 11.18 -16.18
C ILE B 122 -23.20 10.24 -15.39
N VAL B 123 -23.45 10.54 -14.12
CA VAL B 123 -24.32 9.68 -13.30
C VAL B 123 -25.75 9.67 -13.86
N GLU B 124 -26.21 10.83 -14.32
CA GLU B 124 -27.56 10.99 -14.85
C GLU B 124 -27.76 10.18 -16.14
N LEU B 125 -26.74 10.20 -17.01
CA LEU B 125 -26.81 9.49 -18.28
C LEU B 125 -26.76 7.98 -18.09
N LEU B 126 -25.86 7.54 -17.21
CA LEU B 126 -25.69 6.11 -16.95
C LEU B 126 -26.64 5.60 -15.84
N GLY B 127 -27.32 6.53 -15.15
CA GLY B 127 -28.24 6.17 -14.07
C GLY B 127 -29.33 5.21 -14.58
N ARG B 128 -29.79 5.45 -15.81
CA ARG B 128 -30.82 4.60 -16.42
C ARG B 128 -30.18 3.39 -17.11
N ARG B 129 -30.38 2.20 -16.54
CA ARG B 129 -29.81 0.97 -17.10
C ARG B 129 -30.90 0.19 -17.85
N LEU C 1 11.49 12.03 38.07
CA LEU C 1 12.15 10.78 38.60
C LEU C 1 11.22 9.57 38.46
N LEU C 2 10.03 9.75 37.87
CA LEU C 2 9.08 8.64 37.69
C LEU C 2 8.78 7.97 39.02
N GLU C 3 7.63 8.33 39.62
CA GLU C 3 7.20 7.77 40.90
C GLU C 3 5.75 8.13 41.18
N LEU C 4 5.15 7.48 42.18
CA LEU C 4 3.75 7.71 42.55
C LEU C 4 3.38 9.19 42.56
N ASP C 5 4.17 9.98 43.26
CA ASP C 5 3.91 11.41 43.38
C ASP C 5 4.19 12.19 42.10
N LYS C 6 5.11 11.69 41.27
CA LYS C 6 5.46 12.37 40.02
C LYS C 6 4.44 12.05 38.90
N TRP C 7 3.87 10.83 38.93
CA TRP C 7 2.89 10.44 37.92
C TRP C 7 1.60 11.24 38.10
N ALA C 8 1.13 11.34 39.34
CA ALA C 8 -0.10 12.07 39.65
C ALA C 8 0.06 13.58 39.40
N SER C 9 1.19 14.13 39.81
CA SER C 9 1.44 15.57 39.63
C SER C 9 1.45 15.93 38.12
N LEU C 10 1.77 14.94 37.28
CA LEU C 10 1.82 15.14 35.83
C LEU C 10 0.45 15.57 35.28
N TRP C 11 -0.62 15.04 35.89
CA TRP C 11 -2.00 15.37 35.45
C TRP C 11 -2.42 16.77 35.90
N ASN C 12 -1.69 17.37 36.84
CA ASN C 12 -1.99 18.71 37.32
C ASN C 12 -1.75 19.75 36.21
N TRP C 13 -0.75 19.48 35.37
CA TRP C 13 -0.40 20.37 34.27
C TRP C 13 -1.62 20.60 33.36
N PHE C 14 -2.40 19.53 33.14
CA PHE C 14 -3.61 19.60 32.32
C PHE C 14 -3.30 20.12 30.89
N ASP C 15 -2.20 19.62 30.30
CA ASP C 15 -1.81 20.03 28.94
C ASP C 15 -0.87 19.01 28.28
N ILE C 16 0.33 18.85 28.83
CA ILE C 16 1.34 17.94 28.28
C ILE C 16 0.90 16.47 28.43
N THR C 17 0.29 16.15 29.56
CA THR C 17 -0.15 14.78 29.84
C THR C 17 -1.00 14.21 28.70
N ASN C 18 -1.81 15.05 28.03
CA ASN C 18 -2.68 14.57 26.96
C ASN C 18 -1.87 13.98 25.80
N TRP C 19 -0.86 14.70 25.31
CA TRP C 19 -0.02 14.20 24.22
C TRP C 19 0.77 12.97 24.70
N LEU C 20 1.32 13.07 25.91
CA LEU C 20 2.12 11.99 26.48
C LEU C 20 1.30 10.71 26.72
N TRP C 21 0.03 10.87 27.11
CA TRP C 21 -0.83 9.72 27.40
C TRP C 21 -1.71 9.31 26.21
N TYR C 22 -1.92 10.21 25.25
CA TYR C 22 -2.75 9.88 24.08
C TYR C 22 -1.93 9.22 22.96
N ILE C 23 -0.60 9.40 23.01
CA ILE C 23 0.26 8.79 22.00
C ILE C 23 0.12 7.26 22.02
N ARG C 24 -0.04 6.68 23.22
CA ARG C 24 -0.19 5.23 23.37
C ARG C 24 -1.35 4.73 22.50
N ILE C 25 -2.49 5.42 22.56
CA ILE C 25 -3.65 5.07 21.74
C ILE C 25 -3.30 5.35 20.26
N PHE C 26 -2.51 6.41 20.05
CA PHE C 26 -2.08 6.81 18.72
C PHE C 26 -1.30 5.69 18.03
N ILE C 27 -0.61 4.86 18.82
CA ILE C 27 0.18 3.75 18.26
C ILE C 27 -0.75 2.75 17.57
N ILE C 28 -1.83 2.39 18.25
CA ILE C 28 -2.81 1.46 17.69
C ILE C 28 -3.49 2.10 16.48
N ILE C 29 -3.77 3.40 16.57
CA ILE C 29 -4.41 4.14 15.47
C ILE C 29 -3.53 4.05 14.22
N VAL C 30 -2.19 4.10 14.38
CA VAL C 30 -1.28 3.99 13.23
C VAL C 30 -1.61 2.69 12.48
N GLY C 31 -1.88 1.61 13.21
CA GLY C 31 -2.27 0.33 12.59
C GLY C 31 -3.45 0.57 11.65
N SER C 32 -4.39 1.40 12.11
CA SER C 32 -5.56 1.78 11.32
C SER C 32 -5.12 2.62 10.12
N LEU C 33 -4.13 3.48 10.36
CA LEU C 33 -3.59 4.36 9.32
C LEU C 33 -3.04 3.53 8.16
N ILE C 34 -2.31 2.46 8.50
CA ILE C 34 -1.73 1.58 7.47
C ILE C 34 -2.88 0.81 6.75
N GLY C 35 -3.87 0.33 7.51
CA GLY C 35 -5.00 -0.39 6.91
C GLY C 35 -5.75 0.51 5.92
N LEU C 36 -5.80 1.80 6.24
CA LEU C 36 -6.45 2.80 5.39
C LEU C 36 -5.87 2.74 3.97
N ARG C 37 -4.57 2.48 3.89
CA ARG C 37 -3.81 2.40 2.65
C ARG C 37 -4.36 1.41 1.61
N ILE C 38 -5.04 0.35 2.05
CA ILE C 38 -5.50 -0.69 1.10
C ILE C 38 -6.45 -0.10 0.03
N VAL C 39 -7.31 0.87 0.39
CA VAL C 39 -8.22 1.47 -0.60
C VAL C 39 -7.43 2.06 -1.79
N PHE C 40 -6.19 2.51 -1.51
CA PHE C 40 -5.34 3.09 -2.56
C PHE C 40 -5.10 2.09 -3.68
N ALA C 41 -5.06 0.79 -3.34
CA ALA C 41 -4.88 -0.26 -4.35
C ALA C 41 -6.04 -0.17 -5.34
N VAL C 42 -7.23 -0.03 -4.79
CA VAL C 42 -8.46 0.13 -5.58
C VAL C 42 -8.39 1.48 -6.34
N LEU C 43 -7.86 2.50 -5.67
CA LEU C 43 -7.71 3.84 -6.24
C LEU C 43 -6.76 3.81 -7.45
N SER C 44 -5.70 2.98 -7.35
CA SER C 44 -4.72 2.88 -8.43
C SER C 44 -5.34 2.22 -9.66
N LEU C 45 -6.20 1.23 -9.44
CA LEU C 45 -6.88 0.54 -10.52
C LEU C 45 -7.81 1.53 -11.22
N VAL C 46 -8.49 2.35 -10.42
CA VAL C 46 -9.40 3.36 -10.93
C VAL C 46 -8.59 4.44 -11.66
N ASN C 47 -7.49 4.85 -11.04
CA ASN C 47 -6.59 5.85 -11.60
C ASN C 47 -5.94 5.36 -12.90
N ARG C 48 -5.64 4.06 -12.95
CA ARG C 48 -4.97 3.47 -14.10
C ARG C 48 -5.83 3.59 -15.35
N VAL C 49 -7.08 3.19 -15.23
CA VAL C 49 -7.99 3.21 -16.35
C VAL C 49 -8.51 4.62 -16.65
N ARG C 50 -8.84 5.35 -15.59
CA ARG C 50 -9.38 6.70 -15.73
C ARG C 50 -8.32 7.74 -16.14
N GLN C 51 -7.11 7.64 -15.57
CA GLN C 51 -6.05 8.65 -15.83
C GLN C 51 -4.97 8.21 -16.85
N GLY C 52 -4.82 6.91 -17.05
CA GLY C 52 -3.82 6.37 -17.97
C GLY C 52 -3.00 5.26 -17.31
N TYR C 53 -2.17 4.54 -18.08
CA TYR C 53 -1.36 3.45 -17.55
C TYR C 53 0.10 3.55 -18.00
N SER C 54 0.34 3.64 -19.32
CA SER C 54 1.69 3.75 -19.85
C SER C 54 2.09 5.21 -19.96
N PRO C 55 3.40 5.55 -19.87
CA PRO C 55 3.86 6.96 -19.98
C PRO C 55 3.02 7.77 -20.99
N LEU C 56 2.05 8.53 -20.46
CA LEU C 56 1.13 9.28 -21.31
C LEU C 56 1.73 10.57 -21.89
N SER C 57 3.07 10.71 -21.87
CA SER C 57 3.72 11.89 -22.44
C SER C 57 3.22 12.14 -23.87
N GLU C 80 -9.42 11.72 -26.33
CA GLU C 80 -10.41 12.66 -25.78
C GLU C 80 -11.77 11.99 -25.59
N ARG C 81 -12.25 11.40 -26.66
CA ARG C 81 -13.55 10.72 -26.67
C ARG C 81 -13.59 9.53 -25.71
N ASP C 82 -12.42 8.93 -25.42
CA ASP C 82 -12.36 7.76 -24.53
C ASP C 82 -13.03 8.05 -23.16
N ARG C 83 -13.19 9.33 -22.81
CA ARG C 83 -13.83 9.71 -21.55
C ARG C 83 -15.29 9.33 -21.59
N ASP C 84 -15.94 9.37 -22.76
CA ASP C 84 -17.36 8.99 -22.85
C ASP C 84 -17.51 7.55 -22.33
N ARG C 85 -16.51 6.72 -22.64
CA ARG C 85 -16.46 5.33 -22.17
C ARG C 85 -16.16 5.31 -20.66
N SER C 86 -15.30 6.24 -20.20
CA SER C 86 -14.95 6.30 -18.78
C SER C 86 -16.21 6.46 -17.92
N ILE C 87 -17.30 7.03 -18.49
CA ILE C 87 -18.58 7.16 -17.72
C ILE C 87 -18.94 5.76 -17.16
N ARG C 88 -18.58 4.71 -17.91
CA ARG C 88 -18.85 3.33 -17.50
C ARG C 88 -18.18 2.99 -16.15
N LEU C 89 -17.14 3.74 -15.81
CA LEU C 89 -16.40 3.54 -14.56
C LEU C 89 -17.20 4.01 -13.34
N VAL C 90 -18.00 5.07 -13.49
CA VAL C 90 -18.76 5.57 -12.34
C VAL C 90 -19.62 4.44 -11.74
N ASN C 91 -20.45 3.78 -12.55
CA ASN C 91 -21.22 2.62 -12.10
C ASN C 91 -20.28 1.41 -11.92
N GLY C 92 -19.05 1.51 -12.47
CA GLY C 92 -18.07 0.44 -12.41
C GLY C 92 -17.74 0.01 -10.98
N SER C 93 -18.00 0.88 -9.99
CA SER C 93 -17.73 0.54 -8.60
C SER C 93 -18.51 -0.72 -8.21
N LEU C 94 -19.75 -0.82 -8.66
CA LEU C 94 -20.60 -1.98 -8.38
C LEU C 94 -20.05 -3.19 -9.13
N ALA C 95 -19.76 -3.01 -10.42
CA ALA C 95 -19.21 -4.09 -11.25
C ALA C 95 -17.89 -4.61 -10.68
N LEU C 96 -17.08 -3.71 -10.11
CA LEU C 96 -15.78 -4.07 -9.55
C LEU C 96 -15.94 -5.11 -8.46
N ILE C 97 -16.92 -4.90 -7.57
CA ILE C 97 -17.17 -5.84 -6.48
C ILE C 97 -17.70 -7.15 -7.04
N TRP C 98 -18.58 -7.06 -8.04
CA TRP C 98 -19.18 -8.25 -8.66
C TRP C 98 -18.14 -9.05 -9.47
N ASP C 99 -17.15 -8.38 -10.07
CA ASP C 99 -16.12 -9.09 -10.84
C ASP C 99 -15.41 -10.08 -9.92
N ASP C 100 -15.16 -9.67 -8.68
CA ASP C 100 -14.51 -10.49 -7.68
C ASP C 100 -15.42 -11.65 -7.22
N LEU C 101 -16.69 -11.32 -6.95
CA LEU C 101 -17.68 -12.30 -6.47
C LEU C 101 -18.08 -13.31 -7.55
N ARG C 102 -18.26 -12.83 -8.77
CA ARG C 102 -18.68 -13.67 -9.89
C ARG C 102 -17.58 -14.62 -10.38
N SER C 103 -16.33 -14.16 -10.45
CA SER C 103 -15.25 -15.04 -10.90
C SER C 103 -15.06 -16.18 -9.90
N LEU C 104 -15.05 -15.81 -8.61
CA LEU C 104 -14.88 -16.78 -7.53
C LEU C 104 -16.10 -17.72 -7.37
N SER C 105 -17.29 -17.14 -7.19
CA SER C 105 -18.53 -17.92 -6.99
C SER C 105 -19.37 -18.09 -8.26
N LEU C 106 -19.53 -16.99 -9.02
CA LEU C 106 -20.37 -16.94 -10.24
C LEU C 106 -21.84 -16.64 -9.87
N PHE C 107 -22.50 -17.52 -9.11
CA PHE C 107 -23.90 -17.28 -8.72
C PHE C 107 -24.15 -17.57 -7.23
N SER C 108 -24.19 -18.86 -6.85
CA SER C 108 -24.45 -19.25 -5.46
C SER C 108 -23.18 -19.75 -4.80
N TYR C 109 -23.15 -19.73 -3.45
CA TYR C 109 -21.99 -20.21 -2.71
C TYR C 109 -21.72 -21.69 -3.02
N HIS C 110 -22.77 -22.44 -3.38
CA HIS C 110 -22.61 -23.85 -3.73
C HIS C 110 -21.66 -23.96 -4.92
N ARG C 111 -21.84 -23.03 -5.89
CA ARG C 111 -21.00 -23.00 -7.08
C ARG C 111 -19.56 -22.59 -6.71
N LEU C 112 -19.41 -21.78 -5.65
CA LEU C 112 -18.08 -21.35 -5.19
C LEU C 112 -17.29 -22.61 -4.79
N ARG C 113 -18.00 -23.64 -4.31
CA ARG C 113 -17.37 -24.89 -3.93
C ARG C 113 -16.60 -25.46 -5.14
N ASP C 114 -17.20 -25.32 -6.32
CA ASP C 114 -16.56 -25.80 -7.56
C ASP C 114 -15.29 -24.99 -7.84
N LEU C 115 -15.32 -23.67 -7.51
CA LEU C 115 -14.14 -22.82 -7.71
C LEU C 115 -12.95 -23.39 -6.92
N LEU C 116 -13.23 -23.90 -5.72
CA LEU C 116 -12.18 -24.47 -4.87
C LEU C 116 -11.48 -25.61 -5.64
N LEU C 117 -12.24 -26.37 -6.42
CA LEU C 117 -11.67 -27.45 -7.22
C LEU C 117 -10.89 -26.85 -8.41
N ILE C 118 -11.42 -25.74 -8.97
CA ILE C 118 -10.78 -25.08 -10.11
C ILE C 118 -9.38 -24.57 -9.73
N VAL C 119 -9.23 -23.97 -8.53
CA VAL C 119 -7.91 -23.45 -8.15
C VAL C 119 -6.91 -24.61 -8.03
N THR C 120 -7.32 -25.70 -7.36
CA THR C 120 -6.45 -26.86 -7.19
C THR C 120 -6.11 -27.53 -8.52
N ARG C 121 -7.11 -27.68 -9.39
CA ARG C 121 -6.91 -28.34 -10.67
C ARG C 121 -6.00 -27.52 -11.61
N ILE C 122 -6.05 -26.19 -11.50
CA ILE C 122 -5.24 -25.33 -12.37
C ILE C 122 -3.74 -25.45 -12.02
N VAL C 123 -3.36 -25.44 -10.73
CA VAL C 123 -1.94 -25.55 -10.36
C VAL C 123 -1.30 -26.81 -10.97
N GLU C 124 -2.04 -27.94 -11.01
CA GLU C 124 -1.49 -29.19 -11.56
C GLU C 124 -1.00 -29.01 -13.01
N LEU C 125 -1.78 -28.28 -13.82
CA LEU C 125 -1.45 -28.04 -15.21
C LEU C 125 -0.11 -27.32 -15.34
N LEU C 126 0.12 -26.32 -14.48
CA LEU C 126 1.37 -25.56 -14.50
C LEU C 126 2.48 -26.32 -13.77
N GLY C 127 2.10 -27.20 -12.82
CA GLY C 127 3.06 -28.00 -12.03
C GLY C 127 4.21 -28.52 -12.91
N ARG C 128 3.88 -28.95 -14.13
CA ARG C 128 4.89 -29.44 -15.08
C ARG C 128 4.66 -28.86 -16.47
N ARG C 129 5.61 -28.05 -16.93
CA ARG C 129 5.52 -27.41 -18.24
C ARG C 129 6.53 -28.02 -19.21
N LEU A 1 -1.08 2.81 41.64
CA LEU A 1 -0.89 4.09 40.88
C LEU A 1 0.57 4.14 40.40
N LEU A 2 0.93 3.17 39.54
CA LEU A 2 2.29 3.08 39.01
C LEU A 2 3.31 3.02 40.14
N GLU A 3 3.67 1.79 40.54
CA GLU A 3 4.64 1.57 41.62
C GLU A 3 4.92 0.06 41.74
N LEU A 4 5.94 -0.31 42.53
CA LEU A 4 6.29 -1.72 42.70
C LEU A 4 5.06 -2.55 43.08
N ASP A 5 4.21 -1.99 43.92
CA ASP A 5 3.01 -2.68 44.40
C ASP A 5 1.98 -2.87 43.28
N LYS A 6 1.86 -1.88 42.39
CA LYS A 6 0.90 -1.97 41.30
C LYS A 6 1.46 -2.81 40.15
N TRP A 7 2.73 -2.60 39.83
CA TRP A 7 3.39 -3.36 38.78
C TRP A 7 3.46 -4.83 39.16
N ALA A 8 3.87 -5.10 40.41
CA ALA A 8 3.99 -6.47 40.90
C ALA A 8 2.61 -7.12 41.07
N SER A 9 1.63 -6.33 41.51
CA SER A 9 0.27 -6.83 41.72
C SER A 9 -0.31 -7.39 40.41
N LEU A 10 0.07 -6.78 39.29
CA LEU A 10 -0.41 -7.22 37.98
C LEU A 10 -0.01 -8.67 37.70
N TRP A 11 1.13 -9.12 38.26
CA TRP A 11 1.61 -10.50 38.05
C TRP A 11 0.60 -11.54 38.57
N ASN A 12 -0.30 -11.12 39.46
CA ASN A 12 -1.31 -12.01 40.02
C ASN A 12 -2.51 -12.16 39.07
N TRP A 13 -2.72 -11.15 38.22
CA TRP A 13 -3.84 -11.16 37.27
C TRP A 13 -3.76 -12.40 36.36
N PHE A 14 -2.55 -12.71 35.88
CA PHE A 14 -2.33 -13.87 35.01
C PHE A 14 -3.21 -13.84 33.76
N ASP A 15 -3.41 -12.64 33.19
CA ASP A 15 -4.22 -12.50 31.98
C ASP A 15 -3.93 -11.18 31.23
N ILE A 16 -4.30 -10.05 31.83
CA ILE A 16 -4.08 -8.73 31.21
C ILE A 16 -2.59 -8.39 31.13
N THR A 17 -1.83 -8.77 32.15
CA THR A 17 -0.40 -8.46 32.22
C THR A 17 0.34 -8.88 30.95
N ASN A 18 -0.08 -9.97 30.30
CA ASN A 18 0.59 -10.43 29.08
C ASN A 18 0.44 -9.37 27.99
N TRP A 19 -0.79 -8.89 27.78
CA TRP A 19 -1.05 -7.85 26.78
C TRP A 19 -0.36 -6.55 27.21
N LEU A 20 -0.48 -6.21 28.48
CA LEU A 20 0.12 -5.00 29.05
C LEU A 20 1.66 -5.02 28.94
N TRP A 21 2.28 -6.19 29.09
CA TRP A 21 3.74 -6.31 29.06
C TRP A 21 4.29 -6.78 27.71
N TYR A 22 3.42 -7.30 26.82
CA TYR A 22 3.88 -7.76 25.50
C TYR A 22 3.61 -6.72 24.40
N ILE A 23 3.00 -5.59 24.76
CA ILE A 23 2.71 -4.53 23.78
C ILE A 23 4.01 -3.94 23.23
N ARG A 24 5.04 -3.81 24.08
CA ARG A 24 6.33 -3.24 23.67
C ARG A 24 6.86 -3.97 22.43
N ILE A 25 6.83 -5.30 22.48
CA ILE A 25 7.26 -6.13 21.35
C ILE A 25 6.26 -5.92 20.18
N PHE A 26 5.02 -5.55 20.52
CA PHE A 26 3.97 -5.30 19.54
C PHE A 26 4.20 -3.97 18.79
N ILE A 27 4.79 -2.98 19.49
CA ILE A 27 5.02 -1.67 18.88
C ILE A 27 5.95 -1.80 17.67
N ILE A 28 7.06 -2.52 17.84
CA ILE A 28 8.03 -2.72 16.74
C ILE A 28 7.38 -3.60 15.66
N ILE A 29 6.57 -4.58 16.08
CA ILE A 29 5.88 -5.48 15.16
C ILE A 29 5.00 -4.67 14.18
N VAL A 30 4.34 -3.60 14.67
CA VAL A 30 3.49 -2.77 13.80
C VAL A 30 4.33 -2.30 12.60
N GLY A 31 5.59 -1.91 12.86
CA GLY A 31 6.49 -1.49 11.78
C GLY A 31 6.63 -2.63 10.77
N SER A 32 6.59 -3.87 11.26
CA SER A 32 6.67 -5.05 10.42
C SER A 32 5.43 -5.18 9.53
N LEU A 33 4.27 -4.83 10.11
CA LEU A 33 2.98 -4.94 9.42
C LEU A 33 2.92 -4.10 8.14
N ILE A 34 3.46 -2.87 8.18
CA ILE A 34 3.43 -2.00 6.99
C ILE A 34 4.28 -2.60 5.86
N GLY A 35 5.45 -3.16 6.20
CA GLY A 35 6.30 -3.79 5.19
C GLY A 35 5.57 -4.97 4.52
N LEU A 36 4.50 -5.46 5.18
CA LEU A 36 3.70 -6.55 4.64
C LEU A 36 2.97 -6.10 3.36
N ARG A 37 2.51 -4.84 3.37
CA ARG A 37 1.81 -4.23 2.23
C ARG A 37 2.62 -4.30 0.95
N ILE A 38 3.95 -4.32 1.04
CA ILE A 38 4.79 -4.35 -0.16
C ILE A 38 4.46 -5.61 -0.98
N VAL A 39 4.26 -6.77 -0.34
CA VAL A 39 3.89 -8.00 -1.07
C VAL A 39 2.46 -7.86 -1.64
N PHE A 40 1.61 -7.07 -0.95
CA PHE A 40 0.22 -6.84 -1.37
C PHE A 40 0.18 -6.30 -2.80
N ALA A 41 1.23 -5.59 -3.21
CA ALA A 41 1.28 -5.02 -4.56
C ALA A 41 1.11 -6.15 -5.59
N VAL A 42 1.70 -7.33 -5.31
CA VAL A 42 1.55 -8.47 -6.23
C VAL A 42 0.05 -8.85 -6.35
N LEU A 43 -0.69 -8.76 -5.23
CA LEU A 43 -2.13 -9.09 -5.21
C LEU A 43 -2.92 -8.16 -6.14
N SER A 44 -2.63 -6.85 -6.10
CA SER A 44 -3.35 -5.91 -6.96
C SER A 44 -3.09 -6.24 -8.44
N LEU A 45 -1.89 -6.76 -8.72
CA LEU A 45 -1.50 -7.16 -10.05
C LEU A 45 -2.41 -8.31 -10.50
N VAL A 46 -2.63 -9.24 -9.58
CA VAL A 46 -3.48 -10.40 -9.78
C VAL A 46 -4.93 -9.95 -9.93
N ASN A 47 -5.33 -8.99 -9.11
CA ASN A 47 -6.69 -8.45 -9.11
C ASN A 47 -7.03 -7.78 -10.45
N ARG A 48 -6.07 -7.05 -11.03
CA ARG A 48 -6.31 -6.35 -12.29
C ARG A 48 -6.64 -7.34 -13.40
N VAL A 49 -5.83 -8.37 -13.50
CA VAL A 49 -5.99 -9.40 -14.51
C VAL A 49 -7.20 -10.27 -14.17
N ARG A 50 -7.29 -10.62 -12.91
CA ARG A 50 -8.38 -11.48 -12.41
C ARG A 50 -9.76 -10.79 -12.43
N GLN A 51 -9.84 -9.45 -12.47
CA GLN A 51 -11.13 -8.77 -12.45
C GLN A 51 -11.67 -8.38 -13.84
N GLY A 52 -10.78 -8.28 -14.82
CA GLY A 52 -11.17 -7.96 -16.20
C GLY A 52 -10.80 -6.54 -16.65
N TYR A 53 -9.50 -6.27 -16.83
CA TYR A 53 -8.99 -4.97 -17.32
C TYR A 53 -9.86 -3.75 -16.85
N SER A 54 -10.19 -2.80 -17.75
CA SER A 54 -10.97 -1.62 -17.43
C SER A 54 -12.38 -1.99 -16.96
N PRO A 55 -13.08 -1.09 -16.23
CA PRO A 55 -14.46 -1.39 -15.75
C PRO A 55 -15.31 -2.03 -16.86
N LEU A 56 -15.54 -3.34 -16.75
CA LEU A 56 -16.29 -4.08 -17.78
C LEU A 56 -17.76 -4.35 -17.41
N SER A 57 -18.09 -4.30 -16.11
CA SER A 57 -19.47 -4.58 -15.67
C SER A 57 -19.90 -5.97 -16.16
N GLU A 80 -13.46 -14.05 -18.69
CA GLU A 80 -12.19 -14.31 -19.37
C GLU A 80 -11.50 -15.54 -18.78
N ARG A 81 -10.87 -16.31 -19.68
CA ARG A 81 -10.14 -17.52 -19.31
C ARG A 81 -9.02 -17.21 -18.30
N ASP A 82 -8.53 -15.97 -18.29
CA ASP A 82 -7.42 -15.56 -17.42
C ASP A 82 -7.68 -15.85 -15.93
N ARG A 83 -8.89 -16.29 -15.54
CA ARG A 83 -9.15 -16.63 -14.13
C ARG A 83 -8.19 -17.74 -13.73
N ASP A 84 -8.06 -18.75 -14.59
CA ASP A 84 -7.12 -19.84 -14.33
C ASP A 84 -5.70 -19.27 -14.20
N ARG A 85 -5.40 -18.20 -14.95
CA ARG A 85 -4.08 -17.59 -14.89
C ARG A 85 -3.86 -16.88 -13.57
N SER A 86 -4.85 -16.10 -13.15
CA SER A 86 -4.72 -15.38 -11.90
C SER A 86 -4.48 -16.35 -10.73
N ILE A 87 -5.02 -17.58 -10.81
CA ILE A 87 -4.82 -18.55 -9.70
C ILE A 87 -3.37 -19.00 -9.52
N ARG A 88 -2.60 -19.39 -10.57
CA ARG A 88 -1.18 -19.77 -10.28
C ARG A 88 -0.33 -18.50 -10.33
N LEU A 89 -0.85 -17.41 -10.93
CA LEU A 89 -0.12 -16.12 -10.86
C LEU A 89 0.09 -15.82 -9.34
N VAL A 90 -0.72 -16.49 -8.49
CA VAL A 90 -0.60 -16.42 -7.04
C VAL A 90 0.86 -16.83 -6.71
N ASN A 91 1.30 -17.98 -7.26
CA ASN A 91 2.70 -18.42 -7.16
C ASN A 91 3.55 -17.49 -8.05
N GLY A 92 2.88 -16.89 -9.03
CA GLY A 92 3.47 -15.97 -9.98
C GLY A 92 4.15 -14.81 -9.26
N SER A 93 3.80 -14.61 -7.97
CA SER A 93 4.40 -13.53 -7.18
C SER A 93 5.92 -13.74 -7.19
N LEU A 94 6.37 -15.01 -7.16
CA LEU A 94 7.79 -15.31 -7.27
C LEU A 94 8.27 -14.77 -8.62
N ALA A 95 7.52 -15.08 -9.70
CA ALA A 95 7.87 -14.56 -11.04
C ALA A 95 7.87 -13.02 -11.03
N LEU A 96 6.94 -12.43 -10.26
CA LEU A 96 6.79 -10.97 -10.18
C LEU A 96 8.08 -10.32 -9.69
N ILE A 97 8.67 -10.90 -8.64
CA ILE A 97 9.93 -10.40 -8.11
C ILE A 97 11.00 -10.52 -9.22
N TRP A 98 10.87 -11.56 -10.04
CA TRP A 98 11.79 -11.81 -11.15
C TRP A 98 11.67 -10.74 -12.24
N ASP A 99 10.47 -10.15 -12.45
CA ASP A 99 10.31 -9.11 -13.50
C ASP A 99 11.33 -8.00 -13.27
N ASP A 100 11.49 -7.58 -12.02
CA ASP A 100 12.42 -6.52 -11.64
C ASP A 100 13.88 -6.99 -11.79
N LEU A 101 14.17 -8.21 -11.30
CA LEU A 101 15.52 -8.78 -11.37
C LEU A 101 15.97 -9.02 -12.81
N ARG A 102 15.02 -9.41 -13.67
CA ARG A 102 15.32 -9.70 -15.07
C ARG A 102 15.56 -8.42 -15.88
N SER A 103 14.85 -7.34 -15.54
CA SER A 103 14.99 -6.09 -16.26
C SER A 103 16.35 -5.44 -15.99
N LEU A 104 16.74 -5.41 -14.71
CA LEU A 104 18.02 -4.81 -14.32
C LEU A 104 19.22 -5.63 -14.81
N SER A 105 19.26 -6.92 -14.46
CA SER A 105 20.38 -7.78 -14.86
C SER A 105 20.05 -8.64 -16.09
N LEU A 106 18.89 -9.32 -16.04
CA LEU A 106 18.45 -10.25 -17.10
C LEU A 106 19.28 -11.54 -17.01
N PHE A 107 20.59 -11.41 -17.19
CA PHE A 107 21.51 -12.54 -17.11
C PHE A 107 22.77 -12.12 -16.34
N SER A 108 23.22 -12.95 -15.40
CA SER A 108 24.42 -12.64 -14.60
C SER A 108 24.20 -11.33 -13.84
N TYR A 109 25.15 -10.97 -12.96
CA TYR A 109 25.05 -9.74 -12.18
C TYR A 109 25.86 -8.60 -12.80
N HIS A 110 26.93 -8.95 -13.54
CA HIS A 110 27.77 -7.94 -14.19
C HIS A 110 26.93 -6.98 -15.04
N ARG A 111 26.06 -7.55 -15.87
CA ARG A 111 25.17 -6.77 -16.74
C ARG A 111 24.29 -5.80 -15.94
N LEU A 112 23.99 -6.14 -14.67
CA LEU A 112 23.09 -5.32 -13.85
C LEU A 112 23.63 -3.88 -13.74
N ARG A 113 24.95 -3.73 -13.79
CA ARG A 113 25.55 -2.40 -13.77
C ARG A 113 25.10 -1.61 -15.02
N ASP A 114 24.88 -2.34 -16.13
CA ASP A 114 24.49 -1.73 -17.39
C ASP A 114 23.15 -0.99 -17.27
N LEU A 115 22.12 -1.61 -16.66
CA LEU A 115 20.84 -0.90 -16.55
C LEU A 115 21.01 0.41 -15.77
N LEU A 116 21.78 0.38 -14.69
CA LEU A 116 21.99 1.57 -13.86
C LEU A 116 22.60 2.73 -14.65
N LEU A 117 23.55 2.43 -15.53
CA LEU A 117 24.20 3.48 -16.32
C LEU A 117 23.30 4.05 -17.40
N ILE A 118 22.48 3.21 -18.03
CA ILE A 118 21.58 3.72 -19.07
C ILE A 118 20.49 4.59 -18.46
N VAL A 119 19.98 4.24 -17.26
CA VAL A 119 18.93 5.05 -16.64
C VAL A 119 19.43 6.52 -16.54
N THR A 120 20.67 6.72 -16.06
CA THR A 120 21.21 8.08 -15.98
C THR A 120 21.34 8.68 -17.39
N ARG A 121 21.68 7.84 -18.37
CA ARG A 121 21.87 8.28 -19.75
C ARG A 121 20.58 8.75 -20.40
N ILE A 122 19.50 7.99 -20.18
CA ILE A 122 18.21 8.32 -20.78
C ILE A 122 17.69 9.67 -20.27
N VAL A 123 17.83 9.97 -18.97
CA VAL A 123 17.33 11.25 -18.45
C VAL A 123 18.04 12.42 -19.14
N GLU A 124 19.35 12.27 -19.39
CA GLU A 124 20.12 13.33 -20.04
C GLU A 124 19.58 13.62 -21.44
N LEU A 125 19.39 12.57 -22.23
CA LEU A 125 18.89 12.70 -23.60
C LEU A 125 17.41 13.13 -23.62
N LEU A 126 16.60 12.49 -22.76
CA LEU A 126 15.17 12.80 -22.70
C LEU A 126 14.89 14.15 -22.02
N GLY A 127 15.89 14.69 -21.30
CA GLY A 127 15.74 15.98 -20.62
C GLY A 127 15.86 17.15 -21.59
N ARG A 128 15.09 17.11 -22.68
CA ARG A 128 15.11 18.17 -23.69
C ARG A 128 13.69 18.53 -24.13
N ARG A 129 13.49 19.80 -24.54
CA ARG A 129 12.19 20.30 -25.01
C ARG A 129 11.00 19.69 -24.22
N LEU B 1 11.31 -2.52 42.85
CA LEU B 1 11.20 -2.66 41.37
C LEU B 1 10.56 -1.39 40.79
N LEU B 2 11.20 -0.80 39.78
CA LEU B 2 10.69 0.42 39.14
C LEU B 2 10.41 1.52 40.16
N GLU B 3 11.32 2.49 40.24
CA GLU B 3 11.19 3.61 41.17
C GLU B 3 12.27 4.66 40.87
N LEU B 4 12.33 5.72 41.68
CA LEU B 4 13.33 6.78 41.49
C LEU B 4 14.74 6.18 41.42
N ASP B 5 15.00 5.25 42.32
CA ASP B 5 16.30 4.59 42.42
C ASP B 5 16.55 3.62 41.27
N LYS B 6 15.49 3.01 40.76
CA LYS B 6 15.60 2.04 39.66
C LYS B 6 15.77 2.76 38.31
N TRP B 7 14.96 3.79 38.07
CA TRP B 7 15.02 4.56 36.83
C TRP B 7 16.30 5.39 36.78
N ALA B 8 16.64 6.00 37.90
CA ALA B 8 17.86 6.83 37.97
C ALA B 8 19.12 5.99 37.81
N SER B 9 19.02 4.68 38.08
CA SER B 9 20.17 3.78 37.96
C SER B 9 20.64 3.67 36.51
N LEU B 10 19.69 3.72 35.57
CA LEU B 10 20.00 3.61 34.14
C LEU B 10 20.95 4.73 33.70
N TRP B 11 20.83 5.89 34.35
CA TRP B 11 21.67 7.05 34.02
C TRP B 11 23.16 6.73 34.23
N ASN B 12 23.45 5.74 35.10
CA ASN B 12 24.84 5.33 35.36
C ASN B 12 25.34 4.33 34.31
N TRP B 13 24.40 3.56 33.74
CA TRP B 13 24.74 2.55 32.73
C TRP B 13 25.40 3.21 31.50
N PHE B 14 24.72 4.22 30.96
CA PHE B 14 25.24 4.95 29.79
C PHE B 14 25.37 4.03 28.55
N ASP B 15 24.36 3.18 28.34
CA ASP B 15 24.35 2.28 27.18
C ASP B 15 22.93 1.83 26.82
N ILE B 16 22.27 1.10 27.73
CA ILE B 16 20.90 0.61 27.51
C ILE B 16 19.89 1.78 27.50
N THR B 17 20.11 2.77 28.35
CA THR B 17 19.21 3.92 28.46
C THR B 17 18.94 4.56 27.09
N ASN B 18 19.95 4.55 26.20
CA ASN B 18 19.79 5.13 24.87
C ASN B 18 18.70 4.39 24.10
N TRP B 19 18.78 3.07 24.08
CA TRP B 19 17.78 2.22 23.41
C TRP B 19 16.41 2.37 24.11
N LEU B 20 16.42 2.33 25.44
CA LEU B 20 15.20 2.44 26.24
C LEU B 20 14.52 3.81 26.10
N TRP B 21 15.31 4.88 25.95
CA TRP B 21 14.75 6.24 25.85
C TRP B 21 14.54 6.69 24.40
N TYR B 22 15.44 6.28 23.49
CA TYR B 22 15.34 6.67 22.09
C TYR B 22 14.16 5.98 21.38
N ILE B 23 13.69 4.86 21.94
CA ILE B 23 12.56 4.13 21.36
C ILE B 23 11.31 5.03 21.32
N ARG B 24 11.14 5.87 22.35
CA ARG B 24 9.98 6.77 22.43
C ARG B 24 9.87 7.64 21.16
N ILE B 25 10.99 8.24 20.75
CA ILE B 25 11.02 9.05 19.53
C ILE B 25 10.83 8.12 18.31
N PHE B 26 11.43 6.93 18.40
CA PHE B 26 11.37 5.95 17.32
C PHE B 26 9.92 5.54 17.01
N ILE B 27 9.04 5.57 18.02
CA ILE B 27 7.64 5.17 17.81
C ILE B 27 6.99 6.08 16.76
N ILE B 28 7.15 7.39 16.93
CA ILE B 28 6.59 8.35 15.97
C ILE B 28 7.24 8.10 14.60
N ILE B 29 8.56 7.86 14.60
CA ILE B 29 9.29 7.60 13.37
C ILE B 29 8.71 6.36 12.67
N VAL B 30 8.30 5.34 13.44
CA VAL B 30 7.69 4.14 12.85
C VAL B 30 6.47 4.57 12.01
N GLY B 31 5.70 5.54 12.51
CA GLY B 31 4.51 6.03 11.80
C GLY B 31 4.88 6.67 10.44
N SER B 32 6.10 7.19 10.33
CA SER B 32 6.58 7.88 9.12
C SER B 32 6.68 7.01 7.86
N LEU B 33 7.26 5.81 7.96
CA LEU B 33 7.49 4.95 6.78
C LEU B 33 6.19 4.59 6.04
N ILE B 34 5.05 4.43 6.74
CA ILE B 34 3.81 4.08 6.06
C ILE B 34 3.46 5.18 5.04
N GLY B 35 3.64 6.46 5.39
CA GLY B 35 3.39 7.55 4.46
C GLY B 35 4.31 7.42 3.24
N LEU B 36 5.50 6.83 3.46
CA LEU B 36 6.48 6.62 2.39
C LEU B 36 5.89 5.72 1.30
N ARG B 37 5.10 4.73 1.72
CA ARG B 37 4.45 3.77 0.82
C ARG B 37 3.59 4.40 -0.27
N ILE B 38 3.04 5.60 -0.06
CA ILE B 38 2.16 6.17 -1.07
C ILE B 38 2.91 6.31 -2.42
N VAL B 39 4.21 6.63 -2.37
CA VAL B 39 5.01 6.71 -3.61
C VAL B 39 5.14 5.30 -4.23
N PHE B 40 5.15 4.25 -3.39
CA PHE B 40 5.24 2.87 -3.89
C PHE B 40 4.11 2.60 -4.88
N ALA B 41 2.96 3.25 -4.68
CA ALA B 41 1.83 3.11 -5.60
C ALA B 41 2.32 3.53 -6.99
N VAL B 42 3.17 4.56 -7.01
CA VAL B 42 3.78 5.06 -8.23
C VAL B 42 4.73 3.96 -8.76
N LEU B 43 5.47 3.30 -7.84
CA LEU B 43 6.40 2.22 -8.20
C LEU B 43 5.65 1.11 -8.94
N SER B 44 4.41 0.84 -8.52
CA SER B 44 3.61 -0.21 -9.15
C SER B 44 3.31 0.17 -10.60
N LEU B 45 2.99 1.45 -10.80
CA LEU B 45 2.71 1.99 -12.11
C LEU B 45 3.94 1.81 -13.01
N VAL B 46 5.10 2.11 -12.43
CA VAL B 46 6.38 1.96 -13.12
C VAL B 46 6.66 0.47 -13.34
N ASN B 47 6.34 -0.33 -12.34
CA ASN B 47 6.52 -1.78 -12.40
C ASN B 47 5.66 -2.40 -13.51
N ARG B 48 4.46 -1.87 -13.72
CA ARG B 48 3.58 -2.42 -14.75
C ARG B 48 4.22 -2.27 -16.12
N VAL B 49 4.72 -1.08 -16.37
CA VAL B 49 5.35 -0.75 -17.64
C VAL B 49 6.76 -1.32 -17.78
N ARG B 50 7.53 -1.16 -16.73
CA ARG B 50 8.91 -1.63 -16.72
C ARG B 50 9.00 -3.16 -16.60
N GLN B 51 8.12 -3.75 -15.80
CA GLN B 51 8.14 -5.19 -15.55
C GLN B 51 7.06 -5.95 -16.36
N GLY B 52 6.04 -5.24 -16.77
CA GLY B 52 4.92 -5.84 -17.51
C GLY B 52 3.67 -5.86 -16.63
N TYR B 53 2.49 -5.69 -17.24
CA TYR B 53 1.24 -5.68 -16.48
C TYR B 53 0.62 -7.07 -16.32
N SER B 54 0.28 -7.75 -17.42
CA SER B 54 -0.30 -9.10 -17.36
C SER B 54 0.80 -10.10 -16.95
N PRO B 55 0.45 -11.28 -16.41
CA PRO B 55 1.46 -12.31 -16.00
C PRO B 55 2.78 -12.26 -16.78
N LEU B 56 3.92 -12.44 -16.09
CA LEU B 56 5.24 -12.36 -16.73
C LEU B 56 5.91 -13.73 -16.92
N SER B 57 5.49 -14.76 -16.16
CA SER B 57 6.11 -16.11 -16.25
C SER B 57 6.50 -16.45 -17.71
N GLU B 80 13.61 -6.88 -24.27
CA GLU B 80 14.83 -6.25 -23.75
C GLU B 80 14.81 -4.74 -23.96
N ARG B 81 14.69 -4.34 -25.20
CA ARG B 81 14.69 -2.92 -25.58
C ARG B 81 13.57 -2.13 -24.87
N ASP B 82 12.49 -2.81 -24.50
CA ASP B 82 11.35 -2.14 -23.84
C ASP B 82 11.78 -1.38 -22.58
N ARG B 83 13.00 -1.63 -22.07
CA ARG B 83 13.47 -0.93 -20.85
C ARG B 83 13.63 0.55 -21.11
N ASP B 84 14.28 0.92 -22.23
CA ASP B 84 14.47 2.35 -22.54
C ASP B 84 13.10 3.05 -22.63
N ARG B 85 12.06 2.31 -23.05
CA ARG B 85 10.72 2.86 -23.14
C ARG B 85 10.16 3.09 -21.74
N SER B 86 10.27 2.07 -20.88
CA SER B 86 9.75 2.18 -19.52
C SER B 86 10.42 3.35 -18.79
N ILE B 87 11.75 3.49 -18.92
CA ILE B 87 12.44 4.61 -18.27
C ILE B 87 11.78 5.95 -18.68
N ARG B 88 11.04 5.97 -19.81
CA ARG B 88 10.37 7.19 -20.25
C ARG B 88 9.40 7.66 -19.15
N LEU B 89 8.81 6.69 -18.45
CA LEU B 89 7.88 6.99 -17.36
C LEU B 89 8.55 7.85 -16.27
N VAL B 90 9.91 7.92 -16.27
CA VAL B 90 10.63 8.76 -15.30
C VAL B 90 10.08 10.18 -15.45
N ASN B 91 10.13 10.66 -16.69
CA ASN B 91 9.57 11.97 -17.03
C ASN B 91 8.04 11.86 -17.02
N GLY B 92 7.53 10.64 -17.21
CA GLY B 92 6.11 10.36 -17.23
C GLY B 92 5.44 10.79 -15.92
N SER B 93 6.23 10.94 -14.85
CA SER B 93 5.69 11.37 -13.56
C SER B 93 5.02 12.75 -13.73
N LEU B 94 5.66 13.62 -14.51
CA LEU B 94 5.11 14.96 -14.77
C LEU B 94 3.81 14.82 -15.57
N ALA B 95 3.87 14.07 -16.66
CA ALA B 95 2.69 13.85 -17.51
C ALA B 95 1.57 13.16 -16.73
N LEU B 96 1.94 12.26 -15.82
CA LEU B 96 0.96 11.51 -15.02
C LEU B 96 0.06 12.45 -14.22
N ILE B 97 0.66 13.45 -13.57
CA ILE B 97 -0.09 14.43 -12.81
C ILE B 97 -0.99 15.21 -13.78
N TRP B 98 -0.45 15.48 -14.97
CA TRP B 98 -1.16 16.22 -16.01
C TRP B 98 -2.32 15.40 -16.57
N ASP B 99 -2.22 14.06 -16.60
CA ASP B 99 -3.29 13.22 -17.15
C ASP B 99 -4.62 13.53 -16.45
N ASP B 100 -4.61 13.55 -15.12
CA ASP B 100 -5.81 13.87 -14.34
C ASP B 100 -6.17 15.35 -14.49
N LEU B 101 -5.15 16.20 -14.47
CA LEU B 101 -5.33 17.66 -14.56
C LEU B 101 -5.92 18.08 -15.91
N ARG B 102 -5.54 17.40 -17.00
CA ARG B 102 -6.03 17.75 -18.34
C ARG B 102 -7.41 17.17 -18.62
N SER B 103 -7.58 15.86 -18.38
CA SER B 103 -8.86 15.20 -18.64
C SER B 103 -9.97 15.81 -17.78
N LEU B 104 -9.69 15.99 -16.50
CA LEU B 104 -10.63 16.55 -15.54
C LEU B 104 -10.93 18.05 -15.76
N SER B 105 -9.89 18.87 -15.83
CA SER B 105 -10.04 20.34 -15.97
C SER B 105 -9.89 20.83 -17.42
N LEU B 106 -8.94 20.25 -18.17
CA LEU B 106 -8.65 20.67 -19.57
C LEU B 106 -7.73 21.90 -19.54
N PHE B 107 -7.56 22.56 -20.70
CA PHE B 107 -6.68 23.74 -20.82
C PHE B 107 -6.72 24.67 -19.59
N SER B 108 -7.86 25.33 -19.36
CA SER B 108 -8.00 26.26 -18.22
C SER B 108 -9.01 25.76 -17.20
N TYR B 109 -9.04 26.41 -16.03
CA TYR B 109 -9.95 26.03 -14.95
C TYR B 109 -11.41 26.44 -15.29
N HIS B 110 -11.57 27.33 -16.27
CA HIS B 110 -12.92 27.74 -16.71
C HIS B 110 -13.61 26.51 -17.33
N ARG B 111 -12.81 25.74 -18.08
CA ARG B 111 -13.28 24.51 -18.73
C ARG B 111 -13.62 23.43 -17.69
N LEU B 112 -12.93 23.46 -16.54
CA LEU B 112 -13.16 22.46 -15.48
C LEU B 112 -14.61 22.53 -15.00
N ARG B 113 -15.19 23.73 -14.99
CA ARG B 113 -16.59 23.87 -14.59
C ARG B 113 -17.47 23.07 -15.55
N ASP B 114 -17.09 23.09 -16.83
CA ASP B 114 -17.82 22.36 -17.86
C ASP B 114 -17.63 20.85 -17.67
N LEU B 115 -16.38 20.42 -17.39
CA LEU B 115 -16.10 19.01 -17.18
C LEU B 115 -16.78 18.50 -15.91
N LEU B 116 -16.78 19.35 -14.88
CA LEU B 116 -17.39 19.00 -13.60
C LEU B 116 -18.92 18.86 -13.73
N LEU B 117 -19.55 19.71 -14.53
CA LEU B 117 -21.00 19.65 -14.71
C LEU B 117 -21.40 18.47 -15.58
N ILE B 118 -20.65 18.23 -16.66
CA ILE B 118 -20.97 17.11 -17.55
C ILE B 118 -20.73 15.78 -16.85
N VAL B 119 -19.67 15.70 -16.03
CA VAL B 119 -19.37 14.44 -15.34
C VAL B 119 -20.61 13.98 -14.53
N THR B 120 -21.24 14.93 -13.81
CA THR B 120 -22.44 14.61 -13.05
C THR B 120 -23.59 14.21 -13.97
N ARG B 121 -23.76 14.94 -15.07
CA ARG B 121 -24.85 14.68 -16.02
C ARG B 121 -24.69 13.32 -16.74
N ILE B 122 -23.45 12.88 -16.96
CA ILE B 122 -23.19 11.61 -17.64
C ILE B 122 -23.78 10.43 -16.83
N VAL B 123 -23.73 10.48 -15.49
CA VAL B 123 -24.28 9.39 -14.68
C VAL B 123 -25.75 9.11 -15.08
N GLU B 124 -26.49 10.17 -15.38
CA GLU B 124 -27.89 10.06 -15.78
C GLU B 124 -28.05 9.09 -16.96
N LEU B 125 -27.18 9.25 -17.96
CA LEU B 125 -27.21 8.39 -19.16
C LEU B 125 -26.85 6.95 -18.82
N LEU B 126 -25.81 6.75 -18.00
CA LEU B 126 -25.38 5.40 -17.63
C LEU B 126 -26.37 4.76 -16.66
N GLY B 127 -27.14 5.58 -15.92
CA GLY B 127 -28.13 5.09 -14.96
C GLY B 127 -29.00 3.98 -15.57
N ARG B 128 -29.40 4.17 -16.83
CA ARG B 128 -30.23 3.19 -17.52
C ARG B 128 -29.37 2.03 -18.04
N ARG B 129 -29.80 0.81 -17.73
CA ARG B 129 -29.07 -0.40 -18.14
C ARG B 129 -29.96 -1.63 -17.93
N LEU C 1 11.16 12.78 38.54
CA LEU C 1 12.15 11.66 38.52
C LEU C 1 11.39 10.31 38.62
N LEU C 2 10.16 10.28 38.07
CA LEU C 2 9.33 9.08 38.07
C LEU C 2 9.04 8.63 39.51
N GLU C 3 7.76 8.70 39.89
CA GLU C 3 7.33 8.31 41.23
C GLU C 3 5.80 8.34 41.34
N LEU C 4 5.31 7.81 42.45
CA LEU C 4 3.86 7.74 42.72
C LEU C 4 3.25 9.15 42.63
N ASP C 5 3.82 10.05 43.39
CA ASP C 5 3.35 11.44 43.43
C ASP C 5 3.73 12.20 42.15
N LYS C 6 4.66 11.64 41.37
CA LYS C 6 5.11 12.27 40.12
C LYS C 6 4.10 12.05 39.00
N TRP C 7 3.56 10.82 38.90
CA TRP C 7 2.58 10.51 37.85
C TRP C 7 1.26 11.23 38.10
N ALA C 8 0.79 11.19 39.35
CA ALA C 8 -0.47 11.84 39.72
C ALA C 8 -0.43 13.35 39.45
N SER C 9 0.76 13.94 39.50
CA SER C 9 0.92 15.38 39.27
C SER C 9 0.52 15.77 37.84
N LEU C 10 0.61 14.83 36.90
CA LEU C 10 0.26 15.08 35.50
C LEU C 10 -1.21 15.44 35.34
N TRP C 11 -2.08 14.76 36.10
CA TRP C 11 -3.53 15.00 36.01
C TRP C 11 -3.88 16.46 36.37
N ASN C 12 -2.99 17.13 37.11
CA ASN C 12 -3.21 18.53 37.51
C ASN C 12 -2.90 19.50 36.37
N TRP C 13 -1.98 19.10 35.48
CA TRP C 13 -1.59 19.92 34.34
C TRP C 13 -2.79 20.24 33.46
N PHE C 14 -3.51 19.17 33.06
CA PHE C 14 -4.71 19.31 32.22
C PHE C 14 -4.37 20.00 30.88
N ASP C 15 -3.47 19.39 30.12
CA ASP C 15 -3.06 19.93 28.81
C ASP C 15 -2.08 18.99 28.07
N ILE C 16 -0.81 18.99 28.49
CA ILE C 16 0.23 18.16 27.86
C ILE C 16 -0.01 16.65 28.08
N THR C 17 -0.51 16.29 29.27
CA THR C 17 -0.74 14.90 29.65
C THR C 17 -1.57 14.11 28.62
N ASN C 18 -2.48 14.77 27.92
CA ASN C 18 -3.34 14.09 26.94
C ASN C 18 -2.50 13.33 25.91
N TRP C 19 -1.43 13.98 25.41
CA TRP C 19 -0.57 13.33 24.42
C TRP C 19 0.09 12.07 25.04
N LEU C 20 0.56 12.19 26.27
CA LEU C 20 1.22 11.09 26.95
C LEU C 20 0.26 9.93 27.24
N TRP C 21 -0.99 10.26 27.55
CA TRP C 21 -1.99 9.23 27.87
C TRP C 21 -2.72 8.72 26.61
N TYR C 22 -2.67 9.48 25.50
CA TYR C 22 -3.35 9.06 24.28
C TYR C 22 -2.38 8.44 23.26
N ILE C 23 -1.06 8.72 23.38
CA ILE C 23 -0.08 8.15 22.43
C ILE C 23 -0.10 6.62 22.49
N ARG C 24 -0.29 6.06 23.68
CA ARG C 24 -0.33 4.60 23.84
C ARG C 24 -1.44 4.01 22.96
N ILE C 25 -2.61 4.64 23.01
CA ILE C 25 -3.76 4.22 22.20
C ILE C 25 -3.50 4.58 20.73
N PHE C 26 -2.84 5.71 20.51
CA PHE C 26 -2.56 6.21 19.16
C PHE C 26 -1.74 5.22 18.34
N ILE C 27 -0.88 4.42 18.99
CA ILE C 27 -0.07 3.44 18.25
C ILE C 27 -1.01 2.45 17.57
N ILE C 28 -2.04 2.00 18.31
CA ILE C 28 -3.04 1.10 17.76
C ILE C 28 -3.77 1.80 16.60
N ILE C 29 -4.02 3.12 16.75
CA ILE C 29 -4.68 3.91 15.70
C ILE C 29 -3.83 3.85 14.42
N VAL C 30 -2.50 3.94 14.58
CA VAL C 30 -1.59 3.87 13.42
C VAL C 30 -1.89 2.56 12.67
N GLY C 31 -2.06 1.46 13.43
CA GLY C 31 -2.41 0.17 12.83
C GLY C 31 -3.63 0.36 11.92
N SER C 32 -4.57 1.19 12.38
CA SER C 32 -5.77 1.50 11.61
C SER C 32 -5.38 2.33 10.37
N LEU C 33 -4.41 3.22 10.56
CA LEU C 33 -3.91 4.12 9.51
C LEU C 33 -3.31 3.33 8.33
N ILE C 34 -2.47 2.34 8.64
CA ILE C 34 -1.80 1.56 7.60
C ILE C 34 -2.83 0.74 6.80
N GLY C 35 -3.80 0.16 7.51
CA GLY C 35 -4.86 -0.63 6.87
C GLY C 35 -5.66 0.22 5.88
N LEU C 36 -5.86 1.50 6.22
CA LEU C 36 -6.61 2.43 5.35
C LEU C 36 -5.96 2.48 3.95
N ARG C 37 -4.64 2.41 3.93
CA ARG C 37 -3.83 2.47 2.71
C ARG C 37 -4.19 1.39 1.67
N ILE C 38 -4.72 0.24 2.09
CA ILE C 38 -5.00 -0.85 1.14
C ILE C 38 -5.99 -0.38 0.04
N VAL C 39 -6.95 0.47 0.37
CA VAL C 39 -7.90 0.98 -0.64
C VAL C 39 -7.14 1.60 -1.83
N PHE C 40 -5.93 2.16 -1.57
CA PHE C 40 -5.13 2.78 -2.65
C PHE C 40 -4.89 1.78 -3.77
N ALA C 41 -4.80 0.48 -3.45
CA ALA C 41 -4.62 -0.55 -4.49
C ALA C 41 -5.81 -0.45 -5.46
N VAL C 42 -6.98 -0.17 -4.89
CA VAL C 42 -8.21 0.03 -5.66
C VAL C 42 -8.07 1.37 -6.44
N LEU C 43 -7.50 2.38 -5.78
CA LEU C 43 -7.30 3.71 -6.37
C LEU C 43 -6.39 3.64 -7.61
N SER C 44 -5.36 2.79 -7.56
CA SER C 44 -4.43 2.68 -8.70
C SER C 44 -5.15 2.14 -9.93
N LEU C 45 -6.10 1.22 -9.70
CA LEU C 45 -6.88 0.65 -10.77
C LEU C 45 -7.71 1.77 -11.42
N VAL C 46 -8.29 2.61 -10.55
CA VAL C 46 -9.09 3.74 -10.98
C VAL C 46 -8.21 4.71 -11.77
N ASN C 47 -7.02 4.96 -11.22
CA ASN C 47 -6.04 5.83 -11.83
C ASN C 47 -5.58 5.30 -13.20
N ARG C 48 -5.45 3.98 -13.31
CA ARG C 48 -4.98 3.39 -14.55
C ARG C 48 -5.93 3.70 -15.69
N VAL C 49 -7.20 3.45 -15.46
CA VAL C 49 -8.22 3.65 -16.47
C VAL C 49 -8.62 5.10 -16.67
N ARG C 50 -8.82 5.82 -15.58
CA ARG C 50 -9.31 7.19 -15.69
C ARG C 50 -8.29 8.18 -16.27
N GLN C 51 -7.03 8.15 -15.81
CA GLN C 51 -6.02 9.07 -16.31
C GLN C 51 -5.02 8.44 -17.30
N GLY C 52 -4.89 7.12 -17.24
CA GLY C 52 -3.96 6.37 -18.08
C GLY C 52 -2.92 5.66 -17.21
N TYR C 53 -2.06 4.81 -17.81
CA TYR C 53 -1.04 4.09 -17.03
C TYR C 53 0.35 4.13 -17.69
N SER C 54 0.46 3.64 -18.93
CA SER C 54 1.75 3.64 -19.63
C SER C 54 2.21 5.06 -19.87
N PRO C 55 3.52 5.34 -20.01
CA PRO C 55 4.02 6.73 -20.24
C PRO C 55 3.06 7.53 -21.15
N LEU C 56 2.18 8.33 -20.53
CA LEU C 56 1.16 9.07 -21.26
C LEU C 56 1.65 10.39 -21.85
N SER C 57 2.97 10.59 -21.97
CA SER C 57 3.50 11.83 -22.55
C SER C 57 2.81 12.11 -23.90
N GLU C 80 -11.79 13.75 -26.62
CA GLU C 80 -12.72 14.23 -25.58
C GLU C 80 -13.95 13.34 -25.44
N ARG C 81 -14.32 12.70 -26.54
CA ARG C 81 -15.48 11.80 -26.59
C ARG C 81 -15.25 10.58 -25.69
N ASP C 82 -14.04 10.03 -25.72
CA ASP C 82 -13.70 8.84 -24.92
C ASP C 82 -13.92 9.07 -23.42
N ARG C 83 -13.61 10.28 -22.94
CA ARG C 83 -13.76 10.63 -21.53
C ARG C 83 -15.21 10.45 -21.08
N ASP C 84 -16.16 10.77 -21.95
CA ASP C 84 -17.57 10.64 -21.60
C ASP C 84 -17.86 9.18 -21.22
N ARG C 85 -17.30 8.24 -22.00
CA ARG C 85 -17.46 6.82 -21.73
C ARG C 85 -16.67 6.43 -20.50
N SER C 86 -15.42 6.90 -20.39
CA SER C 86 -14.58 6.53 -19.25
C SER C 86 -15.27 6.91 -17.94
N ILE C 87 -16.12 7.94 -17.97
CA ILE C 87 -16.87 8.33 -16.76
C ILE C 87 -17.71 7.11 -16.28
N ARG C 88 -17.88 6.07 -17.12
CA ARG C 88 -18.63 4.89 -16.69
C ARG C 88 -17.93 4.27 -15.46
N LEU C 89 -16.62 4.53 -15.34
CA LEU C 89 -15.84 4.07 -14.20
C LEU C 89 -16.48 4.55 -12.89
N VAL C 90 -17.25 5.67 -12.94
CA VAL C 90 -17.91 6.18 -11.74
C VAL C 90 -18.77 5.05 -11.17
N ASN C 91 -19.62 4.49 -12.02
CA ASN C 91 -20.43 3.33 -11.68
C ASN C 91 -19.54 2.07 -11.62
N GLY C 92 -18.39 2.14 -12.32
CA GLY C 92 -17.46 1.02 -12.40
C GLY C 92 -16.99 0.57 -11.01
N SER C 93 -17.11 1.44 -10.01
CA SER C 93 -16.70 1.08 -8.64
C SER C 93 -17.49 -0.14 -8.18
N LEU C 94 -18.79 -0.16 -8.51
CA LEU C 94 -19.66 -1.27 -8.14
C LEU C 94 -19.25 -2.53 -8.90
N ALA C 95 -19.06 -2.41 -10.21
CA ALA C 95 -18.66 -3.55 -11.05
C ALA C 95 -17.27 -4.08 -10.67
N LEU C 96 -16.37 -3.18 -10.28
CA LEU C 96 -15.00 -3.55 -9.93
C LEU C 96 -14.98 -4.55 -8.79
N ILE C 97 -15.78 -4.29 -7.75
CA ILE C 97 -15.87 -5.19 -6.60
C ILE C 97 -16.56 -6.51 -7.03
N TRP C 98 -17.53 -6.40 -7.92
CA TRP C 98 -18.29 -7.55 -8.41
C TRP C 98 -17.43 -8.49 -9.27
N ASP C 99 -16.44 -7.96 -9.99
CA ASP C 99 -15.58 -8.81 -10.84
C ASP C 99 -14.96 -9.93 -10.00
N ASP C 100 -14.44 -9.57 -8.82
CA ASP C 100 -13.83 -10.52 -7.89
C ASP C 100 -14.90 -11.46 -7.26
N LEU C 101 -16.02 -10.89 -6.80
CA LEU C 101 -17.06 -11.69 -6.12
C LEU C 101 -17.80 -12.66 -7.08
N ARG C 102 -18.19 -12.18 -8.25
CA ARG C 102 -18.94 -12.99 -9.21
C ARG C 102 -18.11 -14.14 -9.79
N SER C 103 -16.88 -13.87 -10.24
CA SER C 103 -16.05 -14.92 -10.82
C SER C 103 -15.70 -15.98 -9.77
N LEU C 104 -15.32 -15.50 -8.58
CA LEU C 104 -14.94 -16.37 -7.46
C LEU C 104 -16.12 -17.18 -6.89
N SER C 105 -17.22 -16.50 -6.53
CA SER C 105 -18.37 -17.19 -5.92
C SER C 105 -19.49 -17.50 -6.93
N LEU C 106 -19.71 -16.57 -7.88
CA LEU C 106 -20.79 -16.71 -8.87
C LEU C 106 -22.16 -16.67 -8.17
N PHE C 107 -23.24 -16.74 -8.96
CA PHE C 107 -24.65 -16.70 -8.49
C PHE C 107 -24.80 -16.74 -6.96
N SER C 108 -24.45 -17.86 -6.33
CA SER C 108 -24.55 -18.01 -4.88
C SER C 108 -23.24 -18.54 -4.29
N TYR C 109 -23.15 -18.56 -2.95
CA TYR C 109 -21.94 -19.05 -2.28
C TYR C 109 -21.76 -20.57 -2.50
N HIS C 110 -22.80 -21.26 -2.94
CA HIS C 110 -22.71 -22.70 -3.22
C HIS C 110 -21.71 -22.90 -4.36
N ARG C 111 -21.81 -22.03 -5.37
CA ARG C 111 -20.90 -22.07 -6.53
C ARG C 111 -19.46 -21.78 -6.10
N LEU C 112 -19.29 -20.97 -5.03
CA LEU C 112 -17.95 -20.62 -4.55
C LEU C 112 -17.19 -21.88 -4.14
N ARG C 113 -17.91 -22.89 -3.64
CA ARG C 113 -17.28 -24.15 -3.26
C ARG C 113 -16.65 -24.79 -4.50
N ASP C 114 -17.35 -24.69 -5.63
CA ASP C 114 -16.86 -25.22 -6.89
C ASP C 114 -15.63 -24.43 -7.34
N LEU C 115 -15.68 -23.08 -7.24
CA LEU C 115 -14.53 -22.26 -7.60
C LEU C 115 -13.35 -22.63 -6.68
N LEU C 116 -13.67 -22.90 -5.42
CA LEU C 116 -12.67 -23.30 -4.43
C LEU C 116 -11.96 -24.56 -4.93
N LEU C 117 -12.72 -25.44 -5.59
CA LEU C 117 -12.19 -26.66 -6.17
C LEU C 117 -11.38 -26.32 -7.44
N ILE C 118 -11.92 -25.40 -8.24
CA ILE C 118 -11.27 -24.98 -9.48
C ILE C 118 -9.88 -24.38 -9.20
N VAL C 119 -9.77 -23.49 -8.21
CA VAL C 119 -8.48 -22.88 -7.91
C VAL C 119 -7.41 -23.94 -7.60
N THR C 120 -7.78 -25.01 -6.88
CA THR C 120 -6.80 -26.04 -6.54
C THR C 120 -6.26 -26.75 -7.77
N ARG C 121 -7.14 -27.18 -8.68
CA ARG C 121 -6.68 -27.86 -9.90
C ARG C 121 -5.91 -26.93 -10.83
N ILE C 122 -6.27 -25.64 -10.82
CA ILE C 122 -5.63 -24.65 -11.68
C ILE C 122 -4.12 -24.54 -11.41
N VAL C 123 -3.65 -24.57 -10.13
CA VAL C 123 -2.21 -24.42 -9.90
C VAL C 123 -1.43 -25.45 -10.76
N GLU C 124 -1.99 -26.66 -10.89
CA GLU C 124 -1.37 -27.67 -11.72
C GLU C 124 -1.37 -27.22 -13.20
N LEU C 125 -2.49 -26.65 -13.66
CA LEU C 125 -2.63 -26.23 -15.07
C LEU C 125 -1.79 -25.00 -15.46
N LEU C 126 -1.75 -23.91 -14.65
CA LEU C 126 -0.96 -22.72 -15.03
C LEU C 126 0.54 -22.96 -14.76
N GLY C 127 0.87 -23.94 -13.90
CA GLY C 127 2.26 -24.27 -13.63
C GLY C 127 3.03 -24.48 -14.94
N ARG C 128 2.29 -24.86 -15.99
CA ARG C 128 2.85 -25.07 -17.32
C ARG C 128 3.18 -23.70 -17.94
N ARG C 129 4.31 -23.63 -18.67
CA ARG C 129 4.72 -22.38 -19.32
C ARG C 129 4.93 -21.28 -18.28
N LEU A 1 -1.05 7.07 42.37
CA LEU A 1 -1.13 6.98 40.87
C LEU A 1 0.24 6.57 40.34
N LEU A 2 0.36 5.32 39.87
CA LEU A 2 1.62 4.79 39.33
C LEU A 2 2.71 4.81 40.41
N GLU A 3 3.19 3.62 40.78
CA GLU A 3 4.23 3.48 41.81
C GLU A 3 4.62 2.01 41.97
N LEU A 4 5.65 1.76 42.77
CA LEU A 4 6.14 0.41 43.02
C LEU A 4 5.00 -0.53 43.44
N ASP A 5 4.14 -0.03 44.32
CA ASP A 5 3.01 -0.80 44.82
C ASP A 5 1.93 -0.99 43.75
N LYS A 6 1.75 0.02 42.90
CA LYS A 6 0.73 -0.06 41.85
C LYS A 6 1.14 -1.03 40.75
N TRP A 7 2.41 -0.96 40.35
CA TRP A 7 2.93 -1.84 39.30
C TRP A 7 2.94 -3.30 39.76
N ALA A 8 3.45 -3.51 40.97
CA ALA A 8 3.52 -4.86 41.55
C ALA A 8 2.13 -5.45 41.80
N SER A 9 1.22 -4.61 42.29
CA SER A 9 -0.15 -5.04 42.58
C SER A 9 -0.83 -5.59 41.32
N LEU A 10 -0.49 -5.03 40.17
CA LEU A 10 -1.08 -5.48 38.89
C LEU A 10 -0.74 -6.94 38.59
N TRP A 11 0.37 -7.46 39.13
CA TRP A 11 0.77 -8.84 38.89
C TRP A 11 -0.29 -9.83 39.42
N ASN A 12 -1.09 -9.39 40.40
CA ASN A 12 -2.14 -10.23 40.97
C ASN A 12 -3.34 -10.35 40.01
N TRP A 13 -3.57 -9.29 39.23
CA TRP A 13 -4.68 -9.26 38.27
C TRP A 13 -4.57 -10.46 37.32
N PHE A 14 -3.38 -10.64 36.74
CA PHE A 14 -3.11 -11.76 35.83
C PHE A 14 -4.05 -11.76 34.61
N ASP A 15 -4.80 -10.67 34.38
CA ASP A 15 -5.70 -10.58 33.23
C ASP A 15 -5.38 -9.33 32.38
N ILE A 16 -5.50 -8.15 32.99
CA ILE A 16 -5.20 -6.89 32.30
C ILE A 16 -3.69 -6.77 32.00
N THR A 17 -2.88 -7.26 32.95
CA THR A 17 -1.42 -7.14 32.86
C THR A 17 -0.85 -7.63 31.52
N ASN A 18 -1.45 -8.66 30.90
CA ASN A 18 -0.90 -9.14 29.62
C ASN A 18 -1.01 -8.05 28.54
N TRP A 19 -2.20 -7.46 28.40
CA TRP A 19 -2.42 -6.38 27.44
C TRP A 19 -1.59 -5.14 27.85
N LEU A 20 -1.60 -4.83 29.13
CA LEU A 20 -0.90 -3.66 29.67
C LEU A 20 0.63 -3.78 29.52
N TRP A 21 1.18 -5.00 29.67
CA TRP A 21 2.64 -5.19 29.61
C TRP A 21 3.13 -5.75 28.27
N TYR A 22 2.25 -6.35 27.44
CA TYR A 22 2.69 -6.89 26.15
C TYR A 22 2.54 -5.88 25.01
N ILE A 23 1.91 -4.73 25.28
CA ILE A 23 1.72 -3.69 24.25
C ILE A 23 3.06 -3.17 23.76
N ARG A 24 4.05 -3.06 24.66
CA ARG A 24 5.38 -2.56 24.29
C ARG A 24 5.95 -3.37 23.12
N ILE A 25 5.88 -4.69 23.21
CA ILE A 25 6.35 -5.56 22.13
C ILE A 25 5.39 -5.43 20.94
N PHE A 26 4.11 -5.23 21.26
CA PHE A 26 3.06 -5.08 20.26
C PHE A 26 3.35 -3.89 19.34
N ILE A 27 3.98 -2.84 19.86
CA ILE A 27 4.31 -1.66 19.05
C ILE A 27 5.27 -2.08 17.93
N ILE A 28 6.27 -2.89 18.28
CA ILE A 28 7.25 -3.38 17.29
C ILE A 28 6.54 -4.30 16.30
N ILE A 29 5.63 -5.15 16.81
CA ILE A 29 4.89 -6.08 15.95
C ILE A 29 4.09 -5.27 14.91
N VAL A 30 3.54 -4.12 15.33
CA VAL A 30 2.80 -3.26 14.38
C VAL A 30 3.74 -2.90 13.22
N GLY A 31 5.01 -2.60 13.55
CA GLY A 31 6.02 -2.28 12.53
C GLY A 31 6.13 -3.46 11.55
N SER A 32 6.07 -4.69 12.10
CA SER A 32 6.11 -5.90 11.28
C SER A 32 4.93 -5.92 10.32
N LEU A 33 3.79 -5.47 10.82
CA LEU A 33 2.55 -5.44 10.06
C LEU A 33 2.67 -4.57 8.82
N ILE A 34 3.24 -3.36 8.98
CA ILE A 34 3.37 -2.45 7.83
C ILE A 34 4.19 -3.13 6.71
N GLY A 35 5.27 -3.84 7.06
CA GLY A 35 6.07 -4.54 6.05
C GLY A 35 5.24 -5.60 5.33
N LEU A 36 4.34 -6.25 6.07
CA LEU A 36 3.47 -7.30 5.51
C LEU A 36 2.61 -6.71 4.39
N ARG A 37 2.11 -5.51 4.62
CA ARG A 37 1.25 -4.80 3.66
C ARG A 37 1.92 -4.61 2.29
N ILE A 38 3.24 -4.54 2.24
CA ILE A 38 3.96 -4.32 0.98
C ILE A 38 3.63 -5.42 -0.06
N VAL A 39 3.44 -6.67 0.39
CA VAL A 39 3.10 -7.77 -0.53
C VAL A 39 1.84 -7.40 -1.34
N PHE A 40 0.95 -6.57 -0.77
CA PHE A 40 -0.28 -6.16 -1.47
C PHE A 40 0.06 -5.52 -2.81
N ALA A 41 1.22 -4.87 -2.90
CA ALA A 41 1.65 -4.28 -4.18
C ALA A 41 1.73 -5.41 -5.22
N VAL A 42 2.19 -6.58 -4.75
CA VAL A 42 2.26 -7.78 -5.58
C VAL A 42 0.80 -8.23 -5.89
N LEU A 43 -0.06 -8.13 -4.88
CA LEU A 43 -1.47 -8.48 -5.00
C LEU A 43 -2.16 -7.63 -6.07
N SER A 44 -1.76 -6.35 -6.17
CA SER A 44 -2.38 -5.44 -7.14
C SER A 44 -2.14 -5.93 -8.57
N LEU A 45 -0.92 -6.41 -8.83
CA LEU A 45 -0.57 -6.94 -10.15
C LEU A 45 -1.48 -8.14 -10.46
N VAL A 46 -1.71 -8.96 -9.45
CA VAL A 46 -2.59 -10.11 -9.57
C VAL A 46 -4.03 -9.62 -9.73
N ASN A 47 -4.38 -8.60 -8.95
CA ASN A 47 -5.71 -8.03 -8.94
C ASN A 47 -6.12 -7.41 -10.29
N ARG A 48 -5.24 -6.63 -10.94
CA ARG A 48 -5.61 -5.98 -12.21
C ARG A 48 -5.98 -7.03 -13.27
N VAL A 49 -5.22 -8.12 -13.29
CA VAL A 49 -5.47 -9.21 -14.23
C VAL A 49 -6.68 -10.01 -13.74
N ARG A 50 -6.68 -10.28 -12.45
CA ARG A 50 -7.75 -11.06 -11.80
C ARG A 50 -9.11 -10.33 -11.74
N GLN A 51 -9.12 -9.01 -11.93
CA GLN A 51 -10.35 -8.22 -11.87
C GLN A 51 -10.99 -8.02 -13.26
N GLY A 52 -10.46 -8.70 -14.28
CA GLY A 52 -10.99 -8.56 -15.65
C GLY A 52 -10.61 -7.19 -16.22
N TYR A 53 -9.35 -6.78 -15.98
CA TYR A 53 -8.86 -5.48 -16.43
C TYR A 53 -9.60 -4.35 -15.72
N SER A 54 -9.42 -3.14 -16.24
CA SER A 54 -10.06 -1.95 -15.74
C SER A 54 -11.60 -2.08 -15.90
N PRO A 55 -12.41 -1.30 -15.17
CA PRO A 55 -13.91 -1.38 -15.22
C PRO A 55 -14.49 -1.95 -16.52
N LEU A 56 -14.87 -3.23 -16.46
CA LEU A 56 -15.46 -3.92 -17.61
C LEU A 56 -16.96 -4.23 -17.40
N SER A 57 -17.42 -4.22 -16.14
CA SER A 57 -18.82 -4.52 -15.82
C SER A 57 -19.25 -5.83 -16.53
N GLU A 80 -14.41 -15.34 -20.55
CA GLU A 80 -13.58 -14.66 -19.55
C GLU A 80 -12.40 -15.58 -19.09
N ARG A 81 -11.54 -15.87 -20.07
CA ARG A 81 -10.36 -16.71 -19.88
C ARG A 81 -9.41 -16.16 -18.80
N ASP A 82 -9.46 -14.85 -18.53
CA ASP A 82 -8.54 -14.22 -17.57
C ASP A 82 -8.58 -14.91 -16.19
N ARG A 83 -9.73 -15.48 -15.78
CA ARG A 83 -9.81 -16.16 -14.48
C ARG A 83 -8.83 -17.34 -14.42
N ASP A 84 -8.75 -18.12 -15.50
CA ASP A 84 -7.84 -19.26 -15.54
C ASP A 84 -6.41 -18.79 -15.31
N ARG A 85 -6.05 -17.70 -15.99
CA ARG A 85 -4.72 -17.12 -15.88
C ARG A 85 -4.52 -16.46 -14.53
N SER A 86 -5.58 -15.84 -14.01
CA SER A 86 -5.53 -15.14 -12.73
C SER A 86 -5.26 -16.10 -11.56
N ILE A 87 -5.66 -17.37 -11.70
CA ILE A 87 -5.40 -18.33 -10.61
C ILE A 87 -3.94 -18.72 -10.59
N ARG A 88 -3.35 -19.07 -11.74
CA ARG A 88 -1.95 -19.47 -11.71
C ARG A 88 -1.04 -18.27 -11.44
N LEU A 89 -1.63 -17.03 -11.25
CA LEU A 89 -0.80 -15.92 -10.75
C LEU A 89 -0.19 -16.42 -9.40
N VAL A 90 -0.80 -17.51 -8.88
CA VAL A 90 -0.36 -18.23 -7.68
C VAL A 90 1.13 -18.57 -7.90
N ASN A 91 1.37 -19.24 -9.01
CA ASN A 91 2.72 -19.57 -9.46
C ASN A 91 3.39 -18.29 -10.00
N GLY A 92 2.55 -17.37 -10.51
CA GLY A 92 2.98 -16.13 -11.12
C GLY A 92 3.83 -15.29 -10.19
N SER A 93 3.73 -15.52 -8.87
CA SER A 93 4.54 -14.77 -7.91
C SER A 93 6.02 -14.96 -8.25
N LEU A 94 6.39 -16.18 -8.67
CA LEU A 94 7.77 -16.48 -9.05
C LEU A 94 8.14 -15.69 -10.32
N ALA A 95 7.30 -15.79 -11.36
CA ALA A 95 7.55 -15.09 -12.63
C ALA A 95 7.52 -13.56 -12.45
N LEU A 96 6.64 -13.08 -11.56
CA LEU A 96 6.48 -11.63 -11.33
C LEU A 96 7.78 -10.99 -10.87
N ILE A 97 8.49 -11.62 -9.93
CA ILE A 97 9.76 -11.08 -9.44
C ILE A 97 10.80 -11.10 -10.57
N TRP A 98 10.70 -12.08 -11.48
CA TRP A 98 11.63 -12.21 -12.60
C TRP A 98 11.44 -11.08 -13.63
N ASP A 99 10.22 -10.56 -13.78
CA ASP A 99 9.97 -9.47 -14.74
C ASP A 99 10.90 -8.29 -14.45
N ASP A 100 11.00 -7.90 -13.17
CA ASP A 100 11.85 -6.79 -12.76
C ASP A 100 13.34 -7.17 -12.88
N LEU A 101 13.68 -8.39 -12.44
CA LEU A 101 15.05 -8.88 -12.48
C LEU A 101 15.59 -8.93 -13.92
N ARG A 102 14.70 -9.22 -14.87
CA ARG A 102 15.10 -9.35 -16.27
C ARG A 102 15.19 -8.01 -17.02
N SER A 103 14.53 -6.96 -16.53
CA SER A 103 14.57 -5.68 -17.23
C SER A 103 15.90 -4.95 -17.05
N LEU A 104 16.38 -4.87 -15.81
CA LEU A 104 17.65 -4.17 -15.50
C LEU A 104 18.90 -4.90 -16.05
N SER A 105 19.06 -6.19 -15.70
CA SER A 105 20.26 -6.95 -16.11
C SER A 105 20.04 -7.81 -17.37
N LEU A 106 18.86 -8.47 -17.45
CA LEU A 106 18.48 -9.36 -18.58
C LEU A 106 18.86 -10.82 -18.32
N PHE A 107 20.16 -11.13 -18.22
CA PHE A 107 20.60 -12.52 -17.98
C PHE A 107 21.93 -12.60 -17.21
N SER A 108 22.26 -11.56 -16.43
CA SER A 108 23.50 -11.56 -15.65
C SER A 108 23.59 -10.31 -14.78
N TYR A 109 24.05 -10.47 -13.53
CA TYR A 109 24.17 -9.34 -12.61
C TYR A 109 25.31 -8.38 -13.04
N HIS A 110 26.07 -8.77 -14.08
CA HIS A 110 27.15 -7.93 -14.60
C HIS A 110 26.56 -6.89 -15.56
N ARG A 111 25.56 -7.32 -16.34
CA ARG A 111 24.88 -6.43 -17.28
C ARG A 111 24.20 -5.28 -16.53
N LEU A 112 23.77 -5.55 -15.28
CA LEU A 112 23.10 -4.55 -14.46
C LEU A 112 24.02 -3.34 -14.26
N ARG A 113 25.33 -3.59 -14.17
CA ARG A 113 26.30 -2.50 -14.01
C ARG A 113 26.14 -1.53 -15.19
N ASP A 114 25.87 -2.09 -16.38
CA ASP A 114 25.65 -1.27 -17.57
C ASP A 114 24.33 -0.51 -17.45
N LEU A 115 23.30 -1.16 -16.87
CA LEU A 115 22.00 -0.53 -16.69
C LEU A 115 22.14 0.75 -15.88
N LEU A 116 23.00 0.71 -14.86
CA LEU A 116 23.24 1.87 -14.00
C LEU A 116 23.81 3.04 -14.81
N LEU A 117 24.66 2.71 -15.78
CA LEU A 117 25.30 3.73 -16.62
C LEU A 117 24.30 4.34 -17.61
N ILE A 118 23.50 3.48 -18.27
CA ILE A 118 22.52 3.97 -19.25
C ILE A 118 21.39 4.71 -18.53
N VAL A 119 20.96 4.24 -17.34
CA VAL A 119 19.88 4.93 -16.63
C VAL A 119 20.34 6.35 -16.30
N THR A 120 21.60 6.48 -15.84
CA THR A 120 22.15 7.81 -15.54
C THR A 120 22.23 8.64 -16.82
N ARG A 121 22.55 7.99 -17.93
CA ARG A 121 22.69 8.65 -19.21
C ARG A 121 21.37 9.29 -19.70
N ILE A 122 20.24 8.62 -19.46
CA ILE A 122 18.94 9.12 -19.88
C ILE A 122 18.69 10.55 -19.38
N VAL A 123 19.10 10.83 -18.14
CA VAL A 123 18.90 12.18 -17.57
C VAL A 123 19.50 13.25 -18.47
N GLU A 124 20.64 12.94 -19.12
CA GLU A 124 21.34 13.93 -19.95
C GLU A 124 20.43 14.57 -21.02
N LEU A 125 19.72 13.75 -21.81
CA LEU A 125 18.87 14.30 -22.89
C LEU A 125 17.63 15.02 -22.36
N LEU A 126 17.07 14.56 -21.23
CA LEU A 126 15.86 15.16 -20.68
C LEU A 126 16.18 16.38 -19.80
N GLY A 127 17.38 16.44 -19.22
CA GLY A 127 17.79 17.58 -18.40
C GLY A 127 17.66 18.88 -19.19
N ARG A 128 18.15 18.85 -20.42
CA ARG A 128 18.08 20.02 -21.31
C ARG A 128 16.76 19.98 -22.09
N ARG A 129 16.18 21.15 -22.36
CA ARG A 129 14.90 21.25 -23.08
C ARG A 129 13.82 20.42 -22.36
N LEU B 1 11.41 -1.08 41.69
CA LEU B 1 10.47 -1.29 40.55
C LEU B 1 9.80 0.03 40.19
N LEU B 2 10.35 0.71 39.18
CA LEU B 2 9.81 2.00 38.72
C LEU B 2 9.50 2.94 39.90
N GLU B 3 10.48 3.76 40.30
CA GLU B 3 10.30 4.72 41.41
C GLU B 3 11.57 5.55 41.67
N LEU B 4 12.08 6.18 40.60
CA LEU B 4 13.29 7.02 40.63
C LEU B 4 14.54 6.14 40.65
N ASP B 5 14.50 5.16 41.51
CA ASP B 5 15.61 4.22 41.68
C ASP B 5 15.73 3.31 40.46
N LYS B 6 14.60 2.96 39.85
CA LYS B 6 14.62 2.11 38.66
C LYS B 6 14.98 2.90 37.41
N TRP B 7 14.42 4.10 37.30
CA TRP B 7 14.68 4.97 36.15
C TRP B 7 16.07 5.60 36.22
N ALA B 8 16.47 6.06 37.41
CA ALA B 8 17.78 6.71 37.57
C ALA B 8 18.92 5.68 37.49
N SER B 9 18.64 4.43 37.89
CA SER B 9 19.64 3.37 37.86
C SER B 9 20.11 3.09 36.43
N LEU B 10 19.20 3.24 35.46
CA LEU B 10 19.54 2.99 34.05
C LEU B 10 20.63 3.96 33.55
N TRP B 11 20.70 5.15 34.15
CA TRP B 11 21.69 6.15 33.76
C TRP B 11 23.12 5.61 33.93
N ASN B 12 23.32 4.75 34.93
CA ASN B 12 24.64 4.17 35.19
C ASN B 12 25.04 3.17 34.08
N TRP B 13 24.04 2.56 33.44
CA TRP B 13 24.29 1.59 32.36
C TRP B 13 24.89 2.30 31.14
N PHE B 14 24.13 3.24 30.57
CA PHE B 14 24.58 4.02 29.40
C PHE B 14 24.81 3.13 28.16
N ASP B 15 24.14 1.96 28.09
CA ASP B 15 24.29 1.06 26.94
C ASP B 15 22.91 0.58 26.43
N ILE B 16 22.35 -0.45 27.06
CA ILE B 16 21.04 -1.00 26.69
C ILE B 16 19.94 0.07 26.85
N THR B 17 20.07 0.91 27.89
CA THR B 17 19.07 1.95 28.18
C THR B 17 18.78 2.77 26.92
N ASN B 18 19.79 2.98 26.05
CA ASN B 18 19.55 3.74 24.83
C ASN B 18 18.41 3.10 24.05
N TRP B 19 18.49 1.79 23.85
CA TRP B 19 17.44 1.04 23.17
C TRP B 19 16.17 1.06 24.04
N LEU B 20 16.35 0.85 25.34
CA LEU B 20 15.24 0.79 26.31
C LEU B 20 14.39 2.07 26.33
N TRP B 21 15.01 3.24 26.14
CA TRP B 21 14.29 4.52 26.23
C TRP B 21 14.02 5.18 24.87
N TYR B 22 14.93 5.03 23.89
CA TYR B 22 14.77 5.70 22.59
C TYR B 22 13.63 5.12 21.74
N ILE B 23 13.03 4.00 22.15
CA ILE B 23 11.93 3.41 21.37
C ILE B 23 10.74 4.37 21.26
N ARG B 24 10.48 5.16 22.31
CA ARG B 24 9.35 6.10 22.30
C ARG B 24 9.39 7.01 21.06
N ILE B 25 10.56 7.58 20.76
CA ILE B 25 10.71 8.41 19.56
C ILE B 25 10.60 7.49 18.33
N PHE B 26 11.13 6.27 18.48
CA PHE B 26 11.12 5.28 17.42
C PHE B 26 9.69 4.94 16.99
N ILE B 27 8.72 5.01 17.92
CA ILE B 27 7.34 4.70 17.60
C ILE B 27 6.83 5.65 16.52
N ILE B 28 7.08 6.96 16.70
CA ILE B 28 6.67 7.96 15.72
C ILE B 28 7.37 7.65 14.38
N ILE B 29 8.64 7.25 14.45
CA ILE B 29 9.39 6.92 13.25
C ILE B 29 8.68 5.80 12.47
N VAL B 30 8.10 4.83 13.20
CA VAL B 30 7.37 3.73 12.54
C VAL B 30 6.27 4.32 11.64
N GLY B 31 5.57 5.35 12.14
CA GLY B 31 4.53 6.01 11.35
C GLY B 31 5.11 6.53 10.02
N SER B 32 6.40 6.85 10.04
CA SER B 32 7.12 7.36 8.87
C SER B 32 7.17 6.30 7.77
N LEU B 33 7.32 5.02 8.15
CA LEU B 33 7.41 3.91 7.18
C LEU B 33 6.15 3.88 6.31
N ILE B 34 4.98 3.99 6.95
CA ILE B 34 3.71 4.00 6.23
C ILE B 34 3.55 5.28 5.37
N GLY B 35 3.96 6.46 5.90
CA GLY B 35 3.86 7.70 5.12
C GLY B 35 4.73 7.59 3.85
N LEU B 36 5.89 6.96 4.00
CA LEU B 36 6.84 6.73 2.90
C LEU B 36 6.23 5.81 1.83
N ARG B 37 5.45 4.84 2.31
CA ARG B 37 4.82 3.80 1.49
C ARG B 37 3.96 4.33 0.34
N ILE B 38 3.36 5.51 0.44
CA ILE B 38 2.48 6.00 -0.65
C ILE B 38 3.26 6.08 -1.95
N VAL B 39 4.54 6.44 -1.88
CA VAL B 39 5.34 6.55 -3.08
C VAL B 39 5.28 5.24 -3.90
N PHE B 40 5.10 4.09 -3.19
CA PHE B 40 5.01 2.79 -3.87
C PHE B 40 3.86 2.81 -4.88
N ALA B 41 2.81 3.60 -4.60
CA ALA B 41 1.69 3.72 -5.53
C ALA B 41 2.25 4.27 -6.86
N VAL B 42 3.20 5.20 -6.73
CA VAL B 42 3.89 5.79 -7.88
C VAL B 42 4.78 4.69 -8.51
N LEU B 43 5.40 3.88 -7.64
CA LEU B 43 6.25 2.76 -8.04
C LEU B 43 5.44 1.73 -8.83
N SER B 44 4.17 1.53 -8.45
CA SER B 44 3.32 0.54 -9.11
C SER B 44 3.12 0.91 -10.58
N LEU B 45 3.01 2.21 -10.88
CA LEU B 45 2.87 2.67 -12.25
C LEU B 45 4.14 2.29 -13.02
N VAL B 46 5.28 2.50 -12.36
CA VAL B 46 6.59 2.18 -12.92
C VAL B 46 6.68 0.66 -13.12
N ASN B 47 6.26 -0.08 -12.10
CA ASN B 47 6.23 -1.52 -12.12
C ASN B 47 5.30 -2.05 -13.20
N ARG B 48 4.19 -1.37 -13.44
CA ARG B 48 3.23 -1.83 -14.43
C ARG B 48 3.90 -1.94 -15.81
N VAL B 49 4.57 -0.86 -16.21
CA VAL B 49 5.26 -0.85 -17.51
C VAL B 49 6.60 -1.60 -17.48
N ARG B 50 7.37 -1.34 -16.45
CA ARG B 50 8.71 -1.94 -16.29
C ARG B 50 8.65 -3.42 -15.88
N GLN B 51 7.70 -3.75 -15.04
CA GLN B 51 7.55 -5.13 -14.50
C GLN B 51 6.41 -5.90 -15.20
N GLY B 52 5.83 -5.31 -16.25
CA GLY B 52 4.74 -5.95 -16.99
C GLY B 52 3.44 -5.82 -16.20
N TYR B 53 2.35 -5.47 -16.89
CA TYR B 53 1.05 -5.32 -16.24
C TYR B 53 0.44 -6.70 -15.96
N SER B 54 0.41 -7.55 -17.00
CA SER B 54 -0.10 -8.91 -16.86
C SER B 54 1.09 -9.88 -16.77
N PRO B 55 0.93 -11.08 -16.20
CA PRO B 55 2.06 -12.06 -16.07
C PRO B 55 3.04 -12.05 -17.26
N LEU B 56 4.23 -11.52 -17.03
CA LEU B 56 5.26 -11.42 -18.08
C LEU B 56 6.02 -12.74 -18.30
N SER B 57 5.50 -13.86 -17.78
CA SER B 57 6.16 -15.16 -17.94
C SER B 57 6.53 -15.39 -19.40
N GLU B 80 12.77 -7.74 -24.43
CA GLU B 80 13.00 -6.75 -23.37
C GLU B 80 13.35 -5.37 -23.95
N ARG B 81 12.97 -5.13 -25.21
CA ARG B 81 13.21 -3.84 -25.88
C ARG B 81 12.34 -2.73 -25.29
N ASP B 82 11.17 -3.10 -24.73
CA ASP B 82 10.25 -2.11 -24.17
C ASP B 82 10.92 -1.24 -23.10
N ARG B 83 12.06 -1.70 -22.54
CA ARG B 83 12.79 -0.93 -21.53
C ARG B 83 13.24 0.42 -22.07
N ASP B 84 13.69 0.47 -23.33
CA ASP B 84 14.08 1.75 -23.91
C ASP B 84 12.85 2.68 -23.86
N ARG B 85 11.66 2.11 -24.06
CA ARG B 85 10.41 2.89 -23.93
C ARG B 85 10.17 3.20 -22.46
N SER B 86 10.46 2.22 -21.59
CA SER B 86 10.28 2.39 -20.16
C SER B 86 11.06 3.61 -19.67
N ILE B 87 12.08 4.02 -20.43
CA ILE B 87 12.88 5.22 -20.11
C ILE B 87 11.94 6.42 -19.93
N ARG B 88 10.80 6.43 -20.63
CA ARG B 88 9.86 7.55 -20.45
C ARG B 88 9.31 7.58 -19.00
N LEU B 89 9.52 6.48 -18.26
CA LEU B 89 9.10 6.39 -16.86
C LEU B 89 9.68 7.51 -16.01
N VAL B 90 10.96 7.88 -16.22
CA VAL B 90 11.59 8.92 -15.37
C VAL B 90 10.72 10.19 -15.41
N ASN B 91 10.43 10.69 -16.62
CA ASN B 91 9.54 11.84 -16.74
C ASN B 91 8.08 11.43 -16.46
N GLY B 92 7.82 10.11 -16.48
CA GLY B 92 6.47 9.58 -16.22
C GLY B 92 5.96 10.01 -14.84
N SER B 93 6.86 10.38 -13.93
CA SER B 93 6.47 10.79 -12.58
C SER B 93 5.63 12.07 -12.63
N LEU B 94 6.07 13.02 -13.44
CA LEU B 94 5.36 14.29 -13.60
C LEU B 94 4.04 14.04 -14.33
N ALA B 95 4.10 13.25 -15.40
CA ALA B 95 2.94 12.89 -16.20
C ALA B 95 1.90 12.11 -15.37
N LEU B 96 2.38 11.28 -14.42
CA LEU B 96 1.48 10.45 -13.63
C LEU B 96 0.46 11.30 -12.86
N ILE B 97 0.94 12.37 -12.22
CA ILE B 97 0.03 13.27 -11.47
C ILE B 97 -0.73 14.18 -12.45
N TRP B 98 -0.09 14.49 -13.57
CA TRP B 98 -0.67 15.35 -14.60
C TRP B 98 -1.85 14.67 -15.31
N ASP B 99 -1.84 13.32 -15.42
CA ASP B 99 -2.95 12.63 -16.07
C ASP B 99 -4.24 12.91 -15.30
N ASP B 100 -4.19 12.72 -13.97
CA ASP B 100 -5.34 12.96 -13.11
C ASP B 100 -5.62 14.47 -12.97
N LEU B 101 -4.57 15.25 -12.76
CA LEU B 101 -4.68 16.71 -12.55
C LEU B 101 -5.20 17.42 -13.81
N ARG B 102 -4.71 17.00 -14.97
CA ARG B 102 -5.10 17.61 -16.24
C ARG B 102 -6.44 17.06 -16.76
N SER B 103 -6.85 15.87 -16.32
CA SER B 103 -8.09 15.27 -16.79
C SER B 103 -9.33 15.95 -16.21
N LEU B 104 -9.32 16.21 -14.90
CA LEU B 104 -10.47 16.82 -14.23
C LEU B 104 -10.79 18.22 -14.79
N SER B 105 -9.80 19.12 -14.81
CA SER B 105 -10.03 20.48 -15.33
C SER B 105 -9.54 20.64 -16.77
N LEU B 106 -8.30 20.22 -17.03
CA LEU B 106 -7.67 20.35 -18.35
C LEU B 106 -7.32 21.81 -18.63
N PHE B 107 -6.03 22.07 -18.85
CA PHE B 107 -5.51 23.43 -19.13
C PHE B 107 -5.45 24.25 -17.83
N SER B 108 -6.62 24.62 -17.29
CA SER B 108 -6.67 25.41 -16.05
C SER B 108 -7.95 25.10 -15.27
N TYR B 109 -8.09 25.71 -14.08
CA TYR B 109 -9.27 25.49 -13.24
C TYR B 109 -10.51 26.07 -13.93
N HIS B 110 -11.66 26.08 -13.21
CA HIS B 110 -12.95 26.57 -13.75
C HIS B 110 -13.55 25.50 -14.64
N ARG B 111 -12.75 25.00 -15.60
CA ARG B 111 -13.17 23.93 -16.49
C ARG B 111 -13.61 22.70 -15.69
N LEU B 112 -13.02 22.51 -14.50
CA LEU B 112 -13.35 21.37 -13.65
C LEU B 112 -14.84 21.39 -13.29
N ARG B 113 -15.43 22.59 -13.17
CA ARG B 113 -16.87 22.70 -12.90
C ARG B 113 -17.66 21.94 -13.98
N ASP B 114 -17.15 21.99 -15.21
CA ASP B 114 -17.78 21.30 -16.34
C ASP B 114 -17.70 19.79 -16.12
N LEU B 115 -16.52 19.29 -15.72
CA LEU B 115 -16.34 17.86 -15.47
C LEU B 115 -17.32 17.41 -14.37
N LEU B 116 -17.46 18.23 -13.34
CA LEU B 116 -18.36 17.92 -12.22
C LEU B 116 -19.80 17.77 -12.74
N LEU B 117 -20.18 18.60 -13.69
CA LEU B 117 -21.53 18.54 -14.27
C LEU B 117 -21.72 17.28 -15.11
N ILE B 118 -20.71 16.91 -15.90
CA ILE B 118 -20.81 15.70 -16.74
C ILE B 118 -20.94 14.46 -15.84
N VAL B 119 -20.17 14.43 -14.75
CA VAL B 119 -20.20 13.30 -13.82
C VAL B 119 -21.60 13.16 -13.21
N THR B 120 -22.22 14.29 -12.87
CA THR B 120 -23.55 14.27 -12.26
C THR B 120 -24.60 13.67 -13.20
N ARG B 121 -24.60 14.09 -14.47
CA ARG B 121 -25.59 13.57 -15.42
C ARG B 121 -25.37 12.09 -15.72
N ILE B 122 -24.12 11.62 -15.69
CA ILE B 122 -23.82 10.22 -15.99
C ILE B 122 -24.36 9.28 -14.91
N VAL B 123 -24.26 9.63 -13.62
CA VAL B 123 -24.76 8.74 -12.56
C VAL B 123 -26.25 8.42 -12.81
N GLU B 124 -27.01 9.42 -13.26
CA GLU B 124 -28.43 9.21 -13.54
C GLU B 124 -28.61 8.16 -14.66
N LEU B 125 -27.76 8.29 -15.69
CA LEU B 125 -27.80 7.39 -16.85
C LEU B 125 -27.38 5.97 -16.48
N LEU B 126 -26.34 5.84 -15.64
CA LEU B 126 -25.86 4.52 -15.23
C LEU B 126 -26.92 3.78 -14.40
N GLY B 127 -27.67 4.56 -13.58
CA GLY B 127 -28.72 4.02 -12.70
C GLY B 127 -29.40 2.76 -13.26
N ARG B 128 -29.86 2.83 -14.51
CA ARG B 128 -30.50 1.68 -15.17
C ARG B 128 -29.70 1.28 -16.42
N ARG B 129 -28.68 0.44 -16.19
CA ARG B 129 -27.82 -0.03 -17.28
C ARG B 129 -28.44 -1.24 -17.99
N LEU C 1 12.88 13.43 36.51
CA LEU C 1 12.52 12.07 37.01
C LEU C 1 11.01 11.92 37.06
N LEU C 2 10.56 10.67 37.19
CA LEU C 2 9.13 10.35 37.26
C LEU C 2 8.79 9.78 38.63
N GLU C 3 7.53 9.98 39.05
CA GLU C 3 7.06 9.49 40.35
C GLU C 3 5.56 9.78 40.51
N LEU C 4 4.97 9.28 41.59
CA LEU C 4 3.53 9.47 41.86
C LEU C 4 3.11 10.93 41.71
N ASP C 5 3.77 11.79 42.47
CA ASP C 5 3.47 13.22 42.45
C ASP C 5 3.81 13.87 41.11
N LYS C 6 4.67 13.23 40.32
CA LYS C 6 5.07 13.77 39.01
C LYS C 6 3.99 13.49 37.97
N TRP C 7 3.49 12.25 37.93
CA TRP C 7 2.44 11.87 36.96
C TRP C 7 1.22 12.76 37.14
N ALA C 8 0.81 12.93 38.41
CA ALA C 8 -0.36 13.75 38.72
C ALA C 8 -0.09 15.24 38.43
N SER C 9 1.19 15.65 38.48
CA SER C 9 1.56 17.05 38.22
C SER C 9 1.24 17.43 36.77
N LEU C 10 1.41 16.49 35.84
CA LEU C 10 1.16 16.74 34.43
C LEU C 10 -0.30 17.16 34.20
N TRP C 11 -1.21 16.67 35.02
CA TRP C 11 -2.63 17.01 34.89
C TRP C 11 -2.84 18.52 35.02
N ASN C 12 -1.93 19.20 35.72
CA ASN C 12 -2.01 20.65 35.90
C ASN C 12 -1.54 21.41 34.64
N TRP C 13 -0.65 20.78 33.86
CA TRP C 13 -0.13 21.39 32.64
C TRP C 13 -1.26 21.69 31.67
N PHE C 14 -2.22 20.77 31.56
CA PHE C 14 -3.38 20.95 30.66
C PHE C 14 -2.92 21.21 29.22
N ASP C 15 -1.78 20.62 28.83
CA ASP C 15 -1.27 20.79 27.46
C ASP C 15 -0.44 19.58 27.00
N ILE C 16 0.74 19.37 27.59
CA ILE C 16 1.62 18.26 27.21
C ILE C 16 0.99 16.89 27.52
N THR C 17 0.27 16.78 28.64
CA THR C 17 -0.35 15.50 29.03
C THR C 17 -1.19 14.90 27.91
N ASN C 18 -1.98 15.73 27.23
CA ASN C 18 -2.81 15.27 26.13
C ASN C 18 -1.94 14.59 25.05
N TRP C 19 -0.85 15.26 24.70
CA TRP C 19 0.08 14.76 23.68
C TRP C 19 0.78 13.46 24.16
N LEU C 20 1.24 13.41 25.41
CA LEU C 20 1.93 12.21 25.93
C LEU C 20 1.00 11.00 26.03
N TRP C 21 -0.25 11.22 26.44
CA TRP C 21 -1.20 10.13 26.60
C TRP C 21 -1.89 9.76 25.29
N TYR C 22 -2.29 10.76 24.50
CA TYR C 22 -2.98 10.51 23.23
C TYR C 22 -2.09 9.81 22.22
N ILE C 23 -0.77 10.03 22.28
CA ILE C 23 0.13 9.34 21.33
C ILE C 23 0.05 7.83 21.57
N ARG C 24 -0.09 7.42 22.83
CA ARG C 24 -0.23 6.00 23.17
C ARG C 24 -1.47 5.45 22.45
N ILE C 25 -2.56 6.21 22.53
CA ILE C 25 -3.82 5.86 21.87
C ILE C 25 -3.57 5.78 20.35
N PHE C 26 -2.83 6.77 19.87
CA PHE C 26 -2.50 6.93 18.46
C PHE C 26 -1.74 5.72 17.91
N ILE C 27 -1.00 5.01 18.77
CA ILE C 27 -0.23 3.83 18.31
C ILE C 27 -1.18 2.81 17.73
N ILE C 28 -2.30 2.56 18.41
CA ILE C 28 -3.31 1.62 17.91
C ILE C 28 -3.92 2.19 16.62
N ILE C 29 -4.10 3.51 16.57
CA ILE C 29 -4.64 4.18 15.37
C ILE C 29 -3.72 3.92 14.18
N VAL C 30 -2.39 3.94 14.41
CA VAL C 30 -1.43 3.68 13.35
C VAL C 30 -1.74 2.32 12.72
N GLY C 31 -2.08 1.32 13.55
CA GLY C 31 -2.44 0.00 13.06
C GLY C 31 -3.59 0.14 12.05
N SER C 32 -4.53 1.02 12.38
CA SER C 32 -5.66 1.33 11.51
C SER C 32 -5.18 2.04 10.24
N LEU C 33 -4.19 2.93 10.40
CA LEU C 33 -3.67 3.75 9.31
C LEU C 33 -3.10 2.92 8.15
N ILE C 34 -2.28 1.91 8.44
CA ILE C 34 -1.68 1.08 7.38
C ILE C 34 -2.79 0.39 6.58
N GLY C 35 -3.82 -0.11 7.28
CA GLY C 35 -4.94 -0.77 6.63
C GLY C 35 -5.66 0.20 5.68
N LEU C 36 -5.71 1.47 6.07
CA LEU C 36 -6.35 2.52 5.26
C LEU C 36 -5.65 2.64 3.89
N ARG C 37 -4.33 2.49 3.92
CA ARG C 37 -3.47 2.57 2.74
C ARG C 37 -3.86 1.58 1.63
N ILE C 38 -4.46 0.44 1.98
CA ILE C 38 -4.78 -0.59 0.99
C ILE C 38 -5.72 -0.04 -0.11
N VAL C 39 -6.65 0.86 0.25
CA VAL C 39 -7.57 1.43 -0.74
C VAL C 39 -6.80 2.03 -1.93
N PHE C 40 -5.57 2.53 -1.68
CA PHE C 40 -4.75 3.09 -2.76
C PHE C 40 -4.54 2.06 -3.86
N ALA C 41 -4.50 0.78 -3.50
CA ALA C 41 -4.37 -0.30 -4.49
C ALA C 41 -5.57 -0.21 -5.44
N VAL C 42 -6.75 0.05 -4.86
CA VAL C 42 -7.98 0.25 -5.61
C VAL C 42 -7.86 1.58 -6.40
N LEU C 43 -7.28 2.60 -5.75
CA LEU C 43 -7.06 3.92 -6.38
C LEU C 43 -6.23 3.75 -7.65
N SER C 44 -5.25 2.83 -7.62
CA SER C 44 -4.41 2.57 -8.80
C SER C 44 -5.28 2.05 -9.94
N LEU C 45 -6.31 1.25 -9.59
CA LEU C 45 -7.24 0.74 -10.56
C LEU C 45 -7.98 1.91 -11.20
N VAL C 46 -8.35 2.87 -10.35
CA VAL C 46 -9.04 4.08 -10.77
C VAL C 46 -8.14 4.90 -11.69
N ASN C 47 -6.89 5.02 -11.29
CA ASN C 47 -5.88 5.72 -12.06
C ASN C 47 -5.64 5.03 -13.41
N ARG C 48 -5.69 3.70 -13.42
CA ARG C 48 -5.41 2.96 -14.63
C ARG C 48 -6.42 3.28 -15.74
N VAL C 49 -7.69 3.20 -15.41
CA VAL C 49 -8.71 3.49 -16.40
C VAL C 49 -8.89 4.99 -16.62
N ARG C 50 -8.91 5.71 -15.53
CA ARG C 50 -9.14 7.15 -15.58
C ARG C 50 -7.95 7.99 -16.07
N GLN C 51 -6.73 7.68 -15.61
CA GLN C 51 -5.56 8.51 -15.95
C GLN C 51 -4.62 7.94 -17.04
N GLY C 52 -4.65 6.63 -17.27
CA GLY C 52 -3.78 6.00 -18.28
C GLY C 52 -3.13 4.70 -17.75
N TYR C 53 -2.01 4.27 -18.34
CA TYR C 53 -1.35 3.04 -17.90
C TYR C 53 0.18 3.10 -18.05
N SER C 54 0.65 3.47 -19.25
CA SER C 54 2.08 3.55 -19.53
C SER C 54 2.49 5.03 -19.63
N PRO C 55 3.78 5.39 -19.46
CA PRO C 55 4.22 6.81 -19.54
C PRO C 55 3.39 7.64 -20.52
N LEU C 56 2.39 8.36 -19.99
CA LEU C 56 1.46 9.13 -20.80
C LEU C 56 2.10 10.36 -21.44
N SER C 57 3.26 10.84 -20.89
CA SER C 57 3.98 12.05 -21.40
C SER C 57 3.37 12.60 -22.72
N GLU C 80 -10.62 13.91 -25.07
CA GLU C 80 -11.57 14.55 -24.15
C GLU C 80 -12.70 13.59 -23.78
N ARG C 81 -13.21 12.93 -24.80
CA ARG C 81 -14.30 11.95 -24.66
C ARG C 81 -13.91 10.78 -23.75
N ASP C 82 -12.61 10.48 -23.66
CA ASP C 82 -12.14 9.35 -22.84
C ASP C 82 -12.63 9.46 -21.39
N ARG C 83 -12.98 10.68 -20.94
CA ARG C 83 -13.45 10.89 -19.57
C ARG C 83 -14.89 10.37 -19.40
N ASP C 84 -15.68 10.40 -20.49
CA ASP C 84 -17.06 9.91 -20.43
C ASP C 84 -17.06 8.44 -20.01
N ARG C 85 -16.16 7.65 -20.60
CA ARG C 85 -16.04 6.24 -20.27
C ARG C 85 -15.44 6.06 -18.87
N SER C 86 -14.45 6.88 -18.54
CA SER C 86 -13.80 6.81 -17.23
C SER C 86 -14.82 7.02 -16.13
N ILE C 87 -15.74 7.98 -16.31
CA ILE C 87 -16.78 8.25 -15.30
C ILE C 87 -17.61 6.97 -15.07
N ARG C 88 -17.57 6.01 -16.01
CA ARG C 88 -18.30 4.76 -15.83
C ARG C 88 -17.78 4.08 -14.55
N LEU C 89 -16.47 4.26 -14.28
CA LEU C 89 -15.84 3.70 -13.09
C LEU C 89 -16.51 4.19 -11.79
N VAL C 90 -17.28 5.31 -11.85
CA VAL C 90 -17.93 5.80 -10.62
C VAL C 90 -18.77 4.66 -10.05
N ASN C 91 -19.65 4.14 -10.89
CA ASN C 91 -20.47 2.98 -10.55
C ASN C 91 -19.60 1.71 -10.58
N GLY C 92 -18.46 1.80 -11.27
CA GLY C 92 -17.52 0.69 -11.45
C GLY C 92 -17.04 0.13 -10.11
N SER C 93 -17.18 0.90 -9.03
CA SER C 93 -16.76 0.43 -7.71
C SER C 93 -17.54 -0.85 -7.37
N LEU C 94 -18.82 -0.88 -7.77
CA LEU C 94 -19.66 -2.06 -7.56
C LEU C 94 -19.17 -3.20 -8.46
N ALA C 95 -18.99 -2.89 -9.75
CA ALA C 95 -18.53 -3.90 -10.72
C ALA C 95 -17.17 -4.51 -10.34
N LEU C 96 -16.27 -3.69 -9.75
CA LEU C 96 -14.94 -4.19 -9.38
C LEU C 96 -15.05 -5.34 -8.39
N ILE C 97 -15.92 -5.17 -7.39
CA ILE C 97 -16.14 -6.20 -6.38
C ILE C 97 -16.80 -7.42 -7.03
N TRP C 98 -17.69 -7.16 -8.00
CA TRP C 98 -18.41 -8.22 -8.70
C TRP C 98 -17.49 -9.05 -9.61
N ASP C 99 -16.46 -8.43 -10.22
CA ASP C 99 -15.54 -9.18 -11.09
C ASP C 99 -14.93 -10.33 -10.29
N ASP C 100 -14.48 -10.02 -9.07
CA ASP C 100 -13.88 -10.99 -8.18
C ASP C 100 -14.93 -11.97 -7.64
N LEU C 101 -16.09 -11.45 -7.21
CA LEU C 101 -17.18 -12.27 -6.64
C LEU C 101 -17.85 -13.20 -7.67
N ARG C 102 -17.90 -12.77 -8.93
CA ARG C 102 -18.58 -13.55 -9.98
C ARG C 102 -17.76 -14.71 -10.54
N SER C 103 -16.51 -14.46 -10.92
CA SER C 103 -15.68 -15.47 -11.55
C SER C 103 -15.33 -16.65 -10.63
N LEU C 104 -14.93 -16.36 -9.39
CA LEU C 104 -14.53 -17.40 -8.44
C LEU C 104 -15.72 -18.28 -7.99
N SER C 105 -16.90 -17.68 -7.79
CA SER C 105 -18.08 -18.44 -7.35
C SER C 105 -18.99 -18.81 -8.52
N LEU C 106 -19.30 -17.82 -9.36
CA LEU C 106 -20.20 -18.02 -10.51
C LEU C 106 -21.62 -18.28 -10.00
N PHE C 107 -22.12 -17.34 -9.19
CA PHE C 107 -23.47 -17.43 -8.61
C PHE C 107 -23.60 -18.67 -7.73
N SER C 108 -24.49 -18.61 -6.72
CA SER C 108 -24.72 -19.73 -5.79
C SER C 108 -23.42 -20.19 -5.11
N TYR C 109 -23.35 -20.05 -3.79
CA TYR C 109 -22.16 -20.45 -3.04
C TYR C 109 -21.92 -21.96 -3.16
N HIS C 110 -23.00 -22.74 -3.39
CA HIS C 110 -22.87 -24.18 -3.57
C HIS C 110 -22.08 -24.44 -4.86
N ARG C 111 -22.42 -23.67 -5.90
CA ARG C 111 -21.76 -23.75 -7.20
C ARG C 111 -20.29 -23.32 -7.09
N LEU C 112 -19.97 -22.43 -6.16
CA LEU C 112 -18.60 -21.93 -6.00
C LEU C 112 -17.65 -23.09 -5.69
N ARG C 113 -18.13 -24.12 -4.98
CA ARG C 113 -17.29 -25.27 -4.64
C ARG C 113 -16.70 -25.91 -5.90
N ASP C 114 -17.48 -25.99 -6.98
CA ASP C 114 -16.97 -26.58 -8.22
C ASP C 114 -15.86 -25.69 -8.83
N LEU C 115 -15.98 -24.36 -8.69
CA LEU C 115 -14.94 -23.45 -9.21
C LEU C 115 -13.59 -23.75 -8.54
N LEU C 116 -13.65 -24.06 -7.26
CA LEU C 116 -12.46 -24.33 -6.44
C LEU C 116 -11.63 -25.49 -7.01
N LEU C 117 -12.29 -26.50 -7.56
CA LEU C 117 -11.57 -27.66 -8.11
C LEU C 117 -10.87 -27.31 -9.43
N ILE C 118 -11.47 -26.42 -10.23
CA ILE C 118 -10.86 -26.05 -11.51
C ILE C 118 -9.53 -25.35 -11.29
N VAL C 119 -9.46 -24.51 -10.24
CA VAL C 119 -8.23 -23.73 -9.97
C VAL C 119 -6.99 -24.64 -9.86
N THR C 120 -7.13 -25.81 -9.20
CA THR C 120 -5.99 -26.71 -9.05
C THR C 120 -5.51 -27.21 -10.42
N ARG C 121 -6.45 -27.66 -11.24
CA ARG C 121 -6.13 -28.15 -12.59
C ARG C 121 -5.63 -26.98 -13.48
N ILE C 122 -6.14 -25.78 -13.22
CA ILE C 122 -5.79 -24.59 -13.99
C ILE C 122 -4.27 -24.34 -13.92
N VAL C 123 -3.64 -24.61 -12.77
CA VAL C 123 -2.19 -24.42 -12.63
C VAL C 123 -1.47 -25.16 -13.78
N GLU C 124 -1.95 -26.34 -14.14
CA GLU C 124 -1.36 -27.08 -15.25
C GLU C 124 -1.40 -26.28 -16.56
N LEU C 125 -2.53 -25.59 -16.81
CA LEU C 125 -2.74 -24.82 -18.04
C LEU C 125 -1.79 -23.61 -18.20
N LEU C 126 -1.58 -22.83 -17.14
CA LEU C 126 -0.70 -21.64 -17.23
C LEU C 126 0.77 -22.04 -17.04
N GLY C 127 1.01 -23.20 -16.40
CA GLY C 127 2.36 -23.70 -16.19
C GLY C 127 3.07 -23.94 -17.53
N ARG C 128 2.30 -24.42 -18.52
CA ARG C 128 2.83 -24.69 -19.84
C ARG C 128 2.36 -23.62 -20.82
N ARG C 129 3.29 -23.14 -21.67
CA ARG C 129 2.96 -22.10 -22.65
C ARG C 129 3.89 -22.21 -23.87
N LEU A 1 1.57 6.34 42.61
CA LEU A 1 1.20 6.06 41.19
C LEU A 1 2.42 5.54 40.43
N LEU A 2 2.33 4.31 39.94
CA LEU A 2 3.43 3.69 39.19
C LEU A 2 4.72 3.74 40.02
N GLU A 3 4.72 3.06 41.18
CA GLU A 3 5.89 3.08 42.05
C GLU A 3 5.98 1.86 42.99
N LEU A 4 6.32 0.71 42.42
CA LEU A 4 6.50 -0.56 43.17
C LEU A 4 5.19 -1.13 43.69
N ASP A 5 4.28 -0.26 44.07
CA ASP A 5 2.98 -0.68 44.59
C ASP A 5 1.94 -0.77 43.49
N LYS A 6 2.00 0.15 42.53
CA LYS A 6 1.03 0.14 41.42
C LYS A 6 1.44 -0.88 40.35
N TRP A 7 2.75 -1.09 40.17
CA TRP A 7 3.24 -2.04 39.17
C TRP A 7 3.03 -3.47 39.62
N ALA A 8 3.25 -3.74 40.90
CA ALA A 8 3.08 -5.10 41.43
C ALA A 8 1.61 -5.44 41.63
N SER A 9 0.82 -4.45 42.04
CA SER A 9 -0.61 -4.65 42.27
C SER A 9 -1.31 -5.15 40.99
N LEU A 10 -0.78 -4.74 39.83
CA LEU A 10 -1.35 -5.15 38.55
C LEU A 10 -1.23 -6.68 38.34
N TRP A 11 -0.26 -7.30 39.02
CA TRP A 11 -0.05 -8.76 38.90
C TRP A 11 -1.26 -9.53 39.43
N ASN A 12 -1.95 -8.96 40.42
CA ASN A 12 -3.14 -9.61 41.00
C ASN A 12 -4.31 -9.60 40.01
N TRP A 13 -4.36 -8.58 39.15
CA TRP A 13 -5.43 -8.47 38.14
C TRP A 13 -5.46 -9.71 37.26
N PHE A 14 -4.30 -10.11 36.74
CA PHE A 14 -4.19 -11.29 35.89
C PHE A 14 -5.16 -11.18 34.70
N ASP A 15 -5.43 -9.95 34.24
CA ASP A 15 -6.33 -9.73 33.11
C ASP A 15 -5.90 -8.53 32.25
N ILE A 16 -6.01 -7.32 32.80
CA ILE A 16 -5.65 -6.10 32.07
C ILE A 16 -4.13 -6.01 31.81
N THR A 17 -3.33 -6.40 32.81
CA THR A 17 -1.88 -6.34 32.71
C THR A 17 -1.35 -7.03 31.44
N ASN A 18 -2.02 -8.11 31.01
CA ASN A 18 -1.55 -8.85 29.84
C ASN A 18 -1.58 -7.99 28.57
N TRP A 19 -2.70 -7.32 28.29
CA TRP A 19 -2.79 -6.49 27.10
C TRP A 19 -1.82 -5.28 27.21
N LEU A 20 -1.80 -4.63 28.37
CA LEU A 20 -0.94 -3.47 28.59
C LEU A 20 0.54 -3.84 28.60
N TRP A 21 0.87 -5.03 29.12
CA TRP A 21 2.26 -5.45 29.19
C TRP A 21 2.71 -6.14 27.90
N TYR A 22 1.78 -6.47 26.98
CA TYR A 22 2.16 -7.13 25.73
C TYR A 22 2.16 -6.20 24.50
N ILE A 23 1.43 -5.05 24.50
CA ILE A 23 1.47 -4.18 23.32
C ILE A 23 2.89 -3.67 23.04
N ARG A 24 3.67 -3.41 24.10
CA ARG A 24 5.05 -2.93 23.93
C ARG A 24 5.82 -3.88 22.99
N ILE A 25 5.59 -5.18 23.19
CA ILE A 25 6.22 -6.23 22.35
C ILE A 25 5.45 -6.32 21.02
N PHE A 26 4.13 -6.25 21.11
CA PHE A 26 3.25 -6.35 19.96
C PHE A 26 3.51 -5.21 18.94
N ILE A 27 4.00 -4.07 19.44
CA ILE A 27 4.28 -2.91 18.60
C ILE A 27 5.35 -3.30 17.56
N ILE A 28 6.40 -3.99 18.01
CA ILE A 28 7.45 -4.46 17.10
C ILE A 28 6.82 -5.38 16.05
N ILE A 29 5.85 -6.19 16.47
CA ILE A 29 5.15 -7.10 15.57
C ILE A 29 4.36 -6.30 14.53
N VAL A 30 3.77 -5.16 14.93
CA VAL A 30 3.01 -4.32 13.99
C VAL A 30 3.91 -3.98 12.80
N GLY A 31 5.19 -3.63 13.08
CA GLY A 31 6.15 -3.32 12.03
C GLY A 31 6.21 -4.49 11.04
N SER A 32 6.15 -5.72 11.57
CA SER A 32 6.15 -6.92 10.75
C SER A 32 4.86 -6.99 9.93
N LEU A 33 3.75 -6.59 10.56
CA LEU A 33 2.44 -6.60 9.91
C LEU A 33 2.43 -5.72 8.66
N ILE A 34 2.98 -4.51 8.79
CA ILE A 34 3.01 -3.57 7.65
C ILE A 34 3.75 -4.20 6.44
N GLY A 35 4.88 -4.90 6.68
CA GLY A 35 5.61 -5.53 5.58
C GLY A 35 4.76 -6.63 4.91
N LEU A 36 3.90 -7.27 5.70
CA LEU A 36 3.02 -8.35 5.20
C LEU A 36 2.11 -7.80 4.09
N ARG A 37 1.61 -6.59 4.31
CA ARG A 37 0.74 -5.89 3.36
C ARG A 37 1.36 -5.77 1.97
N ILE A 38 2.68 -5.73 1.89
CA ILE A 38 3.36 -5.57 0.59
C ILE A 38 2.95 -6.70 -0.36
N VAL A 39 2.73 -7.91 0.16
CA VAL A 39 2.29 -9.05 -0.66
C VAL A 39 1.00 -8.67 -1.45
N PHE A 40 0.20 -7.75 -0.89
CA PHE A 40 -1.05 -7.30 -1.54
C PHE A 40 -0.77 -6.81 -2.96
N ALA A 41 0.44 -6.29 -3.21
CA ALA A 41 0.78 -5.77 -4.54
C ALA A 41 0.57 -6.88 -5.59
N VAL A 42 0.89 -8.16 -5.26
CA VAL A 42 0.62 -9.25 -6.22
C VAL A 42 -0.91 -9.42 -6.35
N LEU A 43 -1.62 -9.21 -5.24
CA LEU A 43 -3.08 -9.31 -5.20
C LEU A 43 -3.73 -8.20 -6.04
N SER A 44 -3.14 -7.01 -6.01
CA SER A 44 -3.68 -5.88 -6.76
C SER A 44 -3.52 -6.14 -8.25
N LEU A 45 -2.36 -6.69 -8.63
CA LEU A 45 -2.09 -7.02 -10.01
C LEU A 45 -3.06 -8.10 -10.47
N VAL A 46 -3.27 -9.09 -9.61
CA VAL A 46 -4.20 -10.17 -9.92
C VAL A 46 -5.61 -9.57 -10.03
N ASN A 47 -5.91 -8.64 -9.12
CA ASN A 47 -7.19 -7.94 -9.08
C ASN A 47 -7.49 -7.13 -10.34
N ARG A 48 -6.50 -6.38 -10.86
CA ARG A 48 -6.72 -5.57 -12.06
C ARG A 48 -7.01 -6.47 -13.27
N VAL A 49 -6.35 -7.61 -13.29
CA VAL A 49 -6.50 -8.56 -14.37
C VAL A 49 -7.83 -9.31 -14.25
N ARG A 50 -8.14 -9.77 -13.03
CA ARG A 50 -9.39 -10.51 -12.81
C ARG A 50 -10.66 -9.63 -12.80
N GLN A 51 -10.52 -8.30 -12.67
CA GLN A 51 -11.72 -7.42 -12.59
C GLN A 51 -12.33 -7.06 -13.95
N GLY A 52 -11.83 -7.68 -15.03
CA GLY A 52 -12.37 -7.43 -16.37
C GLY A 52 -11.87 -6.12 -16.99
N TYR A 53 -10.60 -5.75 -16.74
CA TYR A 53 -10.02 -4.51 -17.32
C TYR A 53 -10.80 -3.26 -16.81
N SER A 54 -10.98 -2.23 -17.68
CA SER A 54 -11.70 -1.01 -17.34
C SER A 54 -13.15 -1.32 -16.99
N PRO A 55 -13.86 -0.43 -16.27
CA PRO A 55 -15.27 -0.70 -15.87
C PRO A 55 -16.09 -1.33 -17.00
N LEU A 56 -16.36 -2.64 -16.90
CA LEU A 56 -17.09 -3.36 -17.95
C LEU A 56 -18.52 -3.76 -17.53
N SER A 57 -18.79 -3.83 -16.22
CA SER A 57 -20.12 -4.21 -15.73
C SER A 57 -20.56 -5.54 -16.35
N GLU A 80 -15.01 -14.49 -18.66
CA GLU A 80 -13.88 -14.61 -19.58
C GLU A 80 -12.86 -15.66 -19.11
N ARG A 81 -12.23 -16.29 -20.09
CA ARG A 81 -11.21 -17.31 -19.87
C ARG A 81 -10.04 -16.77 -19.01
N ASP A 82 -9.81 -15.46 -19.05
CA ASP A 82 -8.68 -14.84 -18.35
C ASP A 82 -8.61 -15.20 -16.86
N ARG A 83 -9.65 -15.83 -16.28
CA ARG A 83 -9.60 -16.24 -14.88
C ARG A 83 -8.59 -17.38 -14.72
N ASP A 84 -8.45 -18.22 -15.76
CA ASP A 84 -7.48 -19.31 -15.75
C ASP A 84 -6.07 -18.72 -15.81
N ARG A 85 -5.88 -17.74 -16.71
CA ARG A 85 -4.59 -17.07 -16.86
C ARG A 85 -4.29 -16.18 -15.65
N SER A 86 -5.34 -15.60 -15.05
CA SER A 86 -5.14 -14.75 -13.87
C SER A 86 -4.51 -15.59 -12.77
N ILE A 87 -5.01 -16.82 -12.62
CA ILE A 87 -4.43 -17.74 -11.63
C ILE A 87 -2.94 -17.94 -11.95
N ARG A 88 -2.47 -17.59 -13.15
CA ARG A 88 -1.04 -17.76 -13.45
C ARG A 88 -0.23 -16.96 -12.43
N LEU A 89 -0.83 -15.91 -11.87
CA LEU A 89 -0.17 -15.07 -10.87
C LEU A 89 0.26 -15.86 -9.60
N VAL A 90 -0.24 -17.12 -9.33
CA VAL A 90 0.24 -17.84 -8.09
C VAL A 90 1.77 -17.87 -8.18
N ASN A 91 2.21 -18.37 -9.31
CA ASN A 91 3.62 -18.45 -9.67
C ASN A 91 4.18 -17.07 -10.03
N GLY A 92 3.26 -16.14 -10.37
CA GLY A 92 3.62 -14.79 -10.77
C GLY A 92 4.44 -14.07 -9.69
N SER A 93 4.36 -14.54 -8.44
CA SER A 93 5.13 -13.94 -7.35
C SER A 93 6.62 -14.05 -7.63
N LEU A 94 7.05 -15.20 -8.16
CA LEU A 94 8.45 -15.43 -8.48
C LEU A 94 8.86 -14.57 -9.68
N ALA A 95 8.06 -14.65 -10.75
CA ALA A 95 8.32 -13.88 -11.97
C ALA A 95 8.24 -12.36 -11.73
N LEU A 96 7.33 -11.92 -10.83
CA LEU A 96 7.16 -10.49 -10.57
C LEU A 96 8.45 -9.87 -10.07
N ILE A 97 9.13 -10.54 -9.14
CA ILE A 97 10.40 -10.04 -8.61
C ILE A 97 11.44 -10.05 -9.73
N TRP A 98 11.34 -11.06 -10.62
CA TRP A 98 12.28 -11.20 -11.72
C TRP A 98 12.15 -10.10 -12.78
N ASP A 99 10.93 -9.57 -13.02
CA ASP A 99 10.75 -8.51 -14.03
C ASP A 99 11.64 -7.32 -13.64
N ASP A 100 11.65 -6.98 -12.36
CA ASP A 100 12.44 -5.88 -11.82
C ASP A 100 13.95 -6.22 -11.87
N LEU A 101 14.27 -7.45 -11.46
CA LEU A 101 15.67 -7.92 -11.44
C LEU A 101 16.26 -8.00 -12.86
N ARG A 102 15.41 -8.33 -13.84
CA ARG A 102 15.86 -8.47 -15.23
C ARG A 102 15.97 -7.14 -15.98
N SER A 103 15.25 -6.10 -15.53
CA SER A 103 15.29 -4.81 -16.24
C SER A 103 16.59 -4.05 -15.96
N LEU A 104 16.99 -3.95 -14.69
CA LEU A 104 18.23 -3.23 -14.35
C LEU A 104 19.48 -3.99 -14.84
N SER A 105 19.60 -5.26 -14.47
CA SER A 105 20.77 -6.06 -14.85
C SER A 105 20.51 -6.94 -16.08
N LEU A 106 19.40 -7.68 -16.07
CA LEU A 106 19.03 -8.61 -17.16
C LEU A 106 19.88 -9.90 -17.11
N PHE A 107 20.89 -9.94 -16.23
CA PHE A 107 21.75 -11.13 -16.10
C PHE A 107 22.74 -10.97 -14.95
N SER A 108 22.68 -11.89 -13.98
CA SER A 108 23.57 -11.88 -12.82
C SER A 108 23.62 -10.48 -12.15
N TYR A 109 24.63 -9.64 -12.48
CA TYR A 109 24.74 -8.30 -11.88
C TYR A 109 25.76 -7.41 -12.63
N HIS A 110 26.69 -8.03 -13.37
CA HIS A 110 27.71 -7.28 -14.11
C HIS A 110 27.05 -6.22 -15.00
N ARG A 111 25.90 -6.57 -15.57
CA ARG A 111 25.16 -5.66 -16.44
C ARG A 111 24.53 -4.50 -15.64
N LEU A 112 24.18 -4.77 -14.38
CA LEU A 112 23.58 -3.77 -13.49
C LEU A 112 24.55 -2.58 -13.33
N ARG A 113 25.86 -2.87 -13.31
CA ARG A 113 26.86 -1.80 -13.18
C ARG A 113 26.66 -0.79 -14.32
N ASP A 114 26.40 -1.31 -15.52
CA ASP A 114 26.14 -0.46 -16.68
C ASP A 114 24.84 0.32 -16.46
N LEU A 115 23.86 -0.31 -15.79
CA LEU A 115 22.58 0.33 -15.54
C LEU A 115 22.78 1.63 -14.75
N LEU A 116 23.71 1.63 -13.80
CA LEU A 116 23.99 2.81 -12.98
C LEU A 116 24.42 4.02 -13.82
N LEU A 117 25.18 3.78 -14.89
CA LEU A 117 25.66 4.86 -15.75
C LEU A 117 24.54 5.40 -16.64
N ILE A 118 23.74 4.50 -17.21
CA ILE A 118 22.65 4.91 -18.08
C ILE A 118 21.58 5.72 -17.35
N VAL A 119 21.28 5.39 -16.07
CA VAL A 119 20.23 6.14 -15.35
C VAL A 119 20.53 7.64 -15.39
N THR A 120 21.82 8.05 -15.25
CA THR A 120 22.09 9.48 -15.36
C THR A 120 21.72 9.94 -16.78
N ARG A 121 21.95 9.06 -17.75
CA ARG A 121 21.61 9.30 -19.16
C ARG A 121 20.09 9.35 -19.34
N ILE A 122 19.34 8.57 -18.53
CA ILE A 122 17.89 8.51 -18.62
C ILE A 122 17.32 9.92 -18.42
N VAL A 123 17.66 10.57 -17.30
CA VAL A 123 17.18 11.93 -17.04
C VAL A 123 17.72 12.92 -18.08
N GLU A 124 18.98 12.72 -18.46
CA GLU A 124 19.64 13.59 -19.44
C GLU A 124 18.97 13.51 -20.81
N LEU A 125 18.61 12.29 -21.23
CA LEU A 125 17.99 12.08 -22.54
C LEU A 125 16.61 12.71 -22.59
N LEU A 126 15.82 12.54 -21.53
CA LEU A 126 14.46 13.09 -21.49
C LEU A 126 14.44 14.54 -20.96
N GLY A 127 15.57 14.99 -20.37
CA GLY A 127 15.67 16.34 -19.83
C GLY A 127 15.50 17.39 -20.92
N ARG A 128 16.09 17.13 -22.10
CA ARG A 128 16.02 18.06 -23.22
C ARG A 128 14.65 17.98 -23.91
N ARG A 129 14.21 19.10 -24.50
CA ARG A 129 12.92 19.17 -25.19
C ARG A 129 11.76 18.94 -24.20
N LEU B 1 10.57 -3.12 43.30
CA LEU B 1 10.31 -3.47 41.87
C LEU B 1 9.93 -2.19 41.12
N LEU B 2 10.80 -1.78 40.19
CA LEU B 2 10.57 -0.56 39.39
C LEU B 2 10.41 0.65 40.31
N GLU B 3 11.43 1.52 40.35
CA GLU B 3 11.39 2.70 41.21
C GLU B 3 12.53 3.68 40.90
N LEU B 4 12.53 4.81 41.61
CA LEU B 4 13.54 5.86 41.46
C LEU B 4 14.95 5.26 41.42
N ASP B 5 15.27 4.48 42.44
CA ASP B 5 16.60 3.87 42.56
C ASP B 5 16.88 2.86 41.45
N LYS B 6 15.84 2.22 40.93
CA LYS B 6 16.02 1.23 39.87
C LYS B 6 16.27 1.91 38.52
N TRP B 7 15.49 2.95 38.22
CA TRP B 7 15.64 3.67 36.95
C TRP B 7 17.05 4.24 36.85
N ALA B 8 17.51 4.86 37.93
CA ALA B 8 18.84 5.47 37.98
C ALA B 8 19.96 4.43 37.83
N SER B 9 19.67 3.16 38.14
CA SER B 9 20.67 2.09 38.04
C SER B 9 21.02 1.79 36.58
N LEU B 10 20.02 1.87 35.69
CA LEU B 10 20.24 1.60 34.25
C LEU B 10 21.26 2.58 33.66
N TRP B 11 21.41 3.76 34.28
CA TRP B 11 22.35 4.77 33.79
C TRP B 11 23.79 4.22 33.79
N ASN B 12 24.06 3.20 34.62
CA ASN B 12 25.39 2.60 34.69
C ASN B 12 25.55 1.46 33.65
N TRP B 13 24.43 0.82 33.29
CA TRP B 13 24.44 -0.28 32.33
C TRP B 13 25.05 0.17 30.99
N PHE B 14 24.56 1.30 30.47
CA PHE B 14 25.05 1.86 29.21
C PHE B 14 24.78 0.90 28.02
N ASP B 15 23.70 0.09 28.11
CA ASP B 15 23.36 -0.83 27.03
C ASP B 15 21.83 -0.95 26.87
N ILE B 16 21.14 -1.41 27.92
CA ILE B 16 19.68 -1.54 27.88
C ILE B 16 19.01 -0.16 27.83
N THR B 17 19.59 0.80 28.54
CA THR B 17 19.05 2.16 28.59
C THR B 17 18.86 2.74 27.19
N ASN B 18 19.74 2.39 26.24
CA ASN B 18 19.64 2.93 24.88
C ASN B 18 18.41 2.37 24.15
N TRP B 19 18.25 1.05 24.16
CA TRP B 19 17.09 0.42 23.52
C TRP B 19 15.81 0.85 24.26
N LEU B 20 15.88 0.88 25.58
CA LEU B 20 14.75 1.27 26.41
C LEU B 20 14.41 2.75 26.20
N TRP B 21 15.44 3.59 25.98
CA TRP B 21 15.22 5.03 25.80
C TRP B 21 15.28 5.48 24.32
N TYR B 22 15.37 4.53 23.37
CA TYR B 22 15.37 4.88 21.93
C TYR B 22 14.14 4.28 21.23
N ILE B 23 13.55 3.24 21.83
CA ILE B 23 12.36 2.60 21.28
C ILE B 23 11.18 3.62 21.22
N ARG B 24 11.11 4.51 22.22
CA ARG B 24 10.05 5.52 22.29
C ARG B 24 9.97 6.30 20.98
N ILE B 25 11.13 6.75 20.49
CA ILE B 25 11.21 7.46 19.21
C ILE B 25 10.92 6.46 18.08
N PHE B 26 11.41 5.24 18.27
CA PHE B 26 11.27 4.17 17.30
C PHE B 26 9.79 3.84 17.05
N ILE B 27 8.94 3.97 18.07
CA ILE B 27 7.51 3.70 17.92
C ILE B 27 6.94 4.65 16.85
N ILE B 28 7.34 5.93 16.89
CA ILE B 28 6.90 6.89 15.89
C ILE B 28 7.39 6.42 14.50
N ILE B 29 8.61 5.86 14.46
CA ILE B 29 9.20 5.34 13.22
C ILE B 29 8.36 4.15 12.71
N VAL B 30 7.87 3.31 13.64
CA VAL B 30 7.05 2.14 13.27
C VAL B 30 5.87 2.60 12.39
N GLY B 31 5.29 3.75 12.71
CA GLY B 31 4.17 4.29 11.94
C GLY B 31 4.63 4.97 10.63
N SER B 32 5.87 5.48 10.61
CA SER B 32 6.42 6.21 9.46
C SER B 32 6.48 5.39 8.15
N LEU B 33 7.00 4.15 8.21
CA LEU B 33 7.13 3.33 6.99
C LEU B 33 5.77 3.09 6.32
N ILE B 34 4.70 3.00 7.11
CA ILE B 34 3.37 2.73 6.55
C ILE B 34 3.02 3.82 5.51
N GLY B 35 3.33 5.09 5.82
CA GLY B 35 3.09 6.20 4.89
C GLY B 35 3.95 6.03 3.62
N LEU B 36 5.14 5.44 3.81
CA LEU B 36 6.07 5.17 2.71
C LEU B 36 5.34 4.37 1.61
N ARG B 37 4.47 3.47 2.05
CA ARG B 37 3.67 2.61 1.17
C ARG B 37 2.86 3.43 0.16
N ILE B 38 2.50 4.66 0.52
CA ILE B 38 1.68 5.48 -0.36
C ILE B 38 2.43 5.68 -1.70
N VAL B 39 3.77 5.80 -1.67
CA VAL B 39 4.54 5.92 -2.91
C VAL B 39 4.48 4.60 -3.73
N PHE B 40 4.33 3.44 -3.03
CA PHE B 40 4.25 2.14 -3.73
C PHE B 40 3.11 2.16 -4.74
N ALA B 41 2.04 2.92 -4.46
CA ALA B 41 0.93 3.04 -5.41
C ALA B 41 1.51 3.60 -6.72
N VAL B 42 2.47 4.51 -6.58
CA VAL B 42 3.18 5.10 -7.72
C VAL B 42 4.06 3.98 -8.36
N LEU B 43 4.67 3.15 -7.50
CA LEU B 43 5.52 2.03 -7.94
C LEU B 43 4.76 1.10 -8.87
N SER B 44 3.48 0.90 -8.60
CA SER B 44 2.67 -0.01 -9.41
C SER B 44 2.58 0.49 -10.84
N LEU B 45 2.42 1.79 -11.01
CA LEU B 45 2.34 2.38 -12.33
C LEU B 45 3.64 2.11 -13.10
N VAL B 46 4.75 2.22 -12.37
CA VAL B 46 6.08 1.97 -12.91
C VAL B 46 6.25 0.47 -13.18
N ASN B 47 5.80 -0.34 -12.24
CA ASN B 47 5.88 -1.80 -12.33
C ASN B 47 5.07 -2.34 -13.51
N ARG B 48 3.92 -1.74 -13.81
CA ARG B 48 3.09 -2.23 -14.89
C ARG B 48 3.79 -2.02 -16.22
N VAL B 49 4.30 -0.81 -16.40
CA VAL B 49 4.95 -0.45 -17.65
C VAL B 49 6.37 -1.00 -17.79
N ARG B 50 7.16 -0.86 -16.75
CA ARG B 50 8.54 -1.34 -16.81
C ARG B 50 8.66 -2.87 -16.75
N GLN B 51 7.88 -3.48 -15.87
CA GLN B 51 7.94 -4.91 -15.63
C GLN B 51 6.82 -5.71 -16.30
N GLY B 52 5.73 -5.02 -16.60
CA GLY B 52 4.56 -5.62 -17.23
C GLY B 52 3.40 -5.68 -16.23
N TYR B 53 2.19 -5.31 -16.68
CA TYR B 53 1.02 -5.26 -15.80
C TYR B 53 0.42 -6.64 -15.43
N SER B 54 -0.17 -7.40 -16.37
CA SER B 54 -0.76 -8.71 -16.07
C SER B 54 0.34 -9.70 -15.65
N PRO B 55 0.02 -10.81 -14.96
CA PRO B 55 1.05 -11.81 -14.51
C PRO B 55 2.13 -12.00 -15.59
N LEU B 56 3.41 -11.99 -15.16
CA LEU B 56 4.52 -12.09 -16.12
C LEU B 56 5.03 -13.51 -16.32
N SER B 57 4.77 -14.43 -15.36
CA SER B 57 5.22 -15.85 -15.44
C SER B 57 5.92 -16.17 -16.77
N GLU B 80 12.01 -7.72 -21.89
CA GLU B 80 12.17 -6.57 -20.99
C GLU B 80 12.77 -5.36 -21.73
N ARG B 81 12.51 -5.27 -23.04
CA ARG B 81 13.02 -4.18 -23.87
C ARG B 81 12.29 -2.85 -23.56
N ASP B 82 11.05 -2.96 -23.07
CA ASP B 82 10.23 -1.79 -22.73
C ASP B 82 10.91 -0.84 -21.73
N ARG B 83 12.05 -1.23 -21.16
CA ARG B 83 12.77 -0.38 -20.19
C ARG B 83 13.07 0.98 -20.78
N ASP B 84 13.43 1.04 -22.06
CA ASP B 84 13.75 2.31 -22.70
C ASP B 84 12.53 3.24 -22.61
N ARG B 85 11.33 2.69 -22.88
CA ARG B 85 10.09 3.48 -22.80
C ARG B 85 9.75 3.78 -21.34
N SER B 86 9.96 2.80 -20.46
CA SER B 86 9.68 2.97 -19.04
C SER B 86 10.47 4.18 -18.50
N ILE B 87 11.58 4.54 -19.17
CA ILE B 87 12.37 5.73 -18.76
C ILE B 87 11.44 6.95 -18.65
N ARG B 88 10.40 6.98 -19.50
CA ARG B 88 9.44 8.07 -19.49
C ARG B 88 8.74 8.17 -18.12
N LEU B 89 8.64 7.03 -17.43
CA LEU B 89 7.99 6.99 -16.11
C LEU B 89 8.62 7.95 -15.10
N VAL B 90 9.95 8.15 -15.17
CA VAL B 90 10.61 9.05 -14.21
C VAL B 90 9.93 10.43 -14.30
N ASN B 91 9.87 10.97 -15.51
CA ASN B 91 9.16 12.23 -15.75
C ASN B 91 7.64 11.99 -15.67
N GLY B 92 7.23 10.73 -15.79
CA GLY B 92 5.81 10.35 -15.77
C GLY B 92 5.11 10.78 -14.49
N SER B 93 5.87 11.05 -13.43
CA SER B 93 5.28 11.48 -12.16
C SER B 93 4.48 12.78 -12.37
N LEU B 94 5.03 13.68 -13.19
CA LEU B 94 4.36 14.94 -13.49
C LEU B 94 3.12 14.68 -14.35
N ALA B 95 3.32 13.93 -15.45
CA ALA B 95 2.22 13.59 -16.36
C ALA B 95 1.12 12.82 -15.63
N LEU B 96 1.50 11.97 -14.66
CA LEU B 96 0.56 11.16 -13.91
C LEU B 96 -0.46 12.03 -13.18
N ILE B 97 0.02 13.09 -12.52
CA ILE B 97 -0.86 14.00 -11.80
C ILE B 97 -1.70 14.81 -12.81
N TRP B 98 -1.11 15.12 -13.96
CA TRP B 98 -1.76 15.89 -15.02
C TRP B 98 -2.90 15.10 -15.68
N ASP B 99 -2.79 13.76 -15.73
CA ASP B 99 -3.83 12.94 -16.37
C ASP B 99 -5.20 13.23 -15.72
N ASP B 100 -5.24 13.23 -14.39
CA ASP B 100 -6.48 13.52 -13.66
C ASP B 100 -6.89 15.00 -13.75
N LEU B 101 -5.93 15.93 -13.58
CA LEU B 101 -6.24 17.38 -13.63
C LEU B 101 -6.61 17.85 -15.04
N ARG B 102 -5.82 17.43 -16.02
CA ARG B 102 -6.02 17.83 -17.42
C ARG B 102 -7.29 17.19 -18.00
N SER B 103 -7.56 15.93 -17.67
CA SER B 103 -8.74 15.25 -18.19
C SER B 103 -10.02 15.92 -17.67
N LEU B 104 -10.02 16.22 -16.38
CA LEU B 104 -11.17 16.86 -15.70
C LEU B 104 -11.47 18.26 -16.24
N SER B 105 -10.45 19.13 -16.28
CA SER B 105 -10.62 20.52 -16.72
C SER B 105 -10.26 20.71 -18.20
N LEU B 106 -9.09 20.20 -18.59
CA LEU B 106 -8.58 20.34 -19.96
C LEU B 106 -8.21 21.79 -20.25
N PHE B 107 -6.94 22.11 -20.04
CA PHE B 107 -6.40 23.46 -20.25
C PHE B 107 -7.17 24.53 -19.42
N SER B 108 -8.26 25.09 -19.97
CA SER B 108 -9.03 26.13 -19.26
C SER B 108 -9.75 25.54 -18.04
N TYR B 109 -9.68 26.24 -16.90
CA TYR B 109 -10.34 25.78 -15.68
C TYR B 109 -11.86 25.94 -15.82
N HIS B 110 -12.30 27.00 -16.53
CA HIS B 110 -13.74 27.22 -16.76
C HIS B 110 -14.35 25.95 -17.38
N ARG B 111 -13.58 25.33 -18.27
CA ARG B 111 -13.97 24.09 -18.93
C ARG B 111 -14.32 23.01 -17.89
N LEU B 112 -13.68 23.08 -16.71
CA LEU B 112 -13.91 22.09 -15.66
C LEU B 112 -15.37 22.08 -15.26
N ARG B 113 -15.99 23.27 -15.15
CA ARG B 113 -17.41 23.35 -14.82
C ARG B 113 -18.21 22.62 -15.89
N ASP B 114 -17.79 22.78 -17.16
CA ASP B 114 -18.46 22.12 -18.28
C ASP B 114 -18.33 20.60 -18.16
N LEU B 115 -17.11 20.11 -17.85
CA LEU B 115 -16.89 18.67 -17.69
C LEU B 115 -17.65 18.15 -16.46
N LEU B 116 -17.67 18.96 -15.41
CA LEU B 116 -18.36 18.62 -14.17
C LEU B 116 -19.87 18.47 -14.41
N LEU B 117 -20.43 19.30 -15.30
CA LEU B 117 -21.87 19.25 -15.59
C LEU B 117 -22.23 18.02 -16.45
N ILE B 118 -21.41 17.70 -17.46
CA ILE B 118 -21.70 16.55 -18.31
C ILE B 118 -21.49 15.26 -17.53
N VAL B 119 -20.48 15.19 -16.65
CA VAL B 119 -20.25 13.98 -15.88
C VAL B 119 -21.45 13.70 -14.97
N THR B 120 -21.96 14.73 -14.26
CA THR B 120 -23.13 14.55 -13.38
C THR B 120 -24.36 14.14 -14.18
N ARG B 121 -24.50 14.68 -15.40
CA ARG B 121 -25.67 14.40 -16.25
C ARG B 121 -25.67 12.93 -16.71
N ILE B 122 -24.49 12.33 -16.89
CA ILE B 122 -24.41 10.95 -17.34
C ILE B 122 -24.93 9.98 -16.25
N VAL B 123 -24.67 10.29 -14.97
CA VAL B 123 -25.11 9.40 -13.90
C VAL B 123 -26.65 9.24 -13.86
N GLU B 124 -27.40 10.33 -14.12
CA GLU B 124 -28.87 10.25 -14.09
C GLU B 124 -29.38 9.35 -15.22
N LEU B 125 -28.79 9.47 -16.41
CA LEU B 125 -29.18 8.66 -17.57
C LEU B 125 -28.93 7.18 -17.28
N LEU B 126 -27.78 6.89 -16.67
CA LEU B 126 -27.40 5.52 -16.33
C LEU B 126 -28.05 5.05 -15.01
N GLY B 127 -28.53 6.02 -14.21
CA GLY B 127 -29.17 5.73 -12.92
C GLY B 127 -30.20 4.60 -13.03
N ARG B 128 -31.06 4.67 -14.05
CA ARG B 128 -32.10 3.64 -14.24
C ARG B 128 -31.51 2.38 -14.87
N ARG B 129 -31.15 1.41 -14.02
CA ARG B 129 -30.57 0.15 -14.49
C ARG B 129 -31.67 -0.92 -14.60
N LEU C 1 14.88 11.42 36.51
CA LEU C 1 14.30 10.14 37.05
C LEU C 1 12.78 10.19 36.95
N LEU C 2 12.12 9.10 37.39
CA LEU C 2 10.65 9.02 37.35
C LEU C 2 10.09 8.71 38.74
N GLU C 3 8.94 9.31 39.05
CA GLU C 3 8.27 9.12 40.35
C GLU C 3 6.90 9.78 40.34
N LEU C 4 6.14 9.62 41.43
CA LEU C 4 4.80 10.22 41.55
C LEU C 4 4.88 11.72 41.29
N ASP C 5 5.88 12.35 41.88
CA ASP C 5 6.07 13.79 41.76
C ASP C 5 6.38 14.20 40.33
N LYS C 6 7.09 13.33 39.60
CA LYS C 6 7.46 13.63 38.21
C LYS C 6 6.27 13.37 37.28
N TRP C 7 5.54 12.28 37.53
CA TRP C 7 4.37 11.91 36.73
C TRP C 7 3.23 12.88 36.97
N ALA C 8 2.98 13.17 38.25
CA ALA C 8 1.90 14.09 38.63
C ALA C 8 2.19 15.53 38.17
N SER C 9 3.48 15.84 37.93
CA SER C 9 3.87 17.17 37.48
C SER C 9 3.38 17.46 36.06
N LEU C 10 3.36 16.42 35.21
CA LEU C 10 2.90 16.59 33.82
C LEU C 10 1.45 17.08 33.75
N TRP C 11 0.63 16.64 34.71
CA TRP C 11 -0.78 17.03 34.73
C TRP C 11 -0.93 18.55 34.83
N ASN C 12 0.05 19.22 35.44
CA ASN C 12 0.03 20.68 35.61
C ASN C 12 0.41 21.41 34.31
N TRP C 13 1.08 20.71 33.38
CA TRP C 13 1.50 21.31 32.11
C TRP C 13 0.27 21.63 31.24
N PHE C 14 -0.65 20.67 31.17
CA PHE C 14 -1.89 20.83 30.40
C PHE C 14 -1.60 21.22 28.94
N ASP C 15 -0.44 20.81 28.39
CA ASP C 15 -0.12 21.14 27.00
C ASP C 15 0.64 20.01 26.28
N ILE C 16 1.94 19.83 26.58
CA ILE C 16 2.77 18.79 25.92
C ILE C 16 2.31 17.38 26.34
N THR C 17 1.92 17.23 27.62
CA THR C 17 1.51 15.93 28.16
C THR C 17 0.46 15.28 27.26
N ASN C 18 -0.41 16.08 26.63
CA ASN C 18 -1.43 15.52 25.75
C ASN C 18 -0.74 14.67 24.67
N TRP C 19 0.30 15.22 24.05
CA TRP C 19 1.06 14.49 23.04
C TRP C 19 1.75 13.27 23.73
N LEU C 20 2.33 13.52 24.90
CA LEU C 20 3.07 12.49 25.63
C LEU C 20 2.24 11.24 25.97
N TRP C 21 0.98 11.45 26.36
CA TRP C 21 0.12 10.34 26.79
C TRP C 21 -0.82 9.84 25.68
N TYR C 22 -1.40 10.76 24.89
CA TYR C 22 -2.33 10.36 23.83
C TYR C 22 -1.63 9.61 22.70
N ILE C 23 -0.29 9.77 22.56
CA ILE C 23 0.43 9.02 21.52
C ILE C 23 0.25 7.53 21.78
N ARG C 24 0.23 7.15 23.08
CA ARG C 24 0.01 5.75 23.48
C ARG C 24 -1.28 5.24 22.83
N ILE C 25 -2.32 6.08 22.90
CA ILE C 25 -3.62 5.76 22.29
C ILE C 25 -3.43 5.63 20.78
N PHE C 26 -2.67 6.56 20.22
CA PHE C 26 -2.39 6.62 18.79
C PHE C 26 -1.69 5.36 18.29
N ILE C 27 -0.93 4.67 19.16
CA ILE C 27 -0.21 3.47 18.75
C ILE C 27 -1.19 2.41 18.25
N ILE C 28 -2.28 2.18 19.00
CA ILE C 28 -3.30 1.22 18.59
C ILE C 28 -3.88 1.69 17.24
N ILE C 29 -4.11 2.99 17.12
CA ILE C 29 -4.65 3.58 15.90
C ILE C 29 -3.70 3.29 14.72
N VAL C 30 -2.37 3.32 14.96
CA VAL C 30 -1.39 3.05 13.89
C VAL C 30 -1.72 1.68 13.28
N GLY C 31 -1.99 0.68 14.14
CA GLY C 31 -2.36 -0.66 13.67
C GLY C 31 -3.56 -0.55 12.72
N SER C 32 -4.47 0.36 13.07
CA SER C 32 -5.65 0.65 12.27
C SER C 32 -5.23 1.33 10.96
N LEU C 33 -4.22 2.19 11.05
CA LEU C 33 -3.71 2.97 9.93
C LEU C 33 -3.21 2.10 8.75
N ILE C 34 -2.42 1.05 9.03
CA ILE C 34 -1.93 0.20 7.93
C ILE C 34 -3.12 -0.44 7.22
N GLY C 35 -4.10 -0.89 8.01
CA GLY C 35 -5.30 -1.52 7.46
C GLY C 35 -6.05 -0.55 6.54
N LEU C 36 -5.97 0.76 6.84
CA LEU C 36 -6.63 1.78 6.02
C LEU C 36 -6.19 1.64 4.54
N ARG C 37 -4.92 1.32 4.34
CA ARG C 37 -4.29 1.18 3.02
C ARG C 37 -4.96 0.20 2.03
N ILE C 38 -5.63 -0.88 2.48
CA ILE C 38 -6.16 -1.85 1.47
C ILE C 38 -7.13 -1.17 0.50
N VAL C 39 -7.93 -0.22 0.97
CA VAL C 39 -8.87 0.44 0.06
C VAL C 39 -8.11 1.20 -1.06
N PHE C 40 -6.90 1.69 -0.77
CA PHE C 40 -6.11 2.43 -1.76
C PHE C 40 -5.90 1.57 -3.01
N ALA C 41 -5.85 0.24 -2.83
CA ALA C 41 -5.71 -0.67 -3.97
C ALA C 41 -6.90 -0.45 -4.91
N VAL C 42 -8.07 -0.22 -4.30
CA VAL C 42 -9.30 0.05 -5.02
C VAL C 42 -9.12 1.38 -5.81
N LEU C 43 -8.53 2.38 -5.13
CA LEU C 43 -8.27 3.70 -5.73
C LEU C 43 -7.32 3.55 -6.93
N SER C 44 -6.34 2.65 -6.82
CA SER C 44 -5.38 2.43 -7.91
C SER C 44 -6.09 1.94 -9.17
N LEU C 45 -7.12 1.11 -8.98
CA LEU C 45 -7.90 0.59 -10.08
C LEU C 45 -8.58 1.76 -10.79
N VAL C 46 -9.18 2.62 -9.96
CA VAL C 46 -9.86 3.82 -10.45
C VAL C 46 -8.84 4.73 -11.16
N ASN C 47 -7.68 4.86 -10.53
CA ASN C 47 -6.58 5.65 -11.05
C ASN C 47 -6.08 5.08 -12.38
N ARG C 48 -6.08 3.75 -12.52
CA ARG C 48 -5.56 3.14 -13.74
C ARG C 48 -6.36 3.59 -14.95
N VAL C 49 -7.69 3.48 -14.85
CA VAL C 49 -8.56 3.85 -15.94
C VAL C 49 -8.72 5.37 -16.05
N ARG C 50 -8.94 6.01 -14.91
CA ARG C 50 -9.16 7.45 -14.87
C ARG C 50 -7.88 8.28 -15.10
N GLN C 51 -6.74 7.76 -14.66
CA GLN C 51 -5.45 8.49 -14.78
C GLN C 51 -4.55 8.00 -15.93
N GLY C 52 -4.85 6.81 -16.45
CA GLY C 52 -4.04 6.21 -17.52
C GLY C 52 -2.96 5.30 -16.90
N TYR C 53 -2.79 4.08 -17.43
CA TYR C 53 -1.81 3.13 -16.88
C TYR C 53 -0.41 3.29 -17.49
N SER C 54 -0.33 3.60 -18.78
CA SER C 54 0.97 3.77 -19.44
C SER C 54 1.33 5.26 -19.53
N PRO C 55 2.62 5.64 -19.51
CA PRO C 55 3.03 7.08 -19.58
C PRO C 55 2.14 7.91 -20.54
N LEU C 56 1.09 8.53 -19.97
CA LEU C 56 0.14 9.33 -20.75
C LEU C 56 0.69 10.72 -21.14
N SER C 57 2.01 10.94 -20.94
CA SER C 57 2.63 12.22 -21.30
C SER C 57 2.21 12.67 -22.71
N GLU C 80 -9.39 14.10 -25.59
CA GLU C 80 -10.53 13.93 -24.67
C GLU C 80 -11.57 12.90 -25.12
N ARG C 81 -11.22 12.04 -26.08
CA ARG C 81 -12.13 11.02 -26.58
C ARG C 81 -12.36 9.90 -25.57
N ASP C 82 -11.28 9.52 -24.86
CA ASP C 82 -11.34 8.43 -23.87
C ASP C 82 -12.06 8.84 -22.57
N ARG C 83 -12.39 10.14 -22.42
CA ARG C 83 -13.08 10.61 -21.21
C ARG C 83 -14.48 10.01 -21.10
N ASP C 84 -15.19 9.82 -22.22
CA ASP C 84 -16.54 9.26 -22.16
C ASP C 84 -16.52 7.90 -21.46
N ARG C 85 -15.50 7.09 -21.79
CA ARG C 85 -15.33 5.79 -21.18
C ARG C 85 -14.89 5.94 -19.72
N SER C 86 -14.12 6.98 -19.42
CA SER C 86 -13.64 7.19 -18.05
C SER C 86 -14.81 7.53 -17.14
N ILE C 87 -15.77 8.39 -17.57
CA ILE C 87 -16.93 8.70 -16.72
C ILE C 87 -17.67 7.41 -16.33
N ARG C 88 -17.52 6.33 -17.11
CA ARG C 88 -18.19 5.08 -16.75
C ARG C 88 -17.69 4.61 -15.37
N LEU C 89 -16.57 5.17 -14.89
CA LEU C 89 -16.01 4.80 -13.59
C LEU C 89 -17.06 4.99 -12.48
N VAL C 90 -17.96 5.99 -12.63
CA VAL C 90 -18.98 6.23 -11.57
C VAL C 90 -19.75 4.93 -11.32
N ASN C 91 -20.32 4.37 -12.39
CA ASN C 91 -21.01 3.08 -12.30
C ASN C 91 -19.98 1.96 -12.13
N GLY C 92 -18.74 2.22 -12.56
CA GLY C 92 -17.66 1.25 -12.49
C GLY C 92 -17.40 0.79 -11.05
N SER C 93 -17.82 1.59 -10.06
CA SER C 93 -17.62 1.23 -8.66
C SER C 93 -18.41 -0.04 -8.34
N LEU C 94 -19.64 -0.13 -8.86
CA LEU C 94 -20.47 -1.31 -8.63
C LEU C 94 -19.91 -2.52 -9.37
N ALA C 95 -19.52 -2.31 -10.63
CA ALA C 95 -18.97 -3.38 -11.47
C ALA C 95 -17.60 -3.85 -10.97
N LEU C 96 -16.79 -2.92 -10.44
CA LEU C 96 -15.45 -3.25 -9.95
C LEU C 96 -15.51 -4.26 -8.80
N ILE C 97 -16.42 -4.03 -7.85
CA ILE C 97 -16.56 -4.92 -6.70
C ILE C 97 -17.18 -6.26 -7.14
N TRP C 98 -18.19 -6.20 -8.01
CA TRP C 98 -18.89 -7.39 -8.47
C TRP C 98 -18.01 -8.28 -9.38
N ASP C 99 -17.23 -7.69 -10.29
CA ASP C 99 -16.37 -8.49 -11.17
C ASP C 99 -15.45 -9.40 -10.37
N ASP C 100 -14.99 -8.91 -9.21
CA ASP C 100 -14.10 -9.69 -8.35
C ASP C 100 -14.86 -10.85 -7.69
N LEU C 101 -16.05 -10.55 -7.16
CA LEU C 101 -16.90 -11.55 -6.48
C LEU C 101 -17.46 -12.58 -7.45
N ARG C 102 -17.99 -12.09 -8.57
CA ARG C 102 -18.61 -12.94 -9.59
C ARG C 102 -17.61 -13.84 -10.32
N SER C 103 -16.35 -13.42 -10.40
CA SER C 103 -15.31 -14.21 -11.08
C SER C 103 -15.07 -15.54 -10.36
N LEU C 104 -15.00 -15.49 -9.03
CA LEU C 104 -14.74 -16.69 -8.23
C LEU C 104 -15.91 -17.69 -8.23
N SER C 105 -17.10 -17.21 -7.86
CA SER C 105 -18.28 -18.08 -7.75
C SER C 105 -19.21 -18.08 -8.97
N LEU C 106 -19.11 -17.07 -9.84
CA LEU C 106 -20.01 -16.98 -11.00
C LEU C 106 -21.49 -17.15 -10.53
N PHE C 107 -22.06 -16.08 -9.99
CA PHE C 107 -23.45 -16.09 -9.49
C PHE C 107 -23.62 -17.04 -8.28
N SER C 108 -24.15 -16.45 -7.19
CA SER C 108 -24.44 -17.15 -5.92
C SER C 108 -23.62 -18.44 -5.67
N TYR C 109 -22.43 -18.27 -5.06
CA TYR C 109 -21.51 -19.36 -4.66
C TYR C 109 -21.73 -20.69 -5.47
N HIS C 110 -21.52 -21.87 -4.83
CA HIS C 110 -21.64 -23.18 -5.51
C HIS C 110 -20.42 -23.39 -6.42
N ARG C 111 -20.32 -22.55 -7.45
CA ARG C 111 -19.20 -22.60 -8.39
C ARG C 111 -17.87 -22.36 -7.65
N LEU C 112 -17.90 -21.59 -6.54
CA LEU C 112 -16.69 -21.29 -5.77
C LEU C 112 -16.05 -22.58 -5.28
N ARG C 113 -16.87 -23.57 -4.89
CA ARG C 113 -16.33 -24.86 -4.46
C ARG C 113 -15.47 -25.41 -5.60
N ASP C 114 -16.00 -25.28 -6.82
CA ASP C 114 -15.29 -25.70 -8.02
C ASP C 114 -14.10 -24.76 -8.26
N LEU C 115 -14.26 -23.46 -7.92
CA LEU C 115 -13.20 -22.49 -8.12
C LEU C 115 -11.96 -22.87 -7.30
N LEU C 116 -12.18 -23.32 -6.06
CA LEU C 116 -11.07 -23.69 -5.16
C LEU C 116 -10.22 -24.82 -5.74
N LEU C 117 -10.85 -25.79 -6.40
CA LEU C 117 -10.09 -26.91 -6.97
C LEU C 117 -9.32 -26.49 -8.22
N ILE C 118 -9.81 -25.48 -8.97
CA ILE C 118 -9.11 -25.05 -10.20
C ILE C 118 -7.79 -24.37 -9.84
N VAL C 119 -7.76 -23.55 -8.79
CA VAL C 119 -6.51 -22.85 -8.44
C VAL C 119 -5.43 -23.85 -7.99
N THR C 120 -5.78 -24.80 -7.12
CA THR C 120 -4.82 -25.81 -6.66
C THR C 120 -4.35 -26.70 -7.80
N ARG C 121 -5.25 -27.04 -8.71
CA ARG C 121 -4.91 -27.92 -9.83
C ARG C 121 -3.83 -27.29 -10.73
N ILE C 122 -3.81 -25.96 -10.85
CA ILE C 122 -2.83 -25.31 -11.72
C ILE C 122 -1.39 -25.72 -11.34
N VAL C 123 -1.09 -25.84 -10.04
CA VAL C 123 0.25 -26.22 -9.61
C VAL C 123 0.65 -27.61 -10.15
N GLU C 124 -0.30 -28.57 -10.19
CA GLU C 124 0.00 -29.92 -10.67
C GLU C 124 0.40 -29.92 -12.15
N LEU C 125 -0.36 -29.20 -13.00
CA LEU C 125 -0.07 -29.14 -14.42
C LEU C 125 1.23 -28.34 -14.67
N LEU C 126 1.43 -27.30 -13.86
CA LEU C 126 2.60 -26.44 -13.96
C LEU C 126 3.87 -27.24 -13.62
N GLY C 127 3.77 -28.15 -12.65
CA GLY C 127 4.91 -28.99 -12.24
C GLY C 127 5.62 -29.59 -13.46
N ARG C 128 4.84 -29.91 -14.50
CA ARG C 128 5.39 -30.49 -15.73
C ARG C 128 5.49 -29.43 -16.82
N ARG C 129 6.43 -29.59 -17.75
CA ARG C 129 6.63 -28.64 -18.84
C ARG C 129 7.22 -29.34 -20.06
N LEU A 1 0.31 4.86 43.44
CA LEU A 1 0.03 4.53 42.02
C LEU A 1 1.35 4.27 41.29
N LEU A 2 1.38 3.19 40.51
CA LEU A 2 2.58 2.81 39.76
C LEU A 2 3.82 2.74 40.68
N GLU A 3 3.96 1.62 41.39
CA GLU A 3 5.10 1.39 42.29
C GLU A 3 5.48 -0.08 42.25
N LEU A 4 6.53 -0.47 42.98
CA LEU A 4 6.97 -1.87 43.02
C LEU A 4 5.80 -2.77 43.44
N ASP A 5 4.93 -2.27 44.31
CA ASP A 5 3.80 -3.04 44.80
C ASP A 5 2.68 -3.15 43.77
N LYS A 6 2.46 -2.10 42.98
CA LYS A 6 1.39 -2.12 41.98
C LYS A 6 1.84 -2.87 40.73
N TRP A 7 3.10 -2.66 40.32
CA TRP A 7 3.65 -3.34 39.15
C TRP A 7 3.80 -4.82 39.43
N ALA A 8 4.31 -5.15 40.61
CA ALA A 8 4.53 -6.55 41.00
C ALA A 8 3.21 -7.27 41.30
N SER A 9 2.20 -6.53 41.76
CA SER A 9 0.89 -7.12 42.07
C SER A 9 0.17 -7.53 40.77
N LEU A 10 0.44 -6.82 39.68
CA LEU A 10 -0.19 -7.11 38.39
C LEU A 10 0.17 -8.53 37.90
N TRP A 11 1.38 -9.01 38.26
CA TRP A 11 1.81 -10.36 37.85
C TRP A 11 0.86 -11.45 38.37
N ASN A 12 0.06 -11.11 39.39
CA ASN A 12 -0.89 -12.07 39.96
C ASN A 12 -2.20 -12.14 39.17
N TRP A 13 -2.45 -11.14 38.31
CA TRP A 13 -3.67 -11.09 37.51
C TRP A 13 -3.75 -12.31 36.58
N PHE A 14 -2.67 -12.58 35.84
CA PHE A 14 -2.61 -13.72 34.92
C PHE A 14 -3.76 -13.65 33.90
N ASP A 15 -3.98 -12.45 33.35
CA ASP A 15 -5.04 -12.25 32.34
C ASP A 15 -4.69 -11.06 31.42
N ILE A 16 -4.94 -9.82 31.88
CA ILE A 16 -4.64 -8.62 31.12
C ILE A 16 -3.13 -8.39 30.96
N THR A 17 -2.35 -8.73 31.98
CA THR A 17 -0.91 -8.46 31.98
C THR A 17 -0.22 -8.94 30.70
N ASN A 18 -0.68 -10.03 30.08
CA ASN A 18 -0.04 -10.48 28.85
C ASN A 18 -0.23 -9.41 27.76
N TRP A 19 -1.47 -8.96 27.58
CA TRP A 19 -1.77 -7.91 26.61
C TRP A 19 -1.12 -6.58 27.05
N LEU A 20 -1.25 -6.26 28.34
CA LEU A 20 -0.74 -5.01 28.92
C LEU A 20 0.79 -4.89 28.83
N TRP A 21 1.50 -6.01 29.02
CA TRP A 21 2.96 -5.99 29.01
C TRP A 21 3.54 -6.27 27.61
N TYR A 22 3.01 -7.28 26.90
CA TYR A 22 3.54 -7.63 25.58
C TYR A 22 3.18 -6.62 24.50
N ILE A 23 2.41 -5.55 24.84
CA ILE A 23 2.06 -4.53 23.83
C ILE A 23 3.34 -3.89 23.29
N ARG A 24 4.35 -3.71 24.16
CA ARG A 24 5.62 -3.08 23.77
C ARG A 24 6.23 -3.80 22.56
N ILE A 25 6.29 -5.13 22.61
CA ILE A 25 6.82 -5.91 21.49
C ILE A 25 5.86 -5.79 20.29
N PHE A 26 4.56 -5.65 20.60
CA PHE A 26 3.53 -5.52 19.57
C PHE A 26 3.71 -4.22 18.77
N ILE A 27 4.21 -3.15 19.42
CA ILE A 27 4.40 -1.88 18.72
C ILE A 27 5.39 -2.05 17.57
N ILE A 28 6.53 -2.67 17.85
CA ILE A 28 7.55 -2.91 16.82
C ILE A 28 6.94 -3.82 15.73
N ILE A 29 6.13 -4.80 16.16
CA ILE A 29 5.46 -5.72 15.24
C ILE A 29 4.54 -4.95 14.27
N VAL A 30 3.88 -3.87 14.75
CA VAL A 30 3.00 -3.08 13.87
C VAL A 30 3.82 -2.63 12.63
N GLY A 31 5.08 -2.26 12.85
CA GLY A 31 5.95 -1.87 11.74
C GLY A 31 6.08 -3.05 10.77
N SER A 32 6.22 -4.25 11.34
CA SER A 32 6.31 -5.48 10.55
C SER A 32 5.02 -5.68 9.76
N LEU A 33 3.89 -5.33 10.39
CA LEU A 33 2.58 -5.48 9.76
C LEU A 33 2.52 -4.69 8.46
N ILE A 34 2.99 -3.44 8.51
CA ILE A 34 3.00 -2.59 7.33
C ILE A 34 4.01 -3.12 6.29
N GLY A 35 5.19 -3.59 6.72
CA GLY A 35 6.17 -4.14 5.78
C GLY A 35 5.55 -5.34 5.04
N LEU A 36 4.59 -6.00 5.69
CA LEU A 36 3.86 -7.13 5.10
C LEU A 36 3.08 -6.65 3.86
N ARG A 37 2.56 -5.43 3.97
CA ARG A 37 1.77 -4.78 2.93
C ARG A 37 2.49 -4.70 1.58
N ILE A 38 3.84 -4.64 1.58
CA ILE A 38 4.56 -4.50 0.32
C ILE A 38 4.24 -5.68 -0.61
N VAL A 39 4.08 -6.90 -0.07
CA VAL A 39 3.70 -8.06 -0.89
C VAL A 39 2.27 -7.88 -1.44
N PHE A 40 1.43 -7.19 -0.67
CA PHE A 40 0.03 -6.93 -1.04
C PHE A 40 -0.01 -6.25 -2.42
N ALA A 41 1.05 -5.50 -2.75
CA ALA A 41 1.12 -4.80 -4.02
C ALA A 41 0.97 -5.82 -5.16
N VAL A 42 1.56 -7.03 -4.99
CA VAL A 42 1.43 -8.07 -6.02
C VAL A 42 -0.07 -8.41 -6.21
N LEU A 43 -0.84 -8.40 -5.09
CA LEU A 43 -2.27 -8.69 -5.13
C LEU A 43 -2.97 -7.72 -6.09
N SER A 44 -2.53 -6.46 -6.11
CA SER A 44 -3.09 -5.45 -7.01
C SER A 44 -2.82 -5.85 -8.46
N LEU A 45 -1.63 -6.43 -8.69
CA LEU A 45 -1.23 -6.88 -10.01
C LEU A 45 -2.20 -7.98 -10.47
N VAL A 46 -2.50 -8.87 -9.53
CA VAL A 46 -3.43 -9.97 -9.74
C VAL A 46 -4.83 -9.38 -9.96
N ASN A 47 -5.15 -8.38 -9.16
CA ASN A 47 -6.45 -7.73 -9.22
C ASN A 47 -6.70 -7.04 -10.57
N ARG A 48 -5.67 -6.44 -11.18
CA ARG A 48 -5.83 -5.75 -12.45
C ARG A 48 -6.30 -6.73 -13.54
N VAL A 49 -5.63 -7.87 -13.59
CA VAL A 49 -5.93 -8.92 -14.54
C VAL A 49 -7.20 -9.67 -14.11
N ARG A 50 -7.28 -9.96 -12.83
CA ARG A 50 -8.41 -10.70 -12.24
C ARG A 50 -9.71 -9.87 -12.14
N GLN A 51 -9.63 -8.54 -12.29
CA GLN A 51 -10.84 -7.68 -12.21
C GLN A 51 -11.42 -7.35 -13.59
N GLY A 52 -10.58 -7.49 -14.62
CA GLY A 52 -10.98 -7.20 -16.01
C GLY A 52 -10.39 -5.86 -16.50
N TYR A 53 -9.28 -5.44 -15.90
CA TYR A 53 -8.59 -4.19 -16.26
C TYR A 53 -9.53 -2.95 -16.08
N SER A 54 -10.07 -2.39 -17.18
CA SER A 54 -10.95 -1.22 -17.11
C SER A 54 -12.37 -1.65 -16.70
N PRO A 55 -13.20 -0.75 -16.18
CA PRO A 55 -14.58 -1.12 -15.75
C PRO A 55 -15.27 -2.07 -16.76
N LEU A 56 -15.48 -3.32 -16.36
CA LEU A 56 -16.09 -4.32 -17.23
C LEU A 56 -17.53 -4.68 -16.77
N SER A 57 -17.86 -4.38 -15.50
CA SER A 57 -19.20 -4.67 -14.94
C SER A 57 -19.69 -6.07 -15.38
N GLU A 80 -14.77 -15.71 -17.24
CA GLU A 80 -13.72 -15.48 -18.24
C GLU A 80 -12.47 -16.33 -17.96
N ARG A 81 -11.76 -16.67 -19.04
CA ARG A 81 -10.54 -17.48 -18.96
C ARG A 81 -9.48 -16.83 -18.05
N ASP A 82 -9.53 -15.49 -17.95
CA ASP A 82 -8.55 -14.76 -17.14
C ASP A 82 -8.47 -15.25 -15.69
N ARG A 83 -9.45 -16.05 -15.22
CA ARG A 83 -9.42 -16.55 -13.85
C ARG A 83 -8.36 -17.63 -13.69
N ASP A 84 -8.32 -18.59 -14.62
CA ASP A 84 -7.30 -19.64 -14.56
C ASP A 84 -5.92 -19.02 -14.71
N ARG A 85 -5.83 -17.97 -15.51
CA ARG A 85 -4.59 -17.26 -15.73
C ARG A 85 -4.20 -16.47 -14.49
N SER A 86 -5.19 -15.88 -13.81
CA SER A 86 -4.93 -15.09 -12.61
C SER A 86 -4.47 -15.94 -11.42
N ILE A 87 -5.07 -17.13 -11.23
CA ILE A 87 -4.72 -17.95 -10.05
C ILE A 87 -3.28 -18.49 -10.04
N ARG A 88 -2.67 -18.99 -11.14
CA ARG A 88 -1.27 -19.51 -10.94
C ARG A 88 -0.30 -18.31 -10.89
N LEU A 89 -0.78 -17.08 -11.27
CA LEU A 89 0.05 -15.87 -11.10
C LEU A 89 0.46 -15.81 -9.60
N VAL A 90 -0.32 -16.52 -8.77
CA VAL A 90 -0.07 -16.63 -7.34
C VAL A 90 1.37 -17.14 -7.16
N ASN A 91 1.72 -18.24 -7.86
CA ASN A 91 3.10 -18.72 -7.87
C ASN A 91 3.91 -17.73 -8.73
N GLY A 92 3.20 -17.11 -9.68
CA GLY A 92 3.75 -16.12 -10.58
C GLY A 92 4.39 -14.97 -9.80
N SER A 93 4.03 -14.84 -8.51
CA SER A 93 4.61 -13.78 -7.67
C SER A 93 6.13 -13.93 -7.69
N LEU A 94 6.61 -15.19 -7.71
CA LEU A 94 8.04 -15.46 -7.82
C LEU A 94 8.49 -14.87 -9.17
N ALA A 95 7.74 -15.18 -10.23
CA ALA A 95 8.05 -14.64 -11.56
C ALA A 95 8.03 -13.11 -11.54
N LEU A 96 7.14 -12.51 -10.74
CA LEU A 96 6.99 -11.05 -10.69
C LEU A 96 8.30 -10.38 -10.28
N ILE A 97 8.99 -10.90 -9.26
CA ILE A 97 10.27 -10.32 -8.84
C ILE A 97 11.23 -10.43 -10.03
N TRP A 98 11.08 -11.49 -10.81
CA TRP A 98 11.90 -11.73 -11.99
C TRP A 98 11.59 -10.69 -13.09
N ASP A 99 10.34 -10.21 -13.17
CA ASP A 99 9.98 -9.21 -14.20
C ASP A 99 10.88 -7.99 -14.04
N ASP A 100 11.01 -7.53 -12.79
CA ASP A 100 11.86 -6.38 -12.46
C ASP A 100 13.36 -6.71 -12.59
N LEU A 101 13.75 -7.90 -12.14
CA LEU A 101 15.16 -8.33 -12.18
C LEU A 101 15.66 -8.57 -13.61
N ARG A 102 14.77 -9.05 -14.48
CA ARG A 102 15.13 -9.37 -15.86
C ARG A 102 15.39 -8.12 -16.70
N SER A 103 14.79 -6.99 -16.35
CA SER A 103 14.99 -5.75 -17.10
C SER A 103 16.36 -5.14 -16.77
N LEU A 104 16.68 -5.09 -15.48
CA LEU A 104 17.94 -4.49 -15.01
C LEU A 104 19.19 -5.29 -15.41
N SER A 105 19.26 -6.57 -15.02
CA SER A 105 20.41 -7.42 -15.36
C SER A 105 20.14 -8.34 -16.56
N LEU A 106 18.99 -9.03 -16.46
CA LEU A 106 18.51 -10.03 -17.44
C LEU A 106 18.99 -11.43 -17.07
N PHE A 107 20.30 -11.70 -17.24
CA PHE A 107 20.85 -13.03 -16.91
C PHE A 107 21.83 -12.95 -15.73
N SER A 108 22.98 -12.30 -15.96
CA SER A 108 24.01 -12.17 -14.91
C SER A 108 23.80 -10.88 -14.13
N TYR A 109 24.34 -10.82 -12.91
CA TYR A 109 24.22 -9.63 -12.07
C TYR A 109 25.21 -8.54 -12.52
N HIS A 110 26.23 -8.92 -13.28
CA HIS A 110 27.21 -7.95 -13.80
C HIS A 110 26.56 -7.10 -14.90
N ARG A 111 25.68 -7.74 -15.69
CA ARG A 111 24.96 -7.07 -16.77
C ARG A 111 24.15 -5.88 -16.23
N LEU A 112 23.70 -5.98 -14.97
CA LEU A 112 22.91 -4.93 -14.34
C LEU A 112 23.73 -3.62 -14.32
N ARG A 113 25.04 -3.72 -14.14
CA ARG A 113 25.91 -2.55 -14.11
C ARG A 113 25.73 -1.76 -15.42
N ASP A 114 25.57 -2.49 -16.52
CA ASP A 114 25.39 -1.86 -17.83
C ASP A 114 24.07 -1.09 -17.89
N LEU A 115 22.96 -1.71 -17.45
CA LEU A 115 21.68 -1.02 -17.47
C LEU A 115 21.72 0.24 -16.60
N LEU A 116 22.40 0.17 -15.46
CA LEU A 116 22.46 1.32 -14.57
C LEU A 116 23.07 2.53 -15.28
N LEU A 117 24.06 2.29 -16.14
CA LEU A 117 24.71 3.38 -16.87
C LEU A 117 23.82 3.93 -17.99
N ILE A 118 23.20 3.04 -18.78
CA ILE A 118 22.33 3.50 -19.87
C ILE A 118 21.11 4.22 -19.32
N VAL A 119 20.54 3.74 -18.18
CA VAL A 119 19.37 4.41 -17.61
C VAL A 119 19.71 5.89 -17.36
N THR A 120 20.88 6.14 -16.74
CA THR A 120 21.33 7.52 -16.51
C THR A 120 21.55 8.23 -17.84
N ARG A 121 22.04 7.47 -18.82
CA ARG A 121 22.33 8.00 -20.16
C ARG A 121 21.08 8.45 -20.88
N ILE A 122 19.98 7.72 -20.73
CA ILE A 122 18.73 8.04 -21.40
C ILE A 122 18.24 9.44 -21.01
N VAL A 123 18.41 9.87 -19.74
CA VAL A 123 17.95 11.20 -19.34
C VAL A 123 18.54 12.28 -20.27
N GLU A 124 19.81 12.12 -20.67
CA GLU A 124 20.46 13.09 -21.56
C GLU A 124 19.77 13.12 -22.94
N LEU A 125 19.44 11.94 -23.46
CA LEU A 125 18.79 11.83 -24.77
C LEU A 125 17.34 12.35 -24.73
N LEU A 126 16.59 11.98 -23.68
CA LEU A 126 15.19 12.43 -23.57
C LEU A 126 15.11 13.93 -23.29
N GLY A 127 16.20 14.51 -22.74
CA GLY A 127 16.25 15.95 -22.42
C GLY A 127 15.64 16.81 -23.54
N ARG A 128 15.70 16.33 -24.79
CA ARG A 128 15.15 17.07 -25.92
C ARG A 128 13.65 16.82 -26.06
N ARG A 129 12.93 17.81 -26.62
CA ARG A 129 11.47 17.70 -26.81
C ARG A 129 11.08 16.34 -27.39
N LEU B 1 11.74 -2.85 42.65
CA LEU B 1 11.44 -3.02 41.19
C LEU B 1 10.66 -1.81 40.69
N LEU B 2 11.23 -1.10 39.72
CA LEU B 2 10.60 0.09 39.13
C LEU B 2 10.35 1.15 40.22
N GLU B 3 11.09 2.26 40.13
CA GLU B 3 10.97 3.36 41.09
C GLU B 3 11.90 4.51 40.68
N LEU B 4 11.74 5.67 41.32
CA LEU B 4 12.57 6.84 41.02
C LEU B 4 14.06 6.47 41.05
N ASP B 5 14.43 5.61 42.00
CA ASP B 5 15.82 5.20 42.14
C ASP B 5 16.24 4.28 40.99
N LYS B 6 15.33 3.43 40.55
CA LYS B 6 15.61 2.50 39.46
C LYS B 6 15.73 3.23 38.13
N TRP B 7 14.77 4.11 37.85
CA TRP B 7 14.77 4.89 36.61
C TRP B 7 16.02 5.74 36.53
N ALA B 8 16.36 6.40 37.64
CA ALA B 8 17.54 7.26 37.70
C ALA B 8 18.83 6.43 37.60
N SER B 9 18.78 5.16 38.01
CA SER B 9 19.95 4.27 37.97
C SER B 9 20.44 4.06 36.53
N LEU B 10 19.49 3.95 35.59
CA LEU B 10 19.83 3.74 34.19
C LEU B 10 20.69 4.87 33.62
N TRP B 11 20.52 6.08 34.15
CA TRP B 11 21.30 7.25 33.69
C TRP B 11 22.80 7.00 33.89
N ASN B 12 23.14 6.14 34.86
CA ASN B 12 24.54 5.82 35.15
C ASN B 12 25.09 4.77 34.16
N TRP B 13 24.19 4.00 33.54
CA TRP B 13 24.59 2.97 32.57
C TRP B 13 25.13 3.60 31.29
N PHE B 14 24.37 4.56 30.74
CA PHE B 14 24.75 5.25 29.52
C PHE B 14 24.91 4.27 28.35
N ASP B 15 23.90 3.40 28.16
CA ASP B 15 23.91 2.43 27.07
C ASP B 15 22.48 1.96 26.73
N ILE B 16 21.87 1.19 27.63
CA ILE B 16 20.49 0.67 27.44
C ILE B 16 19.48 1.82 27.49
N THR B 17 19.71 2.79 28.37
CA THR B 17 18.78 3.90 28.56
C THR B 17 18.40 4.61 27.24
N ASN B 18 19.33 4.70 26.28
CA ASN B 18 19.01 5.38 25.02
C ASN B 18 17.92 4.63 24.24
N TRP B 19 18.11 3.32 24.06
CA TRP B 19 17.10 2.51 23.38
C TRP B 19 15.83 2.45 24.24
N LEU B 20 16.01 2.26 25.53
CA LEU B 20 14.91 2.13 26.48
C LEU B 20 14.06 3.40 26.59
N TRP B 21 14.69 4.59 26.50
CA TRP B 21 13.94 5.85 26.65
C TRP B 21 13.61 6.54 25.31
N TYR B 22 14.43 6.35 24.26
CA TYR B 22 14.17 7.01 22.96
C TYR B 22 13.14 6.23 22.12
N ILE B 23 12.72 5.05 22.59
CA ILE B 23 11.73 4.23 21.87
C ILE B 23 10.40 4.98 21.73
N ARG B 24 10.02 5.75 22.76
CA ARG B 24 8.76 6.50 22.75
C ARG B 24 8.67 7.37 21.49
N ILE B 25 9.75 8.09 21.18
CA ILE B 25 9.80 8.91 19.98
C ILE B 25 9.84 7.97 18.76
N PHE B 26 10.51 6.82 18.94
CA PHE B 26 10.63 5.82 17.89
C PHE B 26 9.26 5.30 17.45
N ILE B 27 8.26 5.33 18.34
CA ILE B 27 6.93 4.85 18.01
C ILE B 27 6.36 5.68 16.85
N ILE B 28 6.51 7.01 16.94
CA ILE B 28 6.04 7.90 15.87
C ILE B 28 6.80 7.57 14.58
N ILE B 29 8.12 7.33 14.70
CA ILE B 29 8.95 7.00 13.55
C ILE B 29 8.39 5.73 12.86
N VAL B 30 7.90 4.76 13.65
CA VAL B 30 7.31 3.55 13.07
C VAL B 30 6.15 3.96 12.14
N GLY B 31 5.33 4.91 12.59
CA GLY B 31 4.21 5.41 11.79
C GLY B 31 4.67 5.93 10.42
N SER B 32 5.93 6.38 10.34
CA SER B 32 6.50 6.99 9.13
C SER B 32 6.52 6.09 7.86
N LEU B 33 6.95 4.82 7.96
CA LEU B 33 7.03 3.97 6.74
C LEU B 33 5.66 3.81 6.08
N ILE B 34 4.58 3.81 6.86
CA ILE B 34 3.23 3.63 6.29
C ILE B 34 2.98 4.72 5.23
N GLY B 35 3.31 5.97 5.55
CA GLY B 35 3.13 7.09 4.60
C GLY B 35 4.02 6.87 3.35
N LEU B 36 5.11 6.13 3.51
CA LEU B 36 6.04 5.81 2.41
C LEU B 36 5.31 5.07 1.28
N ARG B 37 4.41 4.18 1.67
CA ARG B 37 3.63 3.35 0.76
C ARG B 37 2.89 4.13 -0.32
N ILE B 38 2.51 5.38 -0.05
CA ILE B 38 1.77 6.16 -1.05
C ILE B 38 2.61 6.28 -2.34
N VAL B 39 3.94 6.41 -2.21
CA VAL B 39 4.82 6.47 -3.38
C VAL B 39 4.84 5.11 -4.12
N PHE B 40 4.65 4.00 -3.37
CA PHE B 40 4.65 2.65 -3.98
C PHE B 40 3.60 2.59 -5.09
N ALA B 41 2.51 3.36 -4.94
CA ALA B 41 1.46 3.40 -5.98
C ALA B 41 2.14 3.89 -7.27
N VAL B 42 3.08 4.83 -7.11
CA VAL B 42 3.86 5.37 -8.23
C VAL B 42 4.76 4.21 -8.76
N LEU B 43 5.34 3.45 -7.82
CA LEU B 43 6.22 2.31 -8.16
C LEU B 43 5.46 1.30 -9.00
N SER B 44 4.18 1.08 -8.68
CA SER B 44 3.36 0.12 -9.41
C SER B 44 3.20 0.55 -10.87
N LEU B 45 3.13 1.87 -11.09
CA LEU B 45 3.02 2.41 -12.43
C LEU B 45 4.30 2.09 -13.22
N VAL B 46 5.44 2.25 -12.52
CA VAL B 46 6.75 1.95 -13.10
C VAL B 46 6.85 0.44 -13.34
N ASN B 47 6.42 -0.33 -12.34
CA ASN B 47 6.42 -1.78 -12.39
C ASN B 47 5.53 -2.31 -13.50
N ARG B 48 4.40 -1.66 -13.75
CA ARG B 48 3.47 -2.13 -14.76
C ARG B 48 4.05 -1.95 -16.15
N VAL B 49 4.54 -0.75 -16.44
CA VAL B 49 5.06 -0.45 -17.76
C VAL B 49 6.45 -1.01 -18.01
N ARG B 50 7.33 -0.85 -17.04
CA ARG B 50 8.72 -1.23 -17.25
C ARG B 50 8.90 -2.73 -17.58
N GLN B 51 8.25 -3.65 -16.86
CA GLN B 51 8.39 -5.08 -17.18
C GLN B 51 7.19 -5.70 -17.90
N GLY B 52 6.02 -5.10 -17.71
CA GLY B 52 4.78 -5.59 -18.30
C GLY B 52 3.62 -5.44 -17.29
N TYR B 53 2.37 -5.55 -17.77
CA TYR B 53 1.20 -5.39 -16.88
C TYR B 53 0.65 -6.76 -16.43
N SER B 54 0.13 -7.53 -17.39
CA SER B 54 -0.41 -8.87 -17.10
C SER B 54 0.74 -9.82 -16.81
N PRO B 55 0.52 -10.97 -16.13
CA PRO B 55 1.61 -11.93 -15.81
C PRO B 55 2.70 -12.01 -16.90
N LEU B 56 3.95 -11.80 -16.49
CA LEU B 56 5.09 -11.79 -17.43
C LEU B 56 5.70 -13.18 -17.66
N SER B 57 5.48 -14.14 -16.75
CA SER B 57 6.05 -15.51 -16.85
C SER B 57 6.37 -15.92 -18.32
N GLU B 80 12.60 -8.12 -24.67
CA GLU B 80 13.65 -7.67 -23.76
C GLU B 80 14.01 -6.20 -23.99
N ARG B 81 14.28 -5.88 -25.25
CA ARG B 81 14.67 -4.54 -25.66
C ARG B 81 13.61 -3.48 -25.29
N ASP B 82 12.35 -3.88 -25.17
CA ASP B 82 11.25 -2.95 -24.86
C ASP B 82 11.50 -2.13 -23.57
N ARG B 83 12.53 -2.46 -22.78
CA ARG B 83 12.81 -1.72 -21.54
C ARG B 83 13.51 -0.38 -21.84
N ASP B 84 14.24 -0.29 -22.97
CA ASP B 84 14.94 0.96 -23.29
C ASP B 84 13.93 2.12 -23.39
N ARG B 85 12.80 1.88 -24.08
CA ARG B 85 11.75 2.90 -24.19
C ARG B 85 11.04 3.05 -22.86
N SER B 86 10.89 1.94 -22.12
CA SER B 86 10.20 1.95 -20.84
C SER B 86 10.85 2.95 -19.90
N ILE B 87 12.19 3.13 -19.99
CA ILE B 87 12.86 4.14 -19.13
C ILE B 87 12.20 5.52 -19.36
N ARG B 88 11.46 5.69 -20.47
CA ARG B 88 10.78 6.96 -20.74
C ARG B 88 9.83 7.27 -19.58
N LEU B 89 9.37 6.22 -18.88
CA LEU B 89 8.48 6.39 -17.73
C LEU B 89 9.12 7.34 -16.68
N VAL B 90 10.47 7.45 -16.71
CA VAL B 90 11.18 8.31 -15.77
C VAL B 90 10.60 9.73 -15.88
N ASN B 91 10.59 10.24 -17.11
CA ASN B 91 10.00 11.53 -17.41
C ASN B 91 8.47 11.45 -17.33
N GLY B 92 7.93 10.23 -17.44
CA GLY B 92 6.49 10.00 -17.41
C GLY B 92 5.85 10.54 -16.13
N SER B 93 6.65 10.74 -15.07
CA SER B 93 6.13 11.26 -13.81
C SER B 93 5.48 12.63 -14.05
N LEU B 94 6.14 13.47 -14.86
CA LEU B 94 5.61 14.79 -15.17
C LEU B 94 4.31 14.68 -15.97
N ALA B 95 4.34 13.88 -17.04
CA ALA B 95 3.17 13.66 -17.89
C ALA B 95 2.01 13.02 -17.12
N LEU B 96 2.34 12.12 -16.18
CA LEU B 96 1.33 11.41 -15.39
C LEU B 96 0.46 12.40 -14.60
N ILE B 97 1.09 13.39 -13.96
CA ILE B 97 0.35 14.41 -13.21
C ILE B 97 -0.52 15.21 -14.20
N TRP B 98 0.02 15.43 -15.39
CA TRP B 98 -0.66 16.17 -16.44
C TRP B 98 -1.87 15.40 -16.98
N ASP B 99 -1.82 14.07 -16.98
CA ASP B 99 -2.93 13.26 -17.49
C ASP B 99 -4.23 13.65 -16.78
N ASP B 100 -4.18 13.69 -15.46
CA ASP B 100 -5.34 14.08 -14.65
C ASP B 100 -5.65 15.57 -14.80
N LEU B 101 -4.61 16.41 -14.74
CA LEU B 101 -4.77 17.87 -14.84
C LEU B 101 -5.29 18.33 -16.21
N ARG B 102 -4.98 17.58 -17.28
CA ARG B 102 -5.39 17.98 -18.63
C ARG B 102 -6.84 17.57 -18.95
N SER B 103 -7.23 16.33 -18.63
CA SER B 103 -8.59 15.87 -18.92
C SER B 103 -9.59 16.55 -17.98
N LEU B 104 -9.23 16.63 -16.71
CA LEU B 104 -10.09 17.22 -15.68
C LEU B 104 -10.42 18.70 -15.97
N SER B 105 -9.39 19.53 -16.17
CA SER B 105 -9.60 20.96 -16.44
C SER B 105 -9.55 21.28 -17.93
N LEU B 106 -8.51 20.81 -18.61
CA LEU B 106 -8.31 21.05 -20.03
C LEU B 106 -8.09 22.54 -20.33
N PHE B 107 -6.83 22.89 -20.61
CA PHE B 107 -6.43 24.27 -20.95
C PHE B 107 -6.56 25.24 -19.76
N SER B 108 -7.80 25.66 -19.43
CA SER B 108 -8.01 26.62 -18.34
C SER B 108 -8.75 25.99 -17.16
N TYR B 109 -8.84 26.74 -16.05
CA TYR B 109 -9.53 26.26 -14.85
C TYR B 109 -11.04 26.44 -15.00
N HIS B 110 -11.47 27.54 -15.63
CA HIS B 110 -12.90 27.79 -15.87
C HIS B 110 -13.51 26.56 -16.56
N ARG B 111 -12.74 26.00 -17.49
CA ARG B 111 -13.13 24.82 -18.24
C ARG B 111 -13.36 23.62 -17.29
N LEU B 112 -12.63 23.58 -16.16
CA LEU B 112 -12.76 22.48 -15.20
C LEU B 112 -14.20 22.37 -14.69
N ARG B 113 -14.89 23.50 -14.57
CA ARG B 113 -16.30 23.47 -14.15
C ARG B 113 -17.09 22.58 -15.12
N ASP B 114 -16.68 22.57 -16.39
CA ASP B 114 -17.34 21.75 -17.41
C ASP B 114 -17.25 20.27 -17.03
N LEU B 115 -16.04 19.81 -16.65
CA LEU B 115 -15.89 18.40 -16.27
C LEU B 115 -16.74 18.08 -15.05
N LEU B 116 -16.80 19.02 -14.11
CA LEU B 116 -17.57 18.83 -12.89
C LEU B 116 -19.07 18.68 -13.20
N LEU B 117 -19.58 19.50 -14.11
CA LEU B 117 -21.00 19.43 -14.46
C LEU B 117 -21.33 18.22 -15.33
N ILE B 118 -20.45 17.90 -16.30
CA ILE B 118 -20.69 16.75 -17.17
C ILE B 118 -20.52 15.45 -16.37
N VAL B 119 -19.55 15.41 -15.45
CA VAL B 119 -19.36 14.21 -14.63
C VAL B 119 -20.62 13.91 -13.81
N THR B 120 -21.20 14.94 -13.16
CA THR B 120 -22.41 14.72 -12.35
C THR B 120 -23.59 14.27 -13.20
N ARG B 121 -23.78 14.87 -14.39
CA ARG B 121 -24.91 14.51 -15.25
C ARG B 121 -24.75 13.08 -15.82
N ILE B 122 -23.50 12.64 -16.04
CA ILE B 122 -23.25 11.31 -16.58
C ILE B 122 -23.76 10.22 -15.62
N VAL B 123 -23.63 10.44 -14.29
CA VAL B 123 -24.09 9.42 -13.32
C VAL B 123 -25.56 9.05 -13.60
N GLU B 124 -26.36 10.05 -13.97
CA GLU B 124 -27.78 9.83 -14.27
C GLU B 124 -27.93 8.86 -15.46
N LEU B 125 -27.08 9.05 -16.47
CA LEU B 125 -27.11 8.20 -17.68
C LEU B 125 -26.69 6.77 -17.38
N LEU B 126 -25.62 6.60 -16.59
CA LEU B 126 -25.13 5.26 -16.24
C LEU B 126 -25.93 4.66 -15.04
N GLY B 127 -26.69 5.52 -14.34
CA GLY B 127 -27.50 5.07 -13.20
C GLY B 127 -28.38 3.89 -13.61
N ARG B 128 -28.98 4.00 -14.80
CA ARG B 128 -29.84 2.93 -15.33
C ARG B 128 -29.02 2.05 -16.27
N ARG B 129 -29.13 0.73 -16.11
CA ARG B 129 -28.38 -0.21 -16.95
C ARG B 129 -29.15 -1.52 -17.11
N LEU C 1 12.44 11.95 35.88
CA LEU C 1 12.20 10.82 36.82
C LEU C 1 10.70 10.59 36.98
N LEU C 2 10.33 9.38 37.41
CA LEU C 2 8.92 9.04 37.63
C LEU C 2 8.67 8.82 39.13
N GLU C 3 7.44 9.06 39.56
CA GLU C 3 7.06 8.88 40.96
C GLU C 3 5.54 8.92 41.10
N LEU C 4 5.03 8.35 42.19
CA LEU C 4 3.59 8.34 42.45
C LEU C 4 3.03 9.76 42.38
N ASP C 5 3.65 10.65 43.14
CA ASP C 5 3.26 12.05 43.20
C ASP C 5 3.52 12.77 41.88
N LYS C 6 4.38 12.20 41.03
CA LYS C 6 4.71 12.80 39.74
C LYS C 6 3.62 12.49 38.71
N TRP C 7 3.24 11.21 38.62
CA TRP C 7 2.22 10.78 37.66
C TRP C 7 0.92 11.55 37.89
N ALA C 8 0.52 11.66 39.15
CA ALA C 8 -0.71 12.39 39.50
C ALA C 8 -0.57 13.89 39.20
N SER C 9 0.67 14.40 39.20
CA SER C 9 0.94 15.81 38.94
C SER C 9 0.54 16.20 37.51
N LEU C 10 0.73 15.29 36.55
CA LEU C 10 0.40 15.55 35.15
C LEU C 10 -1.10 15.85 34.98
N TRP C 11 -1.93 15.18 35.76
CA TRP C 11 -3.38 15.37 35.68
C TRP C 11 -3.76 16.83 35.96
N ASN C 12 -2.93 17.52 36.75
CA ASN C 12 -3.17 18.93 37.10
C ASN C 12 -2.88 19.85 35.90
N TRP C 13 -1.88 19.48 35.09
CA TRP C 13 -1.50 20.28 33.92
C TRP C 13 -2.71 20.52 33.02
N PHE C 14 -3.50 19.47 32.80
CA PHE C 14 -4.70 19.57 31.97
C PHE C 14 -4.38 20.09 30.57
N ASP C 15 -3.27 19.61 29.99
CA ASP C 15 -2.86 20.06 28.65
C ASP C 15 -1.95 19.02 27.95
N ILE C 16 -0.69 18.91 28.40
CA ILE C 16 0.29 18.00 27.80
C ILE C 16 -0.08 16.52 28.07
N THR C 17 -0.60 16.24 29.26
CA THR C 17 -0.96 14.88 29.65
C THR C 17 -1.85 14.19 28.61
N ASN C 18 -2.72 14.96 27.95
CA ASN C 18 -3.62 14.38 26.95
C ASN C 18 -2.81 13.67 25.87
N TRP C 19 -1.80 14.36 25.33
CA TRP C 19 -0.93 13.80 24.30
C TRP C 19 -0.13 12.62 24.88
N LEU C 20 0.35 12.76 26.12
CA LEU C 20 1.15 11.71 26.77
C LEU C 20 0.32 10.44 27.05
N TRP C 21 -0.95 10.61 27.44
CA TRP C 21 -1.80 9.47 27.78
C TRP C 21 -2.69 8.98 26.64
N TYR C 22 -2.89 9.82 25.61
CA TYR C 22 -3.74 9.42 24.47
C TYR C 22 -2.92 8.73 23.38
N ILE C 23 -1.59 8.86 23.41
CA ILE C 23 -0.74 8.22 22.41
C ILE C 23 -0.85 6.69 22.46
N ARG C 24 -0.97 6.13 23.68
CA ARG C 24 -1.09 4.68 23.85
C ARG C 24 -2.22 4.12 22.99
N ILE C 25 -3.38 4.79 23.04
CA ILE C 25 -4.54 4.41 22.23
C ILE C 25 -4.19 4.67 20.75
N PHE C 26 -3.45 5.76 20.52
CA PHE C 26 -3.04 6.16 19.19
C PHE C 26 -2.20 5.08 18.51
N ILE C 27 -1.43 4.31 19.30
CA ILE C 27 -0.59 3.26 18.74
C ILE C 27 -1.47 2.21 18.03
N ILE C 28 -2.54 1.77 18.71
CA ILE C 28 -3.46 0.78 18.12
C ILE C 28 -4.12 1.40 16.87
N ILE C 29 -4.46 2.68 16.95
CA ILE C 29 -5.08 3.39 15.83
C ILE C 29 -4.15 3.34 14.61
N VAL C 30 -2.82 3.43 14.83
CA VAL C 30 -1.85 3.36 13.72
C VAL C 30 -2.12 2.08 12.91
N GLY C 31 -2.43 0.97 13.61
CA GLY C 31 -2.74 -0.30 12.94
C GLY C 31 -3.92 -0.07 11.99
N SER C 32 -4.90 0.70 12.45
CA SER C 32 -6.06 1.05 11.64
C SER C 32 -5.62 1.89 10.45
N LEU C 33 -4.64 2.77 10.69
CA LEU C 33 -4.11 3.67 9.66
C LEU C 33 -3.54 2.89 8.48
N ILE C 34 -2.78 1.82 8.77
CA ILE C 34 -2.13 1.03 7.71
C ILE C 34 -3.17 0.27 6.88
N GLY C 35 -4.19 -0.30 7.54
CA GLY C 35 -5.25 -1.02 6.83
C GLY C 35 -6.00 -0.09 5.87
N LEU C 36 -6.01 1.21 6.17
CA LEU C 36 -6.67 2.22 5.33
C LEU C 36 -5.93 2.36 3.99
N ARG C 37 -4.61 2.32 4.04
CA ARG C 37 -3.74 2.47 2.87
C ARG C 37 -4.05 1.44 1.76
N ILE C 38 -4.54 0.27 2.11
CA ILE C 38 -4.80 -0.79 1.12
C ILE C 38 -5.80 -0.31 0.04
N VAL C 39 -6.79 0.50 0.43
CA VAL C 39 -7.79 1.02 -0.54
C VAL C 39 -7.07 1.72 -1.71
N PHE C 40 -5.89 2.30 -1.45
CA PHE C 40 -5.12 2.99 -2.52
C PHE C 40 -4.89 2.05 -3.69
N ALA C 41 -4.75 0.75 -3.41
CA ALA C 41 -4.56 -0.25 -4.47
C ALA C 41 -5.78 -0.18 -5.40
N VAL C 42 -6.95 0.02 -4.80
CA VAL C 42 -8.21 0.17 -5.53
C VAL C 42 -8.17 1.52 -6.29
N LEU C 43 -7.66 2.55 -5.60
CA LEU C 43 -7.52 3.90 -6.16
C LEU C 43 -6.63 3.88 -7.40
N SER C 44 -5.58 3.05 -7.36
CA SER C 44 -4.64 2.96 -8.48
C SER C 44 -5.33 2.48 -9.74
N LEU C 45 -6.25 1.52 -9.58
CA LEU C 45 -7.01 0.99 -10.69
C LEU C 45 -7.89 2.11 -11.27
N VAL C 46 -8.48 2.89 -10.37
CA VAL C 46 -9.32 4.04 -10.75
C VAL C 46 -8.43 5.03 -11.51
N ASN C 47 -7.23 5.25 -10.96
CA ASN C 47 -6.23 6.11 -11.55
C ASN C 47 -5.78 5.58 -12.91
N ARG C 48 -5.73 4.25 -13.04
CA ARG C 48 -5.30 3.59 -14.25
C ARG C 48 -6.17 3.98 -15.44
N VAL C 49 -7.48 3.84 -15.25
CA VAL C 49 -8.44 4.16 -16.30
C VAL C 49 -8.64 5.66 -16.42
N ARG C 50 -8.78 6.30 -15.28
CA ARG C 50 -9.04 7.75 -15.25
C ARG C 50 -7.82 8.60 -15.63
N GLN C 51 -6.61 8.14 -15.25
CA GLN C 51 -5.36 8.90 -15.53
C GLN C 51 -4.55 8.36 -16.72
N GLY C 52 -4.77 7.11 -17.05
CA GLY C 52 -4.02 6.44 -18.14
C GLY C 52 -3.21 5.28 -17.54
N TYR C 53 -2.42 4.59 -18.38
CA TYR C 53 -1.62 3.45 -17.90
C TYR C 53 -0.13 3.53 -18.27
N SER C 54 0.16 3.75 -19.56
CA SER C 54 1.56 3.83 -20.01
C SER C 54 1.95 5.27 -20.31
N PRO C 55 3.25 5.62 -20.34
CA PRO C 55 3.70 7.02 -20.63
C PRO C 55 2.78 7.75 -21.64
N LEU C 56 1.80 8.50 -21.10
CA LEU C 56 0.80 9.20 -21.93
C LEU C 56 1.33 10.53 -22.49
N SER C 57 2.58 10.92 -22.15
CA SER C 57 3.21 12.19 -22.63
C SER C 57 2.60 12.73 -23.93
N GLU C 80 -10.34 12.85 -26.25
CA GLU C 80 -11.18 13.57 -25.29
C GLU C 80 -12.45 12.78 -24.96
N ARG C 81 -12.94 12.05 -25.94
CA ARG C 81 -14.16 11.24 -25.78
C ARG C 81 -14.00 10.21 -24.67
N ASP C 82 -12.77 9.74 -24.46
CA ASP C 82 -12.48 8.74 -23.42
C ASP C 82 -12.93 9.19 -22.01
N ARG C 83 -13.26 10.48 -21.84
CA ARG C 83 -13.69 11.00 -20.55
C ARG C 83 -15.13 10.59 -20.23
N ASP C 84 -16.02 10.71 -21.22
CA ASP C 84 -17.42 10.35 -21.00
C ASP C 84 -17.52 8.89 -20.57
N ARG C 85 -16.78 8.02 -21.25
CA ARG C 85 -16.78 6.60 -20.91
C ARG C 85 -16.04 6.38 -19.58
N SER C 86 -14.96 7.16 -19.33
CA SER C 86 -14.19 7.01 -18.10
C SER C 86 -15.09 7.20 -16.88
N ILE C 87 -15.99 8.21 -16.92
CA ILE C 87 -16.91 8.40 -15.77
C ILE C 87 -17.66 7.09 -15.47
N ARG C 88 -17.73 6.15 -16.43
CA ARG C 88 -18.44 4.91 -16.17
C ARG C 88 -17.79 4.20 -14.98
N LEU C 89 -16.46 4.34 -14.86
CA LEU C 89 -15.72 3.73 -13.76
C LEU C 89 -16.26 4.21 -12.39
N VAL C 90 -17.02 5.33 -12.36
CA VAL C 90 -17.55 5.83 -11.09
C VAL C 90 -18.36 4.70 -10.41
N ASN C 91 -19.32 4.13 -11.14
CA ASN C 91 -20.09 2.99 -10.64
C ASN C 91 -19.19 1.73 -10.63
N GLY C 92 -18.09 1.79 -11.40
CA GLY C 92 -17.15 0.67 -11.50
C GLY C 92 -16.59 0.26 -10.13
N SER C 93 -16.68 1.16 -9.15
CA SER C 93 -16.20 0.86 -7.81
C SER C 93 -16.96 -0.36 -7.27
N LEU C 94 -18.25 -0.44 -7.59
CA LEU C 94 -19.08 -1.58 -7.17
C LEU C 94 -18.65 -2.83 -7.93
N ALA C 95 -18.54 -2.70 -9.26
CA ALA C 95 -18.12 -3.81 -10.12
C ALA C 95 -16.73 -4.33 -9.75
N LEU C 96 -15.84 -3.43 -9.32
CA LEU C 96 -14.46 -3.80 -8.99
C LEU C 96 -14.42 -4.86 -7.89
N ILE C 97 -15.22 -4.68 -6.84
CA ILE C 97 -15.29 -5.65 -5.75
C ILE C 97 -15.94 -6.94 -6.27
N TRP C 98 -17.00 -6.76 -7.07
CA TRP C 98 -17.76 -7.88 -7.63
C TRP C 98 -16.96 -8.71 -8.64
N ASP C 99 -16.01 -8.10 -9.38
CA ASP C 99 -15.22 -8.86 -10.36
C ASP C 99 -14.43 -9.94 -9.61
N ASP C 100 -13.81 -9.54 -8.49
CA ASP C 100 -13.06 -10.45 -7.65
C ASP C 100 -14.00 -11.42 -6.90
N LEU C 101 -15.13 -10.88 -6.40
CA LEU C 101 -16.09 -11.67 -5.62
C LEU C 101 -16.84 -12.71 -6.48
N ARG C 102 -17.26 -12.32 -7.69
CA ARG C 102 -18.02 -13.21 -8.57
C ARG C 102 -17.13 -14.27 -9.21
N SER C 103 -15.99 -13.87 -9.78
CA SER C 103 -15.09 -14.82 -10.41
C SER C 103 -14.60 -15.85 -9.38
N LEU C 104 -14.21 -15.35 -8.20
CA LEU C 104 -13.73 -16.19 -7.11
C LEU C 104 -14.82 -17.07 -6.49
N SER C 105 -15.93 -16.46 -6.06
CA SER C 105 -17.04 -17.19 -5.42
C SER C 105 -18.20 -17.47 -6.39
N LEU C 106 -18.63 -16.43 -7.09
CA LEU C 106 -19.77 -16.50 -8.03
C LEU C 106 -21.09 -16.49 -7.24
N PHE C 107 -22.22 -16.56 -7.95
CA PHE C 107 -23.54 -16.55 -7.31
C PHE C 107 -23.59 -17.52 -6.13
N SER C 108 -24.22 -17.07 -5.02
CA SER C 108 -24.35 -17.90 -3.81
C SER C 108 -22.97 -18.31 -3.29
N TYR C 109 -22.93 -18.79 -2.04
CA TYR C 109 -21.68 -19.24 -1.43
C TYR C 109 -21.53 -20.77 -1.48
N HIS C 110 -22.51 -21.47 -2.09
CA HIS C 110 -22.45 -22.92 -2.23
C HIS C 110 -21.59 -23.24 -3.46
N ARG C 111 -21.83 -22.49 -4.54
CA ARG C 111 -21.09 -22.64 -5.78
C ARG C 111 -19.62 -22.29 -5.61
N LEU C 112 -19.31 -21.39 -4.66
CA LEU C 112 -17.93 -20.96 -4.45
C LEU C 112 -17.08 -22.21 -4.13
N ARG C 113 -17.69 -23.22 -3.51
CA ARG C 113 -17.00 -24.48 -3.24
C ARG C 113 -16.47 -25.04 -4.58
N ASP C 114 -17.20 -24.81 -5.69
CA ASP C 114 -16.76 -25.27 -7.01
C ASP C 114 -15.47 -24.53 -7.38
N LEU C 115 -15.46 -23.20 -7.21
CA LEU C 115 -14.27 -22.40 -7.51
C LEU C 115 -13.09 -22.86 -6.66
N LEU C 116 -13.38 -23.23 -5.41
CA LEU C 116 -12.34 -23.70 -4.49
C LEU C 116 -11.63 -24.93 -5.08
N LEU C 117 -12.37 -25.78 -5.78
CA LEU C 117 -11.79 -26.96 -6.42
C LEU C 117 -10.99 -26.55 -7.66
N ILE C 118 -11.53 -25.60 -8.44
CA ILE C 118 -10.87 -25.15 -9.67
C ILE C 118 -9.52 -24.50 -9.37
N VAL C 119 -9.38 -23.74 -8.27
CA VAL C 119 -8.09 -23.08 -7.99
C VAL C 119 -6.97 -24.11 -7.96
N THR C 120 -7.21 -25.31 -7.38
CA THR C 120 -6.19 -26.35 -7.37
C THR C 120 -5.88 -26.78 -8.81
N ARG C 121 -6.93 -26.89 -9.62
CA ARG C 121 -6.83 -27.28 -11.02
C ARG C 121 -6.10 -26.23 -11.85
N ILE C 122 -6.36 -24.97 -11.54
CA ILE C 122 -5.76 -23.86 -12.26
C ILE C 122 -4.24 -23.90 -12.13
N VAL C 123 -3.71 -24.19 -10.93
CA VAL C 123 -2.27 -24.20 -10.76
C VAL C 123 -1.63 -25.12 -11.81
N GLU C 124 -2.29 -26.26 -12.10
CA GLU C 124 -1.78 -27.18 -13.10
C GLU C 124 -1.76 -26.54 -14.50
N LEU C 125 -2.85 -25.86 -14.87
CA LEU C 125 -2.97 -25.26 -16.21
C LEU C 125 -2.05 -24.03 -16.45
N LEU C 126 -1.96 -23.07 -15.51
CA LEU C 126 -1.11 -21.90 -15.73
C LEU C 126 0.34 -22.18 -15.27
N GLY C 127 0.52 -23.27 -14.49
CA GLY C 127 1.86 -23.66 -14.04
C GLY C 127 2.84 -23.74 -15.22
N ARG C 128 2.30 -23.98 -16.43
CA ARG C 128 3.14 -24.07 -17.65
C ARG C 128 2.58 -23.11 -18.69
N ARG C 129 3.46 -22.38 -19.38
CA ARG C 129 3.02 -21.42 -20.41
C ARG C 129 2.31 -22.16 -21.55
N LEU A 1 -0.48 5.45 44.28
CA LEU A 1 -0.88 5.10 42.89
C LEU A 1 0.37 4.85 42.06
N LEU A 2 0.41 3.70 41.38
CA LEU A 2 1.55 3.33 40.53
C LEU A 2 2.85 3.29 41.36
N GLU A 3 3.29 2.08 41.66
CA GLU A 3 4.52 1.85 42.43
C GLU A 3 4.82 0.34 42.47
N LEU A 4 5.80 -0.06 43.28
CA LEU A 4 6.17 -1.48 43.38
C LEU A 4 4.93 -2.35 43.68
N ASP A 5 4.07 -1.85 44.57
CA ASP A 5 2.87 -2.57 44.98
C ASP A 5 1.80 -2.57 43.88
N LYS A 6 1.75 -1.51 43.09
CA LYS A 6 0.75 -1.39 42.02
C LYS A 6 1.16 -2.25 40.81
N TRP A 7 2.44 -2.15 40.43
CA TRP A 7 2.97 -2.91 39.30
C TRP A 7 3.04 -4.39 39.61
N ALA A 8 3.53 -4.72 40.82
CA ALA A 8 3.66 -6.12 41.23
C ALA A 8 2.28 -6.78 41.42
N SER A 9 1.24 -5.96 41.64
CA SER A 9 -0.12 -6.47 41.82
C SER A 9 -0.65 -7.11 40.54
N LEU A 10 -0.27 -6.55 39.39
CA LEU A 10 -0.72 -7.07 38.09
C LEU A 10 -0.29 -8.52 37.90
N TRP A 11 0.89 -8.86 38.41
CA TRP A 11 1.43 -10.23 38.28
C TRP A 11 0.49 -11.26 38.94
N ASN A 12 -0.34 -10.80 39.88
CA ASN A 12 -1.29 -11.68 40.57
C ASN A 12 -2.54 -11.95 39.70
N TRP A 13 -2.79 -11.05 38.73
CA TRP A 13 -3.94 -11.18 37.84
C TRP A 13 -3.74 -12.35 36.87
N PHE A 14 -2.58 -12.38 36.21
CA PHE A 14 -2.23 -13.43 35.25
C PHE A 14 -3.21 -13.44 34.06
N ASP A 15 -3.59 -12.24 33.60
CA ASP A 15 -4.51 -12.11 32.47
C ASP A 15 -4.28 -10.78 31.71
N ILE A 16 -4.61 -9.66 32.38
CA ILE A 16 -4.45 -8.33 31.79
C ILE A 16 -2.97 -7.97 31.62
N THR A 17 -2.14 -8.38 32.58
CA THR A 17 -0.72 -8.05 32.56
C THR A 17 -0.06 -8.41 31.22
N ASN A 18 -0.49 -9.50 30.57
CA ASN A 18 0.10 -9.88 29.29
C ASN A 18 -0.18 -8.82 28.23
N TRP A 19 -1.45 -8.42 28.09
CA TRP A 19 -1.82 -7.38 27.13
C TRP A 19 -1.19 -6.03 27.54
N LEU A 20 -1.26 -5.73 28.84
CA LEU A 20 -0.74 -4.47 29.39
C LEU A 20 0.77 -4.33 29.22
N TRP A 21 1.52 -5.44 29.33
CA TRP A 21 2.98 -5.39 29.24
C TRP A 21 3.51 -5.70 27.83
N TYR A 22 2.97 -6.74 27.18
CA TYR A 22 3.45 -7.14 25.84
C TYR A 22 3.11 -6.09 24.77
N ILE A 23 2.34 -5.05 25.12
CA ILE A 23 1.99 -4.01 24.14
C ILE A 23 3.26 -3.31 23.64
N ARG A 24 4.25 -3.12 24.52
CA ARG A 24 5.51 -2.45 24.14
C ARG A 24 6.17 -3.19 22.97
N ILE A 25 6.26 -4.52 23.06
CA ILE A 25 6.85 -5.33 21.97
C ILE A 25 5.92 -5.26 20.76
N PHE A 26 4.61 -5.19 21.02
CA PHE A 26 3.59 -5.12 19.97
C PHE A 26 3.80 -3.89 19.09
N ILE A 27 4.32 -2.80 19.67
CA ILE A 27 4.55 -1.57 18.91
C ILE A 27 5.52 -1.83 17.76
N ILE A 28 6.65 -2.47 18.07
CA ILE A 28 7.64 -2.81 17.05
C ILE A 28 6.98 -3.75 16.01
N ILE A 29 6.17 -4.68 16.52
CA ILE A 29 5.45 -5.63 15.66
C ILE A 29 4.54 -4.86 14.68
N VAL A 30 3.94 -3.75 15.11
CA VAL A 30 3.08 -2.96 14.20
C VAL A 30 3.87 -2.61 12.94
N GLY A 31 5.17 -2.27 13.11
CA GLY A 31 6.02 -1.95 11.96
C GLY A 31 6.09 -3.17 11.02
N SER A 32 6.11 -4.37 11.62
CA SER A 32 6.12 -5.61 10.86
C SER A 32 4.82 -5.76 10.07
N LEU A 33 3.71 -5.33 10.69
CA LEU A 33 2.40 -5.41 10.07
C LEU A 33 2.36 -4.61 8.76
N ILE A 34 2.90 -3.39 8.80
CA ILE A 34 2.91 -2.54 7.62
C ILE A 34 3.83 -3.11 6.52
N GLY A 35 5.01 -3.65 6.87
CA GLY A 35 5.91 -4.22 5.87
C GLY A 35 5.24 -5.39 5.13
N LEU A 36 4.23 -6.02 5.77
CA LEU A 36 3.50 -7.13 5.16
C LEU A 36 2.80 -6.65 3.88
N ARG A 37 2.29 -5.41 3.93
CA ARG A 37 1.60 -4.77 2.82
C ARG A 37 2.44 -4.72 1.54
N ILE A 38 3.76 -4.68 1.65
CA ILE A 38 4.62 -4.59 0.47
C ILE A 38 4.31 -5.80 -0.45
N VAL A 39 4.06 -6.99 0.13
CA VAL A 39 3.68 -8.16 -0.68
C VAL A 39 2.28 -7.93 -1.31
N PHE A 40 1.42 -7.19 -0.61
CA PHE A 40 0.06 -6.88 -1.07
C PHE A 40 0.11 -6.23 -2.46
N ALA A 41 1.19 -5.51 -2.76
CA ALA A 41 1.32 -4.84 -4.05
C ALA A 41 1.16 -5.87 -5.17
N VAL A 42 1.70 -7.10 -4.99
CA VAL A 42 1.54 -8.13 -6.02
C VAL A 42 0.05 -8.51 -6.19
N LEU A 43 -0.69 -8.52 -5.07
CA LEU A 43 -2.12 -8.85 -5.08
C LEU A 43 -2.91 -7.93 -6.02
N SER A 44 -2.56 -6.64 -6.02
CA SER A 44 -3.26 -5.67 -6.89
C SER A 44 -3.05 -6.03 -8.35
N LEU A 45 -1.85 -6.50 -8.68
CA LEU A 45 -1.52 -6.91 -10.04
C LEU A 45 -2.40 -8.10 -10.42
N VAL A 46 -2.55 -9.02 -9.48
CA VAL A 46 -3.37 -10.21 -9.64
C VAL A 46 -4.83 -9.78 -9.80
N ASN A 47 -5.24 -8.83 -8.95
CA ASN A 47 -6.60 -8.32 -8.95
C ASN A 47 -6.96 -7.63 -10.27
N ARG A 48 -6.05 -6.82 -10.82
CA ARG A 48 -6.32 -6.10 -12.06
C ARG A 48 -6.61 -7.07 -13.20
N VAL A 49 -5.81 -8.13 -13.29
CA VAL A 49 -5.98 -9.15 -14.32
C VAL A 49 -7.20 -10.03 -13.96
N ARG A 50 -7.28 -10.38 -12.69
CA ARG A 50 -8.33 -11.26 -12.18
C ARG A 50 -9.74 -10.62 -12.06
N GLN A 51 -9.91 -9.28 -12.12
CA GLN A 51 -11.24 -8.69 -11.95
C GLN A 51 -11.90 -8.28 -13.30
N GLY A 52 -11.10 -8.06 -14.33
CA GLY A 52 -11.64 -7.71 -15.65
C GLY A 52 -10.95 -6.49 -16.28
N TYR A 53 -9.79 -6.08 -15.74
CA TYR A 53 -9.05 -4.93 -16.31
C TYR A 53 -9.92 -3.62 -16.24
N SER A 54 -10.10 -2.88 -17.35
CA SER A 54 -10.88 -1.65 -17.38
C SER A 54 -12.34 -1.92 -17.00
N PRO A 55 -13.11 -0.91 -16.57
CA PRO A 55 -14.54 -1.10 -16.15
C PRO A 55 -15.25 -2.18 -16.99
N LEU A 56 -15.57 -3.33 -16.36
CA LEU A 56 -16.19 -4.45 -17.07
C LEU A 56 -17.67 -4.66 -16.68
N SER A 57 -18.09 -4.14 -15.50
CA SER A 57 -19.48 -4.29 -15.01
C SER A 57 -20.10 -5.64 -15.45
N GLU A 80 -14.55 -15.63 -17.39
CA GLU A 80 -13.36 -15.37 -18.22
C GLU A 80 -12.27 -16.41 -17.95
N ARG A 81 -11.65 -16.91 -19.02
CA ARG A 81 -10.59 -17.91 -18.92
C ARG A 81 -9.40 -17.38 -18.09
N ASP A 82 -9.23 -16.05 -18.05
CA ASP A 82 -8.10 -15.44 -17.33
C ASP A 82 -8.04 -15.85 -15.84
N ARG A 83 -9.06 -16.55 -15.32
CA ARG A 83 -9.05 -16.98 -13.91
C ARG A 83 -7.89 -17.94 -13.64
N ASP A 84 -7.71 -18.95 -14.51
CA ASP A 84 -6.65 -19.93 -14.30
C ASP A 84 -5.27 -19.30 -14.40
N ARG A 85 -5.07 -18.38 -15.32
CA ARG A 85 -3.78 -17.71 -15.47
C ARG A 85 -3.56 -16.77 -14.28
N SER A 86 -4.63 -16.10 -13.85
CA SER A 86 -4.54 -15.16 -12.73
C SER A 86 -4.20 -15.87 -11.42
N ILE A 87 -4.89 -16.99 -11.10
CA ILE A 87 -4.60 -17.67 -9.83
C ILE A 87 -3.19 -18.18 -9.79
N ARG A 88 -2.66 -18.85 -10.85
CA ARG A 88 -1.30 -19.33 -10.67
C ARG A 88 -0.29 -18.17 -10.65
N LEU A 89 -0.78 -16.91 -10.80
CA LEU A 89 0.11 -15.76 -10.55
C LEU A 89 0.64 -15.91 -9.08
N VAL A 90 -0.05 -16.80 -8.32
CA VAL A 90 0.32 -17.18 -6.96
C VAL A 90 1.77 -17.64 -6.99
N ASN A 91 2.04 -18.59 -7.86
CA ASN A 91 3.38 -19.06 -8.13
C ASN A 91 4.11 -18.00 -8.95
N GLY A 92 3.31 -17.23 -9.71
CA GLY A 92 3.80 -16.16 -10.55
C GLY A 92 4.61 -15.15 -9.73
N SER A 93 4.42 -15.16 -8.39
CA SER A 93 5.16 -14.25 -7.52
C SER A 93 6.65 -14.49 -7.74
N LEU A 94 7.03 -15.76 -7.94
CA LEU A 94 8.42 -16.10 -8.25
C LEU A 94 8.77 -15.40 -9.56
N ALA A 95 7.90 -15.57 -10.57
CA ALA A 95 8.12 -14.93 -11.88
C ALA A 95 8.20 -13.40 -11.75
N LEU A 96 7.42 -12.80 -10.83
CA LEU A 96 7.38 -11.34 -10.68
C LEU A 96 8.77 -10.78 -10.33
N ILE A 97 9.49 -11.43 -9.42
CA ILE A 97 10.83 -10.96 -9.06
C ILE A 97 11.70 -11.01 -10.32
N TRP A 98 11.44 -11.99 -11.19
CA TRP A 98 12.15 -12.15 -12.45
C TRP A 98 11.78 -11.02 -13.43
N ASP A 99 10.55 -10.49 -13.35
CA ASP A 99 10.13 -9.39 -14.25
C ASP A 99 11.13 -8.22 -14.10
N ASP A 100 11.40 -7.86 -12.85
CA ASP A 100 12.33 -6.77 -12.53
C ASP A 100 13.79 -7.17 -12.83
N LEU A 101 14.17 -8.39 -12.45
CA LEU A 101 15.55 -8.87 -12.63
C LEU A 101 15.95 -9.07 -14.11
N ARG A 102 15.00 -9.50 -14.94
CA ARG A 102 15.30 -9.78 -16.35
C ARG A 102 15.35 -8.52 -17.23
N SER A 103 14.76 -7.41 -16.77
CA SER A 103 14.78 -6.19 -17.58
C SER A 103 16.14 -5.49 -17.52
N LEU A 104 16.66 -5.36 -16.30
CA LEU A 104 17.96 -4.70 -16.04
C LEU A 104 19.18 -5.49 -16.58
N SER A 105 19.30 -6.76 -16.18
CA SER A 105 20.45 -7.57 -16.61
C SER A 105 20.10 -8.48 -17.81
N LEU A 106 18.96 -9.20 -17.68
CA LEU A 106 18.46 -10.16 -18.68
C LEU A 106 19.03 -11.56 -18.42
N PHE A 107 20.26 -11.83 -18.88
CA PHE A 107 20.87 -13.15 -18.67
C PHE A 107 21.98 -13.06 -17.60
N SER A 108 23.05 -12.33 -17.91
CA SER A 108 24.17 -12.17 -16.98
C SER A 108 24.11 -10.80 -16.30
N TYR A 109 24.52 -10.74 -15.03
CA TYR A 109 24.52 -9.48 -14.29
C TYR A 109 25.49 -8.48 -14.93
N HIS A 110 26.52 -8.98 -15.63
CA HIS A 110 27.49 -8.12 -16.31
C HIS A 110 26.75 -7.12 -17.22
N ARG A 111 25.70 -7.62 -17.88
CA ARG A 111 24.89 -6.78 -18.78
C ARG A 111 24.20 -5.65 -17.99
N LEU A 112 23.89 -5.90 -16.71
CA LEU A 112 23.23 -4.91 -15.87
C LEU A 112 24.09 -3.66 -15.74
N ARG A 113 25.41 -3.84 -15.64
CA ARG A 113 26.33 -2.71 -15.54
C ARG A 113 26.17 -1.82 -16.77
N ASP A 114 26.05 -2.45 -17.94
CA ASP A 114 25.86 -1.74 -19.18
C ASP A 114 24.47 -1.09 -19.21
N LEU A 115 23.45 -1.83 -18.77
CA LEU A 115 22.09 -1.30 -18.78
C LEU A 115 21.96 -0.08 -17.85
N LEU A 116 22.66 -0.10 -16.72
CA LEU A 116 22.59 1.00 -15.77
C LEU A 116 23.13 2.30 -16.40
N LEU A 117 24.16 2.19 -17.24
CA LEU A 117 24.75 3.36 -17.87
C LEU A 117 23.88 3.91 -19.00
N ILE A 118 23.34 3.04 -19.85
CA ILE A 118 22.51 3.49 -20.97
C ILE A 118 21.28 4.25 -20.47
N VAL A 119 20.67 3.84 -19.34
CA VAL A 119 19.50 4.54 -18.85
C VAL A 119 19.86 5.97 -18.40
N THR A 120 21.00 6.13 -17.70
CA THR A 120 21.42 7.46 -17.26
C THR A 120 21.72 8.38 -18.44
N ARG A 121 22.48 7.86 -19.40
CA ARG A 121 22.86 8.64 -20.59
C ARG A 121 21.63 9.03 -21.41
N ILE A 122 20.58 8.22 -21.40
CA ILE A 122 19.39 8.48 -22.18
C ILE A 122 18.86 9.89 -21.90
N VAL A 123 18.97 10.35 -20.64
CA VAL A 123 18.47 11.69 -20.29
C VAL A 123 19.09 12.73 -21.25
N GLU A 124 20.37 12.54 -21.59
CA GLU A 124 21.05 13.46 -22.52
C GLU A 124 20.38 13.43 -23.89
N LEU A 125 20.04 12.22 -24.35
CA LEU A 125 19.40 12.02 -25.65
C LEU A 125 17.97 12.58 -25.66
N LEU A 126 17.23 12.38 -24.57
CA LEU A 126 15.85 12.85 -24.47
C LEU A 126 15.79 14.32 -23.97
N GLY A 127 16.92 14.86 -23.49
CA GLY A 127 16.97 16.23 -23.00
C GLY A 127 16.88 17.27 -24.12
N ARG A 128 16.74 16.82 -25.38
CA ARG A 128 16.64 17.73 -26.52
C ARG A 128 15.28 17.60 -27.21
N ARG A 129 14.82 18.69 -27.84
CA ARG A 129 13.53 18.68 -28.54
C ARG A 129 12.41 18.24 -27.59
N LEU B 1 10.97 -2.45 43.07
CA LEU B 1 10.71 -2.57 41.60
C LEU B 1 9.96 -1.32 41.12
N LEU B 2 10.55 -0.60 40.16
CA LEU B 2 9.94 0.61 39.61
C LEU B 2 9.80 1.66 40.71
N GLU B 3 10.55 2.76 40.60
CA GLU B 3 10.54 3.86 41.58
C GLU B 3 11.69 4.82 41.25
N LEU B 4 11.88 5.86 42.08
CA LEU B 4 12.96 6.83 41.85
C LEU B 4 14.30 6.10 41.74
N ASP B 5 14.52 5.21 42.68
CA ASP B 5 15.77 4.45 42.75
C ASP B 5 15.95 3.50 41.57
N LYS B 6 14.84 2.97 41.05
CA LYS B 6 14.89 2.04 39.92
C LYS B 6 15.10 2.80 38.61
N TRP B 7 14.36 3.89 38.43
CA TRP B 7 14.46 4.71 37.23
C TRP B 7 15.77 5.50 37.19
N ALA B 8 16.12 6.10 38.33
CA ALA B 8 17.35 6.91 38.41
C ALA B 8 18.60 6.06 38.14
N SER B 9 18.55 4.77 38.49
CA SER B 9 19.68 3.86 38.28
C SER B 9 20.01 3.70 36.79
N LEU B 10 19.01 3.91 35.92
CA LEU B 10 19.21 3.77 34.47
C LEU B 10 20.25 4.77 33.97
N TRP B 11 20.22 5.98 34.52
CA TRP B 11 21.16 7.04 34.11
C TRP B 11 22.62 6.64 34.38
N ASN B 12 22.82 5.56 35.17
CA ASN B 12 24.17 5.09 35.50
C ASN B 12 24.69 4.12 34.43
N TRP B 13 23.77 3.36 33.82
CA TRP B 13 24.14 2.39 32.78
C TRP B 13 24.77 3.10 31.57
N PHE B 14 24.06 4.12 31.06
CA PHE B 14 24.54 4.90 29.92
C PHE B 14 24.81 4.03 28.68
N ASP B 15 24.09 2.90 28.56
CA ASP B 15 24.25 2.00 27.41
C ASP B 15 22.89 1.44 26.97
N ILE B 16 22.32 0.55 27.79
CA ILE B 16 21.01 -0.06 27.51
C ILE B 16 19.91 1.03 27.62
N THR B 17 20.06 1.95 28.58
CA THR B 17 19.06 2.99 28.81
C THR B 17 18.70 3.72 27.50
N ASN B 18 19.66 3.89 26.59
CA ASN B 18 19.37 4.58 25.34
C ASN B 18 18.22 3.87 24.62
N TRP B 19 18.33 2.55 24.48
CA TRP B 19 17.26 1.74 23.89
C TRP B 19 16.03 1.77 24.82
N LEU B 20 16.27 1.65 26.12
CA LEU B 20 15.22 1.61 27.14
C LEU B 20 14.31 2.85 27.12
N TRP B 21 14.86 4.03 26.84
CA TRP B 21 14.07 5.28 26.86
C TRP B 21 13.80 5.88 25.47
N TYR B 22 14.72 5.70 24.51
CA TYR B 22 14.53 6.30 23.18
C TYR B 22 13.38 5.65 22.39
N ILE B 23 12.78 4.58 22.91
CA ILE B 23 11.67 3.93 22.23
C ILE B 23 10.49 4.90 22.05
N ARG B 24 10.27 5.77 23.05
CA ARG B 24 9.16 6.74 23.00
C ARG B 24 9.21 7.57 21.71
N ILE B 25 10.39 8.10 21.35
CA ILE B 25 10.53 8.87 20.10
C ILE B 25 10.44 7.88 18.92
N PHE B 26 10.99 6.69 19.13
CA PHE B 26 11.01 5.63 18.14
C PHE B 26 9.59 5.24 17.70
N ILE B 27 8.61 5.35 18.62
CA ILE B 27 7.22 5.00 18.29
C ILE B 27 6.72 5.89 17.14
N ILE B 28 6.95 7.20 17.26
CA ILE B 28 6.52 8.14 16.23
C ILE B 28 7.28 7.84 14.92
N ILE B 29 8.58 7.55 15.04
CA ILE B 29 9.40 7.24 13.87
C ILE B 29 8.82 6.00 13.15
N VAL B 30 8.32 5.02 13.92
CA VAL B 30 7.72 3.82 13.31
C VAL B 30 6.52 4.27 12.45
N GLY B 31 5.74 5.23 12.95
CA GLY B 31 4.58 5.74 12.20
C GLY B 31 4.99 6.36 10.86
N SER B 32 6.22 6.86 10.77
CA SER B 32 6.74 7.54 9.58
C SER B 32 6.78 6.67 8.30
N LEU B 33 7.26 5.43 8.39
CA LEU B 33 7.40 4.58 7.20
C LEU B 33 6.06 4.33 6.47
N ILE B 34 4.93 4.25 7.18
CA ILE B 34 3.64 3.98 6.52
C ILE B 34 3.37 5.08 5.46
N GLY B 35 3.61 6.35 5.80
CA GLY B 35 3.42 7.44 4.85
C GLY B 35 4.35 7.27 3.63
N LEU B 36 5.53 6.70 3.89
CA LEU B 36 6.54 6.45 2.86
C LEU B 36 5.99 5.50 1.78
N ARG B 37 5.21 4.53 2.22
CA ARG B 37 4.60 3.50 1.36
C ARG B 37 3.78 4.07 0.20
N ILE B 38 3.18 5.25 0.34
CA ILE B 38 2.31 5.78 -0.72
C ILE B 38 3.10 5.91 -2.05
N VAL B 39 4.39 6.28 -2.00
CA VAL B 39 5.19 6.37 -3.23
C VAL B 39 5.19 5.02 -3.99
N PHE B 40 5.07 3.90 -3.25
CA PHE B 40 5.07 2.57 -3.90
C PHE B 40 3.96 2.49 -4.94
N ALA B 41 2.85 3.21 -4.71
CA ALA B 41 1.76 3.24 -5.69
C ALA B 41 2.35 3.78 -7.02
N VAL B 42 3.26 4.75 -6.88
CA VAL B 42 3.97 5.31 -8.02
C VAL B 42 4.89 4.20 -8.61
N LEU B 43 5.55 3.45 -7.71
CA LEU B 43 6.44 2.35 -8.10
C LEU B 43 5.67 1.34 -8.95
N SER B 44 4.40 1.08 -8.61
CA SER B 44 3.58 0.13 -9.36
C SER B 44 3.39 0.60 -10.80
N LEU B 45 3.28 1.92 -10.98
CA LEU B 45 3.14 2.51 -12.30
C LEU B 45 4.39 2.21 -13.13
N VAL B 46 5.54 2.37 -12.48
CA VAL B 46 6.85 2.12 -13.10
C VAL B 46 7.01 0.62 -13.33
N ASN B 47 6.66 -0.15 -12.32
CA ASN B 47 6.73 -1.61 -12.34
C ASN B 47 5.82 -2.22 -13.41
N ARG B 48 4.66 -1.61 -13.62
CA ARG B 48 3.72 -2.17 -14.56
C ARG B 48 4.27 -2.10 -15.98
N VAL B 49 4.74 -0.93 -16.36
CA VAL B 49 5.28 -0.74 -17.70
C VAL B 49 6.70 -1.26 -17.88
N ARG B 50 7.55 -0.96 -16.92
CA ARG B 50 8.97 -1.28 -17.06
C ARG B 50 9.26 -2.78 -17.20
N GLN B 51 8.64 -3.63 -16.39
CA GLN B 51 8.89 -5.06 -16.46
C GLN B 51 7.78 -5.88 -17.13
N GLY B 52 6.57 -5.33 -17.14
CA GLY B 52 5.40 -6.00 -17.74
C GLY B 52 4.17 -5.82 -16.85
N TYR B 53 2.97 -6.16 -17.37
CA TYR B 53 1.72 -5.99 -16.60
C TYR B 53 1.11 -7.34 -16.17
N SER B 54 0.34 -8.01 -17.05
CA SER B 54 -0.29 -9.28 -16.72
C SER B 54 0.76 -10.34 -16.44
N PRO B 55 0.44 -11.44 -15.73
CA PRO B 55 1.43 -12.51 -15.39
C PRO B 55 2.54 -12.66 -16.44
N LEU B 56 3.75 -12.23 -16.07
CA LEU B 56 4.91 -12.23 -16.97
C LEU B 56 5.45 -13.62 -17.32
N SER B 57 5.17 -14.66 -16.51
CA SER B 57 5.68 -16.04 -16.74
C SER B 57 6.03 -16.30 -18.24
N GLU B 80 12.61 -7.53 -25.40
CA GLU B 80 13.10 -6.57 -24.40
C GLU B 80 13.53 -5.23 -25.02
N ARG B 81 13.18 -5.01 -26.29
CA ARG B 81 13.53 -3.76 -26.98
C ARG B 81 12.69 -2.59 -26.45
N ASP B 82 11.47 -2.89 -25.98
CA ASP B 82 10.56 -1.87 -25.45
C ASP B 82 11.15 -1.14 -24.23
N ARG B 83 12.31 -1.57 -23.71
CA ARG B 83 12.90 -0.89 -22.53
C ARG B 83 13.04 0.60 -22.82
N ASP B 84 13.30 0.97 -24.08
CA ASP B 84 13.40 2.40 -24.45
C ASP B 84 12.06 3.08 -24.10
N ARG B 85 10.98 2.32 -24.26
CA ARG B 85 9.62 2.79 -23.92
C ARG B 85 9.55 3.05 -22.43
N SER B 86 10.06 2.08 -21.66
CA SER B 86 10.06 2.19 -20.21
C SER B 86 10.89 3.39 -19.77
N ILE B 87 12.09 3.53 -20.33
CA ILE B 87 12.95 4.69 -19.99
C ILE B 87 12.14 6.00 -20.19
N ARG B 88 11.07 5.97 -20.99
CA ARG B 88 10.24 7.15 -21.21
C ARG B 88 9.60 7.61 -19.89
N LEU B 89 9.08 6.67 -19.08
CA LEU B 89 8.44 7.05 -17.80
C LEU B 89 9.39 7.87 -16.91
N VAL B 90 10.71 7.86 -17.21
CA VAL B 90 11.64 8.69 -16.42
C VAL B 90 11.11 10.14 -16.48
N ASN B 91 10.91 10.61 -17.70
CA ASN B 91 10.30 11.93 -17.94
C ASN B 91 8.80 11.89 -17.61
N GLY B 92 8.25 10.66 -17.55
CA GLY B 92 6.84 10.41 -17.30
C GLY B 92 6.35 11.04 -16.00
N SER B 93 7.26 11.35 -15.06
CA SER B 93 6.84 11.95 -13.80
C SER B 93 6.10 13.26 -14.07
N LEU B 94 6.57 14.02 -15.06
CA LEU B 94 5.93 15.28 -15.45
C LEU B 94 4.58 14.98 -16.13
N ALA B 95 4.61 14.05 -17.08
CA ALA B 95 3.40 13.68 -17.84
C ALA B 95 2.32 13.02 -16.97
N LEU B 96 2.71 12.22 -15.97
CA LEU B 96 1.73 11.54 -15.11
C LEU B 96 0.83 12.54 -14.41
N ILE B 97 1.43 13.59 -13.86
CA ILE B 97 0.67 14.64 -13.17
C ILE B 97 -0.27 15.29 -14.19
N TRP B 98 0.21 15.43 -15.43
CA TRP B 98 -0.57 16.04 -16.51
C TRP B 98 -1.75 15.15 -16.93
N ASP B 99 -1.63 13.81 -16.83
CA ASP B 99 -2.76 12.93 -17.21
C ASP B 99 -3.99 13.35 -16.38
N ASP B 100 -3.77 13.50 -15.07
CA ASP B 100 -4.81 13.89 -14.14
C ASP B 100 -5.24 15.36 -14.32
N LEU B 101 -4.26 16.27 -14.46
CA LEU B 101 -4.55 17.70 -14.60
C LEU B 101 -5.25 18.03 -15.92
N ARG B 102 -4.95 17.27 -16.97
CA ARG B 102 -5.54 17.51 -18.29
C ARG B 102 -6.96 16.96 -18.43
N SER B 103 -7.18 15.70 -18.05
CA SER B 103 -8.50 15.09 -18.17
C SER B 103 -9.52 15.77 -17.25
N LEU B 104 -9.12 16.01 -16.00
CA LEU B 104 -10.02 16.64 -15.01
C LEU B 104 -10.40 18.08 -15.39
N SER B 105 -9.40 18.92 -15.65
CA SER B 105 -9.67 20.34 -16.00
C SER B 105 -9.66 20.59 -17.51
N LEU B 106 -8.63 20.09 -18.21
CA LEU B 106 -8.49 20.30 -19.66
C LEU B 106 -8.10 21.75 -19.96
N PHE B 107 -6.85 21.95 -20.36
CA PHE B 107 -6.32 23.27 -20.70
C PHE B 107 -6.31 24.21 -19.47
N SER B 108 -7.47 24.78 -19.11
CA SER B 108 -7.56 25.72 -17.98
C SER B 108 -8.31 25.10 -16.80
N TYR B 109 -8.35 25.83 -15.68
CA TYR B 109 -9.04 25.36 -14.48
C TYR B 109 -10.55 25.68 -14.54
N HIS B 110 -10.92 26.74 -15.27
CA HIS B 110 -12.33 27.11 -15.42
C HIS B 110 -13.10 25.94 -16.04
N ARG B 111 -12.45 25.29 -17.01
CA ARG B 111 -13.01 24.13 -17.71
C ARG B 111 -13.32 22.99 -16.71
N LEU B 112 -12.55 22.90 -15.61
CA LEU B 112 -12.74 21.82 -14.63
C LEU B 112 -14.17 21.87 -14.08
N ARG B 113 -14.76 23.07 -13.97
CA ARG B 113 -16.14 23.19 -13.51
C ARG B 113 -17.03 22.36 -14.45
N ASP B 114 -16.64 22.27 -15.73
CA ASP B 114 -17.37 21.49 -16.72
C ASP B 114 -17.34 20.01 -16.32
N LEU B 115 -16.18 19.53 -15.84
CA LEU B 115 -16.05 18.13 -15.42
C LEU B 115 -17.05 17.80 -14.31
N LEU B 116 -17.25 18.75 -13.40
CA LEU B 116 -18.17 18.56 -12.29
C LEU B 116 -19.58 18.26 -12.81
N LEU B 117 -19.94 18.91 -13.91
CA LEU B 117 -21.25 18.70 -14.54
C LEU B 117 -21.30 17.33 -15.22
N ILE B 118 -20.16 16.89 -15.79
CA ILE B 118 -20.10 15.59 -16.47
C ILE B 118 -20.33 14.47 -15.45
N VAL B 119 -19.78 14.61 -14.24
CA VAL B 119 -19.94 13.59 -13.21
C VAL B 119 -21.42 13.52 -12.79
N THR B 120 -22.03 14.68 -12.54
CA THR B 120 -23.44 14.73 -12.12
C THR B 120 -24.38 14.21 -13.21
N ARG B 121 -24.15 14.62 -14.45
CA ARG B 121 -25.01 14.21 -15.56
C ARG B 121 -24.90 12.71 -15.84
N ILE B 122 -23.72 12.12 -15.61
CA ILE B 122 -23.51 10.70 -15.88
C ILE B 122 -24.46 9.82 -15.05
N VAL B 123 -24.76 10.20 -13.80
CA VAL B 123 -25.62 9.37 -12.95
C VAL B 123 -27.01 9.16 -13.57
N GLU B 124 -27.61 10.21 -14.15
CA GLU B 124 -28.94 10.09 -14.74
C GLU B 124 -28.93 9.13 -15.95
N LEU B 125 -27.89 9.25 -16.79
CA LEU B 125 -27.77 8.42 -17.99
C LEU B 125 -27.44 6.97 -17.65
N LEU B 126 -26.51 6.76 -16.72
CA LEU B 126 -26.09 5.40 -16.34
C LEU B 126 -27.04 4.79 -15.29
N GLY B 127 -27.74 5.65 -14.55
CA GLY B 127 -28.69 5.18 -13.53
C GLY B 127 -29.74 4.25 -14.17
N ARG B 128 -30.10 4.52 -15.42
CA ARG B 128 -31.08 3.71 -16.14
C ARG B 128 -30.41 2.47 -16.74
N ARG B 129 -31.17 1.36 -16.81
CA ARG B 129 -30.67 0.11 -17.37
C ARG B 129 -31.83 -0.80 -17.77
N LEU C 1 10.33 12.58 38.02
CA LEU C 1 11.12 11.34 38.40
C LEU C 1 10.19 10.14 38.59
N LEU C 2 8.94 10.25 38.11
CA LEU C 2 7.97 9.15 38.23
C LEU C 2 7.73 8.78 39.69
N GLU C 3 6.53 9.08 40.18
CA GLU C 3 6.16 8.79 41.56
C GLU C 3 4.66 8.96 41.75
N LEU C 4 4.15 8.55 42.92
CA LEU C 4 2.72 8.65 43.20
C LEU C 4 2.26 10.10 43.07
N ASP C 5 2.99 11.00 43.73
CA ASP C 5 2.68 12.43 43.68
C ASP C 5 3.08 13.06 42.35
N LYS C 6 3.93 12.38 41.58
CA LYS C 6 4.39 12.89 40.29
C LYS C 6 3.35 12.64 39.20
N TRP C 7 2.86 11.39 39.12
CA TRP C 7 1.88 11.02 38.11
C TRP C 7 0.58 11.80 38.30
N ALA C 8 0.11 11.88 39.54
CA ALA C 8 -1.14 12.59 39.84
C ALA C 8 -1.05 14.09 39.53
N SER C 9 0.17 14.63 39.51
CA SER C 9 0.38 16.05 39.23
C SER C 9 0.07 16.40 37.76
N LEU C 10 0.29 15.43 36.85
CA LEU C 10 0.06 15.67 35.42
C LEU C 10 -1.43 15.93 35.12
N TRP C 11 -2.34 15.22 35.77
CA TRP C 11 -3.79 15.39 35.50
C TRP C 11 -4.24 16.83 35.75
N ASN C 12 -3.41 17.63 36.44
CA ASN C 12 -3.75 19.03 36.71
C ASN C 12 -3.43 19.92 35.49
N TRP C 13 -2.54 19.43 34.61
CA TRP C 13 -2.15 20.17 33.40
C TRP C 13 -3.36 20.39 32.50
N PHE C 14 -4.19 19.35 32.36
CA PHE C 14 -5.41 19.41 31.55
C PHE C 14 -5.13 19.71 30.06
N ASP C 15 -3.92 19.38 29.58
CA ASP C 15 -3.59 19.63 28.17
C ASP C 15 -2.49 18.67 27.65
N ILE C 16 -1.25 18.88 28.08
CA ILE C 16 -0.12 18.04 27.65
C ILE C 16 -0.37 16.56 28.05
N THR C 17 -0.96 16.37 29.24
CA THR C 17 -1.23 15.03 29.76
C THR C 17 -1.99 14.15 28.75
N ASN C 18 -2.85 14.76 27.94
CA ASN C 18 -3.61 14.00 26.94
C ASN C 18 -2.65 13.25 26.04
N TRP C 19 -1.65 13.96 25.53
CA TRP C 19 -0.65 13.33 24.68
C TRP C 19 0.05 12.18 25.45
N LEU C 20 0.30 12.38 26.74
CA LEU C 20 1.00 11.39 27.56
C LEU C 20 0.26 10.03 27.64
N TRP C 21 -1.06 10.06 27.77
CA TRP C 21 -1.82 8.81 27.91
C TRP C 21 -2.55 8.40 26.62
N TYR C 22 -3.12 9.37 25.90
CA TYR C 22 -3.88 9.07 24.69
C TYR C 22 -2.99 8.57 23.54
N ILE C 23 -1.67 8.79 23.61
CA ILE C 23 -0.78 8.31 22.54
C ILE C 23 -0.87 6.78 22.45
N ARG C 24 -1.00 6.11 23.60
CA ARG C 24 -1.10 4.64 23.65
C ARG C 24 -2.22 4.16 22.71
N ILE C 25 -3.39 4.80 22.81
CA ILE C 25 -4.53 4.44 21.95
C ILE C 25 -4.17 4.81 20.49
N PHE C 26 -3.43 5.91 20.32
CA PHE C 26 -3.04 6.39 19.00
C PHE C 26 -2.20 5.34 18.26
N ILE C 27 -1.35 4.60 19.00
CA ILE C 27 -0.50 3.58 18.38
C ILE C 27 -1.38 2.51 17.73
N ILE C 28 -2.41 2.06 18.44
CA ILE C 28 -3.33 1.07 17.89
C ILE C 28 -4.04 1.68 16.67
N ILE C 29 -4.37 2.97 16.76
CA ILE C 29 -5.03 3.68 15.67
C ILE C 29 -4.13 3.62 14.41
N VAL C 30 -2.81 3.72 14.59
CA VAL C 30 -1.88 3.64 13.46
C VAL C 30 -2.10 2.30 12.73
N GLY C 31 -2.32 1.23 13.51
CA GLY C 31 -2.59 -0.09 12.93
C GLY C 31 -3.81 0.01 11.99
N SER C 32 -4.78 0.83 12.39
CA SER C 32 -5.98 1.06 11.57
C SER C 32 -5.60 1.83 10.30
N LEU C 33 -4.67 2.77 10.48
CA LEU C 33 -4.20 3.64 9.42
C LEU C 33 -3.57 2.89 8.24
N ILE C 34 -2.70 1.92 8.52
CA ILE C 34 -2.02 1.18 7.46
C ILE C 34 -3.04 0.45 6.57
N GLY C 35 -4.06 -0.19 7.18
CA GLY C 35 -5.09 -0.90 6.41
C GLY C 35 -5.84 0.06 5.47
N LEU C 36 -5.96 1.33 5.89
CA LEU C 36 -6.64 2.37 5.10
C LEU C 36 -6.03 2.43 3.68
N ARG C 37 -4.72 2.24 3.61
CA ARG C 37 -3.94 2.28 2.38
C ARG C 37 -4.43 1.32 1.28
N ILE C 38 -5.06 0.20 1.64
CA ILE C 38 -5.46 -0.80 0.63
C ILE C 38 -6.38 -0.15 -0.44
N VAL C 39 -7.26 0.79 -0.04
CA VAL C 39 -8.14 1.47 -1.02
C VAL C 39 -7.27 2.08 -2.15
N PHE C 40 -6.02 2.47 -1.85
CA PHE C 40 -5.14 3.03 -2.89
C PHE C 40 -4.99 2.06 -4.06
N ALA C 41 -5.04 0.75 -3.77
CA ALA C 41 -4.96 -0.27 -4.83
C ALA C 41 -6.14 -0.04 -5.79
N VAL C 42 -7.31 0.16 -5.18
CA VAL C 42 -8.54 0.46 -5.90
C VAL C 42 -8.41 1.83 -6.61
N LEU C 43 -7.72 2.76 -5.95
CA LEU C 43 -7.48 4.11 -6.48
C LEU C 43 -6.62 4.05 -7.75
N SER C 44 -5.54 3.26 -7.70
CA SER C 44 -4.64 3.11 -8.84
C SER C 44 -5.35 2.47 -10.03
N LEU C 45 -6.30 1.59 -9.74
CA LEU C 45 -7.08 0.94 -10.79
C LEU C 45 -7.93 2.00 -11.51
N VAL C 46 -8.49 2.92 -10.72
CA VAL C 46 -9.30 4.01 -11.25
C VAL C 46 -8.38 4.95 -12.07
N ASN C 47 -7.24 5.28 -11.47
CA ASN C 47 -6.22 6.13 -12.08
C ASN C 47 -5.64 5.52 -13.36
N ARG C 48 -5.48 4.21 -13.37
CA ARG C 48 -4.87 3.52 -14.51
C ARG C 48 -5.73 3.68 -15.76
N VAL C 49 -7.01 3.41 -15.64
CA VAL C 49 -7.92 3.50 -16.78
C VAL C 49 -8.26 4.95 -17.11
N ARG C 50 -8.52 5.73 -16.08
CA ARG C 50 -8.92 7.12 -16.27
C ARG C 50 -7.77 8.01 -16.78
N GLN C 51 -6.56 7.84 -16.24
CA GLN C 51 -5.43 8.69 -16.65
C GLN C 51 -4.48 7.99 -17.63
N GLY C 52 -4.51 6.66 -17.63
CA GLY C 52 -3.66 5.84 -18.48
C GLY C 52 -2.53 5.23 -17.66
N TYR C 53 -1.90 4.17 -18.16
CA TYR C 53 -0.81 3.50 -17.44
C TYR C 53 0.52 3.66 -18.17
N SER C 54 0.53 3.40 -19.49
CA SER C 54 1.74 3.51 -20.28
C SER C 54 2.16 4.98 -20.40
N PRO C 55 3.47 5.30 -20.42
CA PRO C 55 3.95 6.71 -20.53
C PRO C 55 3.04 7.56 -21.45
N LEU C 56 2.13 8.32 -20.83
CA LEU C 56 1.16 9.14 -21.56
C LEU C 56 1.78 10.41 -22.16
N SER C 57 3.11 10.58 -22.06
CA SER C 57 3.81 11.78 -22.61
C SER C 57 3.14 12.31 -23.89
N GLU C 80 -9.76 12.68 -25.71
CA GLU C 80 -10.62 13.66 -25.03
C GLU C 80 -11.93 13.03 -24.59
N ARG C 81 -12.60 12.43 -25.56
CA ARG C 81 -13.89 11.77 -25.34
C ARG C 81 -13.79 10.62 -24.33
N ASP C 82 -12.60 10.01 -24.23
CA ASP C 82 -12.38 8.87 -23.32
C ASP C 82 -12.76 9.18 -21.86
N ARG C 83 -13.00 10.45 -21.52
CA ARG C 83 -13.37 10.83 -20.15
C ARG C 83 -14.76 10.30 -19.79
N ASP C 84 -15.71 10.38 -20.71
CA ASP C 84 -17.07 9.93 -20.44
C ASP C 84 -17.08 8.45 -20.04
N ARG C 85 -16.19 7.65 -20.65
CA ARG C 85 -16.09 6.24 -20.31
C ARG C 85 -15.45 6.08 -18.93
N SER C 86 -14.36 6.80 -18.69
CA SER C 86 -13.67 6.71 -17.41
C SER C 86 -14.60 7.12 -16.27
N ILE C 87 -15.43 8.15 -16.50
CA ILE C 87 -16.38 8.58 -15.47
C ILE C 87 -17.28 7.38 -15.06
N ARG C 88 -17.38 6.35 -15.91
CA ARG C 88 -18.20 5.18 -15.56
C ARG C 88 -17.66 4.57 -14.26
N LEU C 89 -16.34 4.75 -14.02
CA LEU C 89 -15.73 4.23 -12.79
C LEU C 89 -16.45 4.77 -11.54
N VAL C 90 -17.19 5.89 -11.68
CA VAL C 90 -17.94 6.45 -10.55
C VAL C 90 -18.85 5.35 -10.00
N ASN C 91 -19.65 4.81 -10.91
CA ASN C 91 -20.50 3.67 -10.63
C ASN C 91 -19.65 2.38 -10.53
N GLY C 92 -18.45 2.44 -11.14
CA GLY C 92 -17.53 1.32 -11.20
C GLY C 92 -17.16 0.82 -9.81
N SER C 93 -17.34 1.64 -8.78
CA SER C 93 -17.02 1.22 -7.41
C SER C 93 -17.84 -0.02 -7.06
N LEU C 94 -19.10 -0.05 -7.52
CA LEU C 94 -19.98 -1.20 -7.30
C LEU C 94 -19.47 -2.41 -8.09
N ALA C 95 -19.23 -2.20 -9.39
CA ALA C 95 -18.75 -3.27 -10.28
C ALA C 95 -17.37 -3.80 -9.86
N LEU C 96 -16.50 -2.92 -9.36
CA LEU C 96 -15.14 -3.30 -8.97
C LEU C 96 -15.16 -4.38 -7.89
N ILE C 97 -16.00 -4.18 -6.88
CA ILE C 97 -16.11 -5.15 -5.77
C ILE C 97 -16.73 -6.45 -6.31
N TRP C 98 -17.74 -6.31 -7.16
CA TRP C 98 -18.45 -7.43 -7.75
C TRP C 98 -17.57 -8.21 -8.76
N ASP C 99 -16.64 -7.52 -9.43
CA ASP C 99 -15.77 -8.20 -10.42
C ASP C 99 -15.05 -9.38 -9.76
N ASP C 100 -14.46 -9.13 -8.59
CA ASP C 100 -13.74 -10.17 -7.84
C ASP C 100 -14.71 -11.21 -7.24
N LEU C 101 -15.81 -10.74 -6.63
CA LEU C 101 -16.78 -11.63 -5.97
C LEU C 101 -17.56 -12.51 -6.95
N ARG C 102 -17.89 -11.97 -8.13
CA ARG C 102 -18.67 -12.71 -9.13
C ARG C 102 -17.87 -13.83 -9.80
N SER C 103 -16.66 -13.51 -10.28
CA SER C 103 -15.82 -14.50 -10.94
C SER C 103 -15.40 -15.59 -9.93
N LEU C 104 -15.00 -15.14 -8.75
CA LEU C 104 -14.54 -16.01 -7.66
C LEU C 104 -15.66 -16.89 -7.08
N SER C 105 -16.77 -16.27 -6.66
CA SER C 105 -17.88 -17.01 -6.03
C SER C 105 -18.99 -17.37 -7.02
N LEU C 106 -19.29 -16.47 -7.96
CA LEU C 106 -20.37 -16.69 -8.94
C LEU C 106 -21.71 -16.80 -8.22
N PHE C 107 -22.62 -15.86 -8.49
CA PHE C 107 -23.94 -15.87 -7.85
C PHE C 107 -23.80 -15.79 -6.32
N SER C 108 -24.86 -16.14 -5.57
CA SER C 108 -24.83 -16.08 -4.11
C SER C 108 -24.21 -17.34 -3.51
N TYR C 109 -22.89 -17.30 -3.29
CA TYR C 109 -22.14 -18.42 -2.70
C TYR C 109 -22.57 -19.78 -3.29
N HIS C 110 -22.18 -20.90 -2.64
CA HIS C 110 -22.47 -22.25 -3.13
C HIS C 110 -21.53 -22.56 -4.30
N ARG C 111 -21.65 -21.76 -5.35
CA ARG C 111 -20.78 -21.85 -6.51
C ARG C 111 -19.32 -21.61 -6.10
N LEU C 112 -19.13 -20.79 -5.06
CA LEU C 112 -17.79 -20.47 -4.55
C LEU C 112 -17.08 -21.75 -4.09
N ARG C 113 -17.87 -22.73 -3.62
CA ARG C 113 -17.28 -24.01 -3.18
C ARG C 113 -16.49 -24.61 -4.34
N ASP C 114 -16.98 -24.43 -5.57
CA ASP C 114 -16.30 -24.93 -6.76
C ASP C 114 -14.99 -24.18 -6.95
N LEU C 115 -14.96 -22.87 -6.64
CA LEU C 115 -13.74 -22.07 -6.80
C LEU C 115 -12.61 -22.67 -5.95
N LEU C 116 -12.94 -23.16 -4.76
CA LEU C 116 -11.93 -23.77 -3.88
C LEU C 116 -11.25 -24.96 -4.56
N LEU C 117 -12.01 -25.73 -5.32
CA LEU C 117 -11.44 -26.88 -6.02
C LEU C 117 -10.62 -26.44 -7.24
N ILE C 118 -11.12 -25.43 -7.96
CA ILE C 118 -10.42 -24.97 -9.16
C ILE C 118 -9.03 -24.42 -8.83
N VAL C 119 -8.86 -23.72 -7.69
CA VAL C 119 -7.52 -23.16 -7.37
C VAL C 119 -6.48 -24.27 -7.38
N THR C 120 -6.82 -25.46 -6.85
CA THR C 120 -5.88 -26.57 -6.87
C THR C 120 -5.57 -26.96 -8.32
N ARG C 121 -6.59 -26.95 -9.16
CA ARG C 121 -6.46 -27.30 -10.57
C ARG C 121 -5.62 -26.27 -11.32
N ILE C 122 -5.80 -25.00 -10.96
CA ILE C 122 -5.11 -23.92 -11.62
C ILE C 122 -3.59 -24.05 -11.47
N VAL C 123 -3.08 -24.29 -10.25
CA VAL C 123 -1.65 -24.40 -10.09
C VAL C 123 -1.08 -25.44 -11.06
N GLU C 124 -1.80 -26.54 -11.27
CA GLU C 124 -1.35 -27.58 -12.19
C GLU C 124 -1.20 -27.05 -13.64
N LEU C 125 -2.16 -26.23 -14.07
CA LEU C 125 -2.20 -25.71 -15.45
C LEU C 125 -1.06 -24.73 -15.84
N LEU C 126 -0.73 -23.74 -14.99
CA LEU C 126 0.32 -22.76 -15.36
C LEU C 126 1.72 -23.35 -15.13
N GLY C 127 1.84 -24.30 -14.18
CA GLY C 127 3.12 -24.94 -13.90
C GLY C 127 3.74 -25.50 -15.19
N ARG C 128 2.89 -25.96 -16.11
CA ARG C 128 3.37 -26.50 -17.39
C ARG C 128 2.69 -25.78 -18.55
N ARG C 129 3.44 -25.56 -19.63
CA ARG C 129 2.91 -24.86 -20.82
C ARG C 129 3.04 -25.74 -22.06
N LEU A 1 -1.30 6.32 43.78
CA LEU A 1 -1.39 6.27 42.29
C LEU A 1 -0.08 5.73 41.72
N LEU A 2 -0.15 4.51 41.18
CA LEU A 2 1.01 3.85 40.56
C LEU A 2 2.14 3.62 41.57
N GLU A 3 2.70 2.41 41.54
CA GLU A 3 3.79 2.01 42.44
C GLU A 3 4.09 0.51 42.20
N LEU A 4 5.26 0.04 42.66
CA LEU A 4 5.64 -1.38 42.51
C LEU A 4 4.47 -2.29 42.92
N ASP A 5 3.79 -1.91 43.99
CA ASP A 5 2.66 -2.68 44.51
C ASP A 5 1.50 -2.68 43.51
N LYS A 6 1.35 -1.58 42.78
CA LYS A 6 0.30 -1.45 41.79
C LYS A 6 0.66 -2.27 40.55
N TRP A 7 1.92 -2.16 40.11
CA TRP A 7 2.39 -2.90 38.94
C TRP A 7 2.33 -4.39 39.20
N ALA A 8 2.81 -4.80 40.37
CA ALA A 8 2.81 -6.21 40.74
C ALA A 8 1.40 -6.72 41.08
N SER A 9 0.52 -5.81 41.53
CA SER A 9 -0.85 -6.18 41.86
C SER A 9 -1.60 -6.63 40.61
N LEU A 10 -1.26 -6.02 39.47
CA LEU A 10 -1.91 -6.35 38.20
C LEU A 10 -1.61 -7.79 37.75
N TRP A 11 -0.50 -8.36 38.24
CA TRP A 11 -0.11 -9.73 37.88
C TRP A 11 -1.18 -10.74 38.30
N ASN A 12 -1.92 -10.43 39.37
CA ASN A 12 -2.97 -11.33 39.87
C ASN A 12 -4.17 -11.41 38.92
N TRP A 13 -4.25 -10.48 37.96
CA TRP A 13 -5.36 -10.48 36.99
C TRP A 13 -5.25 -11.68 36.05
N PHE A 14 -4.05 -11.88 35.48
CA PHE A 14 -3.78 -13.01 34.57
C PHE A 14 -4.60 -12.93 33.27
N ASP A 15 -5.37 -11.84 33.06
CA ASP A 15 -6.18 -11.70 31.85
C ASP A 15 -5.90 -10.36 31.13
N ILE A 16 -6.29 -9.26 31.77
CA ILE A 16 -6.10 -7.93 31.19
C ILE A 16 -4.59 -7.57 31.09
N THR A 17 -3.82 -7.99 32.10
CA THR A 17 -2.38 -7.70 32.14
C THR A 17 -1.68 -8.10 30.84
N ASN A 18 -2.16 -9.18 30.20
CA ASN A 18 -1.55 -9.64 28.95
C ASN A 18 -1.54 -8.51 27.93
N TRP A 19 -2.70 -7.88 27.74
CA TRP A 19 -2.81 -6.75 26.81
C TRP A 19 -1.96 -5.56 27.30
N LEU A 20 -2.02 -5.26 28.61
CA LEU A 20 -1.27 -4.15 29.19
C LEU A 20 0.25 -4.31 29.05
N TRP A 21 0.77 -5.54 29.14
CA TRP A 21 2.22 -5.77 29.11
C TRP A 21 2.75 -6.30 27.77
N TYR A 22 1.88 -6.80 26.87
CA TYR A 22 2.37 -7.35 25.60
C TYR A 22 2.35 -6.34 24.43
N ILE A 23 1.73 -5.16 24.63
CA ILE A 23 1.70 -4.15 23.56
C ILE A 23 3.13 -3.69 23.19
N ARG A 24 4.00 -3.61 24.21
CA ARG A 24 5.39 -3.15 24.00
C ARG A 24 6.08 -3.95 22.89
N ILE A 25 5.96 -5.29 22.94
CA ILE A 25 6.55 -6.15 21.89
C ILE A 25 5.72 -5.95 20.61
N PHE A 26 4.42 -5.77 20.79
CA PHE A 26 3.46 -5.58 19.71
C PHE A 26 3.80 -4.35 18.87
N ILE A 27 4.42 -3.33 19.49
CA ILE A 27 4.76 -2.10 18.75
C ILE A 27 5.71 -2.42 17.59
N ILE A 28 6.79 -3.14 17.89
CA ILE A 28 7.76 -3.53 16.86
C ILE A 28 7.06 -4.42 15.82
N ILE A 29 6.20 -5.32 16.29
CA ILE A 29 5.47 -6.23 15.41
C ILE A 29 4.61 -5.43 14.41
N VAL A 30 4.02 -4.31 14.85
CA VAL A 30 3.21 -3.49 13.95
C VAL A 30 4.05 -3.12 12.72
N GLY A 31 5.32 -2.74 12.94
CA GLY A 31 6.22 -2.40 11.85
C GLY A 31 6.24 -3.54 10.82
N SER A 32 6.24 -4.78 11.33
CA SER A 32 6.21 -5.95 10.47
C SER A 32 4.88 -6.00 9.70
N LEU A 33 3.80 -5.63 10.38
CA LEU A 33 2.46 -5.62 9.81
C LEU A 33 2.38 -4.70 8.58
N ILE A 34 2.98 -3.52 8.69
CA ILE A 34 2.95 -2.54 7.59
C ILE A 34 3.72 -3.09 6.37
N GLY A 35 4.88 -3.71 6.61
CA GLY A 35 5.68 -4.31 5.53
C GLY A 35 4.89 -5.43 4.84
N LEU A 36 3.93 -6.04 5.56
CA LEU A 36 3.09 -7.11 5.02
C LEU A 36 2.39 -6.60 3.74
N ARG A 37 1.98 -5.34 3.77
CA ARG A 37 1.31 -4.67 2.66
C ARG A 37 2.15 -4.73 1.38
N ILE A 38 3.48 -4.80 1.51
CA ILE A 38 4.34 -4.83 0.32
C ILE A 38 3.95 -6.06 -0.53
N VAL A 39 3.64 -7.20 0.11
CA VAL A 39 3.19 -8.39 -0.62
C VAL A 39 1.79 -8.12 -1.24
N PHE A 40 0.98 -7.28 -0.56
CA PHE A 40 -0.38 -6.95 -1.03
C PHE A 40 -0.34 -6.41 -2.46
N ALA A 41 0.76 -5.75 -2.83
CA ALA A 41 0.88 -5.18 -4.17
C ALA A 41 0.70 -6.30 -5.21
N VAL A 42 1.21 -7.52 -4.92
CA VAL A 42 1.03 -8.64 -5.84
C VAL A 42 -0.48 -8.94 -6.02
N LEU A 43 -1.27 -8.78 -4.93
CA LEU A 43 -2.71 -9.00 -4.98
C LEU A 43 -3.36 -8.07 -6.01
N SER A 44 -2.95 -6.79 -6.01
CA SER A 44 -3.49 -5.83 -6.98
C SER A 44 -3.10 -6.29 -8.40
N LEU A 45 -1.90 -6.87 -8.48
CA LEU A 45 -1.36 -7.40 -9.73
C LEU A 45 -2.30 -8.49 -10.24
N VAL A 46 -2.72 -9.34 -9.30
CA VAL A 46 -3.67 -10.42 -9.58
C VAL A 46 -5.02 -9.82 -9.93
N ASN A 47 -5.41 -8.79 -9.19
CA ASN A 47 -6.68 -8.11 -9.38
C ASN A 47 -6.77 -7.47 -10.77
N ARG A 48 -5.68 -6.92 -11.30
CA ARG A 48 -5.75 -6.28 -12.60
C ARG A 48 -6.24 -7.27 -13.65
N VAL A 49 -5.62 -8.43 -13.65
CA VAL A 49 -5.95 -9.49 -14.60
C VAL A 49 -7.25 -10.21 -14.18
N ARG A 50 -7.33 -10.52 -12.90
CA ARG A 50 -8.47 -11.26 -12.32
C ARG A 50 -9.79 -10.45 -12.15
N GLN A 51 -9.73 -9.11 -12.16
CA GLN A 51 -10.95 -8.29 -11.89
C GLN A 51 -11.62 -7.71 -13.14
N GLY A 52 -10.89 -7.60 -14.25
CA GLY A 52 -11.45 -7.07 -15.49
C GLY A 52 -10.71 -5.81 -15.99
N TYR A 53 -9.54 -5.51 -15.44
CA TYR A 53 -8.72 -4.36 -15.85
C TYR A 53 -9.49 -3.01 -15.65
N SER A 54 -10.34 -2.61 -16.62
CA SER A 54 -11.10 -1.37 -16.55
C SER A 54 -12.55 -1.67 -16.16
N PRO A 55 -13.33 -0.70 -15.64
CA PRO A 55 -14.75 -0.97 -15.26
C PRO A 55 -15.45 -1.86 -16.30
N LEU A 56 -15.69 -3.13 -15.98
CA LEU A 56 -16.27 -4.08 -16.94
C LEU A 56 -17.76 -4.41 -16.68
N SER A 57 -18.25 -4.18 -15.45
CA SER A 57 -19.66 -4.47 -15.11
C SER A 57 -20.12 -5.83 -15.68
N GLU A 80 -16.01 -16.11 -17.49
CA GLU A 80 -14.75 -15.39 -17.63
C GLU A 80 -13.56 -16.37 -17.63
N ARG A 81 -13.19 -16.84 -18.81
CA ARG A 81 -12.08 -17.78 -18.96
C ARG A 81 -10.78 -17.18 -18.38
N ASP A 82 -10.69 -15.85 -18.35
CA ASP A 82 -9.49 -15.17 -17.84
C ASP A 82 -9.17 -15.61 -16.40
N ARG A 83 -10.14 -16.25 -15.72
CA ARG A 83 -9.93 -16.74 -14.35
C ARG A 83 -8.82 -17.79 -14.33
N ASP A 84 -8.86 -18.74 -15.27
CA ASP A 84 -7.81 -19.75 -15.34
C ASP A 84 -6.46 -19.07 -15.55
N ARG A 85 -6.49 -17.95 -16.30
CA ARG A 85 -5.29 -17.17 -16.59
C ARG A 85 -4.80 -16.44 -15.33
N SER A 86 -5.73 -15.84 -14.58
CA SER A 86 -5.37 -15.11 -13.36
C SER A 86 -4.67 -16.04 -12.39
N ILE A 87 -5.19 -17.26 -12.20
CA ILE A 87 -4.53 -18.22 -11.29
C ILE A 87 -3.07 -18.43 -11.76
N ARG A 88 -2.75 -18.13 -13.02
CA ARG A 88 -1.37 -18.34 -13.50
C ARG A 88 -0.40 -17.51 -12.66
N LEU A 89 -0.89 -16.44 -12.06
CA LEU A 89 -0.04 -15.58 -11.23
C LEU A 89 0.36 -16.28 -9.91
N VAL A 90 -0.35 -17.36 -9.49
CA VAL A 90 0.00 -18.02 -8.22
C VAL A 90 1.49 -18.46 -8.22
N ASN A 91 1.92 -19.23 -9.23
CA ASN A 91 3.35 -19.56 -9.36
C ASN A 91 4.09 -18.30 -9.84
N GLY A 92 3.32 -17.39 -10.46
CA GLY A 92 3.83 -16.15 -11.01
C GLY A 92 4.55 -15.32 -9.94
N SER A 93 4.28 -15.59 -8.66
CA SER A 93 4.94 -14.84 -7.58
C SER A 93 6.46 -15.00 -7.70
N LEU A 94 6.92 -16.19 -8.10
CA LEU A 94 8.34 -16.42 -8.30
C LEU A 94 8.82 -15.57 -9.48
N ALA A 95 8.07 -15.64 -10.59
CA ALA A 95 8.39 -14.86 -11.80
C ALA A 95 8.32 -13.35 -11.53
N LEU A 96 7.40 -12.93 -10.67
CA LEU A 96 7.18 -11.52 -10.38
C LEU A 96 8.44 -10.86 -9.83
N ILE A 97 9.13 -11.52 -8.90
CA ILE A 97 10.39 -10.97 -8.37
C ILE A 97 11.39 -10.88 -9.53
N TRP A 98 11.29 -11.85 -10.45
CA TRP A 98 12.15 -11.91 -11.62
C TRP A 98 11.85 -10.77 -12.62
N ASP A 99 10.59 -10.30 -12.66
CA ASP A 99 10.22 -9.22 -13.59
C ASP A 99 11.14 -8.01 -13.39
N ASP A 100 11.34 -7.61 -12.12
CA ASP A 100 12.23 -6.49 -11.78
C ASP A 100 13.71 -6.85 -12.02
N LEU A 101 14.09 -8.05 -11.57
CA LEU A 101 15.46 -8.55 -11.69
C LEU A 101 15.92 -8.71 -13.14
N ARG A 102 14.97 -8.99 -14.04
CA ARG A 102 15.28 -9.23 -15.44
C ARG A 102 15.49 -7.95 -16.29
N SER A 103 14.93 -6.80 -15.88
CA SER A 103 15.08 -5.59 -16.69
C SER A 103 16.49 -4.98 -16.56
N LEU A 104 16.98 -4.85 -15.33
CA LEU A 104 18.32 -4.27 -15.08
C LEU A 104 19.47 -5.17 -15.55
N SER A 105 19.48 -6.43 -15.08
CA SER A 105 20.56 -7.35 -15.41
C SER A 105 20.24 -8.31 -16.57
N LEU A 106 18.97 -8.76 -16.63
CA LEU A 106 18.51 -9.73 -17.64
C LEU A 106 19.06 -11.13 -17.35
N PHE A 107 20.40 -11.31 -17.35
CA PHE A 107 20.99 -12.61 -17.05
C PHE A 107 22.23 -12.47 -16.16
N SER A 108 23.31 -11.90 -16.71
CA SER A 108 24.54 -11.70 -15.95
C SER A 108 24.40 -10.46 -15.05
N TYR A 109 24.67 -10.63 -13.75
CA TYR A 109 24.57 -9.52 -12.81
C TYR A 109 25.48 -8.35 -13.23
N HIS A 110 26.49 -8.64 -14.07
CA HIS A 110 27.40 -7.61 -14.56
C HIS A 110 26.58 -6.60 -15.38
N ARG A 111 25.64 -7.12 -16.17
CA ARG A 111 24.76 -6.31 -17.00
C ARG A 111 24.01 -5.27 -16.16
N LEU A 112 23.76 -5.60 -14.88
CA LEU A 112 22.99 -4.72 -13.99
C LEU A 112 23.66 -3.34 -13.85
N ARG A 113 24.99 -3.29 -13.79
CA ARG A 113 25.66 -2.00 -13.66
C ARG A 113 25.41 -1.17 -14.94
N ASP A 114 25.29 -1.86 -16.08
CA ASP A 114 25.05 -1.21 -17.35
C ASP A 114 23.70 -0.48 -17.35
N LEU A 115 22.63 -1.11 -16.80
CA LEU A 115 21.32 -0.44 -16.77
C LEU A 115 21.41 0.90 -16.03
N LEU A 116 22.13 0.91 -14.91
CA LEU A 116 22.27 2.11 -14.08
C LEU A 116 22.88 3.28 -14.87
N LEU A 117 23.84 2.98 -15.74
CA LEU A 117 24.48 4.02 -16.52
C LEU A 117 23.57 4.54 -17.62
N ILE A 118 22.91 3.63 -18.34
CA ILE A 118 22.02 4.03 -19.44
C ILE A 118 20.79 4.77 -18.90
N VAL A 119 20.25 4.34 -17.75
CA VAL A 119 19.06 5.01 -17.22
C VAL A 119 19.41 6.48 -16.92
N THR A 120 20.56 6.72 -16.26
CA THR A 120 20.98 8.09 -15.99
C THR A 120 21.27 8.84 -17.29
N ARG A 121 21.83 8.12 -18.25
CA ARG A 121 22.20 8.70 -19.53
C ARG A 121 21.00 9.11 -20.39
N ILE A 122 19.97 8.27 -20.47
CA ILE A 122 18.82 8.58 -21.31
C ILE A 122 17.98 9.74 -20.77
N VAL A 123 17.81 9.87 -19.43
CA VAL A 123 17.03 11.00 -18.91
C VAL A 123 17.63 12.31 -19.43
N GLU A 124 18.99 12.38 -19.50
CA GLU A 124 19.66 13.58 -20.00
C GLU A 124 19.14 13.93 -21.40
N LEU A 125 19.12 12.94 -22.28
CA LEU A 125 18.66 13.12 -23.66
C LEU A 125 17.17 13.51 -23.67
N LEU A 126 16.39 12.87 -22.81
CA LEU A 126 14.95 13.13 -22.72
C LEU A 126 14.68 14.52 -22.12
N GLY A 127 15.62 15.01 -21.30
CA GLY A 127 15.49 16.32 -20.64
C GLY A 127 15.50 17.47 -21.64
N ARG A 128 15.90 17.21 -22.89
CA ARG A 128 15.95 18.25 -23.92
C ARG A 128 14.53 18.70 -24.28
N ARG A 129 14.32 20.01 -24.40
CA ARG A 129 13.02 20.59 -24.73
C ARG A 129 11.90 20.04 -23.81
N LEU B 1 10.96 -3.41 41.50
CA LEU B 1 10.35 -3.08 40.19
C LEU B 1 9.86 -1.62 40.22
N LEU B 2 10.59 -0.73 39.56
CA LEU B 2 10.24 0.70 39.51
C LEU B 2 10.22 1.29 40.93
N GLU B 3 11.00 2.36 41.15
CA GLU B 3 11.04 3.00 42.47
C GLU B 3 11.90 4.27 42.48
N LEU B 4 11.97 4.97 41.34
CA LEU B 4 12.77 6.21 41.17
C LEU B 4 14.25 5.86 41.07
N ASP B 5 14.68 4.94 41.92
CA ASP B 5 16.06 4.45 41.94
C ASP B 5 16.26 3.42 40.83
N LYS B 6 15.20 2.68 40.53
CA LYS B 6 15.24 1.65 39.50
C LYS B 6 15.37 2.30 38.11
N TRP B 7 14.64 3.39 37.88
CA TRP B 7 14.69 4.09 36.59
C TRP B 7 15.97 4.89 36.43
N ALA B 8 16.34 5.64 37.47
CA ALA B 8 17.55 6.47 37.44
C ALA B 8 18.81 5.63 37.27
N SER B 9 18.80 4.39 37.78
CA SER B 9 19.96 3.50 37.68
C SER B 9 20.29 3.17 36.22
N LEU B 10 19.27 3.09 35.37
CA LEU B 10 19.49 2.77 33.95
C LEU B 10 20.38 3.83 33.27
N TRP B 11 20.29 5.07 33.75
CA TRP B 11 21.06 6.18 33.18
C TRP B 11 22.58 5.97 33.33
N ASN B 12 22.97 5.14 34.31
CA ASN B 12 24.39 4.85 34.56
C ASN B 12 24.92 3.75 33.60
N TRP B 13 24.02 3.05 32.91
CA TRP B 13 24.40 1.99 31.99
C TRP B 13 25.08 2.56 30.74
N PHE B 14 24.48 3.61 30.17
CA PHE B 14 25.02 4.25 28.98
C PHE B 14 25.17 3.24 27.82
N ASP B 15 24.25 2.27 27.75
CA ASP B 15 24.29 1.26 26.69
C ASP B 15 22.86 0.93 26.19
N ILE B 16 22.17 -0.03 26.83
CA ILE B 16 20.82 -0.42 26.42
C ILE B 16 19.77 0.70 26.69
N THR B 17 19.95 1.45 27.79
CA THR B 17 18.98 2.49 28.17
C THR B 17 18.66 3.42 27.00
N ASN B 18 19.63 3.67 26.10
CA ASN B 18 19.36 4.55 24.96
C ASN B 18 18.15 4.00 24.19
N TRP B 19 18.14 2.69 23.97
CA TRP B 19 17.02 2.02 23.29
C TRP B 19 15.73 2.25 24.13
N LEU B 20 15.87 2.09 25.44
CA LEU B 20 14.74 2.24 26.36
C LEU B 20 14.10 3.62 26.26
N TRP B 21 14.91 4.66 26.10
CA TRP B 21 14.40 6.03 26.01
C TRP B 21 14.35 6.56 24.57
N TYR B 22 14.82 5.77 23.58
CA TYR B 22 14.81 6.21 22.19
C TYR B 22 13.65 5.59 21.39
N ILE B 23 13.14 4.44 21.85
CA ILE B 23 12.02 3.78 21.17
C ILE B 23 10.79 4.71 21.15
N ARG B 24 10.59 5.49 22.22
CA ARG B 24 9.45 6.41 22.31
C ARG B 24 9.41 7.33 21.09
N ILE B 25 10.56 7.90 20.72
CA ILE B 25 10.64 8.75 19.52
C ILE B 25 10.63 7.84 18.28
N PHE B 26 11.27 6.68 18.40
CA PHE B 26 11.35 5.72 17.29
C PHE B 26 9.95 5.27 16.85
N ILE B 27 8.98 5.30 17.78
CA ILE B 27 7.61 4.91 17.47
C ILE B 27 7.07 5.84 16.37
N ILE B 28 7.31 7.15 16.53
CA ILE B 28 6.88 8.13 15.52
C ILE B 28 7.64 7.85 14.21
N ILE B 29 8.94 7.60 14.34
CA ILE B 29 9.78 7.31 13.17
C ILE B 29 9.24 6.08 12.45
N VAL B 30 8.74 5.09 13.21
CA VAL B 30 8.15 3.89 12.61
C VAL B 30 6.94 4.32 11.77
N GLY B 31 6.06 5.16 12.33
CA GLY B 31 4.87 5.64 11.63
C GLY B 31 5.22 6.22 10.24
N SER B 32 6.44 6.71 10.09
CA SER B 32 6.90 7.35 8.84
C SER B 32 6.87 6.42 7.61
N LEU B 33 7.34 5.18 7.75
CA LEU B 33 7.40 4.24 6.61
C LEU B 33 6.02 3.98 5.97
N ILE B 34 4.93 3.99 6.75
CA ILE B 34 3.60 3.71 6.17
C ILE B 34 3.33 4.73 5.05
N GLY B 35 3.63 6.00 5.32
CA GLY B 35 3.45 7.06 4.31
C GLY B 35 4.31 6.78 3.08
N LEU B 36 5.47 6.15 3.31
CA LEU B 36 6.40 5.80 2.22
C LEU B 36 5.65 4.96 1.16
N ARG B 37 4.76 4.10 1.63
CA ARG B 37 3.95 3.21 0.80
C ARG B 37 3.14 3.96 -0.27
N ILE B 38 2.75 5.20 -0.01
CA ILE B 38 1.96 5.94 -0.98
C ILE B 38 2.75 6.04 -2.31
N VAL B 39 4.08 6.18 -2.22
CA VAL B 39 4.94 6.22 -3.42
C VAL B 39 4.91 4.86 -4.16
N PHE B 40 4.72 3.76 -3.41
CA PHE B 40 4.67 2.41 -4.01
C PHE B 40 3.61 2.37 -5.10
N ALA B 41 2.54 3.16 -4.94
CA ALA B 41 1.49 3.24 -5.95
C ALA B 41 2.16 3.71 -7.26
N VAL B 42 3.12 4.62 -7.11
CA VAL B 42 3.92 5.12 -8.22
C VAL B 42 4.85 3.98 -8.72
N LEU B 43 5.37 3.19 -7.76
CA LEU B 43 6.26 2.05 -8.08
C LEU B 43 5.55 1.06 -9.00
N SER B 44 4.28 0.76 -8.70
CA SER B 44 3.52 -0.17 -9.53
C SER B 44 3.34 0.40 -10.94
N LEU B 45 3.26 1.74 -11.01
CA LEU B 45 3.13 2.46 -12.27
C LEU B 45 4.38 2.20 -13.13
N VAL B 46 5.52 2.34 -12.49
CA VAL B 46 6.83 2.12 -13.11
C VAL B 46 7.03 0.63 -13.40
N ASN B 47 6.69 -0.19 -12.40
CA ASN B 47 6.80 -1.64 -12.48
C ASN B 47 5.90 -2.22 -13.58
N ARG B 48 4.72 -1.65 -13.77
CA ARG B 48 3.80 -2.17 -14.75
C ARG B 48 4.41 -2.07 -16.14
N VAL B 49 4.91 -0.88 -16.42
CA VAL B 49 5.51 -0.56 -17.71
C VAL B 49 6.91 -1.09 -17.89
N ARG B 50 7.73 -0.94 -16.88
CA ARG B 50 9.14 -1.33 -17.00
C ARG B 50 9.38 -2.85 -17.07
N GLN B 51 8.73 -3.64 -16.22
CA GLN B 51 8.95 -5.10 -16.24
C GLN B 51 7.81 -5.91 -16.86
N GLY B 52 6.61 -5.33 -16.88
CA GLY B 52 5.41 -5.99 -17.43
C GLY B 52 4.29 -5.92 -16.40
N TYR B 53 3.09 -6.44 -16.74
CA TYR B 53 1.95 -6.40 -15.79
C TYR B 53 1.25 -7.75 -15.63
N SER B 54 0.54 -8.23 -16.65
CA SER B 54 -0.17 -9.52 -16.55
C SER B 54 0.85 -10.64 -16.31
N PRO B 55 0.45 -11.82 -15.78
CA PRO B 55 1.40 -12.93 -15.50
C PRO B 55 2.54 -12.99 -16.54
N LEU B 56 3.71 -12.49 -16.14
CA LEU B 56 4.85 -12.39 -17.06
C LEU B 56 5.57 -13.71 -17.33
N SER B 57 5.40 -14.73 -16.47
CA SER B 57 6.07 -16.05 -16.63
C SER B 57 6.57 -16.31 -18.08
N GLU B 80 11.48 -7.46 -23.15
CA GLU B 80 12.60 -7.00 -22.31
C GLU B 80 13.25 -5.72 -22.84
N ARG B 81 13.13 -5.49 -24.12
CA ARG B 81 13.72 -4.32 -24.78
C ARG B 81 12.99 -3.02 -24.42
N ASP B 82 11.70 -3.12 -24.07
CA ASP B 82 10.89 -1.94 -23.77
C ASP B 82 11.33 -1.17 -22.50
N ARG B 83 12.20 -1.74 -21.66
CA ARG B 83 12.62 -1.03 -20.43
C ARG B 83 13.35 0.27 -20.74
N ASP B 84 14.06 0.34 -21.87
CA ASP B 84 14.77 1.58 -22.22
C ASP B 84 13.74 2.71 -22.35
N ARG B 85 12.63 2.43 -23.05
CA ARG B 85 11.56 3.41 -23.21
C ARG B 85 10.82 3.60 -21.89
N SER B 86 10.65 2.50 -21.13
CA SER B 86 9.95 2.57 -19.85
C SER B 86 10.62 3.58 -18.92
N ILE B 87 11.95 3.70 -19.02
CA ILE B 87 12.66 4.68 -18.18
C ILE B 87 12.11 6.10 -18.44
N ARG B 88 11.36 6.27 -19.55
CA ARG B 88 10.74 7.56 -19.85
C ARG B 88 9.79 7.90 -18.68
N LEU B 89 9.18 6.86 -18.09
CA LEU B 89 8.27 7.04 -16.95
C LEU B 89 8.98 7.79 -15.81
N VAL B 90 10.32 7.87 -15.85
CA VAL B 90 11.08 8.63 -14.83
C VAL B 90 10.51 10.05 -14.83
N ASN B 91 10.50 10.63 -16.01
CA ASN B 91 9.92 11.95 -16.25
C ASN B 91 8.39 11.87 -16.18
N GLY B 92 7.86 10.65 -16.35
CA GLY B 92 6.42 10.39 -16.32
C GLY B 92 5.79 10.85 -15.02
N SER B 93 6.59 11.03 -13.97
CA SER B 93 6.07 11.49 -12.68
C SER B 93 5.37 12.84 -12.86
N LEU B 94 5.94 13.69 -13.72
CA LEU B 94 5.34 15.00 -14.02
C LEU B 94 4.05 14.78 -14.82
N ALA B 95 4.14 13.95 -15.87
CA ALA B 95 2.99 13.65 -16.72
C ALA B 95 1.83 13.01 -15.93
N LEU B 96 2.19 12.19 -14.93
CA LEU B 96 1.19 11.48 -14.11
C LEU B 96 0.24 12.46 -13.43
N ILE B 97 0.78 13.55 -12.89
CA ILE B 97 -0.05 14.56 -12.22
C ILE B 97 -0.93 15.27 -13.27
N TRP B 98 -0.37 15.46 -14.47
CA TRP B 98 -1.09 16.16 -15.54
C TRP B 98 -2.29 15.35 -16.08
N ASP B 99 -2.20 14.01 -16.10
CA ASP B 99 -3.33 13.19 -16.59
C ASP B 99 -4.58 13.55 -15.77
N ASP B 100 -4.42 13.57 -14.45
CA ASP B 100 -5.51 13.91 -13.53
C ASP B 100 -5.86 15.42 -13.62
N LEU B 101 -4.83 16.27 -13.64
CA LEU B 101 -5.00 17.72 -13.67
C LEU B 101 -5.72 18.24 -14.94
N ARG B 102 -5.32 17.73 -16.11
CA ARG B 102 -5.87 18.20 -17.39
C ARG B 102 -7.20 17.55 -17.78
N SER B 103 -7.50 16.34 -17.29
CA SER B 103 -8.76 15.69 -17.71
C SER B 103 -9.98 16.39 -17.09
N LEU B 104 -9.93 16.68 -15.79
CA LEU B 104 -11.04 17.33 -15.07
C LEU B 104 -11.23 18.81 -15.47
N SER B 105 -10.17 19.61 -15.36
CA SER B 105 -10.24 21.04 -15.65
C SER B 105 -9.74 21.42 -17.05
N LEU B 106 -8.74 20.71 -17.56
CA LEU B 106 -8.14 21.02 -18.87
C LEU B 106 -7.37 22.36 -18.78
N PHE B 107 -6.09 22.27 -18.39
CA PHE B 107 -5.23 23.45 -18.27
C PHE B 107 -5.80 24.46 -17.25
N SER B 108 -6.71 25.36 -17.70
CA SER B 108 -7.30 26.35 -16.80
C SER B 108 -8.43 25.73 -15.98
N TYR B 109 -8.81 26.40 -14.88
CA TYR B 109 -9.88 25.89 -14.01
C TYR B 109 -11.25 26.48 -14.42
N HIS B 110 -11.40 26.86 -15.68
CA HIS B 110 -12.66 27.39 -16.19
C HIS B 110 -13.50 26.24 -16.75
N ARG B 111 -12.82 25.33 -17.47
CA ARG B 111 -13.47 24.16 -18.05
C ARG B 111 -13.99 23.23 -16.93
N LEU B 112 -13.32 23.24 -15.77
CA LEU B 112 -13.71 22.37 -14.66
C LEU B 112 -15.15 22.68 -14.25
N ARG B 113 -15.55 23.96 -14.34
CA ARG B 113 -16.92 24.33 -14.01
C ARG B 113 -17.87 23.57 -14.95
N ASP B 114 -17.50 23.53 -16.23
CA ASP B 114 -18.28 22.82 -17.23
C ASP B 114 -18.19 21.31 -17.00
N LEU B 115 -17.00 20.81 -16.61
CA LEU B 115 -16.85 19.38 -16.39
C LEU B 115 -17.65 18.92 -15.17
N LEU B 116 -17.71 19.74 -14.12
CA LEU B 116 -18.44 19.36 -12.90
C LEU B 116 -19.91 19.09 -13.20
N LEU B 117 -20.52 19.86 -14.12
CA LEU B 117 -21.95 19.65 -14.43
C LEU B 117 -22.19 18.39 -15.27
N ILE B 118 -21.26 18.03 -16.18
CA ILE B 118 -21.42 16.80 -16.97
C ILE B 118 -21.23 15.57 -16.07
N VAL B 119 -20.32 15.65 -15.09
CA VAL B 119 -20.07 14.52 -14.20
C VAL B 119 -21.40 14.10 -13.54
N THR B 120 -22.19 15.07 -13.03
CA THR B 120 -23.49 14.71 -12.44
C THR B 120 -24.41 14.14 -13.54
N ARG B 121 -24.29 14.66 -14.76
CA ARG B 121 -25.09 14.22 -15.91
C ARG B 121 -24.82 12.73 -16.21
N ILE B 122 -23.59 12.27 -15.95
CA ILE B 122 -23.23 10.88 -16.22
C ILE B 122 -24.09 9.93 -15.38
N VAL B 123 -24.23 10.19 -14.08
CA VAL B 123 -25.03 9.29 -13.21
C VAL B 123 -26.45 9.11 -13.76
N GLU B 124 -27.03 10.19 -14.30
CA GLU B 124 -28.38 10.14 -14.83
C GLU B 124 -28.47 9.14 -15.99
N LEU B 125 -27.58 9.27 -16.96
CA LEU B 125 -27.56 8.39 -18.14
C LEU B 125 -27.07 6.98 -17.78
N LEU B 126 -26.01 6.91 -16.98
CA LEU B 126 -25.41 5.64 -16.57
C LEU B 126 -26.27 4.90 -15.54
N GLY B 127 -27.25 5.61 -14.93
CA GLY B 127 -28.14 5.02 -13.95
C GLY B 127 -28.81 3.76 -14.52
N ARG B 128 -29.23 3.84 -15.79
CA ARG B 128 -29.87 2.70 -16.45
C ARG B 128 -28.86 1.99 -17.35
N ARG B 129 -28.78 0.65 -17.22
CA ARG B 129 -27.85 -0.14 -18.02
C ARG B 129 -28.59 -0.94 -19.10
N LEU C 1 11.90 12.11 37.17
CA LEU C 1 12.57 10.79 37.39
C LEU C 1 11.52 9.70 37.65
N LEU C 2 10.29 9.91 37.15
CA LEU C 2 9.20 8.95 37.30
C LEU C 2 8.87 8.69 38.78
N GLU C 3 7.61 8.94 39.15
CA GLU C 3 7.14 8.75 40.53
C GLU C 3 5.66 9.14 40.61
N LEU C 4 5.03 8.85 41.76
CA LEU C 4 3.61 9.20 41.96
C LEU C 4 3.44 10.71 41.78
N ASP C 5 4.30 11.45 42.45
CA ASP C 5 4.27 12.91 42.40
C ASP C 5 4.66 13.43 41.00
N LYS C 6 5.38 12.62 40.24
CA LYS C 6 5.80 12.99 38.88
C LYS C 6 4.65 12.77 37.90
N TRP C 7 4.05 11.59 37.96
CA TRP C 7 2.93 11.23 37.08
C TRP C 7 1.74 12.15 37.34
N ALA C 8 1.45 12.35 38.62
CA ALA C 8 0.33 13.22 39.02
C ALA C 8 0.57 14.69 38.65
N SER C 9 1.83 15.05 38.40
CA SER C 9 2.17 16.43 38.06
C SER C 9 1.71 16.81 36.65
N LEU C 10 1.73 15.84 35.73
CA LEU C 10 1.34 16.09 34.33
C LEU C 10 -0.12 16.59 34.22
N TRP C 11 -1.01 16.11 35.09
CA TRP C 11 -2.42 16.53 35.04
C TRP C 11 -2.58 18.04 35.26
N ASN C 12 -1.56 18.69 35.82
CA ASN C 12 -1.60 20.13 36.08
C ASN C 12 -1.15 20.93 34.84
N TRP C 13 -0.34 20.30 33.99
CA TRP C 13 0.16 20.95 32.77
C TRP C 13 -1.01 21.28 31.84
N PHE C 14 -1.97 20.37 31.73
CA PHE C 14 -3.17 20.56 30.92
C PHE C 14 -2.82 20.83 29.44
N ASP C 15 -1.76 20.19 28.94
CA ASP C 15 -1.37 20.37 27.53
C ASP C 15 -0.44 19.24 27.03
N ILE C 16 0.79 19.20 27.54
CA ILE C 16 1.76 18.18 27.12
C ILE C 16 1.24 16.75 27.39
N THR C 17 0.55 16.60 28.52
CA THR C 17 0.01 15.29 28.91
C THR C 17 -0.82 14.65 27.80
N ASN C 18 -1.53 15.47 27.02
CA ASN C 18 -2.37 14.93 25.95
C ASN C 18 -1.51 14.25 24.87
N TRP C 19 -0.48 14.95 24.38
CA TRP C 19 0.41 14.37 23.36
C TRP C 19 1.19 13.19 23.97
N LEU C 20 1.70 13.37 25.18
CA LEU C 20 2.48 12.34 25.87
C LEU C 20 1.65 11.09 26.15
N TRP C 21 0.36 11.26 26.47
CA TRP C 21 -0.50 10.12 26.82
C TRP C 21 -1.43 9.68 25.68
N TYR C 22 -1.52 10.46 24.59
CA TYR C 22 -2.39 10.08 23.46
C TYR C 22 -1.62 9.28 22.41
N ILE C 23 -0.29 9.40 22.40
CA ILE C 23 0.54 8.65 21.46
C ILE C 23 0.36 7.14 21.66
N ARG C 24 0.21 6.72 22.93
CA ARG C 24 0.00 5.30 23.26
C ARG C 24 -1.23 4.76 22.52
N ILE C 25 -2.33 5.52 22.58
CA ILE C 25 -3.56 5.16 21.87
C ILE C 25 -3.31 5.33 20.35
N PHE C 26 -2.51 6.33 20.01
CA PHE C 26 -2.18 6.64 18.62
C PHE C 26 -1.46 5.46 17.93
N ILE C 27 -0.72 4.65 18.71
CA ILE C 27 0.00 3.51 18.15
C ILE C 27 -1.00 2.53 17.52
N ILE C 28 -2.05 2.22 18.26
CA ILE C 28 -3.09 1.31 17.76
C ILE C 28 -3.75 1.94 16.51
N ILE C 29 -3.97 3.25 16.56
CA ILE C 29 -4.57 3.98 15.46
C ILE C 29 -3.68 3.79 14.20
N VAL C 30 -2.36 3.77 14.37
CA VAL C 30 -1.45 3.56 13.23
C VAL C 30 -1.84 2.26 12.52
N GLY C 31 -2.15 1.21 13.31
CA GLY C 31 -2.58 -0.07 12.74
C GLY C 31 -3.79 0.18 11.82
N SER C 32 -4.68 1.06 12.28
CA SER C 32 -5.85 1.43 11.51
C SER C 32 -5.41 2.22 10.26
N LEU C 33 -4.41 3.08 10.45
CA LEU C 33 -3.89 3.93 9.37
C LEU C 33 -3.34 3.12 8.20
N ILE C 34 -2.52 2.10 8.49
CA ILE C 34 -1.93 1.29 7.42
C ILE C 34 -3.01 0.45 6.72
N GLY C 35 -3.93 -0.11 7.51
CA GLY C 35 -5.04 -0.90 6.94
C GLY C 35 -5.88 -0.02 6.01
N LEU C 36 -5.97 1.27 6.35
CA LEU C 36 -6.69 2.26 5.54
C LEU C 36 -6.09 2.34 4.12
N ARG C 37 -4.77 2.22 4.06
CA ARG C 37 -4.00 2.30 2.80
C ARG C 37 -4.45 1.29 1.74
N ILE C 38 -4.99 0.13 2.13
CA ILE C 38 -5.38 -0.89 1.15
C ILE C 38 -6.41 -0.33 0.15
N VAL C 39 -7.31 0.55 0.61
CA VAL C 39 -8.32 1.16 -0.27
C VAL C 39 -7.63 1.82 -1.49
N PHE C 40 -6.40 2.28 -1.32
CA PHE C 40 -5.66 2.93 -2.43
C PHE C 40 -5.60 2.02 -3.64
N ALA C 41 -5.62 0.71 -3.43
CA ALA C 41 -5.54 -0.24 -4.55
C ALA C 41 -6.71 0.02 -5.50
N VAL C 42 -7.91 0.35 -4.98
CA VAL C 42 -9.05 0.66 -5.86
C VAL C 42 -8.79 1.99 -6.61
N LEU C 43 -8.13 2.93 -5.92
CA LEU C 43 -7.78 4.23 -6.50
C LEU C 43 -6.86 4.04 -7.70
N SER C 44 -5.94 3.08 -7.61
CA SER C 44 -5.00 2.80 -8.71
C SER C 44 -5.76 2.35 -9.96
N LEU C 45 -6.83 1.58 -9.76
CA LEU C 45 -7.66 1.11 -10.84
C LEU C 45 -8.34 2.32 -11.51
N VAL C 46 -8.77 3.26 -10.67
CA VAL C 46 -9.39 4.49 -11.13
C VAL C 46 -8.35 5.31 -11.90
N ASN C 47 -7.15 5.40 -11.32
CA ASN C 47 -6.03 6.11 -11.93
C ASN C 47 -5.64 5.45 -13.26
N ARG C 48 -5.70 4.13 -13.32
CA ARG C 48 -5.33 3.39 -14.50
C ARG C 48 -6.20 3.80 -15.69
N VAL C 49 -7.50 3.77 -15.45
CA VAL C 49 -8.47 4.10 -16.46
C VAL C 49 -8.62 5.60 -16.67
N ARG C 50 -8.72 6.32 -15.57
CA ARG C 50 -8.90 7.76 -15.64
C ARG C 50 -7.62 8.54 -16.03
N GLN C 51 -6.47 8.10 -15.51
CA GLN C 51 -5.19 8.79 -15.74
C GLN C 51 -4.32 8.06 -16.80
N GLY C 52 -4.58 6.79 -17.00
CA GLY C 52 -3.84 5.97 -17.97
C GLY C 52 -2.86 5.04 -17.25
N TYR C 53 -1.98 4.37 -18.02
CA TYR C 53 -0.99 3.46 -17.42
C TYR C 53 0.41 3.67 -18.01
N SER C 54 0.54 3.63 -19.35
CA SER C 54 1.84 3.82 -19.99
C SER C 54 2.25 5.30 -19.92
N PRO C 55 3.56 5.63 -19.79
CA PRO C 55 4.03 7.05 -19.74
C PRO C 55 3.20 7.98 -20.65
N LEU C 56 2.39 8.87 -20.06
CA LEU C 56 1.52 9.76 -20.85
C LEU C 56 2.29 10.89 -21.53
N SER C 57 3.51 11.22 -21.04
CA SER C 57 4.36 12.32 -21.59
C SER C 57 3.84 12.87 -22.93
N GLU C 80 -7.40 12.62 -24.09
CA GLU C 80 -8.01 13.27 -22.92
C GLU C 80 -9.47 12.83 -22.75
N ARG C 81 -10.10 12.53 -23.88
CA ARG C 81 -11.49 12.10 -23.94
C ARG C 81 -11.74 10.83 -23.10
N ASP C 82 -10.70 10.01 -22.92
CA ASP C 82 -10.83 8.75 -22.17
C ASP C 82 -11.41 8.92 -20.77
N ARG C 83 -11.53 10.17 -20.27
CA ARG C 83 -12.09 10.40 -18.93
C ARG C 83 -13.61 10.23 -18.91
N ASP C 84 -14.28 10.47 -20.04
CA ASP C 84 -15.74 10.33 -20.08
C ASP C 84 -16.14 8.91 -19.69
N ARG C 85 -15.42 7.92 -20.24
CA ARG C 85 -15.67 6.52 -19.92
C ARG C 85 -15.23 6.23 -18.49
N SER C 86 -14.12 6.87 -18.06
CA SER C 86 -13.61 6.66 -16.72
C SER C 86 -14.69 7.00 -15.70
N ILE C 87 -15.48 8.05 -15.95
CA ILE C 87 -16.58 8.42 -15.02
C ILE C 87 -17.46 7.20 -14.74
N ARG C 88 -17.46 6.22 -15.65
CA ARG C 88 -18.25 5.01 -15.46
C ARG C 88 -17.81 4.31 -14.17
N LEU C 89 -16.54 4.52 -13.78
CA LEU C 89 -16.01 3.92 -12.56
C LEU C 89 -16.84 4.33 -11.33
N VAL C 90 -17.57 5.45 -11.40
CA VAL C 90 -18.40 5.90 -10.27
C VAL C 90 -19.32 4.74 -9.90
N ASN C 91 -20.05 4.28 -10.91
CA ASN C 91 -20.91 3.12 -10.79
C ASN C 91 -20.03 1.86 -10.73
N GLY C 92 -18.89 1.94 -11.42
CA GLY C 92 -17.94 0.85 -11.51
C GLY C 92 -17.46 0.41 -10.14
N SER C 93 -17.59 1.26 -9.13
CA SER C 93 -17.16 0.89 -7.78
C SER C 93 -17.94 -0.36 -7.33
N LEU C 94 -19.23 -0.41 -7.72
CA LEU C 94 -20.08 -1.55 -7.41
C LEU C 94 -19.61 -2.80 -8.15
N ALA C 95 -19.37 -2.63 -9.46
CA ALA C 95 -18.91 -3.73 -10.32
C ALA C 95 -17.48 -4.20 -9.99
N LEU C 96 -16.60 -3.28 -9.61
CA LEU C 96 -15.19 -3.61 -9.35
C LEU C 96 -15.04 -4.65 -8.25
N ILE C 97 -15.77 -4.49 -7.15
CA ILE C 97 -15.71 -5.47 -6.05
C ILE C 97 -16.45 -6.75 -6.45
N TRP C 98 -17.51 -6.60 -7.25
CA TRP C 98 -18.32 -7.73 -7.72
C TRP C 98 -17.55 -8.61 -8.72
N ASP C 99 -16.62 -8.02 -9.50
CA ASP C 99 -15.85 -8.81 -10.48
C ASP C 99 -15.16 -9.99 -9.79
N ASP C 100 -14.46 -9.68 -8.68
CA ASP C 100 -13.76 -10.70 -7.90
C ASP C 100 -14.75 -11.61 -7.16
N LEU C 101 -15.77 -11.02 -6.54
CA LEU C 101 -16.78 -11.77 -5.78
C LEU C 101 -17.55 -12.74 -6.68
N ARG C 102 -17.89 -12.30 -7.89
CA ARG C 102 -18.64 -13.12 -8.84
C ARG C 102 -17.73 -14.14 -9.53
N SER C 103 -16.47 -13.78 -9.75
CA SER C 103 -15.51 -14.69 -10.39
C SER C 103 -15.24 -15.89 -9.47
N LEU C 104 -15.07 -15.60 -8.20
CA LEU C 104 -14.76 -16.60 -7.17
C LEU C 104 -15.89 -17.61 -6.95
N SER C 105 -17.11 -17.13 -6.69
CA SER C 105 -18.24 -18.02 -6.41
C SER C 105 -19.15 -18.28 -7.62
N LEU C 106 -19.09 -17.40 -8.63
CA LEU C 106 -19.96 -17.53 -9.82
C LEU C 106 -21.44 -17.36 -9.44
N PHE C 107 -22.04 -18.40 -8.82
CA PHE C 107 -23.44 -18.33 -8.41
C PHE C 107 -23.55 -18.24 -6.87
N SER C 108 -23.26 -19.36 -6.17
CA SER C 108 -23.34 -19.37 -4.70
C SER C 108 -22.10 -20.04 -4.09
N TYR C 109 -22.03 -20.03 -2.74
CA TYR C 109 -20.90 -20.64 -2.03
C TYR C 109 -20.77 -22.11 -2.38
N HIS C 110 -21.91 -22.81 -2.52
CA HIS C 110 -21.89 -24.23 -2.89
C HIS C 110 -21.06 -24.40 -4.17
N ARG C 111 -21.32 -23.53 -5.14
CA ARG C 111 -20.59 -23.51 -6.40
C ARG C 111 -19.16 -22.97 -6.20
N LEU C 112 -18.98 -22.08 -5.22
CA LEU C 112 -17.66 -21.49 -4.96
C LEU C 112 -16.66 -22.61 -4.67
N ARG C 113 -17.15 -23.71 -4.10
CA ARG C 113 -16.31 -24.86 -3.80
C ARG C 113 -15.63 -25.34 -5.10
N ASP C 114 -16.28 -25.20 -6.28
CA ASP C 114 -15.61 -25.65 -7.50
C ASP C 114 -14.44 -24.70 -7.82
N LEU C 115 -14.59 -23.39 -7.51
CA LEU C 115 -13.48 -22.45 -7.73
C LEU C 115 -12.29 -22.92 -6.89
N LEU C 116 -12.59 -23.40 -5.68
CA LEU C 116 -11.57 -23.95 -4.79
C LEU C 116 -10.87 -25.11 -5.51
N LEU C 117 -11.65 -25.86 -6.29
CA LEU C 117 -11.16 -26.98 -7.09
C LEU C 117 -10.34 -26.47 -8.28
N ILE C 118 -10.80 -25.37 -8.87
CA ILE C 118 -10.15 -24.77 -10.03
C ILE C 118 -8.74 -24.28 -9.67
N VAL C 119 -8.59 -23.61 -8.52
CA VAL C 119 -7.26 -23.13 -8.13
C VAL C 119 -6.34 -24.31 -7.83
N THR C 120 -6.87 -25.35 -7.16
CA THR C 120 -6.06 -26.51 -6.81
C THR C 120 -5.55 -27.24 -8.05
N ARG C 121 -6.43 -27.49 -9.02
CA ARG C 121 -6.02 -28.20 -10.22
C ARG C 121 -5.05 -27.37 -11.08
N ILE C 122 -5.29 -26.06 -11.17
CA ILE C 122 -4.44 -25.21 -11.99
C ILE C 122 -3.04 -25.05 -11.38
N VAL C 123 -2.90 -24.87 -10.05
CA VAL C 123 -1.55 -24.75 -9.48
C VAL C 123 -0.71 -25.98 -9.86
N GLU C 124 -1.35 -27.16 -9.88
CA GLU C 124 -0.67 -28.40 -10.26
C GLU C 124 -0.25 -28.34 -11.74
N LEU C 125 -1.14 -27.82 -12.58
CA LEU C 125 -0.87 -27.70 -14.02
C LEU C 125 0.20 -26.65 -14.30
N LEU C 126 0.22 -25.58 -13.52
CA LEU C 126 1.18 -24.49 -13.70
C LEU C 126 2.55 -24.88 -13.15
N GLY C 127 2.59 -25.76 -12.15
CA GLY C 127 3.86 -26.23 -11.56
C GLY C 127 4.87 -26.59 -12.66
N ARG C 128 4.36 -27.16 -13.75
CA ARG C 128 5.18 -27.55 -14.89
C ARG C 128 4.97 -26.58 -16.06
N ARG C 129 6.06 -26.19 -16.73
CA ARG C 129 5.97 -25.26 -17.86
C ARG C 129 6.25 -25.98 -19.18
N LEU A 1 -0.69 4.62 43.09
CA LEU A 1 -0.88 4.42 41.63
C LEU A 1 0.49 4.31 40.95
N LEU A 2 0.89 3.07 40.65
CA LEU A 2 2.18 2.75 40.01
C LEU A 2 3.33 2.81 41.01
N GLU A 3 3.90 1.63 41.29
CA GLU A 3 5.02 1.48 42.20
C GLU A 3 5.47 0.01 42.19
N LEU A 4 6.42 -0.36 43.04
CA LEU A 4 6.91 -1.74 43.09
C LEU A 4 5.74 -2.70 43.35
N ASP A 5 4.86 -2.31 44.26
CA ASP A 5 3.71 -3.14 44.63
C ASP A 5 2.63 -3.13 43.55
N LYS A 6 2.46 -2.01 42.87
CA LYS A 6 1.44 -1.89 41.82
C LYS A 6 1.86 -2.65 40.56
N TRP A 7 3.12 -2.46 40.15
CA TRP A 7 3.64 -3.12 38.95
C TRP A 7 3.81 -4.62 39.19
N ALA A 8 4.39 -4.98 40.33
CA ALA A 8 4.62 -6.38 40.67
C ALA A 8 3.31 -7.14 40.94
N SER A 9 2.27 -6.42 41.38
CA SER A 9 0.98 -7.03 41.67
C SER A 9 0.29 -7.51 40.38
N LEU A 10 0.52 -6.79 39.29
CA LEU A 10 -0.09 -7.12 38.00
C LEU A 10 0.36 -8.51 37.52
N TRP A 11 1.60 -8.91 37.86
CA TRP A 11 2.12 -10.22 37.44
C TRP A 11 1.25 -11.37 37.97
N ASN A 12 0.49 -11.09 39.05
CA ASN A 12 -0.38 -12.11 39.65
C ASN A 12 -1.65 -12.34 38.80
N TRP A 13 -1.99 -11.37 37.94
CA TRP A 13 -3.16 -11.48 37.08
C TRP A 13 -3.04 -12.67 36.12
N PHE A 14 -1.84 -12.85 35.55
CA PHE A 14 -1.58 -13.95 34.62
C PHE A 14 -2.50 -13.88 33.40
N ASP A 15 -2.73 -12.65 32.90
CA ASP A 15 -3.58 -12.44 31.73
C ASP A 15 -3.32 -11.07 31.08
N ILE A 16 -3.67 -9.99 31.79
CA ILE A 16 -3.48 -8.62 31.29
C ILE A 16 -1.99 -8.26 31.17
N THR A 17 -1.17 -8.71 32.12
CA THR A 17 0.25 -8.36 32.13
C THR A 17 0.94 -8.64 30.78
N ASN A 18 0.52 -9.70 30.08
CA ASN A 18 1.13 -10.04 28.80
C ASN A 18 0.84 -8.92 27.79
N TRP A 19 -0.42 -8.54 27.68
CA TRP A 19 -0.83 -7.47 26.76
C TRP A 19 -0.22 -6.12 27.23
N LEU A 20 -0.24 -5.89 28.53
CA LEU A 20 0.27 -4.64 29.12
C LEU A 20 1.78 -4.48 28.94
N TRP A 21 2.53 -5.58 29.02
CA TRP A 21 4.00 -5.51 28.91
C TRP A 21 4.51 -5.77 27.48
N TYR A 22 3.91 -6.73 26.77
CA TYR A 22 4.36 -7.06 25.40
C TYR A 22 3.96 -5.99 24.38
N ILE A 23 3.21 -4.95 24.80
CA ILE A 23 2.80 -3.89 23.87
C ILE A 23 4.02 -3.19 23.27
N ARG A 24 5.08 -3.01 24.08
CA ARG A 24 6.31 -2.34 23.63
C ARG A 24 6.91 -3.10 22.44
N ILE A 25 7.03 -4.43 22.56
CA ILE A 25 7.57 -5.24 21.46
C ILE A 25 6.56 -5.18 20.30
N PHE A 26 5.27 -5.12 20.64
CA PHE A 26 4.21 -5.07 19.65
C PHE A 26 4.35 -3.84 18.74
N ILE A 27 4.87 -2.74 19.28
CA ILE A 27 5.02 -1.51 18.48
C ILE A 27 5.93 -1.76 17.28
N ILE A 28 7.08 -2.41 17.52
CA ILE A 28 8.02 -2.72 16.44
C ILE A 28 7.31 -3.61 15.41
N ILE A 29 6.52 -4.56 15.91
CA ILE A 29 5.77 -5.48 15.07
C ILE A 29 4.81 -4.71 14.15
N VAL A 30 4.21 -3.62 14.66
CA VAL A 30 3.29 -2.80 13.86
C VAL A 30 4.01 -2.37 12.56
N GLY A 31 5.30 -2.02 12.69
CA GLY A 31 6.10 -1.62 11.53
C GLY A 31 6.14 -2.76 10.52
N SER A 32 6.27 -3.99 11.03
CA SER A 32 6.28 -5.19 10.20
C SER A 32 4.94 -5.34 9.49
N LEU A 33 3.86 -5.01 10.20
CA LEU A 33 2.51 -5.11 9.67
C LEU A 33 2.36 -4.24 8.43
N ILE A 34 2.88 -3.02 8.51
CA ILE A 34 2.80 -2.08 7.38
C ILE A 34 3.67 -2.58 6.22
N GLY A 35 4.87 -3.08 6.51
CA GLY A 35 5.76 -3.59 5.45
C GLY A 35 5.09 -4.74 4.69
N LEU A 36 4.12 -5.39 5.32
CA LEU A 36 3.37 -6.49 4.70
C LEU A 36 2.62 -5.95 3.46
N ARG A 37 2.10 -4.73 3.59
CA ARG A 37 1.36 -4.04 2.53
C ARG A 37 2.18 -3.96 1.24
N ILE A 38 3.52 -3.93 1.34
CA ILE A 38 4.35 -3.81 0.15
C ILE A 38 4.06 -5.00 -0.79
N VAL A 39 3.85 -6.21 -0.24
CA VAL A 39 3.51 -7.37 -1.07
C VAL A 39 2.09 -7.19 -1.69
N PHE A 40 1.22 -6.49 -0.96
CA PHE A 40 -0.15 -6.23 -1.42
C PHE A 40 -0.14 -5.54 -2.79
N ALA A 41 0.92 -4.78 -3.06
CA ALA A 41 1.01 -4.05 -4.32
C ALA A 41 0.92 -5.04 -5.48
N VAL A 42 1.51 -6.24 -5.34
CA VAL A 42 1.42 -7.24 -6.41
C VAL A 42 -0.07 -7.58 -6.66
N LEU A 43 -0.87 -7.58 -5.58
CA LEU A 43 -2.30 -7.87 -5.67
C LEU A 43 -2.97 -6.96 -6.70
N SER A 44 -2.53 -5.69 -6.75
CA SER A 44 -3.11 -4.73 -7.69
C SER A 44 -2.86 -5.19 -9.13
N LEU A 45 -1.67 -5.73 -9.38
CA LEU A 45 -1.29 -6.24 -10.68
C LEU A 45 -2.25 -7.38 -11.06
N VAL A 46 -2.53 -8.21 -10.07
CA VAL A 46 -3.43 -9.35 -10.20
C VAL A 46 -4.86 -8.84 -10.38
N ASN A 47 -5.18 -7.74 -9.68
CA ASN A 47 -6.50 -7.14 -9.73
C ASN A 47 -6.84 -6.63 -11.13
N ARG A 48 -5.87 -6.03 -11.85
CA ARG A 48 -6.15 -5.51 -13.18
C ARG A 48 -6.69 -6.63 -14.09
N VAL A 49 -5.99 -7.74 -14.07
CA VAL A 49 -6.33 -8.91 -14.87
C VAL A 49 -7.57 -9.60 -14.28
N ARG A 50 -7.55 -9.74 -12.97
CA ARG A 50 -8.65 -10.40 -12.23
C ARG A 50 -9.96 -9.56 -12.14
N GLN A 51 -9.89 -8.27 -12.44
CA GLN A 51 -11.07 -7.37 -12.34
C GLN A 51 -11.77 -7.11 -13.68
N GLY A 52 -11.36 -7.83 -14.73
CA GLY A 52 -11.94 -7.65 -16.06
C GLY A 52 -11.46 -6.34 -16.72
N TYR A 53 -10.34 -5.79 -16.25
CA TYR A 53 -9.77 -4.54 -16.81
C TYR A 53 -10.69 -3.32 -16.50
N SER A 54 -11.04 -2.49 -17.51
CA SER A 54 -11.86 -1.30 -17.30
C SER A 54 -13.25 -1.66 -16.76
N PRO A 55 -13.97 -0.72 -16.14
CA PRO A 55 -15.32 -1.02 -15.59
C PRO A 55 -16.19 -1.81 -16.58
N LEU A 56 -16.25 -3.13 -16.42
CA LEU A 56 -17.02 -3.98 -17.34
C LEU A 56 -18.40 -4.37 -16.77
N SER A 57 -18.56 -4.27 -15.44
CA SER A 57 -19.83 -4.60 -14.77
C SER A 57 -20.12 -6.12 -14.78
N GLU A 80 -15.49 -16.80 -18.91
CA GLU A 80 -14.21 -16.24 -19.36
C GLU A 80 -13.03 -17.15 -18.96
N ARG A 81 -12.38 -17.73 -19.97
CA ARG A 81 -11.25 -18.65 -19.76
C ARG A 81 -10.11 -17.96 -18.97
N ASP A 82 -10.01 -16.63 -19.08
CA ASP A 82 -8.94 -15.91 -18.39
C ASP A 82 -8.93 -16.22 -16.88
N ARG A 83 -10.03 -16.77 -16.36
CA ARG A 83 -10.11 -17.13 -14.94
C ARG A 83 -9.30 -18.39 -14.65
N ASP A 84 -9.44 -19.42 -15.49
CA ASP A 84 -8.71 -20.66 -15.26
C ASP A 84 -7.20 -20.40 -15.27
N ARG A 85 -6.74 -19.64 -16.25
CA ARG A 85 -5.32 -19.31 -16.36
C ARG A 85 -4.90 -18.34 -15.26
N SER A 86 -5.79 -17.40 -14.89
CA SER A 86 -5.47 -16.43 -13.86
C SER A 86 -5.22 -17.12 -12.52
N ILE A 87 -5.94 -18.21 -12.17
CA ILE A 87 -5.66 -18.86 -10.86
C ILE A 87 -4.20 -19.24 -10.76
N ARG A 88 -3.63 -19.86 -11.79
CA ARG A 88 -2.24 -20.28 -11.66
C ARG A 88 -1.30 -19.06 -11.51
N LEU A 89 -1.85 -17.82 -11.56
CA LEU A 89 -1.09 -16.60 -11.21
C LEU A 89 -0.63 -16.80 -9.73
N VAL A 90 -1.27 -17.77 -9.05
CA VAL A 90 -1.00 -18.14 -7.67
C VAL A 90 0.51 -18.43 -7.57
N ASN A 91 0.94 -19.31 -8.43
CA ASN A 91 2.34 -19.67 -8.56
C ASN A 91 3.13 -18.51 -9.24
N GLY A 92 2.37 -17.60 -9.83
CA GLY A 92 2.90 -16.45 -10.54
C GLY A 92 3.80 -15.60 -9.63
N SER A 93 3.66 -15.75 -8.31
CA SER A 93 4.49 -14.98 -7.38
C SER A 93 5.97 -15.24 -7.67
N LEU A 94 6.30 -16.50 -8.02
CA LEU A 94 7.67 -16.84 -8.37
C LEU A 94 8.08 -16.05 -9.62
N ALA A 95 7.24 -16.12 -10.66
CA ALA A 95 7.53 -15.40 -11.91
C ALA A 95 7.53 -13.87 -11.72
N LEU A 96 6.67 -13.38 -10.83
CA LEU A 96 6.53 -11.94 -10.58
C LEU A 96 7.84 -11.32 -10.10
N ILE A 97 8.52 -11.97 -9.15
CA ILE A 97 9.80 -11.46 -8.64
C ILE A 97 10.80 -11.42 -9.81
N TRP A 98 10.67 -12.39 -10.73
CA TRP A 98 11.54 -12.48 -11.90
C TRP A 98 11.27 -11.33 -12.89
N ASP A 99 10.02 -10.81 -12.96
CA ASP A 99 9.73 -9.71 -13.90
C ASP A 99 10.68 -8.54 -13.63
N ASP A 100 10.80 -8.16 -12.35
CA ASP A 100 11.69 -7.07 -11.94
C ASP A 100 13.18 -7.47 -12.06
N LEU A 101 13.50 -8.69 -11.62
CA LEU A 101 14.89 -9.19 -11.64
C LEU A 101 15.43 -9.33 -13.06
N ARG A 102 14.56 -9.66 -14.01
CA ARG A 102 14.96 -9.86 -15.41
C ARG A 102 15.25 -8.54 -16.12
N SER A 103 14.76 -7.42 -15.57
CA SER A 103 14.97 -6.12 -16.19
C SER A 103 16.39 -5.59 -15.94
N LEU A 104 16.85 -5.67 -14.68
CA LEU A 104 18.18 -5.15 -14.34
C LEU A 104 19.31 -5.99 -14.95
N SER A 105 19.32 -7.29 -14.65
CA SER A 105 20.37 -8.18 -15.14
C SER A 105 19.92 -8.98 -16.37
N LEU A 106 18.71 -9.56 -16.27
CA LEU A 106 18.12 -10.41 -17.31
C LEU A 106 18.63 -11.85 -17.14
N PHE A 107 19.96 -12.02 -17.09
CA PHE A 107 20.55 -13.34 -16.90
C PHE A 107 21.68 -13.30 -15.85
N SER A 108 22.82 -12.70 -16.20
CA SER A 108 23.95 -12.59 -15.27
C SER A 108 23.88 -11.27 -14.50
N TYR A 109 24.45 -11.26 -13.29
CA TYR A 109 24.45 -10.05 -12.46
C TYR A 109 25.32 -8.95 -13.10
N HIS A 110 26.29 -9.33 -13.93
CA HIS A 110 27.16 -8.36 -14.60
C HIS A 110 26.29 -7.32 -15.34
N ARG A 111 25.24 -7.81 -16.00
CA ARG A 111 24.31 -6.97 -16.73
C ARG A 111 23.58 -6.00 -15.79
N LEU A 112 23.37 -6.41 -14.53
CA LEU A 112 22.66 -5.57 -13.56
C LEU A 112 23.41 -4.25 -13.37
N ARG A 113 24.73 -4.32 -13.30
CA ARG A 113 25.54 -3.10 -13.19
C ARG A 113 25.39 -2.28 -14.47
N ASP A 114 25.23 -2.97 -15.60
CA ASP A 114 25.05 -2.33 -16.90
C ASP A 114 23.79 -1.47 -16.93
N LEU A 115 22.66 -1.99 -16.38
CA LEU A 115 21.41 -1.22 -16.38
C LEU A 115 21.58 0.12 -15.67
N LEU A 116 22.34 0.14 -14.57
CA LEU A 116 22.53 1.37 -13.79
C LEU A 116 23.14 2.49 -14.64
N LEU A 117 24.05 2.15 -15.56
CA LEU A 117 24.69 3.17 -16.40
C LEU A 117 23.73 3.77 -17.41
N ILE A 118 22.91 2.94 -18.05
CA ILE A 118 21.96 3.44 -19.05
C ILE A 118 20.92 4.33 -18.38
N VAL A 119 20.48 3.97 -17.16
CA VAL A 119 19.49 4.77 -16.46
C VAL A 119 19.94 6.23 -16.31
N THR A 120 21.21 6.44 -15.93
CA THR A 120 21.71 7.81 -15.76
C THR A 120 21.72 8.57 -17.08
N ARG A 121 22.25 7.97 -18.14
CA ARG A 121 22.31 8.64 -19.43
C ARG A 121 20.93 8.84 -20.05
N ILE A 122 19.98 7.93 -19.79
CA ILE A 122 18.64 8.08 -20.39
C ILE A 122 18.09 9.47 -20.07
N VAL A 123 18.40 10.01 -18.87
CA VAL A 123 17.94 11.36 -18.54
C VAL A 123 18.45 12.34 -19.61
N GLU A 124 19.69 12.13 -20.10
CA GLU A 124 20.28 13.00 -21.12
C GLU A 124 19.52 12.92 -22.44
N LEU A 125 19.20 11.69 -22.85
CA LEU A 125 18.49 11.45 -24.11
C LEU A 125 17.04 11.95 -24.06
N LEU A 126 16.38 11.77 -22.92
CA LEU A 126 14.98 12.18 -22.76
C LEU A 126 14.87 13.67 -22.38
N GLY A 127 15.90 14.20 -21.72
CA GLY A 127 15.91 15.60 -21.28
C GLY A 127 15.45 16.55 -22.40
N ARG A 128 15.73 16.18 -23.66
CA ARG A 128 15.32 17.00 -24.81
C ARG A 128 13.93 16.58 -25.28
N ARG A 129 12.94 17.45 -25.09
CA ARG A 129 11.56 17.16 -25.50
C ARG A 129 10.70 18.44 -25.45
N LEU B 1 11.82 -2.57 42.55
CA LEU B 1 11.49 -2.77 41.11
C LEU B 1 10.72 -1.56 40.59
N LEU B 2 11.38 -0.75 39.76
CA LEU B 2 10.77 0.44 39.17
C LEU B 2 10.41 1.44 40.28
N GLU B 3 11.01 2.64 40.21
CA GLU B 3 10.77 3.70 41.19
C GLU B 3 11.61 4.93 40.85
N LEU B 4 11.45 6.00 41.65
CA LEU B 4 12.19 7.25 41.44
C LEU B 4 13.69 6.99 41.26
N ASP B 5 14.31 6.45 42.28
CA ASP B 5 15.75 6.17 42.28
C ASP B 5 16.14 5.11 41.24
N LYS B 6 15.18 4.30 40.80
CA LYS B 6 15.46 3.27 39.81
C LYS B 6 15.50 3.86 38.40
N TRP B 7 14.54 4.74 38.08
CA TRP B 7 14.49 5.37 36.77
C TRP B 7 15.72 6.26 36.59
N ALA B 8 16.01 7.05 37.61
CA ALA B 8 17.15 7.98 37.57
C ALA B 8 18.49 7.22 37.49
N SER B 9 18.51 5.96 37.95
CA SER B 9 19.74 5.16 37.93
C SER B 9 20.15 4.81 36.49
N LEU B 10 19.16 4.66 35.60
CA LEU B 10 19.45 4.33 34.20
C LEU B 10 20.31 5.43 33.56
N TRP B 11 20.11 6.68 33.98
CA TRP B 11 20.86 7.80 33.42
C TRP B 11 22.36 7.64 33.63
N ASN B 12 22.76 6.77 34.58
CA ASN B 12 24.17 6.50 34.85
C ASN B 12 24.72 5.43 33.89
N TRP B 13 23.85 4.51 33.44
CA TRP B 13 24.24 3.45 32.54
C TRP B 13 24.85 4.02 31.25
N PHE B 14 24.17 5.01 30.66
CA PHE B 14 24.64 5.65 29.43
C PHE B 14 24.77 4.64 28.28
N ASP B 15 23.96 3.58 28.32
CA ASP B 15 23.99 2.55 27.28
C ASP B 15 22.56 2.10 26.91
N ILE B 16 21.94 1.23 27.75
CA ILE B 16 20.58 0.74 27.48
C ILE B 16 19.56 1.88 27.54
N THR B 17 19.76 2.83 28.46
CA THR B 17 18.82 3.94 28.63
C THR B 17 18.51 4.65 27.31
N ASN B 18 19.50 4.74 26.41
CA ASN B 18 19.26 5.40 25.13
C ASN B 18 18.20 4.62 24.34
N TRP B 19 18.39 3.32 24.22
CA TRP B 19 17.42 2.46 23.52
C TRP B 19 16.08 2.44 24.30
N LEU B 20 16.17 2.38 25.62
CA LEU B 20 15.00 2.31 26.50
C LEU B 20 14.14 3.58 26.42
N TRP B 21 14.76 4.76 26.25
CA TRP B 21 14.02 6.02 26.22
C TRP B 21 13.81 6.59 24.81
N TYR B 22 14.87 6.63 23.98
CA TYR B 22 14.76 7.19 22.62
C TYR B 22 13.71 6.45 21.78
N ILE B 23 13.28 5.25 22.22
CA ILE B 23 12.27 4.49 21.47
C ILE B 23 10.97 5.29 21.37
N ARG B 24 10.62 6.04 22.42
CA ARG B 24 9.38 6.84 22.45
C ARG B 24 9.31 7.76 21.22
N ILE B 25 10.40 8.48 20.93
CA ILE B 25 10.44 9.37 19.75
C ILE B 25 10.43 8.49 18.48
N PHE B 26 11.11 7.35 18.56
CA PHE B 26 11.21 6.41 17.45
C PHE B 26 9.82 5.91 17.05
N ILE B 27 8.87 5.87 18.00
CA ILE B 27 7.50 5.39 17.69
C ILE B 27 6.87 6.28 16.62
N ILE B 28 6.93 7.60 16.82
CA ILE B 28 6.39 8.54 15.85
C ILE B 28 7.16 8.42 14.53
N ILE B 29 8.49 8.24 14.64
CA ILE B 29 9.34 8.09 13.46
C ILE B 29 8.88 6.85 12.66
N VAL B 30 8.48 5.78 13.37
CA VAL B 30 7.99 4.57 12.68
C VAL B 30 6.77 4.93 11.83
N GLY B 31 5.82 5.65 12.42
CA GLY B 31 4.60 6.06 11.69
C GLY B 31 4.94 6.72 10.35
N SER B 32 6.13 7.31 10.25
CA SER B 32 6.57 8.02 9.05
C SER B 32 6.64 7.14 7.77
N LEU B 33 7.18 5.92 7.88
CA LEU B 33 7.33 5.03 6.70
C LEU B 33 5.98 4.72 6.03
N ILE B 34 4.89 4.65 6.81
CA ILE B 34 3.58 4.31 6.25
C ILE B 34 3.21 5.31 5.13
N GLY B 35 3.40 6.60 5.38
CA GLY B 35 3.12 7.63 4.38
C GLY B 35 4.01 7.42 3.14
N LEU B 36 5.22 6.89 3.38
CA LEU B 36 6.19 6.63 2.31
C LEU B 36 5.57 5.73 1.23
N ARG B 37 4.74 4.78 1.67
CA ARG B 37 4.08 3.81 0.77
C ARG B 37 3.28 4.48 -0.34
N ILE B 38 2.76 5.70 -0.14
CA ILE B 38 1.96 6.33 -1.19
C ILE B 38 2.81 6.45 -2.48
N VAL B 39 4.13 6.72 -2.33
CA VAL B 39 5.02 6.78 -3.50
C VAL B 39 5.18 5.36 -4.11
N PHE B 40 5.09 4.32 -3.26
CA PHE B 40 5.22 2.93 -3.74
C PHE B 40 4.19 2.66 -4.84
N ALA B 41 3.03 3.33 -4.75
CA ALA B 41 2.00 3.19 -5.79
C ALA B 41 2.63 3.60 -7.14
N VAL B 42 3.49 4.63 -7.08
CA VAL B 42 4.22 5.12 -8.25
C VAL B 42 5.14 3.98 -8.76
N LEU B 43 5.81 3.28 -7.84
CA LEU B 43 6.69 2.15 -8.17
C LEU B 43 5.88 1.06 -8.88
N SER B 44 4.63 0.85 -8.45
CA SER B 44 3.78 -0.16 -9.08
C SER B 44 3.52 0.22 -10.53
N LEU B 45 3.46 1.52 -10.80
CA LEU B 45 3.27 2.03 -12.16
C LEU B 45 4.48 1.62 -13.00
N VAL B 46 5.66 1.73 -12.38
CA VAL B 46 6.92 1.39 -13.04
C VAL B 46 6.98 -0.11 -13.28
N ASN B 47 6.63 -0.87 -12.25
CA ASN B 47 6.61 -2.33 -12.33
C ASN B 47 5.60 -2.84 -13.35
N ARG B 48 4.47 -2.15 -13.46
CA ARG B 48 3.40 -2.55 -14.35
C ARG B 48 3.80 -2.39 -15.82
N VAL B 49 4.30 -1.23 -16.19
CA VAL B 49 4.69 -0.97 -17.57
C VAL B 49 6.01 -1.62 -17.94
N ARG B 50 6.95 -1.52 -17.03
CA ARG B 50 8.29 -2.01 -17.31
C ARG B 50 8.32 -3.51 -17.69
N GLN B 51 7.60 -4.38 -16.96
CA GLN B 51 7.59 -5.79 -17.33
C GLN B 51 6.29 -6.23 -18.03
N GLY B 52 5.23 -5.50 -17.74
CA GLY B 52 3.89 -5.77 -18.30
C GLY B 52 2.82 -5.83 -17.20
N TYR B 53 1.56 -5.53 -17.56
CA TYR B 53 0.44 -5.54 -16.59
C TYR B 53 -0.17 -6.95 -16.44
N SER B 54 -0.19 -7.72 -17.52
CA SER B 54 -0.75 -9.08 -17.51
C SER B 54 0.33 -10.08 -17.09
N PRO B 55 -0.02 -11.26 -16.54
CA PRO B 55 1.00 -12.27 -16.11
C PRO B 55 2.20 -12.32 -17.07
N LEU B 56 3.42 -12.42 -16.52
CA LEU B 56 4.63 -12.42 -17.34
C LEU B 56 5.22 -13.82 -17.58
N SER B 57 4.86 -14.79 -16.74
CA SER B 57 5.36 -16.19 -16.83
C SER B 57 5.86 -16.55 -18.25
N GLU B 80 11.99 -7.78 -22.43
CA GLU B 80 11.85 -6.64 -21.52
C GLU B 80 12.74 -5.46 -21.98
N ARG B 81 12.64 -5.11 -23.27
CA ARG B 81 13.40 -4.00 -23.84
C ARG B 81 12.87 -2.64 -23.37
N ASP B 82 11.58 -2.62 -23.02
CA ASP B 82 10.87 -1.40 -22.61
C ASP B 82 11.51 -0.63 -21.44
N ARG B 83 12.57 -1.17 -20.81
CA ARG B 83 13.20 -0.47 -19.67
C ARG B 83 13.62 0.93 -20.08
N ASP B 84 14.13 1.09 -21.31
CA ASP B 84 14.56 2.39 -21.77
C ASP B 84 13.40 3.37 -21.72
N ARG B 85 12.23 2.92 -22.16
CA ARG B 85 11.05 3.78 -22.13
C ARG B 85 10.57 3.98 -20.70
N SER B 86 10.55 2.91 -19.89
CA SER B 86 10.08 3.02 -18.50
C SER B 86 10.86 4.08 -17.74
N ILE B 87 12.18 4.19 -17.99
CA ILE B 87 12.96 5.24 -17.31
C ILE B 87 12.38 6.63 -17.65
N ARG B 88 11.45 6.71 -18.62
CA ARG B 88 10.83 7.99 -18.95
C ARG B 88 10.15 8.54 -17.70
N LEU B 89 9.72 7.64 -16.79
CA LEU B 89 9.01 8.08 -15.58
C LEU B 89 9.84 9.13 -14.82
N VAL B 90 11.17 9.18 -15.03
CA VAL B 90 11.98 10.21 -14.36
C VAL B 90 11.36 11.57 -14.73
N ASN B 91 11.23 11.78 -16.03
CA ASN B 91 10.56 12.96 -16.58
C ASN B 91 9.04 12.84 -16.40
N GLY B 92 8.58 11.58 -16.27
CA GLY B 92 7.17 11.26 -16.15
C GLY B 92 6.49 11.94 -14.99
N SER B 93 7.25 12.41 -14.00
CA SER B 93 6.63 13.08 -12.86
C SER B 93 5.83 14.28 -13.35
N LEU B 94 6.36 14.97 -14.37
CA LEU B 94 5.67 16.12 -14.95
C LEU B 94 4.41 15.67 -15.71
N ALA B 95 4.56 14.69 -16.60
CA ALA B 95 3.43 14.19 -17.41
C ALA B 95 2.38 13.41 -16.60
N LEU B 96 2.81 12.65 -15.58
CA LEU B 96 1.88 11.81 -14.80
C LEU B 96 0.80 12.64 -14.12
N ILE B 97 1.20 13.75 -13.50
CA ILE B 97 0.23 14.63 -12.83
C ILE B 97 -0.72 15.23 -13.89
N TRP B 98 -0.20 15.44 -15.11
CA TRP B 98 -0.98 16.00 -16.21
C TRP B 98 -2.05 15.03 -16.71
N ASP B 99 -1.82 13.71 -16.60
CA ASP B 99 -2.83 12.73 -17.07
C ASP B 99 -4.16 13.02 -16.36
N ASP B 100 -4.09 13.17 -15.04
CA ASP B 100 -5.26 13.46 -14.22
C ASP B 100 -5.78 14.91 -14.43
N LEU B 101 -4.87 15.89 -14.47
CA LEU B 101 -5.25 17.31 -14.60
C LEU B 101 -5.84 17.64 -15.98
N ARG B 102 -5.19 17.18 -17.04
CA ARG B 102 -5.65 17.48 -18.40
C ARG B 102 -7.04 16.91 -18.69
N SER B 103 -7.29 15.67 -18.27
CA SER B 103 -8.59 15.05 -18.52
C SER B 103 -9.70 15.73 -17.73
N LEU B 104 -9.44 15.99 -16.44
CA LEU B 104 -10.43 16.64 -15.56
C LEU B 104 -10.67 18.10 -15.95
N SER B 105 -9.61 18.91 -16.04
CA SER B 105 -9.74 20.33 -16.36
C SER B 105 -9.49 20.63 -17.84
N LEU B 106 -8.37 20.12 -18.38
CA LEU B 106 -7.98 20.34 -19.78
C LEU B 106 -7.38 21.75 -19.95
N PHE B 107 -6.06 21.84 -19.83
CA PHE B 107 -5.33 23.11 -19.97
C PHE B 107 -5.56 24.06 -18.78
N SER B 108 -6.77 24.67 -18.70
CA SER B 108 -7.08 25.61 -17.62
C SER B 108 -7.87 24.93 -16.51
N TYR B 109 -7.91 25.58 -15.33
CA TYR B 109 -8.66 25.05 -14.18
C TYR B 109 -10.13 25.47 -14.24
N HIS B 110 -10.40 26.67 -14.78
CA HIS B 110 -11.79 27.16 -14.90
C HIS B 110 -12.63 26.11 -15.66
N ARG B 111 -12.00 25.49 -16.66
CA ARG B 111 -12.62 24.45 -17.46
C ARG B 111 -13.05 23.26 -16.58
N LEU B 112 -12.34 23.04 -15.47
CA LEU B 112 -12.61 21.93 -14.56
C LEU B 112 -14.03 22.03 -14.00
N ARG B 113 -14.49 23.25 -13.72
CA ARG B 113 -15.85 23.45 -13.21
C ARG B 113 -16.87 22.89 -14.20
N ASP B 114 -16.58 23.01 -15.50
CA ASP B 114 -17.47 22.50 -16.55
C ASP B 114 -17.47 20.97 -16.53
N LEU B 115 -16.26 20.37 -16.52
CA LEU B 115 -16.15 18.91 -16.49
C LEU B 115 -16.80 18.35 -15.22
N LEU B 116 -16.65 19.07 -14.12
CA LEU B 116 -17.18 18.65 -12.83
C LEU B 116 -18.70 18.46 -12.91
N LEU B 117 -19.37 19.32 -13.69
CA LEU B 117 -20.82 19.22 -13.83
C LEU B 117 -21.22 18.00 -14.67
N ILE B 118 -20.39 17.63 -15.64
CA ILE B 118 -20.70 16.47 -16.48
C ILE B 118 -20.55 15.18 -15.66
N VAL B 119 -19.57 15.12 -14.77
CA VAL B 119 -19.37 13.92 -13.94
C VAL B 119 -20.61 13.62 -13.11
N THR B 120 -21.18 14.66 -12.46
CA THR B 120 -22.37 14.46 -11.62
C THR B 120 -23.57 13.98 -12.43
N ARG B 121 -23.87 14.65 -13.56
CA ARG B 121 -25.01 14.26 -14.38
C ARG B 121 -24.79 12.88 -15.04
N ILE B 122 -23.53 12.54 -15.35
CA ILE B 122 -23.22 11.25 -15.98
C ILE B 122 -23.71 10.07 -15.10
N VAL B 123 -23.61 10.21 -13.76
CA VAL B 123 -24.04 9.12 -12.86
C VAL B 123 -25.48 8.70 -13.19
N GLU B 124 -26.35 9.68 -13.50
CA GLU B 124 -27.75 9.39 -13.83
C GLU B 124 -27.84 8.54 -15.12
N LEU B 125 -27.02 8.87 -16.11
CA LEU B 125 -27.01 8.16 -17.39
C LEU B 125 -26.63 6.69 -17.19
N LEU B 126 -25.60 6.45 -16.38
CA LEU B 126 -25.14 5.09 -16.11
C LEU B 126 -26.05 4.40 -15.07
N GLY B 127 -26.71 5.21 -14.22
CA GLY B 127 -27.61 4.68 -13.18
C GLY B 127 -28.53 3.59 -13.75
N ARG B 128 -29.06 3.84 -14.95
CA ARG B 128 -29.94 2.87 -15.62
C ARG B 128 -29.13 2.06 -16.64
N ARG B 129 -28.98 0.76 -16.38
CA ARG B 129 -28.20 -0.12 -17.25
C ARG B 129 -28.56 -1.59 -16.98
N LEU C 1 13.07 9.33 37.19
CA LEU C 1 12.47 10.09 38.31
C LEU C 1 10.95 10.16 38.08
N LEU C 2 10.23 9.36 38.86
CA LEU C 2 8.78 9.31 38.82
C LEU C 2 8.27 8.80 40.16
N GLU C 3 6.94 8.89 40.37
CA GLU C 3 6.33 8.45 41.61
C GLU C 3 4.81 8.54 41.54
N LEU C 4 4.13 7.92 42.50
CA LEU C 4 2.67 7.94 42.57
C LEU C 4 2.18 9.39 42.59
N ASP C 5 2.79 10.17 43.46
CA ASP C 5 2.46 11.59 43.61
C ASP C 5 2.86 12.38 42.35
N LYS C 6 3.89 11.91 41.66
CA LYS C 6 4.39 12.59 40.46
C LYS C 6 3.41 12.42 39.30
N TRP C 7 2.96 11.19 39.05
CA TRP C 7 2.02 10.92 37.96
C TRP C 7 0.77 11.77 38.11
N ALA C 8 0.23 11.80 39.32
CA ALA C 8 -0.99 12.57 39.60
C ALA C 8 -0.77 14.06 39.32
N SER C 9 0.41 14.58 39.66
CA SER C 9 0.72 16.00 39.46
C SER C 9 0.55 16.40 37.99
N LEU C 10 0.88 15.48 37.08
CA LEU C 10 0.77 15.74 35.65
C LEU C 10 -0.67 16.06 35.25
N TRP C 11 -1.65 15.51 35.99
CA TRP C 11 -3.06 15.76 35.69
C TRP C 11 -3.39 17.26 35.81
N ASN C 12 -2.57 18.00 36.55
CA ASN C 12 -2.76 19.44 36.71
C ASN C 12 -2.13 20.24 35.55
N TRP C 13 -1.41 19.55 34.65
CA TRP C 13 -0.76 20.17 33.49
C TRP C 13 -1.71 20.20 32.27
N PHE C 14 -3.02 20.29 32.57
CA PHE C 14 -4.12 20.32 31.57
C PHE C 14 -3.66 20.64 30.13
N ASP C 15 -4.21 19.85 29.18
CA ASP C 15 -3.96 19.95 27.73
C ASP C 15 -2.80 19.06 27.28
N ILE C 16 -1.68 19.14 27.99
CA ILE C 16 -0.49 18.33 27.65
C ILE C 16 -0.73 16.84 27.93
N THR C 17 -1.36 16.54 29.07
CA THR C 17 -1.62 15.16 29.47
C THR C 17 -2.33 14.37 28.36
N ASN C 18 -3.19 15.04 27.59
CA ASN C 18 -3.92 14.37 26.51
C ASN C 18 -2.93 13.79 25.51
N TRP C 19 -1.98 14.61 25.06
CA TRP C 19 -0.95 14.17 24.13
C TRP C 19 -0.04 13.12 24.82
N LEU C 20 0.31 13.40 26.07
CA LEU C 20 1.20 12.52 26.85
C LEU C 20 0.60 11.13 27.10
N TRP C 21 -0.72 11.06 27.30
CA TRP C 21 -1.39 9.78 27.60
C TRP C 21 -2.10 9.15 26.40
N TYR C 22 -2.49 9.94 25.39
CA TYR C 22 -3.19 9.37 24.23
C TYR C 22 -2.23 8.78 23.20
N ILE C 23 -0.94 9.12 23.28
CA ILE C 23 0.07 8.58 22.36
C ILE C 23 0.12 7.05 22.46
N ARG C 24 -0.05 6.52 23.68
CA ARG C 24 -0.02 5.08 23.89
C ARG C 24 -1.13 4.41 23.08
N ILE C 25 -2.34 4.98 23.15
CA ILE C 25 -3.50 4.47 22.42
C ILE C 25 -3.35 4.82 20.91
N PHE C 26 -2.69 5.94 20.63
CA PHE C 26 -2.48 6.40 19.25
C PHE C 26 -1.69 5.38 18.44
N ILE C 27 -0.84 4.60 19.10
CA ILE C 27 -0.01 3.60 18.42
C ILE C 27 -0.91 2.57 17.74
N ILE C 28 -1.96 2.13 18.44
CA ILE C 28 -2.92 1.18 17.89
C ILE C 28 -3.65 1.86 16.71
N ILE C 29 -3.94 3.15 16.86
CA ILE C 29 -4.60 3.92 15.81
C ILE C 29 -3.73 3.87 14.53
N VAL C 30 -2.40 3.92 14.69
CA VAL C 30 -1.50 3.85 13.53
C VAL C 30 -1.82 2.57 12.75
N GLY C 31 -2.06 1.46 13.46
CA GLY C 31 -2.42 0.19 12.82
C GLY C 31 -3.64 0.43 11.91
N SER C 32 -4.58 1.22 12.39
CA SER C 32 -5.77 1.59 11.61
C SER C 32 -5.33 2.44 10.42
N LEU C 33 -4.34 3.32 10.66
CA LEU C 33 -3.82 4.23 9.64
C LEU C 33 -3.22 3.50 8.43
N ILE C 34 -2.40 2.47 8.70
CA ILE C 34 -1.75 1.72 7.60
C ILE C 34 -2.78 0.93 6.80
N GLY C 35 -3.75 0.30 7.48
CA GLY C 35 -4.78 -0.47 6.78
C GLY C 35 -5.59 0.44 5.85
N LEU C 36 -5.66 1.74 6.16
CA LEU C 36 -6.39 2.71 5.34
C LEU C 36 -5.70 2.86 3.96
N ARG C 37 -4.36 2.85 3.98
CA ARG C 37 -3.52 2.99 2.79
C ARG C 37 -3.84 1.97 1.69
N ILE C 38 -4.30 0.78 2.07
CA ILE C 38 -4.55 -0.29 1.08
C ILE C 38 -5.56 0.17 0.00
N VAL C 39 -6.56 0.98 0.38
CA VAL C 39 -7.54 1.48 -0.58
C VAL C 39 -6.84 2.16 -1.78
N PHE C 40 -5.66 2.75 -1.54
CA PHE C 40 -4.91 3.44 -2.61
C PHE C 40 -4.68 2.49 -3.78
N ALA C 41 -4.53 1.19 -3.49
CA ALA C 41 -4.35 0.19 -4.56
C ALA C 41 -5.58 0.24 -5.47
N VAL C 42 -6.75 0.45 -4.84
CA VAL C 42 -8.01 0.58 -5.55
C VAL C 42 -7.97 1.89 -6.37
N LEU C 43 -7.49 2.97 -5.73
CA LEU C 43 -7.36 4.28 -6.37
C LEU C 43 -6.48 4.16 -7.62
N SER C 44 -5.43 3.34 -7.52
CA SER C 44 -4.53 3.15 -8.66
C SER C 44 -5.27 2.50 -9.82
N LEU C 45 -6.16 1.55 -9.51
CA LEU C 45 -6.96 0.90 -10.53
C LEU C 45 -7.85 1.95 -11.21
N VAL C 46 -8.43 2.84 -10.39
CA VAL C 46 -9.28 3.92 -10.88
C VAL C 46 -8.45 4.82 -11.80
N ASN C 47 -7.25 5.13 -11.33
CA ASN C 47 -6.30 5.94 -12.07
C ASN C 47 -5.87 5.24 -13.36
N ARG C 48 -5.75 3.92 -13.31
CA ARG C 48 -5.31 3.15 -14.45
C ARG C 48 -6.21 3.38 -15.63
N VAL C 49 -7.51 3.24 -15.40
CA VAL C 49 -8.50 3.41 -16.44
C VAL C 49 -8.80 4.87 -16.76
N ARG C 50 -8.95 5.67 -15.72
CA ARG C 50 -9.34 7.08 -15.89
C ARG C 50 -8.23 8.01 -16.44
N GLN C 51 -6.98 7.91 -15.95
CA GLN C 51 -5.90 8.80 -16.42
C GLN C 51 -4.93 8.13 -17.39
N GLY C 52 -4.87 6.81 -17.34
CA GLY C 52 -3.98 6.02 -18.19
C GLY C 52 -3.15 5.05 -17.35
N TYR C 53 -2.54 4.06 -18.01
CA TYR C 53 -1.73 3.05 -17.31
C TYR C 53 -0.26 3.15 -17.69
N SER C 54 0.02 3.24 -18.99
CA SER C 54 1.39 3.35 -19.47
C SER C 54 1.70 4.82 -19.74
N PRO C 55 2.98 5.23 -19.80
CA PRO C 55 3.35 6.66 -20.05
C PRO C 55 2.35 7.38 -20.98
N LEU C 56 1.74 8.47 -20.48
CA LEU C 56 0.70 9.18 -21.24
C LEU C 56 1.14 10.55 -21.78
N SER C 57 2.45 10.84 -21.86
CA SER C 57 2.92 12.14 -22.39
C SER C 57 2.18 12.47 -23.70
N GLU C 80 -10.95 12.47 -25.94
CA GLU C 80 -11.91 13.24 -25.14
C GLU C 80 -13.13 12.38 -24.76
N ARG C 81 -13.55 11.57 -25.71
CA ARG C 81 -14.70 10.68 -25.51
C ARG C 81 -14.43 9.64 -24.41
N ASP C 82 -13.16 9.25 -24.26
CA ASP C 82 -12.78 8.25 -23.25
C ASP C 82 -13.24 8.69 -21.85
N ARG C 83 -13.21 10.00 -21.59
CA ARG C 83 -13.61 10.53 -20.29
C ARG C 83 -15.04 10.13 -19.92
N ASP C 84 -15.95 10.10 -20.90
CA ASP C 84 -17.32 9.69 -20.62
C ASP C 84 -17.32 8.29 -20.01
N ARG C 85 -16.44 7.42 -20.56
CA ARG C 85 -16.29 6.06 -20.06
C ARG C 85 -15.61 6.08 -18.69
N SER C 86 -14.65 6.99 -18.50
CA SER C 86 -13.92 7.08 -17.23
C SER C 86 -14.87 7.39 -16.08
N ILE C 87 -15.79 8.36 -16.26
CA ILE C 87 -16.74 8.68 -15.18
C ILE C 87 -17.59 7.43 -14.87
N ARG C 88 -17.81 6.56 -15.86
CA ARG C 88 -18.62 5.35 -15.62
C ARG C 88 -17.96 4.49 -14.53
N LEU C 89 -16.64 4.68 -14.33
CA LEU C 89 -15.91 3.94 -13.30
C LEU C 89 -16.39 4.38 -11.88
N VAL C 90 -17.05 5.57 -11.80
CA VAL C 90 -17.55 6.07 -10.51
C VAL C 90 -18.46 5.00 -9.90
N ASN C 91 -19.45 4.59 -10.68
CA ASN C 91 -20.34 3.50 -10.29
C ASN C 91 -19.58 2.17 -10.39
N GLY C 92 -18.50 2.17 -11.19
CA GLY C 92 -17.68 1.00 -11.43
C GLY C 92 -17.13 0.42 -10.12
N SER C 93 -17.10 1.24 -9.06
CA SER C 93 -16.61 0.78 -7.76
C SER C 93 -17.45 -0.43 -7.31
N LEU C 94 -18.76 -0.38 -7.60
CA LEU C 94 -19.65 -1.49 -7.26
C LEU C 94 -19.25 -2.72 -8.09
N ALA C 95 -19.15 -2.52 -9.41
CA ALA C 95 -18.75 -3.60 -10.33
C ALA C 95 -17.38 -4.18 -9.98
N LEU C 96 -16.48 -3.32 -9.50
CA LEU C 96 -15.10 -3.73 -9.17
C LEU C 96 -15.09 -4.83 -8.11
N ILE C 97 -15.89 -4.66 -7.07
CA ILE C 97 -15.97 -5.66 -5.99
C ILE C 97 -16.72 -6.91 -6.51
N TRP C 98 -17.74 -6.68 -7.34
CA TRP C 98 -18.55 -7.77 -7.89
C TRP C 98 -17.79 -8.64 -8.90
N ASP C 99 -16.83 -8.06 -9.65
CA ASP C 99 -16.10 -8.86 -10.65
C ASP C 99 -15.43 -10.06 -9.98
N ASP C 100 -14.79 -9.84 -8.83
CA ASP C 100 -14.14 -10.91 -8.08
C ASP C 100 -15.18 -11.85 -7.45
N LEU C 101 -16.24 -11.27 -6.88
CA LEU C 101 -17.29 -12.04 -6.21
C LEU C 101 -18.08 -12.92 -7.19
N ARG C 102 -18.32 -12.42 -8.40
CA ARG C 102 -19.11 -13.15 -9.39
C ARG C 102 -18.29 -14.19 -10.18
N SER C 103 -16.99 -13.95 -10.38
CA SER C 103 -16.16 -14.88 -11.17
C SER C 103 -15.85 -16.18 -10.40
N LEU C 104 -15.45 -16.06 -9.13
CA LEU C 104 -15.10 -17.23 -8.31
C LEU C 104 -16.32 -18.10 -7.98
N SER C 105 -17.46 -17.47 -7.70
CA SER C 105 -18.68 -18.19 -7.35
C SER C 105 -19.53 -18.49 -8.59
N LEU C 106 -19.53 -17.58 -9.58
CA LEU C 106 -20.34 -17.73 -10.79
C LEU C 106 -21.83 -17.77 -10.41
N PHE C 107 -22.31 -16.67 -9.81
CA PHE C 107 -23.70 -16.55 -9.37
C PHE C 107 -24.03 -17.64 -8.35
N SER C 108 -25.10 -17.43 -7.57
CA SER C 108 -25.51 -18.40 -6.56
C SER C 108 -24.33 -18.66 -5.59
N TYR C 109 -24.34 -19.79 -4.86
CA TYR C 109 -23.25 -20.11 -3.94
C TYR C 109 -22.81 -21.56 -4.12
N HIS C 110 -23.77 -22.45 -4.43
CA HIS C 110 -23.45 -23.86 -4.66
C HIS C 110 -22.34 -23.98 -5.72
N ARG C 111 -22.27 -22.99 -6.62
CA ARG C 111 -21.27 -22.95 -7.68
C ARG C 111 -19.87 -22.65 -7.12
N LEU C 112 -19.80 -21.90 -6.01
CA LEU C 112 -18.52 -21.53 -5.40
C LEU C 112 -17.74 -22.80 -5.00
N ARG C 113 -18.46 -23.87 -4.64
CA ARG C 113 -17.82 -25.14 -4.29
C ARG C 113 -16.96 -25.61 -5.47
N ASP C 114 -17.41 -25.30 -6.68
CA ASP C 114 -16.70 -25.66 -7.90
C ASP C 114 -15.34 -24.97 -7.95
N LEU C 115 -15.24 -23.74 -7.42
CA LEU C 115 -13.98 -23.01 -7.46
C LEU C 115 -12.88 -23.81 -6.75
N LEU C 116 -13.24 -24.48 -5.65
CA LEU C 116 -12.25 -25.27 -4.90
C LEU C 116 -11.64 -26.33 -5.82
N LEU C 117 -12.48 -26.93 -6.67
CA LEU C 117 -12.05 -27.95 -7.62
C LEU C 117 -11.28 -27.32 -8.78
N ILE C 118 -11.78 -26.19 -9.26
CA ILE C 118 -11.19 -25.49 -10.39
C ILE C 118 -9.76 -25.03 -10.06
N VAL C 119 -9.53 -24.52 -8.84
CA VAL C 119 -8.18 -24.07 -8.48
C VAL C 119 -7.20 -25.25 -8.45
N THR C 120 -7.66 -26.40 -7.93
CA THR C 120 -6.80 -27.58 -7.84
C THR C 120 -6.38 -28.07 -9.23
N ARG C 121 -7.34 -28.14 -10.16
CA ARG C 121 -7.05 -28.63 -11.51
C ARG C 121 -6.15 -27.67 -12.30
N ILE C 122 -6.26 -26.37 -12.01
CA ILE C 122 -5.49 -25.36 -12.73
C ILE C 122 -3.98 -25.50 -12.48
N VAL C 123 -3.53 -25.82 -11.24
CA VAL C 123 -2.10 -25.96 -11.00
C VAL C 123 -1.49 -26.94 -12.01
N GLU C 124 -2.21 -28.00 -12.33
CA GLU C 124 -1.73 -29.00 -13.28
C GLU C 124 -1.53 -28.40 -14.68
N LEU C 125 -2.47 -27.55 -15.11
CA LEU C 125 -2.43 -26.95 -16.45
C LEU C 125 -1.31 -25.91 -16.69
N LEU C 126 -1.07 -24.97 -15.75
CA LEU C 126 -0.01 -23.96 -15.97
C LEU C 126 1.36 -24.47 -15.49
N GLY C 127 1.36 -25.55 -14.68
CA GLY C 127 2.61 -26.13 -14.18
C GLY C 127 3.50 -26.51 -15.36
N ARG C 128 2.93 -27.24 -16.33
CA ARG C 128 3.65 -27.66 -17.52
C ARG C 128 3.00 -27.06 -18.77
N ARG C 129 3.82 -26.56 -19.70
CA ARG C 129 3.33 -25.96 -20.93
C ARG C 129 4.36 -26.10 -22.05
N LEU A 1 -0.23 4.74 43.57
CA LEU A 1 -0.38 4.49 42.11
C LEU A 1 1.01 4.27 41.50
N LEU A 2 1.13 3.22 40.67
CA LEU A 2 2.40 2.90 40.01
C LEU A 2 3.52 2.72 41.04
N GLU A 3 3.73 1.48 41.46
CA GLU A 3 4.75 1.11 42.42
C GLU A 3 4.98 -0.39 42.38
N LEU A 4 5.92 -0.90 43.19
CA LEU A 4 6.20 -2.33 43.22
C LEU A 4 4.92 -3.13 43.51
N ASP A 5 4.15 -2.65 44.47
CA ASP A 5 2.92 -3.32 44.88
C ASP A 5 1.81 -3.18 43.82
N LYS A 6 1.74 -2.03 43.16
CA LYS A 6 0.72 -1.80 42.15
C LYS A 6 1.03 -2.59 40.86
N TRP A 7 2.30 -2.53 40.43
CA TRP A 7 2.70 -3.24 39.21
C TRP A 7 2.71 -4.75 39.42
N ALA A 8 3.29 -5.18 40.54
CA ALA A 8 3.38 -6.62 40.84
C ALA A 8 2.00 -7.25 41.07
N SER A 9 1.04 -6.45 41.55
CA SER A 9 -0.31 -6.94 41.81
C SER A 9 -1.00 -7.36 40.51
N LEU A 10 -0.74 -6.62 39.44
CA LEU A 10 -1.36 -6.89 38.13
C LEU A 10 -0.92 -8.23 37.53
N TRP A 11 0.26 -8.76 37.93
CA TRP A 11 0.74 -10.03 37.38
C TRP A 11 -0.24 -11.18 37.66
N ASN A 12 -1.02 -11.07 38.74
CA ASN A 12 -1.98 -12.10 39.11
C ASN A 12 -3.14 -12.18 38.08
N TRP A 13 -3.39 -11.08 37.37
CA TRP A 13 -4.46 -11.03 36.37
C TRP A 13 -4.30 -12.15 35.35
N PHE A 14 -3.08 -12.33 34.82
CA PHE A 14 -2.78 -13.39 33.85
C PHE A 14 -3.63 -13.24 32.55
N ASP A 15 -4.38 -12.13 32.41
CA ASP A 15 -5.20 -11.91 31.21
C ASP A 15 -4.74 -10.65 30.46
N ILE A 16 -5.05 -9.47 31.00
CA ILE A 16 -4.68 -8.19 30.39
C ILE A 16 -3.16 -7.97 30.41
N THR A 17 -2.50 -8.42 31.48
CA THR A 17 -1.05 -8.19 31.64
C THR A 17 -0.29 -8.62 30.40
N ASN A 18 -0.75 -9.68 29.72
CA ASN A 18 -0.07 -10.13 28.50
C ASN A 18 -0.13 -9.03 27.44
N TRP A 19 -1.31 -8.47 27.21
CA TRP A 19 -1.49 -7.39 26.22
C TRP A 19 -0.74 -6.12 26.67
N LEU A 20 -0.85 -5.77 27.95
CA LEU A 20 -0.20 -4.56 28.49
C LEU A 20 1.34 -4.66 28.48
N TRP A 21 1.90 -5.83 28.80
CA TRP A 21 3.35 -5.98 28.85
C TRP A 21 3.97 -6.41 27.50
N TYR A 22 3.13 -6.74 26.51
CA TYR A 22 3.65 -7.14 25.19
C TYR A 22 3.41 -6.06 24.13
N ILE A 23 2.64 -5.01 24.46
CA ILE A 23 2.40 -3.92 23.51
C ILE A 23 3.73 -3.27 23.13
N ARG A 24 4.66 -3.17 24.11
CA ARG A 24 5.97 -2.58 23.88
C ARG A 24 6.66 -3.26 22.69
N ILE A 25 6.63 -4.59 22.68
CA ILE A 25 7.19 -5.36 21.57
C ILE A 25 6.29 -5.15 20.34
N PHE A 26 4.99 -5.06 20.58
CA PHE A 26 4.00 -4.88 19.54
C PHE A 26 4.24 -3.58 18.74
N ILE A 27 4.84 -2.57 19.39
CA ILE A 27 5.11 -1.30 18.70
C ILE A 27 6.06 -1.53 17.52
N ILE A 28 7.19 -2.19 17.79
CA ILE A 28 8.17 -2.51 16.75
C ILE A 28 7.51 -3.41 15.69
N ILE A 29 6.63 -4.31 16.15
CA ILE A 29 5.93 -5.23 15.27
C ILE A 29 5.13 -4.42 14.23
N VAL A 30 4.57 -3.27 14.64
CA VAL A 30 3.80 -2.43 13.70
C VAL A 30 4.68 -2.12 12.48
N GLY A 31 5.97 -1.85 12.72
CA GLY A 31 6.92 -1.61 11.62
C GLY A 31 6.89 -2.80 10.65
N SER A 32 6.80 -4.00 11.23
CA SER A 32 6.71 -5.24 10.45
C SER A 32 5.36 -5.28 9.70
N LEU A 33 4.32 -4.80 10.39
CA LEU A 33 2.96 -4.80 9.85
C LEU A 33 2.86 -3.98 8.56
N ILE A 34 3.44 -2.78 8.56
CA ILE A 34 3.35 -1.89 7.40
C ILE A 34 4.14 -2.47 6.20
N GLY A 35 5.34 -2.99 6.45
CA GLY A 35 6.16 -3.58 5.37
C GLY A 35 5.43 -4.77 4.72
N LEU A 36 4.50 -5.39 5.46
CA LEU A 36 3.71 -6.51 4.94
C LEU A 36 2.94 -6.06 3.68
N ARG A 37 2.46 -4.81 3.73
CA ARG A 37 1.71 -4.20 2.63
C ARG A 37 2.49 -4.20 1.32
N ILE A 38 3.81 -4.18 1.38
CA ILE A 38 4.62 -4.13 0.17
C ILE A 38 4.31 -5.38 -0.71
N VAL A 39 4.16 -6.56 -0.09
CA VAL A 39 3.79 -7.78 -0.84
C VAL A 39 2.35 -7.66 -1.39
N PHE A 40 1.51 -6.92 -0.65
CA PHE A 40 0.12 -6.70 -1.03
C PHE A 40 0.03 -6.12 -2.44
N ALA A 41 1.05 -5.38 -2.84
CA ALA A 41 1.05 -4.77 -4.18
C ALA A 41 0.88 -5.87 -5.23
N VAL A 42 1.49 -7.05 -5.02
CA VAL A 42 1.33 -8.15 -5.98
C VAL A 42 -0.18 -8.50 -6.11
N LEU A 43 -0.92 -8.41 -4.98
CA LEU A 43 -2.36 -8.69 -4.98
C LEU A 43 -3.06 -7.78 -6.00
N SER A 44 -2.61 -6.53 -6.09
CA SER A 44 -3.18 -5.58 -7.04
C SER A 44 -2.94 -6.06 -8.47
N LEU A 45 -1.76 -6.62 -8.72
CA LEU A 45 -1.39 -7.14 -10.01
C LEU A 45 -2.36 -8.27 -10.36
N VAL A 46 -2.60 -9.12 -9.37
CA VAL A 46 -3.51 -10.25 -9.48
C VAL A 46 -4.92 -9.72 -9.70
N ASN A 47 -5.29 -8.69 -8.96
CA ASN A 47 -6.60 -8.09 -9.06
C ASN A 47 -6.88 -7.49 -10.44
N ARG A 48 -5.89 -6.81 -11.03
CA ARG A 48 -6.06 -6.18 -12.33
C ARG A 48 -6.39 -7.20 -13.41
N VAL A 49 -5.64 -8.28 -13.38
CA VAL A 49 -5.79 -9.36 -14.34
C VAL A 49 -7.04 -10.21 -13.99
N ARG A 50 -7.17 -10.51 -12.72
CA ARG A 50 -8.29 -11.32 -12.21
C ARG A 50 -9.64 -10.58 -12.17
N GLN A 51 -9.65 -9.24 -12.29
CA GLN A 51 -10.92 -8.46 -12.22
C GLN A 51 -11.58 -8.26 -13.60
N GLY A 52 -10.82 -8.48 -14.67
CA GLY A 52 -11.34 -8.31 -16.04
C GLY A 52 -10.81 -7.02 -16.69
N TYR A 53 -9.57 -6.64 -16.38
CA TYR A 53 -8.95 -5.44 -16.96
C TYR A 53 -9.83 -4.18 -16.70
N SER A 54 -10.03 -3.31 -17.71
CA SER A 54 -10.82 -2.09 -17.56
C SER A 54 -12.28 -2.38 -17.22
N PRO A 55 -13.01 -1.43 -16.62
CA PRO A 55 -14.43 -1.65 -16.25
C PRO A 55 -15.23 -2.32 -17.37
N LEU A 56 -15.52 -3.62 -17.20
CA LEU A 56 -16.29 -4.37 -18.21
C LEU A 56 -17.73 -4.65 -17.72
N SER A 57 -17.94 -4.58 -16.40
CA SER A 57 -19.25 -4.83 -15.79
C SER A 57 -19.64 -6.32 -15.81
N GLU A 80 -15.21 -17.02 -18.41
CA GLU A 80 -14.09 -17.03 -19.37
C GLU A 80 -12.99 -18.00 -18.90
N ARG A 81 -12.39 -18.73 -19.85
CA ARG A 81 -11.35 -19.70 -19.54
C ARG A 81 -10.14 -19.02 -18.86
N ASP A 82 -9.93 -17.73 -19.12
CA ASP A 82 -8.79 -17.01 -18.53
C ASP A 82 -8.80 -17.07 -16.99
N ARG A 83 -9.88 -17.58 -16.37
CA ARG A 83 -9.93 -17.68 -14.90
C ARG A 83 -8.79 -18.58 -14.41
N ASP A 84 -8.54 -19.68 -15.13
CA ASP A 84 -7.46 -20.59 -14.77
C ASP A 84 -6.12 -19.88 -15.00
N ARG A 85 -6.00 -19.16 -16.10
CA ARG A 85 -4.76 -18.42 -16.39
C ARG A 85 -4.51 -17.42 -15.26
N SER A 86 -5.56 -16.69 -14.89
CA SER A 86 -5.45 -15.72 -13.82
C SER A 86 -5.28 -16.42 -12.48
N ILE A 87 -5.77 -17.68 -12.34
CA ILE A 87 -5.58 -18.37 -11.07
C ILE A 87 -4.16 -18.84 -10.88
N ARG A 88 -3.47 -19.52 -11.84
CA ARG A 88 -2.10 -19.94 -11.49
C ARG A 88 -1.14 -18.75 -11.47
N LEU A 89 -1.63 -17.54 -11.85
CA LEU A 89 -0.82 -16.33 -11.64
C LEU A 89 -0.50 -16.28 -10.10
N VAL A 90 -1.25 -17.11 -9.31
CA VAL A 90 -1.05 -17.31 -7.87
C VAL A 90 0.40 -17.70 -7.67
N ASN A 91 0.79 -18.74 -8.40
CA ASN A 91 2.16 -19.21 -8.42
C ASN A 91 3.01 -18.22 -9.21
N GLY A 92 2.33 -17.44 -10.07
CA GLY A 92 2.95 -16.42 -10.89
C GLY A 92 3.68 -15.42 -10.00
N SER A 93 3.33 -15.38 -8.70
CA SER A 93 3.98 -14.48 -7.75
C SER A 93 5.48 -14.78 -7.76
N LEU A 94 5.85 -16.06 -7.89
CA LEU A 94 7.26 -16.44 -7.97
C LEU A 94 7.83 -15.76 -9.23
N ALA A 95 7.12 -15.92 -10.35
CA ALA A 95 7.53 -15.26 -11.59
C ALA A 95 7.59 -13.74 -11.41
N LEU A 96 6.68 -13.17 -10.60
CA LEU A 96 6.59 -11.72 -10.39
C LEU A 96 7.90 -11.14 -9.85
N ILE A 97 8.50 -11.78 -8.85
CA ILE A 97 9.76 -11.26 -8.31
C ILE A 97 10.82 -11.28 -9.43
N TRP A 98 10.69 -12.27 -10.32
CA TRP A 98 11.59 -12.41 -11.47
C TRP A 98 11.37 -11.28 -12.48
N ASP A 99 10.13 -10.73 -12.57
CA ASP A 99 9.85 -9.63 -13.51
C ASP A 99 10.80 -8.47 -13.23
N ASP A 100 10.98 -8.16 -11.94
CA ASP A 100 11.85 -7.08 -11.50
C ASP A 100 13.33 -7.44 -11.71
N LEU A 101 13.69 -8.67 -11.38
CA LEU A 101 15.08 -9.15 -11.50
C LEU A 101 15.52 -9.29 -12.96
N ARG A 102 14.57 -9.58 -13.86
CA ARG A 102 14.89 -9.78 -15.28
C ARG A 102 15.08 -8.48 -16.05
N SER A 103 14.40 -7.41 -15.64
CA SER A 103 14.50 -6.11 -16.32
C SER A 103 15.84 -5.42 -16.02
N LEU A 104 16.20 -5.42 -14.73
CA LEU A 104 17.42 -4.76 -14.25
C LEU A 104 18.71 -5.32 -14.88
N SER A 105 18.92 -6.64 -14.82
CA SER A 105 20.15 -7.23 -15.37
C SER A 105 19.97 -7.81 -16.77
N LEU A 106 18.74 -8.17 -17.15
CA LEU A 106 18.45 -8.78 -18.45
C LEU A 106 19.10 -10.18 -18.54
N PHE A 107 20.43 -10.22 -18.68
CA PHE A 107 21.16 -11.49 -18.74
C PHE A 107 22.41 -11.40 -17.86
N SER A 108 22.64 -12.44 -17.04
CA SER A 108 23.80 -12.47 -16.14
C SER A 108 23.75 -11.27 -15.19
N TYR A 109 24.61 -11.27 -14.16
CA TYR A 109 24.62 -10.17 -13.19
C TYR A 109 25.63 -9.08 -13.59
N HIS A 110 26.56 -9.40 -14.49
CA HIS A 110 27.55 -8.42 -14.97
C HIS A 110 26.84 -7.31 -15.76
N ARG A 111 25.77 -7.68 -16.45
CA ARG A 111 24.96 -6.75 -17.24
C ARG A 111 24.30 -5.70 -16.33
N LEU A 112 24.02 -6.06 -15.07
CA LEU A 112 23.34 -5.17 -14.14
C LEU A 112 24.13 -3.86 -13.91
N ARG A 113 25.46 -3.94 -13.69
CA ARG A 113 26.24 -2.71 -13.48
C ARG A 113 26.20 -1.86 -14.75
N ASP A 114 26.16 -2.54 -15.90
CA ASP A 114 26.09 -1.86 -17.20
C ASP A 114 24.73 -1.19 -17.39
N LEU A 115 23.65 -1.85 -16.95
CA LEU A 115 22.31 -1.28 -17.11
C LEU A 115 22.20 0.07 -16.39
N LEU A 116 22.82 0.20 -15.22
CA LEU A 116 22.74 1.44 -14.46
C LEU A 116 23.29 2.63 -15.26
N LEU A 117 24.35 2.40 -16.05
CA LEU A 117 24.96 3.47 -16.84
C LEU A 117 24.05 3.97 -17.97
N ILE A 118 23.41 3.06 -18.70
CA ILE A 118 22.51 3.48 -19.79
C ILE A 118 21.41 4.39 -19.24
N VAL A 119 20.92 4.10 -18.02
CA VAL A 119 19.83 4.89 -17.44
C VAL A 119 20.18 6.38 -17.46
N THR A 120 21.42 6.74 -17.07
CA THR A 120 21.81 8.15 -17.13
C THR A 120 21.81 8.62 -18.60
N ARG A 121 22.22 7.71 -19.49
CA ARG A 121 22.30 8.00 -20.93
C ARG A 121 20.91 8.20 -21.57
N ILE A 122 19.89 7.49 -21.10
CA ILE A 122 18.56 7.63 -21.70
C ILE A 122 17.95 9.01 -21.39
N VAL A 123 18.09 9.52 -20.15
CA VAL A 123 17.53 10.83 -19.82
C VAL A 123 18.21 11.92 -20.66
N GLU A 124 19.53 11.80 -20.87
CA GLU A 124 20.25 12.77 -21.69
C GLU A 124 19.75 12.70 -23.13
N LEU A 125 19.57 11.46 -23.62
CA LEU A 125 19.06 11.23 -24.97
C LEU A 125 17.62 11.74 -25.10
N LEU A 126 16.84 11.56 -24.02
CA LEU A 126 15.45 11.99 -23.99
C LEU A 126 15.36 13.53 -24.07
N GLY A 127 16.37 14.20 -23.50
CA GLY A 127 16.45 15.67 -23.49
C GLY A 127 15.95 16.29 -24.81
N ARG A 128 16.15 15.57 -25.92
CA ARG A 128 15.71 16.05 -27.24
C ARG A 128 14.17 15.91 -27.31
N ARG A 129 13.48 17.04 -27.43
CA ARG A 129 12.02 17.06 -27.51
C ARG A 129 11.40 16.31 -26.31
N LEU B 1 11.12 -3.25 42.93
CA LEU B 1 10.84 -3.33 41.47
C LEU B 1 10.04 -2.08 41.05
N LEU B 2 10.56 -1.36 40.05
CA LEU B 2 9.92 -0.15 39.55
C LEU B 2 9.71 0.85 40.68
N GLU B 3 10.57 1.86 40.74
CA GLU B 3 10.48 2.90 41.77
C GLU B 3 11.52 3.99 41.51
N LEU B 4 11.49 5.04 42.34
CA LEU B 4 12.42 6.17 42.20
C LEU B 4 13.87 5.68 42.11
N ASP B 5 14.21 4.71 42.95
CA ASP B 5 15.56 4.17 42.99
C ASP B 5 15.88 3.34 41.76
N LYS B 6 14.90 2.59 41.27
CA LYS B 6 15.09 1.75 40.08
C LYS B 6 15.23 2.60 38.82
N TRP B 7 14.35 3.58 38.65
CA TRP B 7 14.39 4.46 37.49
C TRP B 7 15.63 5.34 37.50
N ALA B 8 15.92 5.93 38.66
CA ALA B 8 17.10 6.80 38.79
C ALA B 8 18.40 6.00 38.63
N SER B 9 18.35 4.68 38.80
CA SER B 9 19.52 3.83 38.67
C SER B 9 20.00 3.79 37.22
N LEU B 10 19.06 3.82 36.27
CA LEU B 10 19.39 3.77 34.84
C LEU B 10 20.28 4.95 34.44
N TRP B 11 20.14 6.07 35.15
CA TRP B 11 20.92 7.28 34.86
C TRP B 11 22.43 7.03 35.00
N ASN B 12 22.81 6.07 35.85
CA ASN B 12 24.22 5.74 36.06
C ASN B 12 24.73 4.69 35.05
N TRP B 13 23.83 4.07 34.29
CA TRP B 13 24.21 3.06 33.30
C TRP B 13 24.86 3.71 32.07
N PHE B 14 24.16 4.67 31.47
CA PHE B 14 24.65 5.38 30.28
C PHE B 14 24.90 4.40 29.10
N ASP B 15 24.16 3.29 29.08
CA ASP B 15 24.31 2.29 28.00
C ASP B 15 22.94 1.80 27.48
N ILE B 16 22.30 0.90 28.22
CA ILE B 16 20.99 0.35 27.83
C ILE B 16 19.88 1.43 27.90
N THR B 17 19.99 2.31 28.91
CA THR B 17 19.01 3.38 29.13
C THR B 17 18.75 4.21 27.87
N ASN B 18 19.77 4.40 27.02
CA ASN B 18 19.60 5.21 25.82
C ASN B 18 18.45 4.64 24.98
N TRP B 19 18.46 3.33 24.78
CA TRP B 19 17.41 2.67 24.02
C TRP B 19 16.05 2.90 24.69
N LEU B 20 16.02 2.90 26.02
CA LEU B 20 14.78 3.07 26.78
C LEU B 20 14.08 4.41 26.45
N TRP B 21 14.85 5.50 26.37
CA TRP B 21 14.27 6.81 26.11
C TRP B 21 14.16 7.12 24.61
N TYR B 22 15.19 6.77 23.84
CA TYR B 22 15.21 7.04 22.39
C TYR B 22 14.13 6.26 21.63
N ILE B 23 13.70 5.10 22.17
CA ILE B 23 12.67 4.30 21.50
C ILE B 23 11.36 5.09 21.37
N ARG B 24 11.04 5.91 22.38
CA ARG B 24 9.81 6.72 22.35
C ARG B 24 9.78 7.62 21.10
N ILE B 25 10.90 8.31 20.83
CA ILE B 25 10.99 9.17 19.65
C ILE B 25 10.99 8.30 18.38
N PHE B 26 11.60 7.12 18.48
CA PHE B 26 11.69 6.17 17.37
C PHE B 26 10.29 5.76 16.89
N ILE B 27 9.31 5.75 17.80
CA ILE B 27 7.94 5.35 17.43
C ILE B 27 7.38 6.30 16.36
N ILE B 28 7.50 7.60 16.59
CA ILE B 28 7.03 8.60 15.63
C ILE B 28 7.82 8.46 14.33
N ILE B 29 9.13 8.27 14.45
CA ILE B 29 10.00 8.12 13.27
C ILE B 29 9.52 6.91 12.45
N VAL B 30 9.08 5.85 13.14
CA VAL B 30 8.57 4.65 12.47
C VAL B 30 7.29 5.00 11.71
N GLY B 31 6.37 5.73 12.35
CA GLY B 31 5.10 6.12 11.71
C GLY B 31 5.33 6.76 10.33
N SER B 32 6.49 7.38 10.15
CA SER B 32 6.84 8.08 8.91
C SER B 32 6.84 7.19 7.65
N LEU B 33 7.41 5.97 7.74
CA LEU B 33 7.50 5.08 6.55
C LEU B 33 6.11 4.75 5.98
N ILE B 34 5.08 4.66 6.83
CA ILE B 34 3.73 4.29 6.36
C ILE B 34 3.28 5.28 5.26
N GLY B 35 3.52 6.58 5.50
CA GLY B 35 3.18 7.60 4.50
C GLY B 35 3.98 7.36 3.21
N LEU B 36 5.20 6.83 3.36
CA LEU B 36 6.09 6.53 2.23
C LEU B 36 5.41 5.58 1.24
N ARG B 37 4.66 4.62 1.77
CA ARG B 37 3.97 3.60 0.97
C ARG B 37 3.05 4.19 -0.11
N ILE B 38 2.50 5.39 0.10
CA ILE B 38 1.60 5.95 -0.92
C ILE B 38 2.37 6.10 -2.25
N VAL B 39 3.66 6.43 -2.19
CA VAL B 39 4.49 6.55 -3.40
C VAL B 39 4.58 5.18 -4.12
N PHE B 40 4.52 4.08 -3.35
CA PHE B 40 4.58 2.73 -3.93
C PHE B 40 3.48 2.57 -4.98
N ALA B 41 2.35 3.27 -4.79
CA ALA B 41 1.27 3.23 -5.78
C ALA B 41 1.84 3.70 -7.12
N VAL B 42 2.74 4.70 -7.04
CA VAL B 42 3.43 5.22 -8.22
C VAL B 42 4.33 4.09 -8.79
N LEU B 43 4.96 3.33 -7.89
CA LEU B 43 5.82 2.20 -8.25
C LEU B 43 5.05 1.18 -9.07
N SER B 44 3.77 0.98 -8.75
CA SER B 44 2.94 0.00 -9.45
C SER B 44 2.81 0.35 -10.94
N LEU B 45 2.76 1.64 -11.25
CA LEU B 45 2.68 2.09 -12.62
C LEU B 45 3.98 1.68 -13.35
N VAL B 46 5.09 1.90 -12.66
CA VAL B 46 6.42 1.54 -13.15
C VAL B 46 6.52 0.02 -13.28
N ASN B 47 5.99 -0.68 -12.29
CA ASN B 47 6.00 -2.14 -12.26
C ASN B 47 5.21 -2.72 -13.45
N ARG B 48 4.12 -2.05 -13.83
CA ARG B 48 3.31 -2.53 -14.94
C ARG B 48 4.05 -2.37 -16.25
N VAL B 49 4.58 -1.18 -16.43
CA VAL B 49 5.26 -0.82 -17.65
C VAL B 49 6.67 -1.35 -17.79
N ARG B 50 7.45 -1.24 -16.73
CA ARG B 50 8.85 -1.63 -16.83
C ARG B 50 9.06 -3.13 -17.08
N GLN B 51 8.35 -4.00 -16.36
CA GLN B 51 8.50 -5.44 -16.57
C GLN B 51 7.32 -6.10 -17.31
N GLY B 52 6.17 -5.47 -17.20
CA GLY B 52 4.93 -5.98 -17.82
C GLY B 52 3.79 -5.93 -16.80
N TYR B 53 2.58 -6.36 -17.20
CA TYR B 53 1.40 -6.32 -16.30
C TYR B 53 0.75 -7.71 -16.13
N SER B 54 0.22 -8.28 -17.22
CA SER B 54 -0.43 -9.59 -17.16
C SER B 54 0.61 -10.66 -16.79
N PRO B 55 0.21 -11.84 -16.27
CA PRO B 55 1.16 -12.93 -15.88
C PRO B 55 2.45 -12.93 -16.74
N LEU B 56 3.59 -12.69 -16.08
CA LEU B 56 4.88 -12.58 -16.76
C LEU B 56 5.62 -13.91 -16.95
N SER B 57 5.00 -15.05 -16.59
CA SER B 57 5.67 -16.36 -16.75
C SER B 57 6.28 -16.47 -18.16
N GLU B 80 12.36 -7.82 -23.17
CA GLU B 80 11.66 -6.59 -22.84
C GLU B 80 12.52 -5.34 -23.11
N ARG B 81 12.59 -4.96 -24.40
CA ARG B 81 13.37 -3.79 -24.82
C ARG B 81 12.76 -2.48 -24.26
N ASP B 82 11.45 -2.48 -23.99
CA ASP B 82 10.75 -1.29 -23.49
C ASP B 82 11.39 -0.72 -22.19
N ARG B 83 12.39 -1.40 -21.61
CA ARG B 83 13.03 -0.90 -20.37
C ARG B 83 13.55 0.53 -20.61
N ASP B 84 13.98 0.83 -21.84
CA ASP B 84 14.42 2.20 -22.15
C ASP B 84 13.19 3.10 -22.16
N ARG B 85 12.05 2.53 -22.59
CA ARG B 85 10.77 3.23 -22.62
C ARG B 85 10.29 3.52 -21.21
N SER B 86 10.34 2.50 -20.34
CA SER B 86 9.90 2.66 -18.97
C SER B 86 10.67 3.79 -18.31
N ILE B 87 11.94 3.95 -18.67
CA ILE B 87 12.74 5.05 -18.11
C ILE B 87 11.99 6.40 -18.31
N ARG B 88 11.09 6.49 -19.29
CA ARG B 88 10.34 7.75 -19.51
C ARG B 88 9.56 8.08 -18.21
N LEU B 89 9.31 7.05 -17.39
CA LEU B 89 8.62 7.24 -16.10
C LEU B 89 9.37 8.31 -15.27
N VAL B 90 10.68 8.49 -15.56
CA VAL B 90 11.50 9.49 -14.87
C VAL B 90 10.80 10.85 -15.03
N ASN B 91 10.52 11.18 -16.28
CA ASN B 91 9.76 12.38 -16.62
C ASN B 91 8.27 12.16 -16.26
N GLY B 92 7.88 10.88 -16.16
CA GLY B 92 6.52 10.47 -15.89
C GLY B 92 5.98 11.07 -14.59
N SER B 93 6.87 11.49 -13.67
CA SER B 93 6.43 12.06 -12.40
C SER B 93 5.61 13.33 -12.67
N LEU B 94 6.08 14.15 -13.61
CA LEU B 94 5.38 15.39 -13.98
C LEU B 94 4.06 15.07 -14.67
N ALA B 95 4.12 14.16 -15.63
CA ALA B 95 2.95 13.74 -16.41
C ALA B 95 1.91 12.98 -15.55
N LEU B 96 2.37 12.20 -14.57
CA LEU B 96 1.47 11.38 -13.76
C LEU B 96 0.41 12.22 -13.05
N ILE B 97 0.81 13.34 -12.44
CA ILE B 97 -0.15 14.20 -11.77
C ILE B 97 -1.00 14.93 -12.83
N TRP B 98 -0.36 15.27 -13.96
CA TRP B 98 -1.03 15.98 -15.05
C TRP B 98 -2.09 15.13 -15.78
N ASP B 99 -1.92 13.80 -15.87
CA ASP B 99 -2.92 12.98 -16.58
C ASP B 99 -4.31 13.23 -15.98
N ASP B 100 -4.39 13.23 -14.64
CA ASP B 100 -5.64 13.48 -13.93
C ASP B 100 -6.09 14.95 -14.05
N LEU B 101 -5.17 15.90 -13.85
CA LEU B 101 -5.51 17.34 -13.89
C LEU B 101 -5.85 17.86 -15.30
N ARG B 102 -5.03 17.50 -16.27
CA ARG B 102 -5.19 17.97 -17.65
C ARG B 102 -6.55 17.60 -18.25
N SER B 103 -6.94 16.33 -18.14
CA SER B 103 -8.21 15.87 -18.70
C SER B 103 -9.39 16.37 -17.86
N LEU B 104 -9.21 16.37 -16.54
CA LEU B 104 -10.25 16.79 -15.60
C LEU B 104 -10.60 18.29 -15.73
N SER B 105 -9.59 19.18 -15.67
CA SER B 105 -9.84 20.62 -15.77
C SER B 105 -9.59 21.15 -17.19
N LEU B 106 -8.43 20.79 -17.76
CA LEU B 106 -8.03 21.23 -19.12
C LEU B 106 -7.52 22.69 -19.11
N PHE B 107 -6.22 22.84 -18.88
CA PHE B 107 -5.55 24.14 -18.85
C PHE B 107 -6.07 25.07 -17.74
N SER B 108 -7.27 25.64 -17.91
CA SER B 108 -7.84 26.56 -16.94
C SER B 108 -8.56 25.82 -15.82
N TYR B 109 -8.80 26.52 -14.70
CA TYR B 109 -9.50 25.92 -13.55
C TYR B 109 -11.01 26.24 -13.61
N HIS B 110 -11.38 27.31 -14.33
CA HIS B 110 -12.79 27.68 -14.48
C HIS B 110 -13.50 26.61 -15.32
N ARG B 111 -12.79 26.13 -16.35
CA ARG B 111 -13.29 25.09 -17.25
C ARG B 111 -13.63 23.81 -16.48
N LEU B 112 -12.94 23.55 -15.36
CA LEU B 112 -13.16 22.33 -14.59
C LEU B 112 -14.62 22.26 -14.15
N ARG B 113 -15.26 23.42 -13.93
CA ARG B 113 -16.69 23.44 -13.59
C ARG B 113 -17.48 22.78 -14.73
N ASP B 114 -16.99 22.95 -15.97
CA ASP B 114 -17.63 22.37 -17.15
C ASP B 114 -17.51 20.84 -17.09
N LEU B 115 -16.28 20.34 -16.84
CA LEU B 115 -16.06 18.91 -16.73
C LEU B 115 -16.92 18.34 -15.60
N LEU B 116 -17.04 19.11 -14.52
CA LEU B 116 -17.81 18.72 -13.34
C LEU B 116 -19.27 18.42 -13.69
N LEU B 117 -19.84 19.19 -14.63
CA LEU B 117 -21.24 18.99 -15.02
C LEU B 117 -21.44 17.73 -15.87
N ILE B 118 -20.44 17.35 -16.67
CA ILE B 118 -20.57 16.16 -17.50
C ILE B 118 -20.56 14.88 -16.65
N VAL B 119 -19.74 14.84 -15.59
CA VAL B 119 -19.69 13.63 -14.76
C VAL B 119 -21.02 13.41 -14.03
N THR B 120 -21.65 14.49 -13.54
CA THR B 120 -22.93 14.35 -12.82
C THR B 120 -24.04 13.80 -13.73
N ARG B 121 -24.18 14.37 -14.92
CA ARG B 121 -25.23 13.93 -15.84
C ARG B 121 -24.97 12.50 -16.36
N ILE B 122 -23.69 12.18 -16.61
CA ILE B 122 -23.33 10.85 -17.14
C ILE B 122 -23.67 9.73 -16.13
N VAL B 123 -23.38 9.93 -14.83
CA VAL B 123 -23.70 8.89 -13.84
C VAL B 123 -25.20 8.63 -13.85
N GLU B 124 -26.01 9.68 -14.00
CA GLU B 124 -27.46 9.53 -14.03
C GLU B 124 -27.87 8.64 -15.23
N LEU B 125 -27.22 8.88 -16.38
CA LEU B 125 -27.50 8.11 -17.59
C LEU B 125 -27.11 6.64 -17.40
N LEU B 126 -25.95 6.40 -16.78
CA LEU B 126 -25.47 5.04 -16.55
C LEU B 126 -26.11 4.40 -15.31
N GLY B 127 -26.75 5.21 -14.46
CA GLY B 127 -27.40 4.71 -13.25
C GLY B 127 -28.37 3.56 -13.57
N ARG B 128 -29.16 3.75 -14.63
CA ARG B 128 -30.13 2.73 -15.05
C ARG B 128 -29.39 1.58 -15.76
N ARG B 129 -29.85 0.35 -15.50
CA ARG B 129 -29.23 -0.83 -16.12
C ARG B 129 -30.29 -1.83 -16.57
N LEU C 1 11.60 12.38 38.69
CA LEU C 1 12.28 11.07 38.95
C LEU C 1 11.27 9.92 38.94
N LEU C 2 10.06 10.16 38.40
CA LEU C 2 9.02 9.13 38.33
C LEU C 2 8.62 8.63 39.72
N GLU C 3 7.35 8.79 40.07
CA GLU C 3 6.86 8.36 41.38
C GLU C 3 5.33 8.50 41.46
N LEU C 4 4.76 7.99 42.55
CA LEU C 4 3.32 8.06 42.78
C LEU C 4 2.87 9.52 42.77
N ASP C 5 3.56 10.33 43.56
CA ASP C 5 3.26 11.76 43.66
C ASP C 5 3.71 12.52 42.40
N LYS C 6 4.57 11.90 41.59
CA LYS C 6 5.07 12.52 40.37
C LYS C 6 4.05 12.38 39.24
N TRP C 7 3.50 11.17 39.07
CA TRP C 7 2.53 10.91 38.02
C TRP C 7 1.26 11.76 38.22
N ALA C 8 0.77 11.78 39.47
CA ALA C 8 -0.44 12.55 39.79
C ALA C 8 -0.24 14.06 39.59
N SER C 9 1.02 14.51 39.59
CA SER C 9 1.33 15.93 39.41
C SER C 9 1.04 16.39 37.98
N LEU C 10 1.21 15.49 37.01
CA LEU C 10 0.96 15.81 35.59
C LEU C 10 -0.52 16.14 35.33
N TRP C 11 -1.41 15.47 36.06
CA TRP C 11 -2.86 15.68 35.87
C TRP C 11 -3.25 17.14 36.14
N ASN C 12 -2.47 17.83 36.98
CA ASN C 12 -2.73 19.22 37.32
C ASN C 12 -2.30 20.17 36.18
N TRP C 13 -1.24 19.79 35.45
CA TRP C 13 -0.74 20.63 34.35
C TRP C 13 -1.85 20.91 33.34
N PHE C 14 -2.65 19.89 33.03
CA PHE C 14 -3.78 20.03 32.11
C PHE C 14 -3.32 20.59 30.74
N ASP C 15 -2.11 20.21 30.31
CA ASP C 15 -1.59 20.70 29.02
C ASP C 15 -0.66 19.66 28.35
N ILE C 16 0.57 19.51 28.88
CA ILE C 16 1.55 18.58 28.32
C ILE C 16 1.12 17.11 28.49
N THR C 17 0.49 16.81 29.64
CA THR C 17 0.07 15.45 29.95
C THR C 17 -0.76 14.85 28.80
N ASN C 18 -1.53 15.68 28.11
CA ASN C 18 -2.35 15.20 26.99
C ASN C 18 -1.44 14.53 25.95
N TRP C 19 -0.35 15.22 25.57
CA TRP C 19 0.60 14.70 24.60
C TRP C 19 1.30 13.44 25.17
N LEU C 20 1.67 13.48 26.45
CA LEU C 20 2.35 12.35 27.10
C LEU C 20 1.46 11.10 27.21
N TRP C 21 0.16 11.31 27.45
CA TRP C 21 -0.77 10.18 27.66
C TRP C 21 -1.60 9.81 26.42
N TYR C 22 -1.73 10.71 25.44
CA TYR C 22 -2.53 10.40 24.24
C TYR C 22 -1.71 9.70 23.15
N ILE C 23 -0.38 9.80 23.24
CA ILE C 23 0.50 9.17 22.23
C ILE C 23 0.36 7.64 22.24
N ARG C 24 0.19 7.04 23.43
CA ARG C 24 0.05 5.58 23.53
C ARG C 24 -1.13 5.09 22.68
N ILE C 25 -2.27 5.77 22.81
CA ILE C 25 -3.46 5.44 22.02
C ILE C 25 -3.15 5.75 20.54
N PHE C 26 -2.31 6.76 20.33
CA PHE C 26 -1.90 7.19 18.99
C PHE C 26 -1.17 6.05 18.27
N ILE C 27 -0.44 5.22 19.03
CA ILE C 27 0.31 4.11 18.45
C ILE C 27 -0.64 3.13 17.75
N ILE C 28 -1.71 2.74 18.46
CA ILE C 28 -2.69 1.82 17.90
C ILE C 28 -3.36 2.48 16.68
N ILE C 29 -3.67 3.78 16.80
CA ILE C 29 -4.30 4.52 15.71
C ILE C 29 -3.39 4.49 14.46
N VAL C 30 -2.07 4.57 14.65
CA VAL C 30 -1.13 4.53 13.51
C VAL C 30 -1.40 3.27 12.69
N GLY C 31 -1.64 2.14 13.37
CA GLY C 31 -1.97 0.88 12.69
C GLY C 31 -3.14 1.10 11.75
N SER C 32 -4.13 1.86 12.24
CA SER C 32 -5.31 2.21 11.44
C SER C 32 -4.89 3.12 10.29
N LEU C 33 -3.93 4.03 10.58
CA LEU C 33 -3.43 4.97 9.59
C LEU C 33 -2.84 4.22 8.40
N ILE C 34 -2.02 3.20 8.68
CA ILE C 34 -1.40 2.41 7.63
C ILE C 34 -2.46 1.58 6.87
N GLY C 35 -3.44 0.99 7.58
CA GLY C 35 -4.48 0.20 6.91
C GLY C 35 -5.28 1.08 5.93
N LEU C 36 -5.43 2.37 6.27
CA LEU C 36 -6.15 3.33 5.41
C LEU C 36 -5.57 3.34 3.99
N ARG C 37 -4.24 3.22 3.90
CA ARG C 37 -3.51 3.24 2.63
C ARG C 37 -3.99 2.21 1.60
N ILE C 38 -4.54 1.07 2.05
CA ILE C 38 -4.93 0.00 1.12
C ILE C 38 -5.95 0.50 0.07
N VAL C 39 -6.86 1.41 0.45
CA VAL C 39 -7.85 1.95 -0.51
C VAL C 39 -7.11 2.53 -1.73
N PHE C 40 -5.88 3.04 -1.54
CA PHE C 40 -5.12 3.60 -2.67
C PHE C 40 -4.95 2.57 -3.77
N ALA C 41 -4.86 1.28 -3.39
CA ALA C 41 -4.75 0.19 -4.38
C ALA C 41 -6.01 0.19 -5.26
N VAL C 42 -7.15 0.41 -4.60
CA VAL C 42 -8.45 0.50 -5.27
C VAL C 42 -8.49 1.78 -6.13
N LEU C 43 -7.92 2.86 -5.59
CA LEU C 43 -7.86 4.16 -6.28
C LEU C 43 -6.97 4.05 -7.52
N SER C 44 -5.85 3.32 -7.42
CA SER C 44 -4.93 3.16 -8.55
C SER C 44 -5.62 2.44 -9.70
N LEU C 45 -6.56 1.55 -9.37
CA LEU C 45 -7.32 0.83 -10.38
C LEU C 45 -8.15 1.84 -11.17
N VAL C 46 -8.80 2.73 -10.45
CA VAL C 46 -9.62 3.78 -11.04
C VAL C 46 -8.73 4.71 -11.87
N ASN C 47 -7.61 5.10 -11.29
CA ASN C 47 -6.63 5.95 -11.94
C ASN C 47 -6.03 5.30 -13.18
N ARG C 48 -5.82 4.00 -13.14
CA ARG C 48 -5.18 3.29 -14.24
C ARG C 48 -5.98 3.44 -15.51
N VAL C 49 -7.27 3.15 -15.42
CA VAL C 49 -8.15 3.21 -16.57
C VAL C 49 -8.55 4.63 -16.96
N ARG C 50 -8.87 5.44 -15.96
CA ARG C 50 -9.37 6.77 -16.25
C ARG C 50 -8.37 7.70 -16.95
N GLN C 51 -7.11 7.73 -16.51
CA GLN C 51 -6.11 8.60 -17.15
C GLN C 51 -5.14 7.85 -18.06
N GLY C 52 -4.98 6.57 -17.79
CA GLY C 52 -4.07 5.69 -18.53
C GLY C 52 -2.99 5.14 -17.57
N TYR C 53 -2.04 4.36 -18.08
CA TYR C 53 -0.97 3.80 -17.21
C TYR C 53 0.40 3.85 -17.89
N SER C 54 0.48 3.49 -19.17
CA SER C 54 1.75 3.53 -19.89
C SER C 54 2.22 4.99 -19.94
N PRO C 55 3.53 5.29 -19.91
CA PRO C 55 4.05 6.70 -19.94
C PRO C 55 3.09 7.66 -20.65
N LEU C 56 2.26 8.30 -19.83
CA LEU C 56 1.20 9.19 -20.31
C LEU C 56 1.70 10.49 -20.92
N SER C 57 2.99 10.80 -20.79
CA SER C 57 3.56 12.07 -21.33
C SER C 57 2.84 12.52 -22.62
N GLU C 80 -10.89 13.45 -25.57
CA GLU C 80 -11.85 13.89 -24.56
C GLU C 80 -12.95 12.84 -24.34
N ARG C 81 -13.37 12.25 -25.44
CA ARG C 81 -14.43 11.23 -25.45
C ARG C 81 -14.04 10.01 -24.58
N ASP C 82 -12.74 9.77 -24.44
CA ASP C 82 -12.25 8.62 -23.68
C ASP C 82 -12.73 8.65 -22.21
N ARG C 83 -12.86 9.86 -21.65
CA ARG C 83 -13.30 10.02 -20.26
C ARG C 83 -14.74 9.61 -20.05
N ASP C 84 -15.58 9.71 -21.09
CA ASP C 84 -16.99 9.33 -20.94
C ASP C 84 -17.09 7.87 -20.50
N ARG C 85 -16.21 7.03 -21.01
CA ARG C 85 -16.18 5.62 -20.60
C ARG C 85 -15.65 5.51 -19.18
N SER C 86 -14.58 6.27 -18.88
CA SER C 86 -13.98 6.23 -17.55
C SER C 86 -15.00 6.62 -16.48
N ILE C 87 -15.88 7.59 -16.76
CA ILE C 87 -16.91 7.97 -15.78
C ILE C 87 -17.74 6.73 -15.41
N ARG C 88 -17.73 5.69 -16.27
CA ARG C 88 -18.48 4.47 -15.97
C ARG C 88 -17.99 3.88 -14.64
N LEU C 89 -16.74 4.17 -14.27
CA LEU C 89 -16.15 3.67 -13.02
C LEU C 89 -17.01 4.06 -11.81
N VAL C 90 -17.73 5.20 -11.88
CA VAL C 90 -18.55 5.64 -10.74
C VAL C 90 -19.50 4.50 -10.37
N ASN C 91 -20.27 4.04 -11.36
CA ASN C 91 -21.12 2.87 -11.19
C ASN C 91 -20.25 1.61 -11.15
N GLY C 92 -19.09 1.71 -11.80
CA GLY C 92 -18.14 0.61 -11.92
C GLY C 92 -17.70 0.10 -10.56
N SER C 93 -17.85 0.91 -9.51
CA SER C 93 -17.46 0.47 -8.16
C SER C 93 -18.25 -0.79 -7.80
N LEU C 94 -19.52 -0.83 -8.20
CA LEU C 94 -20.38 -1.97 -7.95
C LEU C 94 -19.93 -3.17 -8.78
N ALA C 95 -19.77 -2.95 -10.08
CA ALA C 95 -19.33 -3.98 -11.01
C ALA C 95 -17.91 -4.51 -10.71
N LEU C 96 -17.02 -3.63 -10.23
CA LEU C 96 -15.62 -4.01 -9.95
C LEU C 96 -15.55 -5.15 -8.94
N ILE C 97 -16.33 -5.03 -7.87
CA ILE C 97 -16.36 -6.07 -6.84
C ILE C 97 -17.04 -7.34 -7.38
N TRP C 98 -18.03 -7.16 -8.26
CA TRP C 98 -18.77 -8.29 -8.83
C TRP C 98 -17.92 -9.15 -9.78
N ASP C 99 -16.94 -8.57 -10.51
CA ASP C 99 -16.12 -9.37 -11.43
C ASP C 99 -15.47 -10.52 -10.65
N ASP C 100 -14.89 -10.20 -9.50
CA ASP C 100 -14.23 -11.19 -8.65
C ASP C 100 -15.24 -12.15 -7.99
N LEU C 101 -16.33 -11.61 -7.45
CA LEU C 101 -17.34 -12.45 -6.76
C LEU C 101 -18.08 -13.41 -7.70
N ARG C 102 -18.52 -12.91 -8.85
CA ARG C 102 -19.26 -13.73 -9.81
C ARG C 102 -18.39 -14.86 -10.40
N SER C 103 -17.19 -14.51 -10.88
CA SER C 103 -16.30 -15.51 -11.47
C SER C 103 -15.85 -16.54 -10.41
N LEU C 104 -15.48 -16.04 -9.24
CA LEU C 104 -15.00 -16.88 -8.13
C LEU C 104 -16.11 -17.76 -7.53
N SER C 105 -17.22 -17.16 -7.11
CA SER C 105 -18.32 -17.93 -6.50
C SER C 105 -19.43 -18.24 -7.51
N LEU C 106 -19.87 -17.22 -8.27
CA LEU C 106 -20.95 -17.38 -9.25
C LEU C 106 -22.30 -17.51 -8.53
N PHE C 107 -23.29 -16.71 -8.96
CA PHE C 107 -24.66 -16.66 -8.40
C PHE C 107 -24.97 -17.78 -7.39
N SER C 108 -25.37 -17.38 -6.17
CA SER C 108 -25.70 -18.33 -5.10
C SER C 108 -24.59 -19.37 -4.96
N TYR C 109 -23.62 -19.08 -4.07
CA TYR C 109 -22.44 -19.94 -3.78
C TYR C 109 -22.37 -21.20 -4.67
N HIS C 110 -22.83 -22.38 -4.17
CA HIS C 110 -22.83 -23.64 -4.95
C HIS C 110 -21.55 -23.83 -5.81
N ARG C 111 -21.47 -23.13 -6.94
CA ARG C 111 -20.33 -23.19 -7.85
C ARG C 111 -19.03 -22.84 -7.09
N LEU C 112 -19.12 -22.02 -6.03
CA LEU C 112 -17.94 -21.63 -5.26
C LEU C 112 -17.25 -22.88 -4.69
N ARG C 113 -18.04 -23.86 -4.25
CA ARG C 113 -17.45 -25.10 -3.73
C ARG C 113 -16.56 -25.70 -4.83
N ASP C 114 -17.02 -25.59 -6.08
CA ASP C 114 -16.27 -26.05 -7.23
C ASP C 114 -15.04 -25.16 -7.45
N LEU C 115 -15.18 -23.84 -7.17
CA LEU C 115 -14.05 -22.92 -7.34
C LEU C 115 -12.87 -23.38 -6.50
N LEU C 116 -13.13 -23.80 -5.25
CA LEU C 116 -12.06 -24.26 -4.37
C LEU C 116 -11.29 -25.44 -4.97
N LEU C 117 -12.03 -26.38 -5.56
CA LEU C 117 -11.40 -27.55 -6.19
C LEU C 117 -10.72 -27.16 -7.50
N ILE C 118 -11.29 -26.18 -8.21
CA ILE C 118 -10.73 -25.73 -9.46
C ILE C 118 -9.33 -25.15 -9.23
N VAL C 119 -9.13 -24.44 -8.11
CA VAL C 119 -7.82 -23.83 -7.82
C VAL C 119 -6.70 -24.87 -7.88
N THR C 120 -6.93 -26.05 -7.30
CA THR C 120 -5.89 -27.08 -7.31
C THR C 120 -5.57 -27.52 -8.74
N ARG C 121 -6.59 -27.69 -9.57
CA ARG C 121 -6.36 -28.12 -10.96
C ARG C 121 -5.65 -27.03 -11.78
N ILE C 122 -5.90 -25.74 -11.47
CA ILE C 122 -5.28 -24.66 -12.23
C ILE C 122 -3.75 -24.78 -12.24
N VAL C 123 -3.15 -25.17 -11.11
CA VAL C 123 -1.68 -25.25 -11.07
C VAL C 123 -1.16 -26.11 -12.23
N GLU C 124 -1.89 -27.18 -12.56
CA GLU C 124 -1.50 -28.06 -13.66
C GLU C 124 -1.30 -27.30 -14.98
N LEU C 125 -2.21 -26.34 -15.29
CA LEU C 125 -2.15 -25.60 -16.56
C LEU C 125 -0.87 -24.75 -16.73
N LEU C 126 -0.46 -24.01 -15.69
CA LEU C 126 0.76 -23.18 -15.78
C LEU C 126 2.00 -24.08 -15.61
N GLY C 127 1.86 -25.16 -14.82
CA GLY C 127 2.94 -26.11 -14.58
C GLY C 127 3.63 -26.48 -15.89
N ARG C 128 2.84 -26.62 -16.96
CA ARG C 128 3.37 -26.94 -18.28
C ARG C 128 3.55 -25.64 -19.07
N ARG C 129 4.65 -25.52 -19.80
CA ARG C 129 4.94 -24.31 -20.58
C ARG C 129 6.07 -24.57 -21.58
N LEU A 1 -0.59 5.11 43.61
CA LEU A 1 -1.36 4.58 42.43
C LEU A 1 -0.41 3.89 41.44
N LEU A 2 0.79 3.52 41.90
CA LEU A 2 1.81 2.85 41.07
C LEU A 2 3.09 2.70 41.90
N GLU A 3 3.65 1.48 41.95
CA GLU A 3 4.86 1.23 42.72
C GLU A 3 5.42 -0.17 42.46
N LEU A 4 6.56 -0.48 43.09
CA LEU A 4 7.21 -1.78 42.95
C LEU A 4 6.22 -2.92 43.22
N ASP A 5 5.53 -2.82 44.35
CA ASP A 5 4.55 -3.83 44.75
C ASP A 5 3.37 -3.89 43.79
N LYS A 6 3.03 -2.76 43.17
CA LYS A 6 1.90 -2.70 42.24
C LYS A 6 2.25 -3.39 40.91
N TRP A 7 3.42 -3.05 40.37
CA TRP A 7 3.89 -3.65 39.10
C TRP A 7 4.09 -5.15 39.27
N ALA A 8 4.74 -5.53 40.36
CA ALA A 8 5.01 -6.95 40.64
C ALA A 8 3.71 -7.72 40.93
N SER A 9 2.64 -7.01 41.31
CA SER A 9 1.35 -7.64 41.62
C SER A 9 0.68 -8.15 40.33
N LEU A 10 0.90 -7.46 39.22
CA LEU A 10 0.31 -7.84 37.94
C LEU A 10 0.73 -9.24 37.52
N TRP A 11 1.98 -9.63 37.85
CA TRP A 11 2.49 -10.96 37.50
C TRP A 11 1.63 -12.06 38.14
N ASN A 12 0.83 -11.70 39.14
CA ASN A 12 -0.05 -12.66 39.80
C ASN A 12 -1.35 -12.87 39.01
N TRP A 13 -1.74 -11.85 38.22
CA TRP A 13 -2.95 -11.91 37.40
C TRP A 13 -2.85 -13.06 36.39
N PHE A 14 -1.67 -13.23 35.79
CA PHE A 14 -1.43 -14.30 34.82
C PHE A 14 -2.37 -14.17 33.60
N ASP A 15 -2.68 -12.93 33.20
CA ASP A 15 -3.57 -12.70 32.05
C ASP A 15 -3.33 -11.33 31.42
N ILE A 16 -3.66 -10.26 32.16
CA ILE A 16 -3.49 -8.88 31.66
C ILE A 16 -2.00 -8.54 31.45
N THR A 17 -1.14 -9.02 32.33
CA THR A 17 0.30 -8.71 32.25
C THR A 17 0.86 -9.02 30.86
N ASN A 18 0.36 -10.08 30.20
CA ASN A 18 0.87 -10.43 28.87
C ASN A 18 0.58 -9.29 27.88
N TRP A 19 -0.67 -8.84 27.82
CA TRP A 19 -1.05 -7.73 26.95
C TRP A 19 -0.35 -6.43 27.41
N LEU A 20 -0.36 -6.22 28.72
CA LEU A 20 0.22 -5.02 29.32
C LEU A 20 1.73 -4.87 29.05
N TRP A 21 2.45 -6.00 29.01
CA TRP A 21 3.92 -5.95 28.82
C TRP A 21 4.36 -6.27 27.38
N TYR A 22 3.89 -7.39 26.81
CA TYR A 22 4.31 -7.78 25.46
C TYR A 22 3.97 -6.73 24.39
N ILE A 23 3.16 -5.71 24.75
CA ILE A 23 2.83 -4.65 23.79
C ILE A 23 4.09 -3.93 23.33
N ARG A 24 5.07 -3.75 24.22
CA ARG A 24 6.33 -3.06 23.88
C ARG A 24 6.98 -3.73 22.66
N ILE A 25 7.07 -5.07 22.68
CA ILE A 25 7.65 -5.81 21.56
C ILE A 25 6.70 -5.73 20.36
N PHE A 26 5.39 -5.74 20.64
CA PHE A 26 4.37 -5.67 19.62
C PHE A 26 4.49 -4.38 18.79
N ILE A 27 4.98 -3.29 19.41
CA ILE A 27 5.13 -2.03 18.68
C ILE A 27 6.09 -2.22 17.50
N ILE A 28 7.25 -2.82 17.78
CA ILE A 28 8.23 -3.09 16.73
C ILE A 28 7.60 -4.03 15.69
N ILE A 29 6.81 -5.00 16.18
CA ILE A 29 6.12 -5.95 15.31
C ILE A 29 5.17 -5.20 14.36
N VAL A 30 4.51 -4.12 14.84
CA VAL A 30 3.61 -3.35 13.97
C VAL A 30 4.38 -2.93 12.70
N GLY A 31 5.65 -2.53 12.88
CA GLY A 31 6.49 -2.16 11.73
C GLY A 31 6.58 -3.36 10.77
N SER A 32 6.67 -4.57 11.36
CA SER A 32 6.72 -5.81 10.58
C SER A 32 5.39 -5.99 9.84
N LEU A 33 4.29 -5.63 10.52
CA LEU A 33 2.95 -5.77 9.96
C LEU A 33 2.83 -4.98 8.66
N ILE A 34 3.30 -3.73 8.67
CA ILE A 34 3.23 -2.89 7.49
C ILE A 34 4.17 -3.40 6.37
N GLY A 35 5.39 -3.87 6.72
CA GLY A 35 6.31 -4.42 5.70
C GLY A 35 5.66 -5.63 5.00
N LEU A 36 4.78 -6.34 5.74
CA LEU A 36 4.06 -7.50 5.19
C LEU A 36 3.17 -7.02 4.02
N ARG A 37 2.62 -5.84 4.18
CA ARG A 37 1.75 -5.19 3.19
C ARG A 37 2.45 -5.06 1.83
N ILE A 38 3.77 -4.98 1.80
CA ILE A 38 4.49 -4.80 0.53
C ILE A 38 4.13 -5.98 -0.40
N VAL A 39 3.96 -7.20 0.14
CA VAL A 39 3.56 -8.36 -0.69
C VAL A 39 2.18 -8.12 -1.35
N PHE A 40 1.31 -7.35 -0.67
CA PHE A 40 -0.05 -7.06 -1.19
C PHE A 40 0.04 -6.44 -2.59
N ALA A 41 1.13 -5.73 -2.87
CA ALA A 41 1.30 -5.09 -4.19
C ALA A 41 1.19 -6.18 -5.27
N VAL A 42 1.72 -7.39 -5.01
CA VAL A 42 1.61 -8.49 -5.99
C VAL A 42 0.09 -8.77 -6.23
N LEU A 43 -0.72 -8.65 -5.17
CA LEU A 43 -2.16 -8.87 -5.25
C LEU A 43 -2.81 -7.90 -6.22
N SER A 44 -2.35 -6.64 -6.22
CA SER A 44 -2.90 -5.62 -7.11
C SER A 44 -2.64 -6.03 -8.57
N LEU A 45 -1.46 -6.59 -8.81
CA LEU A 45 -1.08 -7.06 -10.14
C LEU A 45 -2.06 -8.16 -10.58
N VAL A 46 -2.40 -9.03 -9.64
CA VAL A 46 -3.33 -10.11 -9.86
C VAL A 46 -4.73 -9.53 -10.08
N ASN A 47 -5.08 -8.56 -9.25
CA ASN A 47 -6.38 -7.91 -9.28
C ASN A 47 -6.66 -7.19 -10.61
N ARG A 48 -5.68 -6.47 -11.18
CA ARG A 48 -5.96 -5.73 -12.43
C ARG A 48 -6.24 -6.67 -13.59
N VAL A 49 -5.52 -7.78 -13.65
CA VAL A 49 -5.74 -8.77 -14.69
C VAL A 49 -7.00 -9.58 -14.34
N ARG A 50 -7.12 -9.95 -13.08
CA ARG A 50 -8.26 -10.75 -12.59
C ARG A 50 -9.59 -9.95 -12.47
N GLN A 51 -9.53 -8.61 -12.49
CA GLN A 51 -10.75 -7.76 -12.36
C GLN A 51 -11.42 -7.50 -13.73
N GLY A 52 -10.66 -7.65 -14.80
CA GLY A 52 -11.17 -7.45 -16.16
C GLY A 52 -10.65 -6.16 -16.82
N TYR A 53 -9.38 -5.80 -16.58
CA TYR A 53 -8.80 -4.59 -17.19
C TYR A 53 -9.75 -3.36 -16.97
N SER A 54 -10.01 -2.54 -18.01
CA SER A 54 -10.91 -1.39 -17.89
C SER A 54 -12.31 -1.89 -17.54
N PRO A 55 -13.19 -1.04 -16.99
CA PRO A 55 -14.57 -1.46 -16.60
C PRO A 55 -15.18 -2.48 -17.58
N LEU A 56 -15.52 -3.67 -17.08
CA LEU A 56 -16.07 -4.74 -17.92
C LEU A 56 -17.57 -5.01 -17.64
N SER A 57 -18.06 -4.58 -16.46
CA SER A 57 -19.47 -4.78 -16.07
C SER A 57 -19.98 -6.17 -16.53
N GLU A 80 -13.99 -16.03 -18.09
CA GLU A 80 -12.85 -15.68 -18.94
C GLU A 80 -11.61 -16.52 -18.59
N ARG A 81 -10.88 -16.94 -19.62
CA ARG A 81 -9.67 -17.75 -19.45
C ARG A 81 -8.64 -17.03 -18.57
N ASP A 82 -8.67 -15.70 -18.55
CA ASP A 82 -7.71 -14.91 -17.77
C ASP A 82 -7.76 -15.27 -16.28
N ARG A 83 -8.96 -15.54 -15.73
CA ARG A 83 -9.11 -15.88 -14.30
C ARG A 83 -8.30 -17.11 -13.91
N ASP A 84 -8.37 -18.19 -14.69
CA ASP A 84 -7.64 -19.40 -14.31
C ASP A 84 -6.14 -19.12 -14.22
N ARG A 85 -5.63 -18.39 -15.20
CA ARG A 85 -4.22 -18.02 -15.23
C ARG A 85 -3.90 -16.98 -14.16
N SER A 86 -4.85 -16.08 -13.91
CA SER A 86 -4.65 -15.01 -12.93
C SER A 86 -4.36 -15.58 -11.55
N ILE A 87 -5.09 -16.63 -11.13
CA ILE A 87 -4.87 -17.16 -9.79
C ILE A 87 -3.50 -17.77 -9.60
N ARG A 88 -2.96 -18.63 -10.48
CA ARG A 88 -1.64 -19.17 -10.16
C ARG A 88 -0.59 -18.05 -10.21
N LEU A 89 -1.00 -16.82 -10.65
CA LEU A 89 -0.09 -15.66 -10.51
C LEU A 89 0.31 -15.59 -8.99
N VAL A 90 -0.46 -16.33 -8.14
CA VAL A 90 -0.23 -16.51 -6.70
C VAL A 90 1.22 -16.99 -6.55
N ASN A 91 1.49 -18.06 -7.27
CA ASN A 91 2.83 -18.62 -7.38
C ASN A 91 3.66 -17.67 -8.25
N GLY A 92 2.96 -17.01 -9.17
CA GLY A 92 3.54 -16.04 -10.07
C GLY A 92 4.23 -14.93 -9.26
N SER A 93 3.86 -14.80 -7.98
CA SER A 93 4.47 -13.80 -7.10
C SER A 93 5.98 -14.04 -7.08
N LEU A 94 6.39 -15.32 -7.11
CA LEU A 94 7.81 -15.66 -7.18
C LEU A 94 8.35 -15.06 -8.48
N ALA A 95 7.64 -15.31 -9.58
CA ALA A 95 8.04 -14.77 -10.88
C ALA A 95 8.05 -13.22 -10.83
N LEU A 96 7.12 -12.63 -10.07
CA LEU A 96 7.01 -11.16 -9.99
C LEU A 96 8.29 -10.53 -9.47
N ILE A 97 8.90 -11.14 -8.43
CA ILE A 97 10.16 -10.63 -7.91
C ILE A 97 11.21 -10.70 -9.03
N TRP A 98 11.10 -11.75 -9.86
CA TRP A 98 11.99 -11.96 -10.98
C TRP A 98 11.75 -10.90 -12.08
N ASP A 99 10.52 -10.40 -12.23
CA ASP A 99 10.23 -9.39 -13.26
C ASP A 99 11.16 -8.19 -13.09
N ASP A 100 11.27 -7.69 -11.86
CA ASP A 100 12.16 -6.56 -11.55
C ASP A 100 13.62 -7.01 -11.62
N LEU A 101 13.89 -8.19 -11.03
CA LEU A 101 15.24 -8.76 -10.99
C LEU A 101 15.83 -8.98 -12.39
N ARG A 102 14.97 -9.29 -13.35
CA ARG A 102 15.39 -9.58 -14.73
C ARG A 102 15.62 -8.32 -15.57
N SER A 103 14.88 -7.24 -15.32
CA SER A 103 15.01 -6.04 -16.14
C SER A 103 16.38 -5.37 -15.98
N LEU A 104 16.84 -5.20 -14.73
CA LEU A 104 18.16 -4.55 -14.50
C LEU A 104 19.33 -5.42 -14.97
N SER A 105 19.39 -6.65 -14.47
CA SER A 105 20.50 -7.55 -14.80
C SER A 105 20.15 -8.55 -15.92
N LEU A 106 18.99 -9.21 -15.77
CA LEU A 106 18.51 -10.24 -16.71
C LEU A 106 19.14 -11.60 -16.41
N PHE A 107 20.45 -11.75 -16.66
CA PHE A 107 21.13 -13.02 -16.38
C PHE A 107 22.40 -12.79 -15.55
N SER A 108 23.33 -11.98 -16.07
CA SER A 108 24.57 -11.68 -15.37
C SER A 108 24.41 -10.42 -14.53
N TYR A 109 24.84 -10.50 -13.26
CA TYR A 109 24.72 -9.35 -12.35
C TYR A 109 25.53 -8.14 -12.87
N HIS A 110 26.41 -8.35 -13.86
CA HIS A 110 27.20 -7.26 -14.46
C HIS A 110 26.23 -6.28 -15.15
N ARG A 111 25.20 -6.82 -15.77
CA ARG A 111 24.17 -6.04 -16.46
C ARG A 111 23.54 -5.02 -15.49
N LEU A 112 23.51 -5.34 -14.19
CA LEU A 112 22.91 -4.44 -13.20
C LEU A 112 23.67 -3.10 -13.24
N ARG A 113 24.99 -3.17 -13.41
CA ARG A 113 25.80 -1.95 -13.53
C ARG A 113 25.44 -1.24 -14.84
N ASP A 114 25.09 -2.04 -15.88
CA ASP A 114 24.72 -1.49 -17.17
C ASP A 114 23.41 -0.73 -17.07
N LEU A 115 22.38 -1.31 -16.40
CA LEU A 115 21.10 -0.62 -16.29
C LEU A 115 21.26 0.75 -15.59
N LEU A 116 22.07 0.80 -14.53
CA LEU A 116 22.25 2.04 -13.79
C LEU A 116 22.89 3.12 -14.66
N LEU A 117 23.84 2.73 -15.50
CA LEU A 117 24.53 3.67 -16.39
C LEU A 117 23.65 4.12 -17.54
N ILE A 118 22.93 3.19 -18.17
CA ILE A 118 22.07 3.55 -19.28
C ILE A 118 20.89 4.38 -18.77
N VAL A 119 20.35 4.05 -17.59
CA VAL A 119 19.23 4.81 -17.04
C VAL A 119 19.61 6.30 -16.94
N THR A 120 20.82 6.60 -16.41
CA THR A 120 21.24 7.99 -16.28
C THR A 120 21.39 8.67 -17.63
N ARG A 121 22.02 8.01 -18.58
CA ARG A 121 22.23 8.61 -19.91
C ARG A 121 20.92 8.78 -20.68
N ILE A 122 19.94 7.89 -20.46
CA ILE A 122 18.66 8.00 -21.18
C ILE A 122 18.05 9.40 -20.99
N VAL A 123 18.18 10.01 -19.78
CA VAL A 123 17.60 11.35 -19.58
C VAL A 123 18.12 12.31 -20.67
N GLU A 124 19.40 12.17 -21.03
CA GLU A 124 20.03 13.00 -22.06
C GLU A 124 19.28 12.87 -23.39
N LEU A 125 19.05 11.62 -23.81
CA LEU A 125 18.38 11.33 -25.08
C LEU A 125 16.89 11.71 -25.03
N LEU A 126 16.23 11.39 -23.91
CA LEU A 126 14.80 11.67 -23.75
C LEU A 126 14.55 13.16 -23.48
N GLY A 127 15.59 13.90 -23.07
CA GLY A 127 15.49 15.33 -22.77
C GLY A 127 14.71 16.08 -23.87
N ARG A 128 14.99 15.73 -25.14
CA ARG A 128 14.30 16.36 -26.26
C ARG A 128 13.36 15.36 -26.95
N ARG A 129 12.30 15.88 -27.57
CA ARG A 129 11.31 15.04 -28.25
C ARG A 129 10.61 14.11 -27.25
N LEU B 1 12.44 -4.22 42.25
CA LEU B 1 11.71 -4.59 41.00
C LEU B 1 10.83 -3.42 40.56
N LEU B 2 11.32 -2.65 39.59
CA LEU B 2 10.59 -1.49 39.06
C LEU B 2 10.38 -0.45 40.18
N GLU B 3 10.99 0.73 40.01
CA GLU B 3 10.86 1.82 40.99
C GLU B 3 11.66 3.03 40.51
N LEU B 4 11.51 4.17 41.19
CA LEU B 4 12.24 5.38 40.80
C LEU B 4 13.73 5.18 40.97
N ASP B 5 14.11 4.53 42.05
CA ASP B 5 15.52 4.28 42.33
C ASP B 5 16.10 3.39 41.23
N LYS B 6 15.24 2.62 40.56
CA LYS B 6 15.65 1.79 39.44
C LYS B 6 15.74 2.65 38.17
N TRP B 7 14.74 3.53 37.98
CA TRP B 7 14.70 4.41 36.81
C TRP B 7 15.90 5.36 36.82
N ALA B 8 16.15 5.95 37.99
CA ALA B 8 17.25 6.89 38.16
C ALA B 8 18.61 6.20 38.02
N SER B 9 18.62 4.87 38.17
CA SER B 9 19.86 4.09 38.05
C SER B 9 20.33 4.00 36.59
N LEU B 10 19.38 4.05 35.65
CA LEU B 10 19.72 3.95 34.23
C LEU B 10 20.66 5.08 33.80
N TRP B 11 20.52 6.27 34.41
CA TRP B 11 21.38 7.41 34.06
C TRP B 11 22.87 7.08 34.28
N ASN B 12 23.15 6.08 35.11
CA ASN B 12 24.53 5.66 35.39
C ASN B 12 25.01 4.62 34.37
N TRP B 13 24.07 3.94 33.70
CA TRP B 13 24.41 2.92 32.70
C TRP B 13 24.97 3.55 31.43
N PHE B 14 24.30 4.60 30.93
CA PHE B 14 24.75 5.29 29.71
C PHE B 14 24.81 4.33 28.49
N ASP B 15 24.11 3.18 28.58
CA ASP B 15 24.10 2.21 27.49
C ASP B 15 22.66 1.79 27.13
N ILE B 16 22.00 1.08 28.05
CA ILE B 16 20.62 0.62 27.84
C ILE B 16 19.65 1.81 27.81
N THR B 17 19.90 2.81 28.66
CA THR B 17 19.00 3.96 28.77
C THR B 17 18.73 4.60 27.40
N ASN B 18 19.71 4.58 26.50
CA ASN B 18 19.51 5.17 25.18
C ASN B 18 18.42 4.40 24.42
N TRP B 19 18.53 3.07 24.38
CA TRP B 19 17.53 2.23 23.72
C TRP B 19 16.19 2.32 24.50
N LEU B 20 16.27 2.27 25.82
CA LEU B 20 15.09 2.28 26.69
C LEU B 20 14.30 3.60 26.63
N TRP B 21 14.98 4.75 26.46
CA TRP B 21 14.28 6.04 26.48
C TRP B 21 14.09 6.68 25.09
N TYR B 22 14.98 6.38 24.13
CA TYR B 22 14.85 6.99 22.79
C TYR B 22 13.82 6.24 21.92
N ILE B 23 13.37 5.07 22.38
CA ILE B 23 12.38 4.29 21.64
C ILE B 23 11.07 5.08 21.49
N ARG B 24 10.70 5.87 22.51
CA ARG B 24 9.46 6.65 22.48
C ARG B 24 9.41 7.52 21.21
N ILE B 25 10.50 8.22 20.91
CA ILE B 25 10.57 9.04 19.69
C ILE B 25 10.54 8.10 18.47
N PHE B 26 11.17 6.94 18.62
CA PHE B 26 11.24 5.91 17.57
C PHE B 26 9.83 5.44 17.17
N ILE B 27 8.89 5.48 18.11
CA ILE B 27 7.52 5.03 17.83
C ILE B 27 6.90 5.87 16.71
N ILE B 28 7.02 7.20 16.83
CA ILE B 28 6.49 8.11 15.81
C ILE B 28 7.26 7.90 14.50
N ILE B 29 8.59 7.78 14.62
CA ILE B 29 9.44 7.58 13.44
C ILE B 29 9.02 6.30 12.71
N VAL B 30 8.64 5.26 13.46
CA VAL B 30 8.19 4.01 12.86
C VAL B 30 6.93 4.27 12.03
N GLY B 31 5.94 4.96 12.61
CA GLY B 31 4.69 5.27 11.88
C GLY B 31 4.96 5.89 10.51
N SER B 32 6.11 6.55 10.36
CA SER B 32 6.48 7.24 9.12
C SER B 32 6.59 6.32 7.89
N LEU B 33 7.14 5.10 8.04
CA LEU B 33 7.33 4.22 6.88
C LEU B 33 5.99 3.88 6.21
N ILE B 34 4.89 3.81 6.99
CA ILE B 34 3.58 3.48 6.42
C ILE B 34 3.22 4.51 5.33
N GLY B 35 3.40 5.80 5.63
CA GLY B 35 3.13 6.86 4.66
C GLY B 35 4.04 6.71 3.43
N LEU B 36 5.22 6.11 3.63
CA LEU B 36 6.19 5.89 2.54
C LEU B 36 5.53 5.12 1.37
N ARG B 37 4.66 4.18 1.73
CA ARG B 37 3.95 3.33 0.77
C ARG B 37 3.17 4.07 -0.29
N ILE B 38 2.70 5.30 -0.02
CA ILE B 38 1.89 6.00 -1.02
C ILE B 38 2.72 6.15 -2.33
N VAL B 39 4.04 6.39 -2.24
CA VAL B 39 4.89 6.49 -3.43
C VAL B 39 4.97 5.12 -4.15
N PHE B 40 4.86 4.01 -3.38
CA PHE B 40 4.93 2.66 -3.97
C PHE B 40 3.85 2.52 -5.06
N ALA B 41 2.73 3.23 -4.89
CA ALA B 41 1.67 3.22 -5.90
C ALA B 41 2.27 3.70 -7.22
N VAL B 42 3.17 4.68 -7.10
CA VAL B 42 3.91 5.23 -8.25
C VAL B 42 4.82 4.11 -8.81
N LEU B 43 5.47 3.36 -7.89
CA LEU B 43 6.36 2.25 -8.25
C LEU B 43 5.62 1.22 -9.10
N SER B 44 4.35 0.98 -8.78
CA SER B 44 3.55 0.01 -9.51
C SER B 44 3.39 0.44 -10.96
N LEU B 45 3.25 1.74 -11.19
CA LEU B 45 3.11 2.30 -12.52
C LEU B 45 4.39 1.99 -13.33
N VAL B 46 5.53 2.22 -12.69
CA VAL B 46 6.84 1.97 -13.27
C VAL B 46 7.01 0.46 -13.47
N ASN B 47 6.61 -0.29 -12.46
CA ASN B 47 6.69 -1.74 -12.46
C ASN B 47 5.84 -2.35 -13.59
N ARG B 48 4.67 -1.76 -13.87
CA ARG B 48 3.80 -2.31 -14.92
C ARG B 48 4.48 -2.25 -16.27
N VAL B 49 4.99 -1.08 -16.58
CA VAL B 49 5.63 -0.83 -17.85
C VAL B 49 7.02 -1.41 -17.97
N ARG B 50 7.81 -1.21 -16.93
CA ARG B 50 9.20 -1.63 -17.00
C ARG B 50 9.38 -3.15 -17.21
N GLN B 51 8.65 -3.99 -16.48
CA GLN B 51 8.79 -5.44 -16.70
C GLN B 51 7.59 -6.07 -17.44
N GLY B 52 6.45 -5.40 -17.32
CA GLY B 52 5.20 -5.87 -17.94
C GLY B 52 4.07 -5.86 -16.88
N TYR B 53 2.88 -5.37 -17.27
CA TYR B 53 1.74 -5.28 -16.33
C TYR B 53 1.13 -6.66 -16.05
N SER B 54 0.60 -7.34 -17.09
CA SER B 54 0.00 -8.66 -16.91
C SER B 54 1.08 -9.67 -16.52
N PRO B 55 0.74 -10.82 -15.92
CA PRO B 55 1.76 -11.84 -15.50
C PRO B 55 2.99 -11.89 -16.45
N LEU B 56 4.20 -11.87 -15.87
CA LEU B 56 5.43 -11.84 -16.67
C LEU B 56 6.03 -13.23 -16.95
N SER B 57 5.66 -14.25 -16.14
CA SER B 57 6.21 -15.62 -16.30
C SER B 57 6.55 -15.96 -17.78
N GLU B 80 13.08 -7.39 -23.70
CA GLU B 80 13.53 -6.48 -22.63
C GLU B 80 14.05 -5.15 -23.18
N ARG B 81 13.95 -4.94 -24.50
CA ARG B 81 14.41 -3.71 -25.13
C ARG B 81 13.56 -2.50 -24.68
N ASP B 82 12.30 -2.76 -24.32
CA ASP B 82 11.36 -1.72 -23.89
C ASP B 82 11.82 -0.94 -22.65
N ARG B 83 12.92 -1.35 -22.01
CA ARG B 83 13.42 -0.64 -20.82
C ARG B 83 13.65 0.83 -21.10
N ASP B 84 14.19 1.16 -22.29
CA ASP B 84 14.45 2.56 -22.62
C ASP B 84 13.15 3.36 -22.54
N ARG B 85 12.05 2.77 -23.01
CA ARG B 85 10.74 3.43 -22.92
C ARG B 85 10.32 3.53 -21.45
N SER B 86 10.60 2.49 -20.67
CA SER B 86 10.25 2.47 -19.25
C SER B 86 10.94 3.62 -18.52
N ILE B 87 12.24 3.85 -18.79
CA ILE B 87 12.93 4.98 -18.15
C ILE B 87 12.15 6.29 -18.43
N ARG B 88 11.29 6.30 -19.46
CA ARG B 88 10.51 7.51 -19.76
C ARG B 88 9.64 7.86 -18.55
N LEU B 89 9.28 6.86 -17.74
CA LEU B 89 8.47 7.10 -16.53
C LEU B 89 9.17 8.15 -15.66
N VAL B 90 10.50 8.34 -15.84
CA VAL B 90 11.23 9.36 -15.10
C VAL B 90 10.54 10.71 -15.40
N ASN B 91 10.42 11.00 -16.69
CA ASN B 91 9.69 12.17 -17.16
C ASN B 91 8.16 11.96 -16.99
N GLY B 92 7.76 10.68 -16.82
CA GLY B 92 6.37 10.30 -16.70
C GLY B 92 5.64 11.01 -15.56
N SER B 93 6.39 11.53 -14.58
CA SER B 93 5.76 12.25 -13.47
C SER B 93 4.96 13.44 -14.00
N LEU B 94 5.50 14.10 -15.03
CA LEU B 94 4.83 15.23 -15.66
C LEU B 94 3.56 14.76 -16.39
N ALA B 95 3.70 13.72 -17.23
CA ALA B 95 2.55 13.19 -17.98
C ALA B 95 1.49 12.52 -17.09
N LEU B 96 1.92 11.84 -16.02
CA LEU B 96 0.99 11.14 -15.13
C LEU B 96 0.04 12.11 -14.42
N ILE B 97 0.57 13.21 -13.90
CA ILE B 97 -0.23 14.22 -13.21
C ILE B 97 -1.18 14.89 -14.22
N TRP B 98 -0.66 15.13 -15.42
CA TRP B 98 -1.41 15.78 -16.49
C TRP B 98 -2.54 14.89 -17.03
N ASP B 99 -2.39 13.56 -17.01
CA ASP B 99 -3.45 12.69 -17.57
C ASP B 99 -4.80 13.01 -16.90
N ASP B 100 -4.81 13.07 -15.56
CA ASP B 100 -6.03 13.37 -14.82
C ASP B 100 -6.47 14.85 -14.96
N LEU B 101 -5.52 15.78 -14.81
CA LEU B 101 -5.80 17.23 -14.88
C LEU B 101 -6.15 17.73 -16.29
N ARG B 102 -5.36 17.32 -17.27
CA ARG B 102 -5.52 17.75 -18.66
C ARG B 102 -6.84 17.27 -19.27
N SER B 103 -7.27 16.07 -18.92
CA SER B 103 -8.52 15.54 -19.46
C SER B 103 -9.73 16.27 -18.86
N LEU B 104 -9.71 16.48 -17.55
CA LEU B 104 -10.80 17.14 -16.84
C LEU B 104 -11.03 18.60 -17.31
N SER B 105 -9.98 19.41 -17.28
CA SER B 105 -10.08 20.82 -17.65
C SER B 105 -9.65 21.14 -19.08
N LEU B 106 -9.01 20.21 -19.79
CA LEU B 106 -8.53 20.48 -21.14
C LEU B 106 -7.47 21.62 -21.07
N PHE B 107 -7.28 22.37 -22.16
CA PHE B 107 -6.29 23.46 -22.19
C PHE B 107 -6.43 24.38 -20.96
N SER B 108 -7.49 25.21 -20.92
CA SER B 108 -7.71 26.14 -19.80
C SER B 108 -8.32 25.43 -18.58
N TYR B 109 -8.52 26.17 -17.48
CA TYR B 109 -9.11 25.59 -16.28
C TYR B 109 -10.62 25.85 -16.22
N HIS B 110 -11.06 26.98 -16.78
CA HIS B 110 -12.49 27.32 -16.81
C HIS B 110 -13.29 26.18 -17.44
N ARG B 111 -12.69 25.52 -18.44
CA ARG B 111 -13.31 24.39 -19.13
C ARG B 111 -13.71 23.30 -18.13
N LEU B 112 -12.97 23.18 -17.01
CA LEU B 112 -13.25 22.17 -16.00
C LEU B 112 -14.67 22.33 -15.47
N ARG B 113 -15.12 23.58 -15.35
CA ARG B 113 -16.48 23.84 -14.87
C ARG B 113 -17.47 23.22 -15.86
N ASP B 114 -17.15 23.33 -17.16
CA ASP B 114 -17.98 22.75 -18.21
C ASP B 114 -17.93 21.22 -18.17
N LEU B 115 -16.72 20.66 -18.02
CA LEU B 115 -16.55 19.21 -17.96
C LEU B 115 -17.26 18.64 -16.73
N LEU B 116 -17.20 19.38 -15.62
CA LEU B 116 -17.84 18.96 -14.38
C LEU B 116 -19.34 18.77 -14.58
N LEU B 117 -19.97 19.61 -15.40
CA LEU B 117 -21.40 19.51 -15.67
C LEU B 117 -21.76 18.27 -16.49
N ILE B 118 -20.90 17.89 -17.44
CA ILE B 118 -21.18 16.71 -18.27
C ILE B 118 -21.07 15.42 -17.45
N VAL B 119 -20.11 15.33 -16.52
CA VAL B 119 -19.98 14.11 -15.72
C VAL B 119 -21.26 13.86 -14.91
N THR B 120 -21.85 14.95 -14.36
CA THR B 120 -23.08 14.81 -13.57
C THR B 120 -24.25 14.29 -14.39
N ARG B 121 -24.49 14.85 -15.57
CA ARG B 121 -25.59 14.40 -16.41
C ARG B 121 -25.35 12.96 -16.94
N ILE B 122 -24.08 12.61 -17.19
CA ILE B 122 -23.73 11.29 -17.73
C ILE B 122 -24.05 10.16 -16.72
N VAL B 123 -23.69 10.34 -15.43
CA VAL B 123 -23.97 9.27 -14.45
C VAL B 123 -25.49 9.01 -14.41
N GLU B 124 -26.28 10.10 -14.51
CA GLU B 124 -27.74 9.98 -14.51
C GLU B 124 -28.18 9.05 -15.65
N LEU B 125 -27.58 9.24 -16.83
CA LEU B 125 -27.90 8.45 -18.01
C LEU B 125 -27.42 7.01 -17.89
N LEU B 126 -26.19 6.82 -17.39
CA LEU B 126 -25.62 5.47 -17.24
C LEU B 126 -26.42 4.66 -16.21
N GLY B 127 -27.09 5.35 -15.27
CA GLY B 127 -27.89 4.71 -14.22
C GLY B 127 -28.61 3.45 -14.73
N ARG B 128 -29.26 3.58 -15.90
CA ARG B 128 -29.97 2.45 -16.52
C ARG B 128 -29.09 1.88 -17.64
N ARG B 129 -28.34 0.81 -17.33
CA ARG B 129 -27.46 0.19 -18.32
C ARG B 129 -28.27 -0.51 -19.41
N LEU C 1 11.61 13.46 38.36
CA LEU C 1 11.53 12.00 38.67
C LEU C 1 10.07 11.54 38.68
N LEU C 2 9.85 10.24 38.48
CA LEU C 2 8.51 9.66 38.45
C LEU C 2 8.11 9.17 39.84
N GLU C 3 6.80 9.00 40.07
CA GLU C 3 6.28 8.52 41.36
C GLU C 3 4.75 8.59 41.38
N LEU C 4 4.14 8.09 42.46
CA LEU C 4 2.69 8.11 42.61
C LEU C 4 2.17 9.55 42.52
N ASP C 5 2.84 10.43 43.23
CA ASP C 5 2.47 11.85 43.25
C ASP C 5 2.83 12.57 41.95
N LYS C 6 3.78 12.02 41.19
CA LYS C 6 4.21 12.63 39.93
C LYS C 6 3.24 12.25 38.79
N TRP C 7 2.90 10.97 38.70
CA TRP C 7 1.98 10.50 37.66
C TRP C 7 0.65 11.22 37.80
N ALA C 8 0.15 11.32 39.02
CA ALA C 8 -1.12 12.00 39.27
C ALA C 8 -0.98 13.52 39.03
N SER C 9 0.27 14.02 39.07
CA SER C 9 0.54 15.45 38.86
C SER C 9 0.19 15.88 37.43
N LEU C 10 0.39 14.98 36.46
CA LEU C 10 0.10 15.30 35.06
C LEU C 10 -1.38 15.66 34.87
N TRP C 11 -2.26 14.98 35.62
CA TRP C 11 -3.70 15.23 35.52
C TRP C 11 -4.03 16.70 35.86
N ASN C 12 -3.13 17.35 36.61
CA ASN C 12 -3.31 18.76 36.97
C ASN C 12 -3.02 19.68 35.79
N TRP C 13 -2.12 19.24 34.89
CA TRP C 13 -1.76 20.02 33.71
C TRP C 13 -2.99 20.24 32.81
N PHE C 14 -3.80 19.19 32.67
CA PHE C 14 -5.04 19.24 31.89
C PHE C 14 -4.77 19.63 30.42
N ASP C 15 -3.65 19.17 29.86
CA ASP C 15 -3.32 19.48 28.45
C ASP C 15 -2.28 18.51 27.86
N ILE C 16 -1.03 18.58 28.36
CA ILE C 16 0.05 17.73 27.86
C ILE C 16 -0.24 16.24 28.11
N THR C 17 -0.85 15.93 29.26
CA THR C 17 -1.15 14.55 29.64
C THR C 17 -1.92 13.83 28.53
N ASN C 18 -2.76 14.57 27.80
CA ASN C 18 -3.55 13.97 26.72
C ASN C 18 -2.62 13.31 25.70
N TRP C 19 -1.59 14.06 25.28
CA TRP C 19 -0.61 13.55 24.33
C TRP C 19 0.19 12.38 24.97
N LEU C 20 0.55 12.51 26.25
CA LEU C 20 1.31 11.46 26.94
C LEU C 20 0.53 10.15 27.09
N TRP C 21 -0.78 10.25 27.32
CA TRP C 21 -1.61 9.05 27.54
C TRP C 21 -2.25 8.54 26.24
N TYR C 22 -2.86 9.43 25.45
CA TYR C 22 -3.52 9.02 24.21
C TYR C 22 -2.53 8.37 23.22
N ILE C 23 -1.22 8.64 23.38
CA ILE C 23 -0.23 8.05 22.47
C ILE C 23 -0.27 6.52 22.55
N ARG C 24 -0.51 5.97 23.75
CA ARG C 24 -0.56 4.52 23.94
C ARG C 24 -1.63 3.91 23.02
N ILE C 25 -2.82 4.51 23.01
CA ILE C 25 -3.91 4.03 22.16
C ILE C 25 -3.58 4.34 20.68
N PHE C 26 -2.88 5.46 20.46
CA PHE C 26 -2.50 5.90 19.13
C PHE C 26 -1.63 4.84 18.43
N ILE C 27 -0.80 4.12 19.20
CA ILE C 27 0.06 3.09 18.60
C ILE C 27 -0.82 2.02 17.94
N ILE C 28 -1.88 1.62 18.63
CA ILE C 28 -2.81 0.61 18.11
C ILE C 28 -3.53 1.19 16.88
N ILE C 29 -3.93 2.47 16.96
CA ILE C 29 -4.60 3.14 15.84
C ILE C 29 -3.69 3.12 14.61
N VAL C 30 -2.37 3.29 14.81
CA VAL C 30 -1.41 3.25 13.69
C VAL C 30 -1.59 1.91 12.96
N GLY C 31 -1.80 0.82 13.72
CA GLY C 31 -2.04 -0.50 13.13
C GLY C 31 -3.27 -0.42 12.23
N SER C 32 -4.27 0.35 12.67
CA SER C 32 -5.48 0.59 11.90
C SER C 32 -5.15 1.40 10.64
N LEU C 33 -4.22 2.34 10.80
CA LEU C 33 -3.81 3.25 9.73
C LEU C 33 -3.24 2.48 8.52
N ILE C 34 -2.38 1.49 8.78
CA ILE C 34 -1.76 0.72 7.68
C ILE C 34 -2.86 -0.02 6.89
N GLY C 35 -3.83 -0.59 7.61
CA GLY C 35 -4.94 -1.30 6.97
C GLY C 35 -5.73 -0.35 6.06
N LEU C 36 -5.82 0.92 6.45
CA LEU C 36 -6.53 1.94 5.66
C LEU C 36 -5.87 2.08 4.28
N ARG C 37 -4.54 1.98 4.26
CA ARG C 37 -3.73 2.09 3.04
C ARG C 37 -4.13 1.09 1.95
N ILE C 38 -4.67 -0.08 2.31
CA ILE C 38 -4.98 -1.11 1.31
C ILE C 38 -5.96 -0.57 0.24
N VAL C 39 -6.92 0.28 0.62
CA VAL C 39 -7.86 0.85 -0.35
C VAL C 39 -7.09 1.53 -1.51
N PHE C 40 -5.89 2.06 -1.22
CA PHE C 40 -5.09 2.71 -2.26
C PHE C 40 -4.84 1.76 -3.43
N ALA C 41 -4.76 0.46 -3.13
CA ALA C 41 -4.58 -0.54 -4.18
C ALA C 41 -5.76 -0.44 -5.15
N VAL C 42 -6.95 -0.21 -4.58
CA VAL C 42 -8.18 -0.05 -5.35
C VAL C 42 -8.08 1.30 -6.13
N LEU C 43 -7.58 2.33 -5.45
CA LEU C 43 -7.40 3.66 -6.04
C LEU C 43 -6.44 3.60 -7.23
N SER C 44 -5.39 2.76 -7.11
CA SER C 44 -4.41 2.61 -8.19
C SER C 44 -5.07 1.96 -9.40
N LEU C 45 -5.96 1.00 -9.14
CA LEU C 45 -6.69 0.32 -10.19
C LEU C 45 -7.56 1.34 -10.94
N VAL C 46 -8.20 2.22 -10.17
CA VAL C 46 -9.04 3.28 -10.72
C VAL C 46 -8.17 4.24 -11.52
N ASN C 47 -7.04 4.59 -10.92
CA ASN C 47 -6.06 5.47 -11.53
C ASN C 47 -5.47 4.88 -12.80
N ARG C 48 -5.27 3.56 -12.83
CA ARG C 48 -4.66 2.90 -13.96
C ARG C 48 -5.50 3.07 -15.23
N VAL C 49 -6.79 2.79 -15.12
CA VAL C 49 -7.67 2.90 -16.28
C VAL C 49 -8.04 4.37 -16.58
N ARG C 50 -8.38 5.10 -15.52
CA ARG C 50 -8.79 6.51 -15.65
C ARG C 50 -7.63 7.49 -15.95
N GLN C 51 -6.44 7.20 -15.43
CA GLN C 51 -5.27 8.12 -15.61
C GLN C 51 -4.30 7.65 -16.69
N GLY C 52 -4.39 6.38 -17.04
CA GLY C 52 -3.52 5.76 -18.03
C GLY C 52 -2.72 4.64 -17.37
N TYR C 53 -2.02 3.84 -18.18
CA TYR C 53 -1.23 2.73 -17.64
C TYR C 53 0.24 2.87 -18.02
N SER C 54 0.51 3.14 -19.30
CA SER C 54 1.87 3.31 -19.77
C SER C 54 2.13 4.79 -20.06
N PRO C 55 3.40 5.25 -20.08
CA PRO C 55 3.70 6.69 -20.35
C PRO C 55 2.77 7.29 -21.43
N LEU C 56 1.70 7.95 -20.99
CA LEU C 56 0.70 8.50 -21.91
C LEU C 56 1.19 9.75 -22.66
N SER C 57 2.23 10.43 -22.12
CA SER C 57 2.83 11.66 -22.73
C SER C 57 2.03 12.17 -23.95
N GLU C 80 -11.95 13.42 -27.26
CA GLU C 80 -13.00 14.03 -26.43
C GLU C 80 -14.05 13.00 -26.03
N ARG C 81 -14.30 12.07 -26.93
CA ARG C 81 -15.28 11.00 -26.71
C ARG C 81 -14.80 9.98 -25.67
N ASP C 82 -13.48 9.84 -25.54
CA ASP C 82 -12.89 8.89 -24.59
C ASP C 82 -13.31 9.22 -23.16
N ARG C 83 -13.38 10.52 -22.83
CA ARG C 83 -13.78 10.96 -21.49
C ARG C 83 -15.21 10.53 -21.17
N ASP C 84 -16.10 10.55 -22.16
CA ASP C 84 -17.48 10.15 -21.94
C ASP C 84 -17.54 8.72 -21.40
N ARG C 85 -16.69 7.85 -21.96
CA ARG C 85 -16.63 6.45 -21.51
C ARG C 85 -16.01 6.34 -20.12
N SER C 86 -14.86 6.99 -19.92
CA SER C 86 -14.17 6.93 -18.63
C SER C 86 -15.08 7.43 -17.51
N ILE C 87 -15.96 8.42 -17.79
CA ILE C 87 -16.89 8.90 -16.75
C ILE C 87 -17.76 7.72 -16.26
N ARG C 88 -17.94 6.68 -17.10
CA ARG C 88 -18.72 5.52 -16.69
C ARG C 88 -18.08 4.89 -15.44
N LEU C 89 -16.78 5.16 -15.23
CA LEU C 89 -16.05 4.66 -14.06
C LEU C 89 -16.76 5.07 -12.76
N VAL C 90 -17.50 6.19 -12.79
CA VAL C 90 -18.21 6.64 -11.59
C VAL C 90 -19.10 5.49 -11.13
N ASN C 91 -19.91 5.01 -12.06
CA ASN C 91 -20.76 3.85 -11.83
C ASN C 91 -19.89 2.58 -11.81
N GLY C 92 -18.73 2.66 -12.50
CA GLY C 92 -17.79 1.56 -12.60
C GLY C 92 -17.33 1.08 -11.23
N SER C 93 -17.45 1.93 -10.20
CA SER C 93 -17.06 1.54 -8.85
C SER C 93 -17.89 0.33 -8.41
N LEU C 94 -19.18 0.32 -8.80
CA LEU C 94 -20.08 -0.78 -8.45
C LEU C 94 -19.63 -2.05 -9.18
N ALA C 95 -19.44 -1.95 -10.50
CA ALA C 95 -19.00 -3.10 -11.30
C ALA C 95 -17.59 -3.56 -10.88
N LEU C 96 -16.74 -2.61 -10.50
CA LEU C 96 -15.35 -2.91 -10.12
C LEU C 96 -15.31 -3.86 -8.93
N ILE C 97 -16.15 -3.59 -7.93
CA ILE C 97 -16.21 -4.45 -6.74
C ILE C 97 -16.85 -5.80 -7.12
N TRP C 98 -17.81 -5.75 -8.04
CA TRP C 98 -18.54 -6.93 -8.51
C TRP C 98 -17.66 -7.87 -9.33
N ASP C 99 -16.64 -7.35 -10.05
CA ASP C 99 -15.78 -8.22 -10.88
C ASP C 99 -15.18 -9.33 -10.01
N ASP C 100 -14.65 -8.94 -8.83
CA ASP C 100 -14.07 -9.90 -7.89
C ASP C 100 -15.14 -10.79 -7.22
N LEU C 101 -16.24 -10.20 -6.76
CA LEU C 101 -17.31 -10.95 -6.07
C LEU C 101 -18.08 -11.89 -7.01
N ARG C 102 -18.44 -11.41 -8.19
CA ARG C 102 -19.21 -12.21 -9.16
C ARG C 102 -18.48 -13.48 -9.59
N SER C 103 -17.23 -13.36 -10.00
CA SER C 103 -16.48 -14.53 -10.44
C SER C 103 -16.24 -15.49 -9.27
N LEU C 104 -15.84 -14.94 -8.13
CA LEU C 104 -15.54 -15.75 -6.94
C LEU C 104 -16.76 -16.56 -6.46
N SER C 105 -17.89 -15.89 -6.21
CA SER C 105 -19.10 -16.57 -5.73
C SER C 105 -20.12 -16.88 -6.85
N LEU C 106 -20.42 -15.85 -7.67
CA LEU C 106 -21.40 -15.91 -8.78
C LEU C 106 -22.82 -15.60 -8.25
N PHE C 107 -23.48 -16.58 -7.61
CA PHE C 107 -24.84 -16.36 -7.09
C PHE C 107 -24.93 -16.66 -5.58
N SER C 108 -25.17 -17.92 -5.21
CA SER C 108 -25.28 -18.31 -3.80
C SER C 108 -23.90 -18.72 -3.26
N TYR C 109 -23.79 -18.84 -1.94
CA TYR C 109 -22.51 -19.23 -1.33
C TYR C 109 -22.20 -20.71 -1.67
N HIS C 110 -23.20 -21.47 -2.13
CA HIS C 110 -22.99 -22.85 -2.53
C HIS C 110 -22.20 -22.85 -3.84
N ARG C 111 -22.62 -21.96 -4.75
CA ARG C 111 -21.94 -21.78 -6.04
C ARG C 111 -20.50 -21.30 -5.83
N LEU C 112 -20.26 -20.56 -4.75
CA LEU C 112 -18.93 -20.06 -4.45
C LEU C 112 -17.96 -21.24 -4.25
N ARG C 113 -18.48 -22.36 -3.76
CA ARG C 113 -17.67 -23.55 -3.52
C ARG C 113 -16.95 -24.00 -4.81
N ASP C 114 -17.62 -23.92 -5.97
CA ASP C 114 -16.99 -24.35 -7.22
C ASP C 114 -15.77 -23.49 -7.54
N LEU C 115 -15.84 -22.16 -7.29
CA LEU C 115 -14.68 -21.30 -7.54
C LEU C 115 -13.56 -21.64 -6.56
N LEU C 116 -13.93 -21.94 -5.32
CA LEU C 116 -12.99 -22.31 -4.27
C LEU C 116 -12.17 -23.53 -4.68
N LEU C 117 -12.79 -24.47 -5.38
CA LEU C 117 -12.08 -25.67 -5.82
C LEU C 117 -11.08 -25.33 -6.92
N ILE C 118 -11.37 -24.28 -7.72
CA ILE C 118 -10.46 -23.90 -8.79
C ILE C 118 -9.08 -23.51 -8.23
N VAL C 119 -9.02 -22.79 -7.10
CA VAL C 119 -7.71 -22.32 -6.60
C VAL C 119 -6.70 -23.46 -6.41
N THR C 120 -7.11 -24.60 -5.83
CA THR C 120 -6.16 -25.72 -5.64
C THR C 120 -5.70 -26.28 -6.99
N ARG C 121 -6.64 -26.53 -7.88
CA ARG C 121 -6.34 -27.07 -9.20
C ARG C 121 -5.57 -26.05 -10.05
N ILE C 122 -5.81 -24.76 -9.80
CA ILE C 122 -5.22 -23.71 -10.60
C ILE C 122 -3.71 -23.86 -10.71
N VAL C 123 -3.04 -24.31 -9.64
CA VAL C 123 -1.59 -24.41 -9.70
C VAL C 123 -1.12 -25.23 -10.90
N GLU C 124 -1.84 -26.29 -11.26
CA GLU C 124 -1.46 -27.11 -12.40
C GLU C 124 -1.40 -26.32 -13.73
N LEU C 125 -2.39 -25.43 -13.97
CA LEU C 125 -2.48 -24.70 -15.25
C LEU C 125 -1.42 -23.61 -15.55
N LEU C 126 -1.07 -22.71 -14.61
CA LEU C 126 -0.09 -21.62 -14.95
C LEU C 126 1.36 -22.07 -14.71
N GLY C 127 1.56 -23.14 -13.93
CA GLY C 127 2.92 -23.66 -13.69
C GLY C 127 3.64 -23.90 -15.04
N ARG C 128 2.85 -24.16 -16.09
CA ARG C 128 3.39 -24.38 -17.43
C ARG C 128 3.11 -23.14 -18.28
N ARG C 129 4.14 -22.64 -18.98
CA ARG C 129 3.99 -21.46 -19.81
C ARG C 129 4.75 -21.64 -21.14
N LEU A 1 0.46 5.12 43.79
CA LEU A 1 0.08 4.65 42.43
C LEU A 1 1.35 4.39 41.61
N LEU A 2 1.35 3.30 40.84
CA LEU A 2 2.49 2.93 40.02
C LEU A 2 3.75 2.77 40.89
N GLU A 3 3.96 1.55 41.38
CA GLU A 3 5.09 1.22 42.24
C GLU A 3 5.30 -0.29 42.25
N LEU A 4 6.28 -0.77 43.03
CA LEU A 4 6.57 -2.20 43.12
C LEU A 4 5.29 -2.99 43.44
N ASP A 5 4.48 -2.44 44.34
CA ASP A 5 3.25 -3.11 44.76
C ASP A 5 2.17 -3.07 43.68
N LYS A 6 2.10 -1.95 42.95
CA LYS A 6 1.09 -1.80 41.90
C LYS A 6 1.44 -2.64 40.67
N TRP A 7 2.72 -2.62 40.28
CA TRP A 7 3.19 -3.36 39.12
C TRP A 7 3.26 -4.86 39.41
N ALA A 8 3.82 -5.22 40.56
CA ALA A 8 3.96 -6.63 40.94
C ALA A 8 2.59 -7.29 41.15
N SER A 9 1.65 -6.52 41.70
CA SER A 9 0.30 -7.04 41.94
C SER A 9 -0.35 -7.53 40.64
N LEU A 10 -0.01 -6.88 39.53
CA LEU A 10 -0.56 -7.26 38.21
C LEU A 10 -0.16 -8.69 37.81
N TRP A 11 0.95 -9.18 38.37
CA TRP A 11 1.43 -10.53 38.06
C TRP A 11 0.48 -11.62 38.61
N ASN A 12 -0.36 -11.24 39.58
CA ASN A 12 -1.32 -12.19 40.18
C ASN A 12 -2.58 -12.35 39.30
N TRP A 13 -2.80 -11.40 38.37
CA TRP A 13 -3.96 -11.44 37.48
C TRP A 13 -3.91 -12.69 36.60
N PHE A 14 -2.74 -12.94 35.99
CA PHE A 14 -2.54 -14.12 35.13
C PHE A 14 -3.44 -14.11 33.88
N ASP A 15 -3.49 -12.95 33.18
CA ASP A 15 -4.30 -12.84 31.95
C ASP A 15 -4.00 -11.54 31.18
N ILE A 16 -4.44 -10.40 31.73
CA ILE A 16 -4.24 -9.09 31.08
C ILE A 16 -2.74 -8.69 31.02
N THR A 17 -1.99 -9.02 32.07
CA THR A 17 -0.58 -8.63 32.15
C THR A 17 0.20 -9.04 30.90
N ASN A 18 -0.16 -10.16 30.26
CA ASN A 18 0.55 -10.60 29.06
C ASN A 18 0.46 -9.53 27.96
N TRP A 19 -0.74 -9.04 27.70
CA TRP A 19 -0.96 -8.01 26.69
C TRP A 19 -0.28 -6.67 27.10
N LEU A 20 -0.45 -6.29 28.37
CA LEU A 20 0.13 -5.05 28.89
C LEU A 20 1.67 -5.08 28.95
N TRP A 21 2.25 -6.23 29.28
CA TRP A 21 3.71 -6.35 29.39
C TRP A 21 4.38 -6.75 28.06
N TYR A 22 3.58 -6.98 27.02
CA TYR A 22 4.13 -7.33 25.70
C TYR A 22 3.71 -6.29 24.63
N ILE A 23 2.95 -5.28 25.07
CA ILE A 23 2.49 -4.21 24.20
C ILE A 23 3.70 -3.43 23.63
N ARG A 24 4.76 -3.27 24.45
CA ARG A 24 5.97 -2.58 24.01
C ARG A 24 6.55 -3.32 22.79
N ILE A 25 6.60 -4.65 22.89
CA ILE A 25 7.08 -5.49 21.79
C ILE A 25 6.12 -5.35 20.59
N PHE A 26 4.84 -5.17 20.89
CA PHE A 26 3.80 -5.02 19.87
C PHE A 26 4.09 -3.82 18.96
N ILE A 27 4.67 -2.78 19.54
CA ILE A 27 4.95 -1.56 18.78
C ILE A 27 5.90 -1.88 17.62
N ILE A 28 6.92 -2.71 17.89
CA ILE A 28 7.87 -3.10 16.86
C ILE A 28 7.20 -4.08 15.87
N ILE A 29 6.36 -4.99 16.39
CA ILE A 29 5.67 -5.97 15.54
C ILE A 29 4.74 -5.26 14.55
N VAL A 30 4.04 -4.21 15.01
CA VAL A 30 3.13 -3.47 14.13
C VAL A 30 3.90 -3.00 12.88
N GLY A 31 5.16 -2.59 13.06
CA GLY A 31 6.01 -2.18 11.94
C GLY A 31 6.14 -3.35 10.96
N SER A 32 6.21 -4.58 11.51
CA SER A 32 6.28 -5.79 10.70
C SER A 32 5.00 -5.96 9.90
N LEU A 33 3.87 -5.61 10.53
CA LEU A 33 2.56 -5.74 9.91
C LEU A 33 2.48 -4.91 8.62
N ILE A 34 2.97 -3.67 8.69
CA ILE A 34 2.95 -2.78 7.54
C ILE A 34 3.94 -3.25 6.46
N GLY A 35 5.15 -3.74 6.84
CA GLY A 35 6.12 -4.20 5.84
C GLY A 35 5.54 -5.36 4.99
N LEU A 36 4.52 -6.02 5.53
CA LEU A 36 3.82 -7.11 4.83
C LEU A 36 3.06 -6.57 3.61
N ARG A 37 2.52 -5.36 3.76
CA ARG A 37 1.71 -4.70 2.74
C ARG A 37 2.44 -4.53 1.39
N ILE A 38 3.78 -4.40 1.37
CA ILE A 38 4.47 -4.27 0.07
C ILE A 38 4.22 -5.51 -0.76
N VAL A 39 4.16 -6.63 -0.07
CA VAL A 39 3.90 -7.89 -0.73
C VAL A 39 2.44 -7.89 -1.26
N PHE A 40 1.56 -7.16 -0.57
CA PHE A 40 0.15 -7.04 -0.96
C PHE A 40 0.04 -6.52 -2.41
N ALA A 41 1.04 -5.76 -2.86
CA ALA A 41 1.01 -5.19 -4.22
C ALA A 41 0.85 -6.34 -5.22
N VAL A 42 1.47 -7.50 -4.98
CA VAL A 42 1.27 -8.65 -5.88
C VAL A 42 -0.23 -9.01 -5.91
N LEU A 43 -0.91 -8.86 -4.75
CA LEU A 43 -2.34 -9.14 -4.64
C LEU A 43 -3.16 -8.16 -5.48
N SER A 44 -2.79 -6.88 -5.45
CA SER A 44 -3.50 -5.88 -6.24
C SER A 44 -3.28 -6.13 -7.73
N LEU A 45 -2.05 -6.49 -8.07
CA LEU A 45 -1.70 -6.80 -9.44
C LEU A 45 -2.53 -7.99 -9.92
N VAL A 46 -2.70 -8.97 -9.02
CA VAL A 46 -3.48 -10.16 -9.33
C VAL A 46 -4.97 -9.78 -9.43
N ASN A 47 -5.41 -8.89 -8.54
CA ASN A 47 -6.78 -8.40 -8.52
C ASN A 47 -7.13 -7.66 -9.81
N ARG A 48 -6.19 -6.92 -10.37
CA ARG A 48 -6.45 -6.17 -11.59
C ARG A 48 -6.80 -7.12 -12.73
N VAL A 49 -5.98 -8.14 -12.91
CA VAL A 49 -6.16 -9.13 -13.96
C VAL A 49 -7.26 -10.16 -13.63
N ARG A 50 -7.26 -10.60 -12.40
CA ARG A 50 -8.16 -11.66 -11.95
C ARG A 50 -9.67 -11.35 -12.14
N GLN A 51 -10.12 -10.12 -11.86
CA GLN A 51 -11.56 -9.82 -11.96
C GLN A 51 -11.98 -9.06 -13.21
N GLY A 52 -11.05 -8.35 -13.85
CA GLY A 52 -11.38 -7.60 -15.07
C GLY A 52 -10.29 -6.59 -15.44
N TYR A 53 -10.70 -5.34 -15.65
CA TYR A 53 -9.80 -4.25 -16.03
C TYR A 53 -10.58 -2.89 -15.99
N SER A 54 -10.74 -2.18 -17.13
CA SER A 54 -11.49 -0.93 -17.16
C SER A 54 -12.95 -1.20 -16.76
N PRO A 55 -13.73 -0.20 -16.32
CA PRO A 55 -15.16 -0.45 -15.93
C PRO A 55 -15.87 -1.36 -16.93
N LEU A 56 -16.02 -2.65 -16.59
CA LEU A 56 -16.64 -3.62 -17.51
C LEU A 56 -18.09 -3.97 -17.10
N SER A 57 -18.46 -3.75 -15.82
CA SER A 57 -19.81 -4.05 -15.32
C SER A 57 -20.37 -5.36 -15.94
N GLU A 80 -14.82 -15.68 -18.40
CA GLU A 80 -13.50 -15.05 -18.47
C GLU A 80 -12.39 -16.06 -18.17
N ARG A 81 -11.74 -16.54 -19.23
CA ARG A 81 -10.67 -17.53 -19.14
C ARG A 81 -9.51 -17.03 -18.25
N ASP A 82 -9.32 -15.72 -18.16
CA ASP A 82 -8.21 -15.14 -17.39
C ASP A 82 -8.17 -15.62 -15.93
N ARG A 83 -9.22 -16.31 -15.44
CA ARG A 83 -9.23 -16.79 -14.06
C ARG A 83 -8.13 -17.83 -13.81
N ASP A 84 -8.00 -18.80 -14.72
CA ASP A 84 -7.00 -19.86 -14.55
C ASP A 84 -5.58 -19.29 -14.58
N ARG A 85 -5.31 -18.40 -15.52
CA ARG A 85 -3.99 -17.80 -15.64
C ARG A 85 -3.74 -16.82 -14.48
N SER A 86 -4.79 -16.10 -14.08
CA SER A 86 -4.69 -15.15 -12.99
C SER A 86 -4.36 -15.82 -11.66
N ILE A 87 -4.99 -16.98 -11.36
CA ILE A 87 -4.72 -17.63 -10.09
C ILE A 87 -3.30 -18.11 -9.99
N ARG A 88 -2.74 -18.80 -11.00
CA ARG A 88 -1.38 -19.28 -10.78
C ARG A 88 -0.36 -18.12 -10.76
N LEU A 89 -0.84 -16.85 -10.94
CA LEU A 89 0.05 -15.70 -10.68
C LEU A 89 0.53 -15.84 -9.20
N VAL A 90 -0.19 -16.72 -8.44
CA VAL A 90 0.12 -17.08 -7.06
C VAL A 90 1.58 -17.54 -7.05
N ASN A 91 1.86 -18.51 -7.90
CA ASN A 91 3.22 -18.98 -8.11
C ASN A 91 4.00 -17.92 -8.90
N GLY A 92 3.24 -17.11 -9.66
CA GLY A 92 3.77 -16.04 -10.47
C GLY A 92 4.56 -15.06 -9.61
N SER A 93 4.34 -15.07 -8.29
CA SER A 93 5.06 -14.19 -7.38
C SER A 93 6.56 -14.43 -7.55
N LEU A 94 6.94 -15.70 -7.76
CA LEU A 94 8.33 -16.04 -8.01
C LEU A 94 8.75 -15.33 -9.30
N ALA A 95 7.91 -15.44 -10.33
CA ALA A 95 8.18 -14.79 -11.61
C ALA A 95 8.24 -13.25 -11.48
N LEU A 96 7.41 -12.67 -10.60
CA LEU A 96 7.34 -11.21 -10.44
C LEU A 96 8.71 -10.66 -10.02
N ILE A 97 9.35 -11.31 -9.05
CA ILE A 97 10.67 -10.87 -8.61
C ILE A 97 11.64 -10.96 -9.79
N TRP A 98 11.48 -12.00 -10.61
CA TRP A 98 12.32 -12.22 -11.79
C TRP A 98 12.04 -11.17 -12.89
N ASP A 99 10.78 -10.70 -13.03
CA ASP A 99 10.45 -9.71 -14.07
C ASP A 99 11.35 -8.48 -13.90
N ASP A 100 11.49 -8.04 -12.66
CA ASP A 100 12.30 -6.89 -12.32
C ASP A 100 13.80 -7.20 -12.50
N LEU A 101 14.22 -8.41 -12.07
CA LEU A 101 15.63 -8.82 -12.15
C LEU A 101 16.11 -9.01 -13.60
N ARG A 102 15.21 -9.46 -14.48
CA ARG A 102 15.58 -9.71 -15.89
C ARG A 102 15.77 -8.41 -16.68
N SER A 103 15.11 -7.33 -16.26
CA SER A 103 15.23 -6.06 -16.98
C SER A 103 16.55 -5.36 -16.66
N LEU A 104 16.91 -5.32 -15.38
CA LEU A 104 18.14 -4.66 -14.94
C LEU A 104 19.42 -5.39 -15.41
N SER A 105 19.53 -6.68 -15.08
CA SER A 105 20.72 -7.47 -15.45
C SER A 105 20.50 -8.31 -16.71
N LEU A 106 19.38 -9.06 -16.72
CA LEU A 106 19.02 -9.99 -17.81
C LEU A 106 19.63 -11.37 -17.53
N PHE A 107 20.95 -11.52 -17.69
CA PHE A 107 21.61 -12.81 -17.45
C PHE A 107 22.64 -12.70 -16.32
N SER A 108 23.73 -11.95 -16.55
CA SER A 108 24.78 -11.78 -15.54
C SER A 108 24.62 -10.44 -14.81
N TYR A 109 25.00 -10.42 -13.53
CA TYR A 109 24.91 -9.21 -12.71
C TYR A 109 25.78 -8.08 -13.30
N HIS A 110 26.83 -8.45 -14.07
CA HIS A 110 27.71 -7.46 -14.69
C HIS A 110 26.89 -6.47 -15.51
N ARG A 111 25.89 -7.00 -16.21
CA ARG A 111 24.98 -6.19 -17.03
C ARG A 111 24.17 -5.22 -16.14
N LEU A 112 23.91 -5.62 -14.88
CA LEU A 112 23.14 -4.78 -13.96
C LEU A 112 23.88 -3.44 -13.77
N ARG A 113 25.20 -3.51 -13.57
CA ARG A 113 26.01 -2.31 -13.43
C ARG A 113 25.92 -1.49 -14.71
N ASP A 114 25.91 -2.18 -15.86
CA ASP A 114 25.81 -1.52 -17.15
C ASP A 114 24.47 -0.82 -17.30
N LEU A 115 23.39 -1.44 -16.82
CA LEU A 115 22.06 -0.84 -16.94
C LEU A 115 22.00 0.51 -16.22
N LEU A 116 22.67 0.62 -15.07
CA LEU A 116 22.64 1.87 -14.31
C LEU A 116 23.19 3.04 -15.13
N LEU A 117 24.21 2.81 -15.96
CA LEU A 117 24.79 3.88 -16.76
C LEU A 117 23.89 4.28 -17.93
N ILE A 118 23.34 3.29 -18.64
CA ILE A 118 22.47 3.60 -19.77
C ILE A 118 21.21 4.32 -19.30
N VAL A 119 20.67 3.92 -18.13
CA VAL A 119 19.45 4.57 -17.61
C VAL A 119 19.70 6.08 -17.48
N THR A 120 20.85 6.46 -16.88
CA THR A 120 21.16 7.89 -16.73
C THR A 120 21.35 8.55 -18.10
N ARG A 121 21.92 7.78 -19.03
CA ARG A 121 22.19 8.24 -20.38
C ARG A 121 20.91 8.49 -21.19
N ILE A 122 19.96 7.55 -21.13
CA ILE A 122 18.72 7.67 -21.91
C ILE A 122 17.82 8.78 -21.40
N VAL A 123 17.74 9.02 -20.07
CA VAL A 123 16.91 10.10 -19.56
C VAL A 123 17.43 11.44 -20.11
N GLU A 124 18.76 11.59 -20.21
CA GLU A 124 19.35 12.81 -20.74
C GLU A 124 18.89 13.03 -22.18
N LEU A 125 18.90 11.95 -22.96
CA LEU A 125 18.47 12.00 -24.37
C LEU A 125 16.96 12.28 -24.46
N LEU A 126 16.20 11.67 -23.56
CA LEU A 126 14.74 11.82 -23.52
C LEU A 126 14.34 13.21 -23.00
N GLY A 127 15.23 13.85 -22.23
CA GLY A 127 14.95 15.17 -21.66
C GLY A 127 15.10 16.27 -22.71
N ARG A 128 14.42 16.11 -23.85
CA ARG A 128 14.47 17.11 -24.92
C ARG A 128 13.06 17.35 -25.49
N ARG A 129 12.62 18.62 -25.50
CA ARG A 129 11.29 18.98 -26.02
C ARG A 129 11.09 20.50 -25.96
N LEU B 1 11.29 -3.25 42.97
CA LEU B 1 11.08 -3.34 41.49
C LEU B 1 10.31 -2.10 41.02
N LEU B 2 10.91 -1.38 40.06
CA LEU B 2 10.29 -0.16 39.51
C LEU B 2 10.11 0.89 40.60
N GLU B 3 10.81 2.02 40.45
CA GLU B 3 10.74 3.13 41.41
C GLU B 3 11.69 4.26 40.99
N LEU B 4 11.71 5.34 41.76
CA LEU B 4 12.57 6.48 41.48
C LEU B 4 14.02 6.03 41.26
N ASP B 5 14.53 5.35 42.27
CA ASP B 5 15.91 4.86 42.27
C ASP B 5 16.14 3.83 41.16
N LYS B 6 15.07 3.22 40.66
CA LYS B 6 15.18 2.23 39.59
C LYS B 6 15.32 2.93 38.23
N TRP B 7 14.49 3.96 38.01
CA TRP B 7 14.49 4.71 36.75
C TRP B 7 15.69 5.64 36.67
N ALA B 8 15.95 6.38 37.76
CA ALA B 8 17.06 7.33 37.79
C ALA B 8 18.42 6.63 37.66
N SER B 9 18.45 5.31 37.90
CA SER B 9 19.68 4.53 37.79
C SER B 9 20.11 4.37 36.32
N LEU B 10 19.13 4.32 35.42
CA LEU B 10 19.43 4.16 33.98
C LEU B 10 20.31 5.31 33.48
N TRP B 11 20.15 6.49 34.08
CA TRP B 11 20.93 7.66 33.68
C TRP B 11 22.44 7.41 33.85
N ASN B 12 22.80 6.45 34.73
CA ASN B 12 24.20 6.10 34.97
C ASN B 12 24.70 5.04 33.99
N TRP B 13 23.77 4.22 33.45
CA TRP B 13 24.11 3.16 32.51
C TRP B 13 24.74 3.72 31.22
N PHE B 14 24.05 4.69 30.61
CA PHE B 14 24.53 5.32 29.37
C PHE B 14 24.73 4.25 28.27
N ASP B 15 23.84 3.27 28.23
CA ASP B 15 23.91 2.20 27.23
C ASP B 15 22.50 1.84 26.71
N ILE B 16 21.75 1.02 27.47
CA ILE B 16 20.39 0.64 27.08
C ILE B 16 19.43 1.83 27.13
N THR B 17 19.62 2.73 28.10
CA THR B 17 18.70 3.84 28.30
C THR B 17 18.44 4.60 27.00
N ASN B 18 19.44 4.69 26.12
CA ASN B 18 19.22 5.39 24.85
C ASN B 18 18.11 4.66 24.08
N TRP B 19 18.23 3.34 23.95
CA TRP B 19 17.21 2.53 23.29
C TRP B 19 15.90 2.57 24.11
N LEU B 20 16.03 2.48 25.43
CA LEU B 20 14.89 2.45 26.34
C LEU B 20 14.03 3.72 26.30
N TRP B 21 14.65 4.90 26.11
CA TRP B 21 13.91 6.17 26.11
C TRP B 21 13.74 6.80 24.74
N TYR B 22 14.65 6.53 23.78
CA TYR B 22 14.52 7.14 22.45
C TYR B 22 13.50 6.40 21.58
N ILE B 23 13.05 5.22 22.02
CA ILE B 23 12.03 4.45 21.29
C ILE B 23 10.73 5.27 21.18
N ARG B 24 10.40 6.04 22.23
CA ARG B 24 9.17 6.84 22.26
C ARG B 24 9.08 7.72 21.00
N ILE B 25 10.17 8.43 20.66
CA ILE B 25 10.18 9.24 19.44
C ILE B 25 10.17 8.29 18.23
N PHE B 26 10.86 7.16 18.38
CA PHE B 26 10.96 6.15 17.34
C PHE B 26 9.58 5.60 16.97
N ILE B 27 8.63 5.61 17.93
CA ILE B 27 7.28 5.11 17.66
C ILE B 27 6.64 5.96 16.55
N ILE B 28 6.77 7.29 16.68
CA ILE B 28 6.22 8.20 15.67
C ILE B 28 6.97 8.00 14.35
N ILE B 29 8.30 7.86 14.43
CA ILE B 29 9.12 7.64 13.26
C ILE B 29 8.65 6.36 12.53
N VAL B 30 8.26 5.33 13.30
CA VAL B 30 7.77 4.08 12.71
C VAL B 30 6.53 4.40 11.87
N GLY B 31 5.58 5.14 12.42
CA GLY B 31 4.35 5.49 11.70
C GLY B 31 4.66 6.09 10.31
N SER B 32 5.83 6.72 10.17
CA SER B 32 6.24 7.38 8.93
C SER B 32 6.35 6.45 7.70
N LEU B 33 6.90 5.24 7.87
CA LEU B 33 7.08 4.33 6.72
C LEU B 33 5.75 3.98 6.04
N ILE B 34 4.65 3.92 6.81
CA ILE B 34 3.35 3.56 6.23
C ILE B 34 2.99 4.57 5.12
N GLY B 35 3.13 5.88 5.40
CA GLY B 35 2.85 6.93 4.41
C GLY B 35 3.80 6.78 3.21
N LEU B 36 5.03 6.32 3.49
CA LEU B 36 6.06 6.09 2.46
C LEU B 36 5.50 5.18 1.36
N ARG B 37 4.68 4.22 1.77
CA ARG B 37 4.06 3.23 0.89
C ARG B 37 3.28 3.88 -0.26
N ILE B 38 2.77 5.09 -0.08
CA ILE B 38 1.98 5.70 -1.14
C ILE B 38 2.84 5.81 -2.42
N VAL B 39 4.15 6.07 -2.28
CA VAL B 39 5.05 6.13 -3.44
C VAL B 39 5.13 4.73 -4.10
N PHE B 40 5.00 3.65 -3.29
CA PHE B 40 5.04 2.28 -3.83
C PHE B 40 3.98 2.11 -4.91
N ALA B 41 2.86 2.84 -4.79
CA ALA B 41 1.82 2.78 -5.83
C ALA B 41 2.45 3.23 -7.14
N VAL B 42 3.35 4.22 -7.04
CA VAL B 42 4.11 4.72 -8.18
C VAL B 42 5.04 3.58 -8.69
N LEU B 43 5.65 2.86 -7.73
CA LEU B 43 6.55 1.74 -8.06
C LEU B 43 5.79 0.69 -8.87
N SER B 44 4.53 0.46 -8.51
CA SER B 44 3.70 -0.53 -9.22
C SER B 44 3.49 -0.06 -10.67
N LEU B 45 3.35 1.25 -10.85
CA LEU B 45 3.18 1.83 -12.18
C LEU B 45 4.42 1.55 -13.02
N VAL B 46 5.58 1.71 -12.38
CA VAL B 46 6.87 1.48 -13.00
C VAL B 46 7.07 -0.03 -13.25
N ASN B 47 6.74 -0.81 -12.23
CA ASN B 47 6.87 -2.25 -12.26
C ASN B 47 5.98 -2.88 -13.32
N ARG B 48 4.76 -2.37 -13.47
CA ARG B 48 3.81 -2.94 -14.41
C ARG B 48 4.25 -2.68 -15.86
N VAL B 49 4.60 -1.44 -16.16
CA VAL B 49 4.97 -1.12 -17.53
C VAL B 49 6.37 -1.58 -17.92
N ARG B 50 7.32 -1.39 -17.02
CA ARG B 50 8.70 -1.72 -17.35
C ARG B 50 8.92 -3.21 -17.71
N GLN B 51 8.38 -4.17 -16.95
CA GLN B 51 8.59 -5.58 -17.27
C GLN B 51 7.38 -6.28 -17.92
N GLY B 52 6.20 -5.75 -17.65
CA GLY B 52 4.93 -6.29 -18.18
C GLY B 52 3.81 -6.13 -17.14
N TYR B 53 2.54 -6.20 -17.59
CA TYR B 53 1.40 -6.02 -16.65
C TYR B 53 0.75 -7.34 -16.24
N SER B 54 0.05 -8.01 -17.17
CA SER B 54 -0.61 -9.27 -16.87
C SER B 54 0.44 -10.33 -16.50
N PRO B 55 0.08 -11.43 -15.80
CA PRO B 55 1.06 -12.49 -15.40
C PRO B 55 2.24 -12.59 -16.38
N LEU B 56 3.41 -12.16 -15.91
CA LEU B 56 4.62 -12.09 -16.73
C LEU B 56 5.32 -13.42 -17.00
N SER B 57 4.95 -14.50 -16.31
CA SER B 57 5.60 -15.81 -16.50
C SER B 57 5.92 -16.09 -17.99
N GLU B 80 11.32 -7.39 -23.28
CA GLU B 80 12.65 -7.15 -22.72
C GLU B 80 13.24 -5.82 -23.20
N ARG B 81 13.41 -5.73 -24.50
CA ARG B 81 14.00 -4.55 -25.13
C ARG B 81 13.18 -3.29 -24.80
N ASP B 82 11.87 -3.46 -24.60
CA ASP B 82 10.98 -2.32 -24.29
C ASP B 82 11.38 -1.58 -22.99
N ARG B 83 12.34 -2.13 -22.23
CA ARG B 83 12.77 -1.51 -20.97
C ARG B 83 13.48 -0.17 -21.24
N ASP B 84 14.23 -0.06 -22.33
CA ASP B 84 14.90 1.21 -22.65
C ASP B 84 13.85 2.30 -22.78
N ARG B 85 12.74 1.97 -23.46
CA ARG B 85 11.62 2.90 -23.61
C ARG B 85 10.90 3.08 -22.28
N SER B 86 10.82 2.01 -21.49
CA SER B 86 10.15 2.06 -20.19
C SER B 86 10.78 3.13 -19.32
N ILE B 87 12.11 3.29 -19.40
CA ILE B 87 12.79 4.33 -18.60
C ILE B 87 12.16 5.71 -18.91
N ARG B 88 11.44 5.82 -20.04
CA ARG B 88 10.78 7.07 -20.40
C ARG B 88 9.80 7.45 -19.28
N LEU B 89 9.25 6.43 -18.59
CA LEU B 89 8.33 6.66 -17.47
C LEU B 89 9.00 7.57 -16.42
N VAL B 90 10.34 7.68 -16.46
CA VAL B 90 11.07 8.57 -15.55
C VAL B 90 10.48 9.97 -15.73
N ASN B 91 10.46 10.41 -16.98
CA ASN B 91 9.84 11.68 -17.37
C ASN B 91 8.31 11.57 -17.27
N GLY B 92 7.81 10.32 -17.26
CA GLY B 92 6.39 10.03 -17.20
C GLY B 92 5.73 10.65 -15.96
N SER B 93 6.53 10.97 -14.93
CA SER B 93 5.98 11.59 -13.73
C SER B 93 5.27 12.89 -14.09
N LEU B 94 5.84 13.64 -15.05
CA LEU B 94 5.25 14.89 -15.52
C LEU B 94 3.93 14.60 -16.22
N ALA B 95 3.96 13.66 -17.17
CA ALA B 95 2.76 13.29 -17.94
C ALA B 95 1.68 12.65 -17.05
N LEU B 96 2.09 11.87 -16.04
CA LEU B 96 1.14 11.18 -15.15
C LEU B 96 0.24 12.20 -14.44
N ILE B 97 0.84 13.27 -13.91
CA ILE B 97 0.08 14.31 -13.22
C ILE B 97 -0.89 14.97 -14.21
N TRP B 98 -0.42 15.14 -15.45
CA TRP B 98 -1.20 15.77 -16.50
C TRP B 98 -2.37 14.89 -16.97
N ASP B 99 -2.25 13.56 -16.89
CA ASP B 99 -3.37 12.71 -17.33
C ASP B 99 -4.65 13.09 -16.58
N ASP B 100 -4.54 13.19 -15.25
CA ASP B 100 -5.68 13.59 -14.42
C ASP B 100 -6.02 15.09 -14.57
N LEU B 101 -4.99 15.95 -14.53
CA LEU B 101 -5.16 17.42 -14.59
C LEU B 101 -5.63 17.95 -15.96
N ARG B 102 -5.00 17.47 -17.03
CA ARG B 102 -5.30 17.91 -18.39
C ARG B 102 -6.72 17.56 -18.84
N SER B 103 -7.11 16.30 -18.66
CA SER B 103 -8.44 15.85 -19.08
C SER B 103 -9.55 16.58 -18.33
N LEU B 104 -9.38 16.74 -17.01
CA LEU B 104 -10.39 17.41 -16.18
C LEU B 104 -10.66 18.87 -16.60
N SER B 105 -9.61 19.68 -16.68
CA SER B 105 -9.76 21.10 -17.04
C SER B 105 -9.48 21.35 -18.52
N LEU B 106 -8.35 20.83 -19.01
CA LEU B 106 -7.93 21.02 -20.40
C LEU B 106 -7.54 22.48 -20.66
N PHE B 107 -6.22 22.74 -20.70
CA PHE B 107 -5.67 24.08 -20.94
C PHE B 107 -6.02 25.05 -19.79
N SER B 108 -7.26 25.57 -19.77
CA SER B 108 -7.67 26.52 -18.73
C SER B 108 -8.39 25.82 -17.58
N TYR B 109 -8.30 26.39 -16.37
CA TYR B 109 -8.95 25.82 -15.19
C TYR B 109 -10.45 26.16 -15.18
N HIS B 110 -10.82 27.32 -15.75
CA HIS B 110 -12.23 27.73 -15.81
C HIS B 110 -13.06 26.61 -16.46
N ARG B 111 -12.48 26.01 -17.50
CA ARG B 111 -13.11 24.90 -18.21
C ARG B 111 -13.40 23.73 -17.25
N LEU B 112 -12.58 23.59 -16.19
CA LEU B 112 -12.76 22.49 -15.23
C LEU B 112 -14.16 22.60 -14.62
N ARG B 113 -14.65 23.82 -14.41
CA ARG B 113 -16.00 24.03 -13.90
C ARG B 113 -17.01 23.48 -14.92
N ASP B 114 -16.68 23.63 -16.22
CA ASP B 114 -17.54 23.12 -17.28
C ASP B 114 -17.56 21.60 -17.24
N LEU B 115 -16.37 21.00 -17.12
CA LEU B 115 -16.25 19.54 -17.03
C LEU B 115 -16.94 19.03 -15.77
N LEU B 116 -16.82 19.79 -14.69
CA LEU B 116 -17.42 19.41 -13.41
C LEU B 116 -18.95 19.31 -13.53
N LEU B 117 -19.55 20.21 -14.32
CA LEU B 117 -21.01 20.20 -14.50
C LEU B 117 -21.47 19.00 -15.33
N ILE B 118 -20.78 18.72 -16.44
CA ILE B 118 -21.16 17.57 -17.28
C ILE B 118 -20.96 16.28 -16.48
N VAL B 119 -19.91 16.20 -15.65
CA VAL B 119 -19.66 15.01 -14.84
C VAL B 119 -20.88 14.67 -13.94
N THR B 120 -21.45 15.67 -13.25
CA THR B 120 -22.59 15.40 -12.36
C THR B 120 -23.82 14.90 -13.13
N ARG B 121 -24.04 15.40 -14.34
CA ARG B 121 -25.19 14.97 -15.15
C ARG B 121 -25.06 13.50 -15.58
N ILE B 122 -23.82 13.04 -15.79
CA ILE B 122 -23.56 11.66 -16.22
C ILE B 122 -24.11 10.64 -15.21
N VAL B 123 -23.92 10.86 -13.89
CA VAL B 123 -24.41 9.89 -12.89
C VAL B 123 -25.93 9.65 -13.10
N GLU B 124 -26.65 10.72 -13.41
CA GLU B 124 -28.09 10.63 -13.64
C GLU B 124 -28.39 9.71 -14.83
N LEU B 125 -27.65 9.91 -15.92
CA LEU B 125 -27.84 9.11 -17.14
C LEU B 125 -27.46 7.65 -16.90
N LEU B 126 -26.34 7.43 -16.21
CA LEU B 126 -25.87 6.06 -15.91
C LEU B 126 -26.67 5.44 -14.76
N GLY B 127 -27.39 6.27 -13.99
CA GLY B 127 -28.20 5.80 -12.86
C GLY B 127 -29.02 4.57 -13.23
N ARG B 128 -29.72 4.65 -14.37
CA ARG B 128 -30.54 3.52 -14.85
C ARG B 128 -29.76 2.71 -15.88
N ARG B 129 -29.29 1.52 -15.49
CA ARG B 129 -28.51 0.66 -16.38
C ARG B 129 -29.23 -0.67 -16.61
N LEU C 1 10.84 12.77 37.53
CA LEU C 1 11.73 11.55 37.56
C LEU C 1 10.87 10.30 37.84
N LEU C 2 9.60 10.33 37.42
CA LEU C 2 8.66 9.21 37.62
C LEU C 2 8.46 8.90 39.10
N GLU C 3 7.21 8.98 39.55
CA GLU C 3 6.86 8.71 40.95
C GLU C 3 5.35 8.77 41.14
N LEU C 4 4.87 8.32 42.31
CA LEU C 4 3.44 8.35 42.62
C LEU C 4 2.92 9.78 42.51
N ASP C 5 3.59 10.70 43.18
CA ASP C 5 3.21 12.11 43.17
C ASP C 5 3.55 12.77 41.83
N LYS C 6 4.42 12.14 41.04
CA LYS C 6 4.81 12.69 39.73
C LYS C 6 3.76 12.37 38.66
N TRP C 7 3.27 11.13 38.64
CA TRP C 7 2.27 10.73 37.67
C TRP C 7 0.98 11.52 37.87
N ALA C 8 0.55 11.61 39.13
CA ALA C 8 -0.68 12.34 39.47
C ALA C 8 -0.56 13.83 39.13
N SER C 9 0.67 14.36 39.13
CA SER C 9 0.92 15.76 38.85
C SER C 9 0.52 16.13 37.42
N LEU C 10 0.76 15.22 36.47
CA LEU C 10 0.43 15.48 35.06
C LEU C 10 -1.07 15.73 34.87
N TRP C 11 -1.91 15.04 35.65
CA TRP C 11 -3.37 15.20 35.54
C TRP C 11 -3.80 16.66 35.79
N ASN C 12 -2.96 17.42 36.48
CA ASN C 12 -3.26 18.83 36.77
C ASN C 12 -2.95 19.73 35.55
N TRP C 13 -2.05 19.28 34.68
CA TRP C 13 -1.68 20.04 33.49
C TRP C 13 -2.91 20.29 32.61
N PHE C 14 -3.80 19.30 32.54
CA PHE C 14 -5.05 19.42 31.77
C PHE C 14 -4.77 19.70 30.28
N ASP C 15 -3.62 19.26 29.76
CA ASP C 15 -3.29 19.49 28.35
C ASP C 15 -2.27 18.47 27.82
N ILE C 16 -1.02 18.56 28.29
CA ILE C 16 0.05 17.66 27.83
C ILE C 16 -0.33 16.19 28.09
N THR C 17 -0.98 15.93 29.23
CA THR C 17 -1.37 14.57 29.59
C THR C 17 -2.15 13.90 28.46
N ASN C 18 -2.94 14.68 27.72
CA ASN C 18 -3.73 14.12 26.63
C ASN C 18 -2.82 13.54 25.54
N TRP C 19 -1.82 14.32 25.11
CA TRP C 19 -0.87 13.84 24.10
C TRP C 19 -0.03 12.68 24.68
N LEU C 20 0.44 12.84 25.90
CA LEU C 20 1.28 11.83 26.56
C LEU C 20 0.55 10.50 26.78
N TRP C 21 -0.75 10.56 27.11
CA TRP C 21 -1.53 9.35 27.38
C TRP C 21 -2.29 8.82 26.17
N TYR C 22 -2.76 9.70 25.29
CA TYR C 22 -3.52 9.26 24.10
C TYR C 22 -2.60 8.67 23.03
N ILE C 23 -1.28 8.91 23.13
CA ILE C 23 -0.34 8.37 22.15
C ILE C 23 -0.38 6.84 22.16
N ARG C 24 -0.56 6.24 23.35
CA ARG C 24 -0.63 4.78 23.47
C ARG C 24 -1.74 4.22 22.57
N ILE C 25 -2.93 4.84 22.64
CA ILE C 25 -4.07 4.43 21.82
C ILE C 25 -3.73 4.74 20.33
N PHE C 26 -3.03 5.85 20.11
CA PHE C 26 -2.64 6.26 18.77
C PHE C 26 -1.78 5.19 18.09
N ILE C 27 -0.98 4.46 18.87
CA ILE C 27 -0.11 3.41 18.32
C ILE C 27 -0.95 2.35 17.61
N ILE C 28 -1.98 1.86 18.30
CA ILE C 28 -2.88 0.85 17.72
C ILE C 28 -3.63 1.47 16.54
N ILE C 29 -4.00 2.75 16.66
CA ILE C 29 -4.70 3.46 15.60
C ILE C 29 -3.86 3.44 14.31
N VAL C 30 -2.53 3.57 14.46
CA VAL C 30 -1.64 3.53 13.28
C VAL C 30 -1.88 2.21 12.52
N GLY C 31 -2.07 1.11 13.27
CA GLY C 31 -2.37 -0.18 12.66
C GLY C 31 -3.61 -0.07 11.78
N SER C 32 -4.61 0.68 12.27
CA SER C 32 -5.85 0.91 11.53
C SER C 32 -5.54 1.67 10.25
N LEU C 33 -4.62 2.63 10.37
CA LEU C 33 -4.24 3.50 9.27
C LEU C 33 -3.60 2.72 8.12
N ILE C 34 -2.66 1.81 8.43
CA ILE C 34 -1.99 1.03 7.38
C ILE C 34 -3.04 0.23 6.59
N GLY C 35 -4.00 -0.36 7.31
CA GLY C 35 -5.07 -1.12 6.68
C GLY C 35 -5.87 -0.20 5.74
N LEU C 36 -5.98 1.09 6.09
CA LEU C 36 -6.71 2.07 5.27
C LEU C 36 -6.08 2.13 3.87
N ARG C 37 -4.75 2.03 3.84
CA ARG C 37 -3.97 2.07 2.61
C ARG C 37 -4.37 1.02 1.56
N ILE C 38 -4.92 -0.13 1.98
CA ILE C 38 -5.23 -1.20 1.02
C ILE C 38 -6.20 -0.70 -0.09
N VAL C 39 -7.16 0.17 0.26
CA VAL C 39 -8.07 0.73 -0.75
C VAL C 39 -7.23 1.39 -1.88
N PHE C 40 -6.03 1.91 -1.56
CA PHE C 40 -5.17 2.53 -2.60
C PHE C 40 -4.93 1.53 -3.74
N ALA C 41 -4.89 0.24 -3.41
CA ALA C 41 -4.72 -0.80 -4.44
C ALA C 41 -5.90 -0.71 -5.40
N VAL C 42 -7.09 -0.53 -4.82
CA VAL C 42 -8.33 -0.36 -5.56
C VAL C 42 -8.28 0.99 -6.31
N LEU C 43 -7.68 2.00 -5.65
CA LEU C 43 -7.50 3.34 -6.24
C LEU C 43 -6.63 3.26 -7.49
N SER C 44 -5.63 2.37 -7.47
CA SER C 44 -4.72 2.22 -8.61
C SER C 44 -5.49 1.76 -9.85
N LEU C 45 -6.49 0.90 -9.65
CA LEU C 45 -7.32 0.40 -10.74
C LEU C 45 -8.08 1.59 -11.35
N VAL C 46 -8.57 2.47 -10.46
CA VAL C 46 -9.29 3.67 -10.85
C VAL C 46 -8.33 4.61 -11.59
N ASN C 47 -7.13 4.74 -11.02
CA ASN C 47 -6.06 5.57 -11.59
C ASN C 47 -5.64 5.06 -12.96
N ARG C 48 -5.64 3.75 -13.15
CA ARG C 48 -5.21 3.18 -14.42
C ARG C 48 -6.11 3.65 -15.55
N VAL C 49 -7.41 3.54 -15.37
CA VAL C 49 -8.37 3.92 -16.39
C VAL C 49 -8.53 5.44 -16.47
N ARG C 50 -8.65 6.07 -15.32
CA ARG C 50 -8.85 7.52 -15.26
C ARG C 50 -7.56 8.29 -15.61
N GLN C 51 -6.42 7.80 -15.12
CA GLN C 51 -5.12 8.47 -15.33
C GLN C 51 -4.24 7.83 -16.42
N GLY C 52 -4.53 6.58 -16.76
CA GLY C 52 -3.74 5.82 -17.73
C GLY C 52 -2.83 4.84 -17.00
N TYR C 53 -2.16 3.92 -17.74
CA TYR C 53 -1.26 2.94 -17.10
C TYR C 53 0.19 3.08 -17.58
N SER C 54 0.40 3.04 -18.91
CA SER C 54 1.74 3.13 -19.48
C SER C 54 2.06 4.58 -19.85
N PRO C 55 3.35 4.96 -19.99
CA PRO C 55 3.71 6.37 -20.34
C PRO C 55 2.74 6.96 -21.39
N LEU C 56 1.83 7.81 -20.92
CA LEU C 56 0.78 8.39 -21.78
C LEU C 56 1.19 9.67 -22.54
N SER C 57 2.26 10.37 -22.10
CA SER C 57 2.74 11.63 -22.74
C SER C 57 1.98 12.03 -24.02
N GLU C 80 -12.19 13.24 -26.12
CA GLU C 80 -13.08 13.64 -25.02
C GLU C 80 -14.07 12.53 -24.64
N ARG C 81 -14.33 11.64 -25.58
CA ARG C 81 -15.25 10.52 -25.37
C ARG C 81 -14.77 9.61 -24.24
N ASP C 82 -13.45 9.47 -24.10
CA ASP C 82 -12.86 8.62 -23.07
C ASP C 82 -13.32 9.05 -21.67
N ARG C 83 -13.43 10.37 -21.46
CA ARG C 83 -13.85 10.91 -20.16
C ARG C 83 -15.27 10.47 -19.81
N ASP C 84 -16.18 10.52 -20.79
CA ASP C 84 -17.56 10.10 -20.54
C ASP C 84 -17.59 8.67 -20.03
N ARG C 85 -16.71 7.83 -20.60
CA ARG C 85 -16.60 6.44 -20.18
C ARG C 85 -15.96 6.38 -18.79
N SER C 86 -14.91 7.19 -18.58
CA SER C 86 -14.21 7.21 -17.30
C SER C 86 -15.16 7.56 -16.15
N ILE C 87 -16.03 8.57 -16.33
CA ILE C 87 -16.99 8.91 -15.27
C ILE C 87 -17.86 7.68 -14.91
N ARG C 88 -17.95 6.70 -15.81
CA ARG C 88 -18.74 5.49 -15.50
C ARG C 88 -18.16 4.81 -14.26
N LEU C 89 -16.85 5.00 -14.05
CA LEU C 89 -16.16 4.43 -12.89
C LEU C 89 -16.83 4.88 -11.58
N VAL C 90 -17.54 6.02 -11.58
CA VAL C 90 -18.22 6.50 -10.37
C VAL C 90 -19.14 5.36 -9.89
N ASN C 91 -20.00 4.91 -10.79
CA ASN C 91 -20.86 3.76 -10.53
C ASN C 91 -20.01 2.48 -10.58
N GLY C 92 -18.91 2.55 -11.33
CA GLY C 92 -18.00 1.42 -11.52
C GLY C 92 -17.44 0.89 -10.20
N SER C 93 -17.48 1.72 -9.15
CA SER C 93 -16.98 1.28 -7.84
C SER C 93 -17.80 0.09 -7.36
N LEU C 94 -19.11 0.11 -7.65
CA LEU C 94 -20.00 -0.98 -7.27
C LEU C 94 -19.69 -2.23 -8.09
N ALA C 95 -19.61 -2.06 -9.41
CA ALA C 95 -19.32 -3.19 -10.32
C ALA C 95 -17.90 -3.74 -10.13
N LEU C 96 -16.92 -2.85 -9.85
CA LEU C 96 -15.53 -3.26 -9.68
C LEU C 96 -15.41 -4.26 -8.53
N ILE C 97 -16.05 -3.95 -7.41
CA ILE C 97 -16.03 -4.82 -6.24
C ILE C 97 -16.76 -6.13 -6.60
N TRP C 98 -17.83 -6.00 -7.40
CA TRP C 98 -18.63 -7.13 -7.83
C TRP C 98 -17.87 -8.04 -8.81
N ASP C 99 -16.95 -7.48 -9.62
CA ASP C 99 -16.20 -8.29 -10.58
C ASP C 99 -15.49 -9.45 -9.87
N ASP C 100 -14.83 -9.16 -8.75
CA ASP C 100 -14.13 -10.18 -7.96
C ASP C 100 -15.13 -11.13 -7.28
N LEU C 101 -16.21 -10.57 -6.72
CA LEU C 101 -17.23 -11.36 -6.02
C LEU C 101 -17.99 -12.31 -6.95
N ARG C 102 -18.20 -11.90 -8.20
CA ARG C 102 -18.96 -12.70 -9.17
C ARG C 102 -18.11 -13.81 -9.82
N SER C 103 -16.85 -13.53 -10.15
CA SER C 103 -16.00 -14.56 -10.78
C SER C 103 -15.62 -15.62 -9.74
N LEU C 104 -15.23 -15.15 -8.56
CA LEU C 104 -14.81 -16.01 -7.46
C LEU C 104 -15.94 -16.93 -6.96
N SER C 105 -17.10 -16.33 -6.60
CA SER C 105 -18.23 -17.11 -6.09
C SER C 105 -19.28 -17.41 -7.18
N LEU C 106 -19.68 -16.38 -7.93
CA LEU C 106 -20.69 -16.51 -9.00
C LEU C 106 -22.10 -16.67 -8.41
N PHE C 107 -22.83 -15.57 -8.36
CA PHE C 107 -24.20 -15.53 -7.84
C PHE C 107 -24.29 -16.24 -6.46
N SER C 108 -24.63 -17.54 -6.43
CA SER C 108 -24.75 -18.28 -5.17
C SER C 108 -23.37 -18.57 -4.60
N TYR C 109 -23.29 -18.74 -3.26
CA TYR C 109 -22.02 -19.03 -2.60
C TYR C 109 -21.62 -20.50 -2.81
N HIS C 110 -22.60 -21.36 -3.17
CA HIS C 110 -22.33 -22.77 -3.42
C HIS C 110 -21.28 -22.88 -4.54
N ARG C 111 -21.47 -22.06 -5.58
CA ARG C 111 -20.56 -22.02 -6.72
C ARG C 111 -19.14 -21.67 -6.26
N LEU C 112 -19.04 -20.87 -5.19
CA LEU C 112 -17.74 -20.46 -4.65
C LEU C 112 -16.95 -21.70 -4.22
N ARG C 113 -17.66 -22.73 -3.74
CA ARG C 113 -17.00 -23.98 -3.34
C ARG C 113 -16.18 -24.53 -4.51
N ASP C 114 -16.73 -24.38 -5.73
CA ASP C 114 -16.02 -24.82 -6.93
C ASP C 114 -14.74 -23.99 -7.08
N LEU C 115 -14.79 -22.70 -6.70
CA LEU C 115 -13.63 -21.83 -6.79
C LEU C 115 -12.46 -22.39 -5.98
N LEU C 116 -12.77 -22.97 -4.82
CA LEU C 116 -11.72 -23.55 -3.95
C LEU C 116 -10.97 -24.65 -4.69
N LEU C 117 -11.70 -25.50 -5.39
CA LEU C 117 -11.09 -26.59 -6.17
C LEU C 117 -10.41 -26.03 -7.43
N ILE C 118 -11.02 -24.99 -7.99
CA ILE C 118 -10.50 -24.36 -9.21
C ILE C 118 -9.10 -23.80 -8.96
N VAL C 119 -8.88 -23.13 -7.82
CA VAL C 119 -7.55 -22.56 -7.55
C VAL C 119 -6.49 -23.65 -7.42
N THR C 120 -6.84 -24.76 -6.75
CA THR C 120 -5.88 -25.86 -6.58
C THR C 120 -5.49 -26.49 -7.90
N ARG C 121 -6.48 -26.80 -8.74
CA ARG C 121 -6.20 -27.42 -10.05
C ARG C 121 -5.46 -26.47 -10.99
N ILE C 122 -5.73 -25.17 -10.86
CA ILE C 122 -5.11 -24.17 -11.72
C ILE C 122 -3.57 -24.22 -11.65
N VAL C 123 -2.98 -24.48 -10.46
CA VAL C 123 -1.52 -24.50 -10.37
C VAL C 123 -0.92 -25.44 -11.43
N GLU C 124 -1.59 -26.57 -11.68
CA GLU C 124 -1.10 -27.54 -12.66
C GLU C 124 -0.98 -26.93 -14.06
N LEU C 125 -1.97 -26.12 -14.46
CA LEU C 125 -2.02 -25.54 -15.81
C LEU C 125 -0.96 -24.44 -16.12
N LEU C 126 -0.72 -23.49 -15.22
CA LEU C 126 0.28 -22.42 -15.51
C LEU C 126 1.70 -22.99 -15.45
N GLY C 127 1.91 -23.98 -14.58
CA GLY C 127 3.22 -24.63 -14.42
C GLY C 127 3.94 -24.86 -15.76
N ARG C 128 3.22 -25.42 -16.73
CA ARG C 128 3.80 -25.69 -18.06
C ARG C 128 3.37 -24.62 -19.08
N ARG C 129 4.26 -23.66 -19.33
CA ARG C 129 3.98 -22.59 -20.28
C ARG C 129 5.26 -22.20 -21.03
#